data_2RLP
#
_entry.id   2RLP
#
_cell.length_a   1.000
_cell.length_b   1.000
_cell.length_c   1.000
_cell.angle_alpha   90.00
_cell.angle_beta   90.00
_cell.angle_gamma   90.00
#
_symmetry.space_group_name_H-M   'P 1'
#
_entity_poly.entity_id   1
_entity_poly.type   'polypeptide(L)'
_entity_poly.pdbx_seq_one_letter_code
;EAEAAGDCNELPPRRNTEILTGSWSDQTYPEGTQAIYKCRPGYRSLGNVIMVCRKGEWVALNPLRKCQKRPCGHPGDTPF
GTFTLTGGNVFEYGVKAVYTCNEGYQLLGEINYRECDTDGWTNDIPICE
;
_entity_poly.pdbx_strand_id   A
#
# COMPACT_ATOMS: atom_id res chain seq x y z
N ASP A 7 -1.10 9.44 31.45
CA ASP A 7 -1.52 8.08 31.23
C ASP A 7 -2.78 8.10 30.39
N CYS A 8 -2.82 7.20 29.46
CA CYS A 8 -3.85 7.14 28.46
C CYS A 8 -5.18 6.85 29.09
N ASN A 9 -6.18 7.53 28.64
CA ASN A 9 -7.53 7.30 29.11
C ASN A 9 -8.42 7.00 27.96
N GLU A 10 -7.78 6.50 26.93
CA GLU A 10 -8.41 6.10 25.72
C GLU A 10 -7.49 5.09 25.04
N LEU A 11 -8.08 4.21 24.28
CA LEU A 11 -7.35 3.21 23.53
C LEU A 11 -6.72 3.84 22.30
N PRO A 12 -5.60 3.30 21.80
CA PRO A 12 -4.98 3.79 20.58
C PRO A 12 -5.91 3.59 19.38
N PRO A 13 -5.87 4.47 18.40
CA PRO A 13 -6.75 4.39 17.24
C PRO A 13 -6.27 3.40 16.19
N ARG A 14 -7.15 3.08 15.28
CA ARG A 14 -6.82 2.32 14.12
C ARG A 14 -6.93 3.25 12.95
N ARG A 15 -6.16 3.03 11.95
CA ARG A 15 -6.03 4.00 10.90
C ARG A 15 -6.38 3.42 9.54
N ASN A 16 -6.32 4.24 8.52
CA ASN A 16 -6.63 3.83 7.15
C ASN A 16 -5.52 2.97 6.61
N THR A 17 -4.34 3.51 6.57
CA THR A 17 -3.23 2.82 6.02
C THR A 17 -2.47 1.99 7.06
N GLU A 18 -2.79 2.21 8.33
CA GLU A 18 -2.11 1.53 9.41
C GLU A 18 -3.09 0.78 10.29
N ILE A 19 -2.62 -0.29 10.89
CA ILE A 19 -3.45 -1.12 11.78
C ILE A 19 -2.69 -1.36 13.09
N LEU A 20 -3.39 -1.49 14.19
CA LEU A 20 -2.74 -1.77 15.47
C LEU A 20 -2.28 -3.20 15.55
N THR A 21 -1.04 -3.38 15.92
CA THR A 21 -0.52 -4.70 16.14
C THR A 21 -0.01 -4.84 17.56
N GLY A 22 -0.78 -5.52 18.35
CA GLY A 22 -0.51 -5.72 19.73
C GLY A 22 -1.80 -5.94 20.45
N SER A 23 -1.74 -6.27 21.70
CA SER A 23 -2.93 -6.51 22.46
C SER A 23 -3.34 -5.24 23.19
N TRP A 24 -4.52 -4.77 22.89
CA TRP A 24 -5.06 -3.59 23.51
C TRP A 24 -6.41 -3.97 24.04
N SER A 25 -6.63 -3.82 25.34
CA SER A 25 -7.88 -4.26 25.90
C SER A 25 -8.31 -3.42 27.11
N ASP A 26 -7.70 -2.28 27.36
CA ASP A 26 -8.10 -1.46 28.50
C ASP A 26 -8.13 -0.01 28.09
N GLN A 27 -8.94 0.76 28.73
CA GLN A 27 -9.07 2.14 28.39
C GLN A 27 -7.85 2.94 28.86
N THR A 28 -7.24 2.52 29.93
CA THR A 28 -6.18 3.28 30.51
C THR A 28 -4.82 2.56 30.43
N TYR A 29 -3.89 3.17 29.74
CA TYR A 29 -2.54 2.64 29.59
C TYR A 29 -1.52 3.61 30.15
N PRO A 30 -0.37 3.13 30.59
CA PRO A 30 0.68 3.99 31.14
C PRO A 30 1.32 4.88 30.05
N GLU A 31 1.59 6.13 30.41
CA GLU A 31 2.23 7.06 29.48
C GLU A 31 3.60 6.52 29.11
N GLY A 32 3.93 6.60 27.85
CA GLY A 32 5.18 6.07 27.40
C GLY A 32 4.99 4.78 26.67
N THR A 33 3.75 4.34 26.56
CA THR A 33 3.46 3.12 25.85
C THR A 33 3.36 3.34 24.35
N GLN A 34 4.23 2.66 23.62
CA GLN A 34 4.26 2.78 22.20
C GLN A 34 3.39 1.73 21.54
N ALA A 35 2.79 2.13 20.47
CA ALA A 35 1.93 1.32 19.69
C ALA A 35 2.60 1.08 18.36
N ILE A 36 2.77 -0.17 18.03
CA ILE A 36 3.39 -0.54 16.80
C ILE A 36 2.30 -0.79 15.77
N TYR A 37 2.36 -0.08 14.69
CA TYR A 37 1.40 -0.20 13.65
C TYR A 37 1.87 -1.05 12.49
N LYS A 38 0.91 -1.73 11.94
CA LYS A 38 1.04 -2.57 10.78
C LYS A 38 0.88 -1.74 9.55
N CYS A 39 1.80 -1.85 8.68
CA CYS A 39 1.61 -1.35 7.39
C CYS A 39 0.84 -2.41 6.67
N ARG A 40 -0.43 -2.12 6.43
CA ARG A 40 -1.38 -3.00 5.74
C ARG A 40 -0.78 -3.72 4.53
N PRO A 41 -1.36 -4.88 4.19
CA PRO A 41 -0.95 -5.59 3.00
C PRO A 41 -1.26 -4.72 1.78
N GLY A 42 -0.22 -4.31 1.10
CA GLY A 42 -0.35 -3.42 -0.01
C GLY A 42 0.28 -2.07 0.29
N TYR A 43 0.66 -1.91 1.53
CA TYR A 43 1.29 -0.69 1.97
C TYR A 43 2.61 -1.03 2.64
N ARG A 44 3.40 -0.02 2.90
CA ARG A 44 4.66 -0.15 3.59
C ARG A 44 5.07 1.21 4.08
N SER A 45 6.18 1.30 4.71
CA SER A 45 6.72 2.55 5.06
C SER A 45 8.22 2.48 4.83
N LEU A 46 8.89 1.86 5.76
CA LEU A 46 10.32 1.65 5.81
C LEU A 46 10.59 0.80 7.01
N GLY A 47 9.86 1.11 8.06
CA GLY A 47 9.90 0.34 9.26
C GLY A 47 8.49 0.05 9.68
N ASN A 48 8.07 0.69 10.73
CA ASN A 48 6.71 0.61 11.22
C ASN A 48 6.31 1.97 11.70
N VAL A 49 5.05 2.22 11.77
CA VAL A 49 4.57 3.46 12.29
C VAL A 49 4.45 3.32 13.77
N ILE A 50 5.31 3.98 14.48
CA ILE A 50 5.32 3.85 15.89
C ILE A 50 4.68 5.06 16.53
N MET A 51 3.65 4.82 17.27
CA MET A 51 3.02 5.86 18.03
C MET A 51 3.28 5.61 19.47
N VAL A 52 3.03 6.56 20.29
CA VAL A 52 3.25 6.37 21.70
C VAL A 52 2.32 7.29 22.48
N CYS A 53 1.91 6.83 23.59
CA CYS A 53 1.03 7.57 24.44
C CYS A 53 1.85 8.57 25.23
N ARG A 54 1.46 9.80 25.17
CA ARG A 54 2.15 10.88 25.80
C ARG A 54 1.10 11.91 26.18
N LYS A 55 1.09 12.35 27.43
CA LYS A 55 0.17 13.41 27.91
C LYS A 55 -1.30 12.97 27.94
N GLY A 56 -1.52 11.70 27.79
CA GLY A 56 -2.86 11.16 27.83
C GLY A 56 -3.40 10.90 26.46
N GLU A 57 -2.69 11.35 25.47
CA GLU A 57 -3.10 11.16 24.11
C GLU A 57 -2.10 10.28 23.38
N TRP A 58 -2.49 9.76 22.26
CA TRP A 58 -1.61 8.94 21.48
C TRP A 58 -1.00 9.79 20.39
N VAL A 59 0.29 9.94 20.45
CA VAL A 59 1.01 10.78 19.55
C VAL A 59 1.93 9.96 18.69
N ALA A 60 2.46 10.53 17.67
CA ALA A 60 3.35 9.84 16.81
C ALA A 60 4.77 9.96 17.29
N LEU A 61 5.30 8.85 17.77
CA LEU A 61 6.68 8.75 18.19
C LEU A 61 7.53 9.03 16.98
N ASN A 62 7.14 8.41 15.90
CA ASN A 62 7.71 8.64 14.60
C ASN A 62 6.64 9.24 13.68
N PRO A 63 6.54 10.59 13.61
CA PRO A 63 5.54 11.27 12.77
C PRO A 63 5.90 11.18 11.28
N LEU A 64 7.14 10.82 11.04
CA LEU A 64 7.69 10.70 9.72
C LEU A 64 7.26 9.40 9.10
N ARG A 65 6.88 8.51 9.94
CA ARG A 65 6.39 7.22 9.54
C ARG A 65 4.90 7.26 9.29
N LYS A 66 4.53 6.66 8.23
CA LYS A 66 3.17 6.40 7.90
C LYS A 66 3.25 5.32 6.87
N CYS A 67 2.24 4.56 6.71
CA CYS A 67 2.28 3.53 5.74
C CYS A 67 1.70 4.06 4.44
N GLN A 68 2.52 4.07 3.43
CA GLN A 68 2.10 4.48 2.11
C GLN A 68 2.14 3.31 1.18
N LYS A 69 1.80 3.55 -0.05
CA LYS A 69 1.72 2.53 -1.06
C LYS A 69 3.05 1.83 -1.25
N ARG A 70 3.01 0.59 -1.57
CA ARG A 70 4.21 -0.14 -1.85
C ARG A 70 4.40 -0.19 -3.36
N PRO A 71 5.64 -0.10 -3.83
CA PRO A 71 5.95 -0.19 -5.25
C PRO A 71 5.77 -1.62 -5.79
N CYS A 72 5.39 -1.71 -7.01
CA CYS A 72 5.15 -2.99 -7.65
C CYS A 72 6.30 -3.40 -8.54
N GLY A 73 7.11 -2.44 -8.94
CA GLY A 73 8.16 -2.73 -9.86
C GLY A 73 7.62 -2.84 -11.22
N HIS A 74 8.41 -3.41 -12.04
CA HIS A 74 8.10 -3.53 -13.41
C HIS A 74 7.00 -4.57 -13.68
N PRO A 75 5.97 -4.19 -14.45
CA PRO A 75 4.88 -5.11 -14.85
C PRO A 75 5.23 -5.90 -16.08
N GLY A 76 6.37 -5.61 -16.61
CA GLY A 76 6.77 -6.24 -17.80
C GLY A 76 6.57 -5.32 -18.94
N ASP A 77 7.65 -4.95 -19.53
CA ASP A 77 7.65 -4.05 -20.65
C ASP A 77 7.81 -4.82 -21.93
N THR A 78 7.73 -4.14 -23.01
CA THR A 78 7.75 -4.74 -24.29
C THR A 78 8.35 -3.76 -25.29
N PRO A 79 9.10 -4.25 -26.29
CA PRO A 79 9.64 -3.39 -27.35
C PRO A 79 8.51 -2.85 -28.25
N PHE A 80 7.41 -3.56 -28.28
CA PHE A 80 6.28 -3.21 -29.09
C PHE A 80 5.03 -3.19 -28.22
N GLY A 81 4.58 -2.00 -27.90
CA GLY A 81 3.40 -1.87 -27.08
C GLY A 81 3.57 -0.75 -26.09
N THR A 82 2.50 -0.37 -25.46
CA THR A 82 2.53 0.72 -24.54
C THR A 82 1.61 0.38 -23.37
N PHE A 83 1.65 1.13 -22.33
CA PHE A 83 0.71 0.95 -21.26
C PHE A 83 0.51 2.26 -20.58
N THR A 84 -0.60 2.41 -19.95
CA THR A 84 -0.92 3.59 -19.24
C THR A 84 -1.36 3.26 -17.84
N LEU A 85 -0.96 4.05 -16.91
CA LEU A 85 -1.29 3.81 -15.54
C LEU A 85 -2.45 4.66 -15.14
N THR A 86 -3.40 4.02 -14.57
CA THR A 86 -4.52 4.69 -14.05
C THR A 86 -4.49 4.49 -12.54
N GLY A 87 -4.62 5.55 -11.81
CA GLY A 87 -4.53 5.48 -10.37
C GLY A 87 -3.26 6.09 -9.87
N GLY A 88 -2.32 6.30 -10.76
CA GLY A 88 -1.07 6.91 -10.43
C GLY A 88 -0.20 7.00 -11.65
N ASN A 89 1.02 7.48 -11.46
CA ASN A 89 2.00 7.58 -12.55
C ASN A 89 3.25 6.80 -12.18
N VAL A 90 3.08 5.91 -11.22
CA VAL A 90 4.18 5.11 -10.71
C VAL A 90 3.65 3.73 -10.48
N PHE A 91 4.50 2.80 -10.20
CA PHE A 91 4.06 1.45 -9.99
C PHE A 91 3.83 1.23 -8.53
N GLU A 92 2.63 1.50 -8.10
CA GLU A 92 2.26 1.38 -6.72
C GLU A 92 0.93 0.65 -6.61
N TYR A 93 0.71 0.09 -5.44
CA TYR A 93 -0.53 -0.59 -5.08
C TYR A 93 -1.75 0.28 -5.43
N GLY A 94 -2.55 -0.20 -6.35
CA GLY A 94 -3.72 0.54 -6.76
C GLY A 94 -3.70 0.94 -8.22
N VAL A 95 -2.53 1.00 -8.85
CA VAL A 95 -2.51 1.39 -10.25
C VAL A 95 -2.90 0.22 -11.14
N LYS A 96 -3.48 0.54 -12.24
CA LYS A 96 -3.76 -0.42 -13.26
C LYS A 96 -2.91 -0.06 -14.43
N ALA A 97 -2.11 -0.97 -14.90
CA ALA A 97 -1.35 -0.74 -16.06
C ALA A 97 -2.16 -1.20 -17.24
N VAL A 98 -2.93 -0.29 -17.79
CA VAL A 98 -3.79 -0.57 -18.92
C VAL A 98 -2.90 -0.68 -20.12
N TYR A 99 -2.84 -1.84 -20.69
CA TYR A 99 -1.97 -2.06 -21.78
C TYR A 99 -2.58 -1.51 -23.05
N THR A 100 -1.77 -0.89 -23.82
CA THR A 100 -2.17 -0.29 -25.06
C THR A 100 -1.23 -0.83 -26.11
N CYS A 101 -1.52 -0.63 -27.33
CA CYS A 101 -0.63 -1.09 -28.30
C CYS A 101 -0.67 -0.17 -29.48
N ASN A 102 0.21 -0.42 -30.38
CA ASN A 102 0.28 0.27 -31.66
C ASN A 102 -1.02 0.04 -32.42
N GLU A 103 -1.34 0.95 -33.31
CA GLU A 103 -2.59 0.94 -34.09
C GLU A 103 -2.84 -0.41 -34.76
N GLY A 104 -1.79 -0.99 -35.29
CA GLY A 104 -1.88 -2.25 -35.99
C GLY A 104 -2.15 -3.49 -35.13
N TYR A 105 -2.13 -3.37 -33.81
CA TYR A 105 -2.34 -4.54 -32.95
C TYR A 105 -3.26 -4.23 -31.81
N GLN A 106 -3.71 -5.27 -31.15
CA GLN A 106 -4.39 -5.13 -29.91
C GLN A 106 -3.58 -5.87 -28.87
N LEU A 107 -3.93 -7.14 -28.63
CA LEU A 107 -3.25 -8.00 -27.66
C LEU A 107 -3.93 -9.34 -27.54
N LEU A 108 -3.18 -10.30 -27.07
CA LEU A 108 -3.68 -11.60 -26.77
C LEU A 108 -3.98 -11.66 -25.31
N GLY A 109 -5.09 -12.22 -25.01
CA GLY A 109 -5.51 -12.33 -23.66
C GLY A 109 -6.83 -11.66 -23.47
N GLU A 110 -7.43 -11.89 -22.35
CA GLU A 110 -8.71 -11.30 -22.06
C GLU A 110 -8.48 -10.07 -21.23
N ILE A 111 -7.41 -10.09 -20.48
CA ILE A 111 -7.08 -9.04 -19.60
C ILE A 111 -6.02 -8.16 -20.24
N ASN A 112 -6.45 -7.04 -20.68
CA ASN A 112 -5.62 -6.07 -21.36
C ASN A 112 -4.99 -5.10 -20.36
N TYR A 113 -4.63 -5.60 -19.21
CA TYR A 113 -4.13 -4.76 -18.15
C TYR A 113 -3.45 -5.58 -17.09
N ARG A 114 -2.86 -4.88 -16.15
CA ARG A 114 -2.25 -5.46 -14.98
C ARG A 114 -2.60 -4.56 -13.82
N GLU A 115 -3.04 -5.10 -12.74
CA GLU A 115 -3.32 -4.29 -11.58
C GLU A 115 -2.37 -4.60 -10.45
N CYS A 116 -2.07 -3.61 -9.67
CA CYS A 116 -1.24 -3.79 -8.50
C CYS A 116 -2.05 -4.22 -7.30
N ASP A 117 -1.80 -5.42 -6.87
CA ASP A 117 -2.40 -5.94 -5.67
C ASP A 117 -1.34 -5.87 -4.56
N THR A 118 -1.58 -6.53 -3.47
CA THR A 118 -0.76 -6.49 -2.28
C THR A 118 0.66 -6.94 -2.54
N ASP A 119 0.81 -8.02 -3.23
CA ASP A 119 2.10 -8.59 -3.48
C ASP A 119 2.53 -8.48 -4.91
N GLY A 120 1.96 -7.57 -5.62
CA GLY A 120 2.44 -7.33 -6.97
C GLY A 120 1.34 -7.26 -7.98
N TRP A 121 1.68 -7.54 -9.21
CA TRP A 121 0.76 -7.42 -10.33
C TRP A 121 -0.13 -8.63 -10.44
N THR A 122 -1.34 -8.40 -10.85
CA THR A 122 -2.33 -9.42 -10.99
C THR A 122 -2.15 -10.26 -12.26
N ASN A 123 -1.52 -9.70 -13.28
CA ASN A 123 -1.46 -10.33 -14.58
C ASN A 123 -0.06 -10.23 -15.12
N ASP A 124 0.13 -10.76 -16.29
CA ASP A 124 1.42 -10.85 -16.93
C ASP A 124 1.52 -9.87 -18.09
N ILE A 125 2.38 -10.15 -19.05
CA ILE A 125 2.58 -9.25 -20.18
C ILE A 125 1.71 -9.70 -21.38
N PRO A 126 0.64 -8.94 -21.69
CA PRO A 126 -0.22 -9.21 -22.84
C PRO A 126 0.56 -9.00 -24.14
N ILE A 127 0.44 -9.94 -25.04
CA ILE A 127 1.20 -9.92 -26.29
C ILE A 127 0.45 -9.12 -27.35
N CYS A 128 1.09 -8.12 -27.90
CA CYS A 128 0.51 -7.31 -28.97
C CYS A 128 0.29 -8.10 -30.26
N GLU A 129 -0.96 -8.41 -30.53
CA GLU A 129 -1.39 -9.11 -31.72
C GLU A 129 -2.83 -8.71 -32.01
N ASP A 7 -2.70 8.75 30.61
CA ASP A 7 -3.27 7.49 30.17
C ASP A 7 -4.31 7.73 29.10
N CYS A 8 -4.19 7.02 28.04
CA CYS A 8 -5.07 7.13 26.93
C CYS A 8 -6.31 6.36 27.22
N ASN A 9 -7.40 7.05 27.18
CA ASN A 9 -8.71 6.48 27.45
C ASN A 9 -9.40 6.12 26.15
N GLU A 10 -8.58 5.73 25.22
CA GLU A 10 -9.00 5.30 23.93
C GLU A 10 -7.93 4.39 23.37
N LEU A 11 -8.33 3.44 22.58
CA LEU A 11 -7.45 2.51 21.90
C LEU A 11 -6.72 3.22 20.77
N PRO A 12 -5.52 2.76 20.39
CA PRO A 12 -4.77 3.37 19.30
C PRO A 12 -5.58 3.24 18.00
N PRO A 13 -5.76 4.32 17.26
CA PRO A 13 -6.60 4.28 16.07
C PRO A 13 -5.95 3.56 14.93
N ARG A 14 -6.66 2.59 14.37
CA ARG A 14 -6.22 2.00 13.11
C ARG A 14 -6.18 3.11 12.08
N ARG A 15 -5.16 3.15 11.31
CA ARG A 15 -4.93 4.27 10.45
C ARG A 15 -5.14 3.81 9.03
N ASN A 16 -5.32 4.75 8.14
CA ASN A 16 -5.56 4.43 6.72
C ASN A 16 -4.44 3.58 6.11
N THR A 17 -3.26 3.81 6.55
CA THR A 17 -2.12 3.13 6.06
C THR A 17 -1.50 2.18 7.08
N GLU A 18 -2.08 2.11 8.28
CA GLU A 18 -1.48 1.32 9.34
C GLU A 18 -2.51 0.55 10.17
N ILE A 19 -2.14 -0.65 10.55
CA ILE A 19 -2.98 -1.53 11.37
C ILE A 19 -2.18 -1.88 12.59
N LEU A 20 -2.85 -2.14 13.63
CA LEU A 20 -2.23 -2.47 14.85
C LEU A 20 -1.72 -3.87 14.87
N THR A 21 -0.54 -4.01 15.36
CA THR A 21 0.06 -5.30 15.55
C THR A 21 0.39 -5.48 17.00
N GLY A 22 -0.40 -6.30 17.63
CA GLY A 22 -0.29 -6.56 19.01
C GLY A 22 -1.63 -6.97 19.51
N SER A 23 -1.84 -6.88 20.78
CA SER A 23 -3.10 -7.21 21.34
C SER A 23 -3.62 -6.04 22.15
N TRP A 24 -4.65 -5.43 21.67
CA TRP A 24 -5.23 -4.31 22.34
C TRP A 24 -6.57 -4.73 22.86
N SER A 25 -6.67 -4.80 24.15
CA SER A 25 -7.83 -5.35 24.76
C SER A 25 -8.60 -4.32 25.60
N ASP A 26 -8.01 -3.16 25.82
CA ASP A 26 -8.60 -2.24 26.78
C ASP A 26 -8.78 -0.87 26.23
N GLN A 27 -9.74 -0.18 26.75
CA GLN A 27 -10.03 1.17 26.35
C GLN A 27 -9.00 2.12 26.97
N THR A 28 -8.39 1.71 28.04
CA THR A 28 -7.45 2.52 28.74
C THR A 28 -6.03 1.91 28.73
N TYR A 29 -5.09 2.68 28.22
CA TYR A 29 -3.71 2.31 28.18
C TYR A 29 -2.86 3.40 28.81
N PRO A 30 -1.89 3.02 29.63
CA PRO A 30 -1.06 3.97 30.35
C PRO A 30 -0.16 4.77 29.41
N GLU A 31 0.18 5.97 29.82
CA GLU A 31 1.02 6.84 29.04
C GLU A 31 2.39 6.17 28.90
N GLY A 32 2.98 6.27 27.73
CA GLY A 32 4.24 5.62 27.49
C GLY A 32 4.05 4.27 26.85
N THR A 33 2.83 3.99 26.46
CA THR A 33 2.52 2.75 25.79
C THR A 33 2.62 2.91 24.29
N GLN A 34 3.56 2.19 23.70
CA GLN A 34 3.80 2.27 22.30
C GLN A 34 2.86 1.35 21.53
N ALA A 35 2.47 1.81 20.39
CA ALA A 35 1.62 1.09 19.51
C ALA A 35 2.39 0.77 18.26
N ILE A 36 2.56 -0.49 18.02
CA ILE A 36 3.31 -0.95 16.88
C ILE A 36 2.36 -1.14 15.72
N TYR A 37 2.62 -0.46 14.64
CA TYR A 37 1.79 -0.52 13.47
C TYR A 37 2.38 -1.33 12.34
N LYS A 38 1.47 -1.87 11.56
CA LYS A 38 1.74 -2.63 10.37
C LYS A 38 1.31 -1.80 9.20
N CYS A 39 2.11 -1.76 8.19
CA CYS A 39 1.87 -0.93 7.02
C CYS A 39 0.86 -1.49 6.06
N ARG A 40 0.05 -2.43 6.52
CA ARG A 40 -0.92 -3.12 5.66
C ARG A 40 -0.18 -3.95 4.60
N PRO A 41 -0.82 -4.93 4.02
CA PRO A 41 -0.20 -5.74 2.98
C PRO A 41 0.11 -4.97 1.67
N GLY A 42 -0.35 -3.72 1.55
CA GLY A 42 -0.12 -2.98 0.32
C GLY A 42 0.77 -1.75 0.46
N TYR A 43 1.15 -1.41 1.64
CA TYR A 43 2.00 -0.24 1.83
C TYR A 43 3.35 -0.70 2.33
N ARG A 44 4.28 0.20 2.42
CA ARG A 44 5.62 -0.10 2.85
C ARG A 44 6.13 0.98 3.76
N SER A 45 7.33 0.81 4.23
CA SER A 45 7.99 1.79 5.04
C SER A 45 9.48 1.45 5.10
N LEU A 46 10.22 2.22 5.87
CA LEU A 46 11.63 1.95 6.09
C LEU A 46 11.84 1.55 7.54
N GLY A 47 10.76 1.47 8.26
CA GLY A 47 10.79 1.13 9.66
C GLY A 47 9.38 1.12 10.18
N ASN A 48 9.15 0.37 11.24
CA ASN A 48 7.81 0.23 11.83
C ASN A 48 7.32 1.56 12.35
N VAL A 49 6.07 1.86 12.07
CA VAL A 49 5.46 3.07 12.57
C VAL A 49 5.08 2.82 14.00
N ILE A 50 5.75 3.48 14.88
CA ILE A 50 5.52 3.31 16.26
C ILE A 50 4.87 4.55 16.82
N MET A 51 3.74 4.36 17.40
CA MET A 51 3.07 5.44 18.08
C MET A 51 3.16 5.18 19.55
N VAL A 52 2.76 6.11 20.35
CA VAL A 52 2.82 5.93 21.77
C VAL A 52 1.79 6.84 22.45
N CYS A 53 1.27 6.36 23.53
CA CYS A 53 0.32 7.06 24.34
C CYS A 53 1.03 8.17 25.11
N ARG A 54 0.51 9.38 25.02
CA ARG A 54 1.11 10.52 25.69
C ARG A 54 0.04 11.54 26.05
N LYS A 55 -0.10 11.85 27.34
CA LYS A 55 -1.05 12.88 27.85
C LYS A 55 -2.50 12.61 27.46
N GLY A 56 -2.77 11.38 27.16
CA GLY A 56 -4.08 10.98 26.80
C GLY A 56 -4.26 10.83 25.32
N GLU A 57 -3.35 11.41 24.55
CA GLU A 57 -3.46 11.31 23.11
C GLU A 57 -2.45 10.31 22.58
N TRP A 58 -2.75 9.76 21.46
CA TRP A 58 -1.81 8.88 20.79
C TRP A 58 -1.01 9.69 19.82
N VAL A 59 0.29 9.67 20.00
CA VAL A 59 1.21 10.41 19.17
C VAL A 59 2.22 9.48 18.56
N ALA A 60 3.00 9.96 17.66
CA ALA A 60 3.99 9.14 17.03
C ALA A 60 5.30 9.16 17.80
N LEU A 61 5.72 7.98 18.25
CA LEU A 61 7.01 7.81 18.90
C LEU A 61 8.02 8.09 17.82
N ASN A 62 7.81 7.44 16.70
CA ASN A 62 8.66 7.61 15.56
C ASN A 62 7.86 8.31 14.45
N PRO A 63 7.85 9.66 14.44
CA PRO A 63 7.10 10.45 13.44
C PRO A 63 7.81 10.46 12.09
N LEU A 64 8.99 9.91 12.10
CA LEU A 64 9.85 9.87 10.95
C LEU A 64 9.48 8.71 10.08
N ARG A 65 8.66 7.86 10.62
CA ARG A 65 8.21 6.69 9.93
C ARG A 65 6.74 6.80 9.65
N LYS A 66 6.37 6.34 8.50
CA LYS A 66 5.00 6.33 8.06
C LYS A 66 4.90 5.29 6.98
N CYS A 67 3.76 4.71 6.81
CA CYS A 67 3.58 3.71 5.81
C CYS A 67 3.09 4.32 4.52
N GLN A 68 3.95 4.27 3.54
CA GLN A 68 3.74 4.86 2.23
C GLN A 68 3.40 3.77 1.25
N LYS A 69 2.92 4.14 0.08
CA LYS A 69 2.57 3.16 -0.91
C LYS A 69 3.82 2.45 -1.40
N ARG A 70 3.68 1.21 -1.75
CA ARG A 70 4.80 0.48 -2.29
C ARG A 70 4.82 0.67 -3.79
N PRO A 71 6.00 0.93 -4.34
CA PRO A 71 6.18 1.07 -5.76
C PRO A 71 6.10 -0.30 -6.44
N CYS A 72 5.53 -0.33 -7.59
CA CYS A 72 5.32 -1.58 -8.28
C CYS A 72 6.45 -1.88 -9.24
N GLY A 73 7.19 -0.85 -9.61
CA GLY A 73 8.20 -0.98 -10.60
C GLY A 73 7.58 -1.01 -11.98
N HIS A 74 8.39 -1.15 -12.96
CA HIS A 74 7.92 -1.24 -14.34
C HIS A 74 7.23 -2.60 -14.48
N PRO A 75 5.99 -2.64 -15.03
CA PRO A 75 5.28 -3.90 -15.24
C PRO A 75 5.92 -4.73 -16.34
N GLY A 76 6.83 -5.58 -15.92
CA GLY A 76 7.57 -6.40 -16.83
C GLY A 76 8.61 -5.60 -17.56
N ASP A 77 8.95 -6.04 -18.72
CA ASP A 77 9.91 -5.35 -19.56
C ASP A 77 9.34 -5.27 -20.96
N THR A 78 8.04 -5.52 -21.02
CA THR A 78 7.26 -5.63 -22.24
C THR A 78 7.65 -4.64 -23.37
N PRO A 79 8.35 -5.14 -24.42
CA PRO A 79 8.66 -4.36 -25.60
C PRO A 79 7.47 -4.40 -26.56
N PHE A 80 6.68 -5.45 -26.41
CA PHE A 80 5.52 -5.67 -27.22
C PHE A 80 4.33 -5.55 -26.32
N GLY A 81 3.90 -4.35 -26.18
CA GLY A 81 2.84 -4.03 -25.30
C GLY A 81 3.07 -2.65 -24.79
N THR A 82 2.04 -2.02 -24.35
CA THR A 82 2.11 -0.69 -23.84
C THR A 82 1.00 -0.58 -22.79
N PHE A 83 1.01 0.45 -22.00
CA PHE A 83 0.04 0.58 -20.94
C PHE A 83 -0.19 2.03 -20.61
N THR A 84 -1.33 2.30 -20.07
CA THR A 84 -1.66 3.58 -19.55
C THR A 84 -2.00 3.42 -18.07
N LEU A 85 -1.64 4.37 -17.27
CA LEU A 85 -1.92 4.29 -15.86
C LEU A 85 -3.14 5.14 -15.56
N THR A 86 -4.05 4.64 -14.76
CA THR A 86 -5.31 5.34 -14.54
C THR A 86 -5.45 5.83 -13.07
N GLY A 87 -4.44 5.58 -12.28
CA GLY A 87 -4.49 5.96 -10.88
C GLY A 87 -3.26 6.71 -10.52
N GLY A 88 -2.83 7.50 -11.45
CA GLY A 88 -1.62 8.22 -11.32
C GLY A 88 -0.79 7.99 -12.54
N ASN A 89 0.42 8.46 -12.54
CA ASN A 89 1.36 8.20 -13.62
C ASN A 89 2.55 7.49 -13.09
N VAL A 90 2.38 6.90 -11.95
CA VAL A 90 3.45 6.27 -11.32
C VAL A 90 3.03 4.95 -10.82
N PHE A 91 3.98 4.17 -10.67
CA PHE A 91 3.82 2.78 -10.33
C PHE A 91 3.74 2.62 -8.82
N GLU A 92 2.55 2.70 -8.31
CA GLU A 92 2.31 2.67 -6.89
C GLU A 92 1.03 1.88 -6.60
N TYR A 93 0.97 1.25 -5.42
CA TYR A 93 -0.22 0.52 -4.95
C TYR A 93 -1.50 1.37 -5.12
N GLY A 94 -2.37 0.91 -6.01
CA GLY A 94 -3.58 1.63 -6.30
C GLY A 94 -3.71 1.99 -7.78
N VAL A 95 -2.61 2.01 -8.50
CA VAL A 95 -2.63 2.38 -9.91
C VAL A 95 -2.91 1.14 -10.78
N LYS A 96 -3.69 1.33 -11.82
CA LYS A 96 -3.95 0.26 -12.77
C LYS A 96 -3.24 0.56 -14.07
N ALA A 97 -2.58 -0.44 -14.61
CA ALA A 97 -1.92 -0.33 -15.89
C ALA A 97 -2.81 -0.98 -16.92
N VAL A 98 -3.43 -0.18 -17.73
CA VAL A 98 -4.30 -0.67 -18.77
C VAL A 98 -3.46 -0.96 -19.99
N TYR A 99 -3.42 -2.20 -20.36
CA TYR A 99 -2.60 -2.65 -21.46
C TYR A 99 -3.29 -2.58 -22.76
N THR A 100 -2.50 -2.34 -23.73
CA THR A 100 -2.85 -2.28 -25.10
C THR A 100 -1.51 -2.59 -25.81
N CYS A 101 -1.44 -2.67 -27.10
CA CYS A 101 -0.16 -2.96 -27.72
C CYS A 101 -0.01 -2.13 -28.99
N ASN A 102 -0.83 -2.41 -29.96
CA ASN A 102 -0.85 -1.69 -31.22
C ASN A 102 -2.27 -1.63 -31.70
N GLU A 103 -2.46 -1.32 -32.95
CA GLU A 103 -3.79 -1.29 -33.54
C GLU A 103 -4.21 -2.70 -33.95
N GLY A 104 -3.29 -3.41 -34.54
CA GLY A 104 -3.54 -4.75 -35.01
C GLY A 104 -3.21 -5.78 -33.97
N TYR A 105 -2.54 -5.36 -32.93
CA TYR A 105 -2.14 -6.24 -31.85
C TYR A 105 -2.68 -5.69 -30.57
N GLN A 106 -3.33 -6.49 -29.81
CA GLN A 106 -3.73 -6.06 -28.51
C GLN A 106 -3.18 -6.98 -27.48
N LEU A 107 -3.91 -8.06 -27.21
CA LEU A 107 -3.53 -9.00 -26.20
C LEU A 107 -4.44 -10.19 -26.15
N LEU A 108 -3.93 -11.27 -25.65
CA LEU A 108 -4.70 -12.46 -25.37
C LEU A 108 -5.07 -12.44 -23.92
N GLY A 109 -6.11 -13.13 -23.60
CA GLY A 109 -6.54 -13.19 -22.24
C GLY A 109 -7.75 -12.35 -22.02
N GLU A 110 -8.23 -12.36 -20.81
CA GLU A 110 -9.39 -11.61 -20.44
C GLU A 110 -8.97 -10.34 -19.75
N ILE A 111 -7.86 -10.41 -19.11
CA ILE A 111 -7.37 -9.31 -18.34
C ILE A 111 -6.42 -8.49 -19.17
N ASN A 112 -6.88 -7.34 -19.55
CA ASN A 112 -6.16 -6.41 -20.38
C ASN A 112 -5.49 -5.35 -19.51
N TYR A 113 -5.13 -5.72 -18.31
CA TYR A 113 -4.57 -4.77 -17.39
C TYR A 113 -3.83 -5.49 -16.30
N ARG A 114 -3.17 -4.72 -15.49
CA ARG A 114 -2.55 -5.19 -14.30
C ARG A 114 -2.75 -4.12 -13.27
N GLU A 115 -3.10 -4.47 -12.08
CA GLU A 115 -3.31 -3.50 -11.04
C GLU A 115 -2.28 -3.60 -9.98
N CYS A 116 -1.87 -2.47 -9.49
CA CYS A 116 -0.95 -2.40 -8.41
C CYS A 116 -1.61 -2.78 -7.11
N ASP A 117 -1.57 -4.04 -6.83
CA ASP A 117 -2.10 -4.55 -5.59
C ASP A 117 -0.91 -4.76 -4.65
N THR A 118 -1.09 -5.55 -3.64
CA THR A 118 -0.12 -5.76 -2.61
C THR A 118 1.19 -6.39 -3.16
N ASP A 119 1.04 -7.25 -4.16
CA ASP A 119 2.18 -7.84 -4.87
C ASP A 119 3.00 -6.77 -5.53
N GLY A 120 2.30 -5.92 -6.16
CA GLY A 120 2.88 -4.97 -7.02
C GLY A 120 2.04 -4.91 -8.25
N TRP A 121 1.86 -6.05 -8.88
CA TRP A 121 0.99 -6.15 -10.04
C TRP A 121 0.17 -7.43 -9.99
N THR A 122 -1.12 -7.29 -10.19
CA THR A 122 -2.00 -8.43 -10.27
C THR A 122 -1.85 -9.08 -11.62
N ASN A 123 -2.36 -10.31 -11.73
CA ASN A 123 -2.42 -11.02 -12.99
C ASN A 123 -1.01 -11.20 -13.51
N ASP A 124 -0.85 -11.24 -14.80
CA ASP A 124 0.44 -11.34 -15.37
C ASP A 124 0.44 -10.45 -16.59
N ILE A 125 1.49 -10.45 -17.35
CA ILE A 125 1.59 -9.56 -18.49
C ILE A 125 0.79 -10.13 -19.66
N PRO A 126 -0.27 -9.43 -20.10
CA PRO A 126 -1.08 -9.88 -21.22
C PRO A 126 -0.23 -9.98 -22.50
N ILE A 127 -0.42 -11.06 -23.23
CA ILE A 127 0.36 -11.36 -24.41
C ILE A 127 -0.11 -10.51 -25.56
N CYS A 128 0.73 -9.59 -26.04
CA CYS A 128 0.41 -8.76 -27.20
C CYS A 128 0.09 -9.64 -28.39
N GLU A 129 -1.13 -9.58 -28.84
CA GLU A 129 -1.58 -10.41 -29.89
C GLU A 129 -2.70 -9.66 -30.61
N ASP A 7 -1.21 8.13 31.51
CA ASP A 7 -1.85 6.91 31.11
C ASP A 7 -3.05 7.23 30.25
N CYS A 8 -3.05 6.70 29.08
CA CYS A 8 -4.10 6.93 28.13
C CYS A 8 -5.30 6.10 28.51
N ASN A 9 -6.45 6.72 28.57
CA ASN A 9 -7.70 6.05 28.95
C ASN A 9 -8.50 5.70 27.71
N GLU A 10 -7.83 5.72 26.60
CA GLU A 10 -8.37 5.43 25.30
C GLU A 10 -7.30 4.78 24.53
N LEU A 11 -7.72 4.02 23.62
CA LEU A 11 -6.94 3.27 22.82
C LEU A 11 -6.42 4.05 21.66
N PRO A 12 -5.32 3.59 21.10
CA PRO A 12 -4.72 4.21 19.93
C PRO A 12 -5.72 4.23 18.76
N PRO A 13 -5.67 5.28 17.95
CA PRO A 13 -6.56 5.41 16.80
C PRO A 13 -6.31 4.31 15.77
N ARG A 14 -7.32 3.98 15.02
CA ARG A 14 -7.15 3.07 13.93
C ARG A 14 -6.75 3.92 12.74
N ARG A 15 -6.11 3.37 11.78
CA ARG A 15 -5.66 4.16 10.70
C ARG A 15 -6.30 3.73 9.42
N ASN A 16 -6.43 4.64 8.50
CA ASN A 16 -6.96 4.34 7.19
C ASN A 16 -5.89 3.68 6.34
N THR A 17 -4.64 4.01 6.59
CA THR A 17 -3.54 3.43 5.88
C THR A 17 -2.74 2.46 6.73
N GLU A 18 -2.97 2.46 8.01
CA GLU A 18 -2.27 1.54 8.89
C GLU A 18 -3.28 0.71 9.65
N ILE A 19 -2.77 -0.26 10.40
CA ILE A 19 -3.59 -1.08 11.28
C ILE A 19 -2.82 -1.29 12.57
N LEU A 20 -3.52 -1.35 13.68
CA LEU A 20 -2.89 -1.67 14.94
C LEU A 20 -2.48 -3.11 14.96
N THR A 21 -1.28 -3.39 15.37
CA THR A 21 -0.80 -4.74 15.40
C THR A 21 -1.42 -5.54 16.55
N GLY A 22 -1.25 -5.04 17.77
CA GLY A 22 -1.79 -5.69 18.94
C GLY A 22 -3.29 -5.48 19.08
N SER A 23 -3.89 -6.22 19.98
CA SER A 23 -5.31 -6.13 20.26
C SER A 23 -5.52 -5.28 21.51
N TRP A 24 -6.32 -4.24 21.39
CA TRP A 24 -6.54 -3.35 22.51
C TRP A 24 -7.99 -3.41 22.92
N SER A 25 -8.27 -4.23 23.89
CA SER A 25 -9.63 -4.40 24.35
C SER A 25 -9.82 -3.77 25.73
N ASP A 26 -8.85 -3.00 26.15
CA ASP A 26 -8.94 -2.30 27.43
C ASP A 26 -9.24 -0.85 27.12
N GLN A 27 -8.94 0.03 28.01
CA GLN A 27 -9.06 1.45 27.82
C GLN A 27 -7.77 2.10 28.21
N THR A 28 -7.30 1.71 29.35
CA THR A 28 -6.20 2.36 29.96
C THR A 28 -4.87 1.67 29.69
N TYR A 29 -3.95 2.42 29.14
CA TYR A 29 -2.62 1.96 28.86
C TYR A 29 -1.60 2.91 29.43
N PRO A 30 -0.53 2.36 30.04
CA PRO A 30 0.49 3.15 30.72
C PRO A 30 1.23 4.10 29.81
N GLU A 31 1.58 5.25 30.35
CA GLU A 31 2.31 6.25 29.61
C GLU A 31 3.66 5.66 29.24
N GLY A 32 4.00 5.75 27.99
CA GLY A 32 5.22 5.17 27.52
C GLY A 32 4.95 3.92 26.72
N THR A 33 3.68 3.68 26.44
CA THR A 33 3.30 2.53 25.64
C THR A 33 3.21 2.89 24.17
N GLN A 34 4.05 2.25 23.37
CA GLN A 34 4.06 2.50 21.98
C GLN A 34 3.07 1.59 21.26
N ALA A 35 2.46 2.14 20.26
CA ALA A 35 1.53 1.45 19.44
C ALA A 35 2.18 1.25 18.11
N ILE A 36 2.30 0.03 17.71
CA ILE A 36 2.93 -0.31 16.48
C ILE A 36 1.88 -0.42 15.39
N TYR A 37 2.09 0.29 14.33
CA TYR A 37 1.19 0.25 13.24
C TYR A 37 1.73 -0.57 12.09
N LYS A 38 0.89 -1.43 11.62
CA LYS A 38 1.14 -2.25 10.49
C LYS A 38 0.71 -1.46 9.28
N CYS A 39 1.55 -1.40 8.29
CA CYS A 39 1.32 -0.58 7.10
C CYS A 39 0.24 -1.09 6.16
N ARG A 40 -0.48 -2.14 6.53
CA ARG A 40 -1.51 -2.77 5.66
C ARG A 40 -0.90 -3.46 4.45
N PRO A 41 -1.49 -4.58 4.03
CA PRO A 41 -1.08 -5.26 2.83
C PRO A 41 -1.33 -4.38 1.61
N GLY A 42 -0.28 -3.91 1.02
CA GLY A 42 -0.38 -3.02 -0.11
C GLY A 42 0.43 -1.76 0.11
N TYR A 43 0.85 -1.56 1.31
CA TYR A 43 1.66 -0.43 1.64
C TYR A 43 2.93 -0.93 2.32
N ARG A 44 3.82 -0.02 2.60
CA ARG A 44 5.05 -0.28 3.32
C ARG A 44 5.65 1.05 3.71
N SER A 45 6.76 1.02 4.39
CA SER A 45 7.45 2.20 4.77
C SER A 45 8.83 1.77 5.15
N LEU A 46 9.68 2.73 5.46
CA LEU A 46 11.04 2.44 5.85
C LEU A 46 11.09 2.10 7.34
N GLY A 47 9.98 2.37 7.99
CA GLY A 47 9.82 2.09 9.38
C GLY A 47 8.37 2.17 9.70
N ASN A 48 7.91 1.35 10.61
CA ASN A 48 6.50 1.32 11.02
C ASN A 48 6.10 2.64 11.64
N VAL A 49 4.85 3.00 11.47
CA VAL A 49 4.33 4.16 12.14
C VAL A 49 4.21 3.80 13.60
N ILE A 50 4.98 4.44 14.41
CA ILE A 50 4.98 4.14 15.80
C ILE A 50 4.43 5.31 16.56
N MET A 51 3.43 5.05 17.34
CA MET A 51 2.89 6.06 18.21
C MET A 51 3.14 5.66 19.60
N VAL A 52 2.94 6.53 20.52
CA VAL A 52 3.16 6.20 21.90
C VAL A 52 2.25 7.02 22.81
N CYS A 53 1.82 6.41 23.85
CA CYS A 53 0.99 7.00 24.85
C CYS A 53 1.83 7.94 25.69
N ARG A 54 1.50 9.21 25.69
CA ARG A 54 2.22 10.16 26.48
C ARG A 54 1.31 11.30 26.90
N LYS A 55 1.20 11.51 28.21
CA LYS A 55 0.36 12.58 28.79
C LYS A 55 -1.11 12.36 28.54
N GLY A 56 -1.47 11.12 28.40
CA GLY A 56 -2.84 10.78 28.25
C GLY A 56 -3.28 10.74 26.82
N GLU A 57 -2.48 11.29 25.94
CA GLU A 57 -2.82 11.26 24.55
C GLU A 57 -1.85 10.39 23.79
N TRP A 58 -2.32 9.84 22.71
CA TRP A 58 -1.48 9.07 21.85
C TRP A 58 -0.79 10.00 20.90
N VAL A 59 0.49 10.07 21.03
CA VAL A 59 1.29 10.98 20.25
C VAL A 59 2.13 10.20 19.29
N ALA A 60 2.72 10.89 18.37
CA ALA A 60 3.53 10.26 17.39
C ALA A 60 4.96 10.15 17.85
N LEU A 61 5.35 8.94 18.21
CA LEU A 61 6.72 8.62 18.56
C LEU A 61 7.59 8.95 17.39
N ASN A 62 7.10 8.60 16.24
CA ASN A 62 7.75 8.99 15.03
C ASN A 62 6.71 9.58 14.09
N PRO A 63 6.62 10.93 14.02
CA PRO A 63 5.63 11.64 13.18
C PRO A 63 6.02 11.63 11.71
N LEU A 64 7.23 11.18 11.46
CA LEU A 64 7.79 11.17 10.14
C LEU A 64 7.35 9.98 9.39
N ARG A 65 6.89 9.01 10.11
CA ARG A 65 6.43 7.80 9.50
C ARG A 65 4.98 7.83 9.09
N LYS A 66 4.75 7.28 7.95
CA LYS A 66 3.47 7.11 7.33
C LYS A 66 3.62 5.86 6.52
N CYS A 67 2.58 5.17 6.32
CA CYS A 67 2.66 4.00 5.50
C CYS A 67 2.26 4.34 4.09
N GLN A 68 3.21 4.19 3.22
CA GLN A 68 3.08 4.63 1.87
C GLN A 68 2.82 3.45 1.00
N LYS A 69 2.32 3.70 -0.19
CA LYS A 69 2.05 2.65 -1.14
C LYS A 69 3.30 1.90 -1.42
N ARG A 70 3.18 0.63 -1.55
CA ARG A 70 4.32 -0.15 -1.90
C ARG A 70 4.58 0.04 -3.37
N PRO A 71 5.83 0.06 -3.76
CA PRO A 71 6.18 0.15 -5.15
C PRO A 71 5.92 -1.19 -5.81
N CYS A 72 5.61 -1.18 -7.06
CA CYS A 72 5.29 -2.40 -7.75
C CYS A 72 6.40 -2.79 -8.70
N GLY A 73 7.33 -1.87 -8.88
CA GLY A 73 8.42 -2.10 -9.74
C GLY A 73 8.01 -2.09 -11.18
N HIS A 74 8.71 -2.82 -11.94
CA HIS A 74 8.50 -2.88 -13.36
C HIS A 74 7.56 -4.06 -13.66
N PRO A 75 6.37 -3.82 -14.27
CA PRO A 75 5.41 -4.88 -14.64
C PRO A 75 5.93 -5.73 -15.78
N GLY A 76 6.91 -6.54 -15.47
CA GLY A 76 7.56 -7.36 -16.44
C GLY A 76 8.27 -6.51 -17.44
N ASP A 77 8.58 -7.05 -18.57
CA ASP A 77 9.21 -6.28 -19.60
C ASP A 77 8.67 -6.64 -20.96
N THR A 78 8.10 -5.66 -21.61
CA THR A 78 7.56 -5.83 -22.92
C THR A 78 8.23 -4.85 -23.90
N PRO A 79 9.12 -5.34 -24.75
CA PRO A 79 9.83 -4.50 -25.70
C PRO A 79 9.01 -4.19 -26.96
N PHE A 80 7.74 -4.57 -26.97
CA PHE A 80 6.89 -4.35 -28.13
C PHE A 80 5.48 -3.91 -27.72
N GLY A 81 5.34 -3.47 -26.49
CA GLY A 81 4.04 -3.11 -26.00
C GLY A 81 4.06 -1.82 -25.23
N THR A 82 2.89 -1.27 -25.01
CA THR A 82 2.73 -0.04 -24.30
C THR A 82 1.64 -0.27 -23.24
N PHE A 83 1.55 0.62 -22.27
CA PHE A 83 0.51 0.57 -21.28
C PHE A 83 0.33 1.93 -20.65
N THR A 84 -0.79 2.13 -20.01
CA THR A 84 -1.10 3.37 -19.36
C THR A 84 -1.45 3.14 -17.89
N LEU A 85 -1.04 4.05 -17.05
CA LEU A 85 -1.33 3.96 -15.65
C LEU A 85 -2.53 4.81 -15.33
N THR A 86 -3.42 4.27 -14.55
CA THR A 86 -4.67 4.95 -14.29
C THR A 86 -4.92 5.14 -12.77
N GLY A 87 -3.87 5.02 -11.99
CA GLY A 87 -4.01 5.18 -10.57
C GLY A 87 -2.86 5.93 -10.00
N GLY A 88 -2.25 6.69 -10.85
CA GLY A 88 -1.06 7.38 -10.54
C GLY A 88 -0.16 7.35 -11.72
N ASN A 89 0.99 7.93 -11.60
CA ASN A 89 1.93 8.01 -12.72
C ASN A 89 3.09 7.08 -12.45
N VAL A 90 2.95 6.25 -11.47
CA VAL A 90 4.05 5.47 -11.07
C VAL A 90 3.60 4.12 -10.76
N PHE A 91 4.49 3.40 -10.26
CA PHE A 91 4.27 2.02 -9.99
C PHE A 91 4.06 1.80 -8.53
N GLU A 92 2.87 2.07 -8.11
CA GLU A 92 2.48 1.92 -6.75
C GLU A 92 1.19 1.13 -6.68
N TYR A 93 0.96 0.49 -5.55
CA TYR A 93 -0.24 -0.27 -5.29
C TYR A 93 -1.48 0.56 -5.56
N GLY A 94 -2.25 0.13 -6.52
CA GLY A 94 -3.43 0.85 -6.86
C GLY A 94 -3.49 1.21 -8.32
N VAL A 95 -2.34 1.21 -9.00
CA VAL A 95 -2.35 1.53 -10.41
C VAL A 95 -2.71 0.31 -11.24
N LYS A 96 -3.48 0.54 -12.23
CA LYS A 96 -3.78 -0.44 -13.21
C LYS A 96 -2.99 -0.12 -14.41
N ALA A 97 -2.22 -1.06 -14.88
CA ALA A 97 -1.49 -0.89 -16.09
C ALA A 97 -2.38 -1.36 -17.23
N VAL A 98 -3.10 -0.43 -17.82
CA VAL A 98 -4.00 -0.72 -18.92
C VAL A 98 -3.14 -0.93 -20.15
N TYR A 99 -3.20 -2.09 -20.72
CA TYR A 99 -2.30 -2.45 -21.77
C TYR A 99 -2.94 -2.26 -23.12
N THR A 100 -2.28 -1.48 -23.93
CA THR A 100 -2.67 -1.23 -25.27
C THR A 100 -1.46 -0.66 -25.97
N CYS A 101 -1.32 -0.91 -27.21
CA CYS A 101 -0.15 -0.43 -27.91
C CYS A 101 -0.54 0.61 -28.93
N ASN A 102 -1.30 0.17 -29.91
CA ASN A 102 -1.71 0.97 -31.05
C ASN A 102 -3.14 0.61 -31.33
N GLU A 103 -3.69 1.03 -32.45
CA GLU A 103 -5.04 0.64 -32.80
C GLU A 103 -5.00 -0.80 -33.30
N GLY A 104 -4.06 -1.04 -34.17
CA GLY A 104 -3.87 -2.35 -34.74
C GLY A 104 -3.25 -3.32 -33.75
N TYR A 105 -2.47 -2.81 -32.82
CA TYR A 105 -1.81 -3.65 -31.81
C TYR A 105 -2.44 -3.45 -30.47
N GLN A 106 -3.07 -4.45 -30.00
CA GLN A 106 -3.68 -4.39 -28.73
C GLN A 106 -3.08 -5.43 -27.85
N LEU A 107 -3.59 -6.67 -27.96
CA LEU A 107 -3.13 -7.81 -27.17
C LEU A 107 -4.01 -9.01 -27.39
N LEU A 108 -3.47 -10.18 -27.11
CA LEU A 108 -4.28 -11.37 -27.05
C LEU A 108 -4.58 -11.62 -25.61
N GLY A 109 -5.73 -12.12 -25.36
CA GLY A 109 -6.09 -12.42 -24.00
C GLY A 109 -7.38 -11.81 -23.61
N GLU A 110 -7.78 -12.08 -22.39
CA GLU A 110 -9.03 -11.60 -21.88
C GLU A 110 -8.78 -10.41 -20.98
N ILE A 111 -7.67 -10.46 -20.29
CA ILE A 111 -7.32 -9.44 -19.36
C ILE A 111 -6.35 -8.49 -20.04
N ASN A 112 -6.86 -7.37 -20.43
CA ASN A 112 -6.12 -6.37 -21.18
C ASN A 112 -5.43 -5.37 -20.24
N TYR A 113 -5.12 -5.81 -19.05
CA TYR A 113 -4.53 -4.95 -18.06
C TYR A 113 -3.89 -5.80 -17.01
N ARG A 114 -3.19 -5.16 -16.14
CA ARG A 114 -2.68 -5.78 -14.98
C ARG A 114 -2.56 -4.76 -13.86
N GLU A 115 -3.24 -5.03 -12.79
CA GLU A 115 -3.29 -4.14 -11.65
C GLU A 115 -2.28 -4.55 -10.62
N CYS A 116 -1.77 -3.62 -9.88
CA CYS A 116 -0.85 -3.93 -8.83
C CYS A 116 -1.61 -4.28 -7.56
N ASP A 117 -1.30 -5.41 -6.98
CA ASP A 117 -1.92 -5.85 -5.76
C ASP A 117 -0.85 -5.83 -4.64
N THR A 118 -1.12 -6.48 -3.56
CA THR A 118 -0.33 -6.42 -2.36
C THR A 118 1.03 -7.14 -2.49
N ASP A 119 1.04 -8.27 -3.15
CA ASP A 119 2.29 -9.00 -3.33
C ASP A 119 2.92 -8.70 -4.66
N GLY A 120 2.11 -8.43 -5.63
CA GLY A 120 2.63 -8.14 -6.93
C GLY A 120 1.54 -7.77 -7.87
N TRP A 121 1.83 -7.83 -9.13
CA TRP A 121 0.85 -7.50 -10.14
C TRP A 121 -0.14 -8.65 -10.30
N THR A 122 -1.32 -8.32 -10.64
CA THR A 122 -2.35 -9.28 -10.91
C THR A 122 -2.23 -9.66 -12.37
N ASN A 123 -2.33 -10.94 -12.69
CA ASN A 123 -2.24 -11.43 -14.06
C ASN A 123 -0.83 -11.32 -14.59
N ASP A 124 -0.66 -11.66 -15.83
CA ASP A 124 0.64 -11.62 -16.46
C ASP A 124 0.61 -10.54 -17.56
N ILE A 125 1.56 -10.52 -18.46
CA ILE A 125 1.65 -9.49 -19.47
C ILE A 125 0.91 -9.95 -20.73
N PRO A 126 -0.25 -9.33 -21.06
CA PRO A 126 -0.97 -9.65 -22.30
C PRO A 126 -0.08 -9.38 -23.51
N ILE A 127 -0.03 -10.31 -24.43
CA ILE A 127 0.85 -10.22 -25.59
C ILE A 127 0.30 -9.23 -26.59
N CYS A 128 0.99 -8.10 -26.72
CA CYS A 128 0.61 -7.05 -27.66
C CYS A 128 0.54 -7.60 -29.07
N GLU A 129 -0.61 -7.47 -29.67
CA GLU A 129 -0.88 -7.99 -30.97
C GLU A 129 -2.07 -7.25 -31.49
N ASP A 7 -0.70 8.22 31.53
CA ASP A 7 -1.37 6.99 31.24
C ASP A 7 -2.60 7.26 30.39
N CYS A 8 -2.70 6.57 29.30
CA CYS A 8 -3.79 6.72 28.40
C CYS A 8 -4.92 5.87 28.90
N ASN A 9 -6.08 6.45 29.04
CA ASN A 9 -7.25 5.75 29.55
C ASN A 9 -8.18 5.40 28.40
N GLU A 10 -7.60 5.39 27.24
CA GLU A 10 -8.26 5.17 26.01
C GLU A 10 -7.32 4.42 25.08
N LEU A 11 -7.87 3.70 24.14
CA LEU A 11 -7.12 2.95 23.15
C LEU A 11 -6.59 3.86 22.04
N PRO A 12 -5.52 3.42 21.35
CA PRO A 12 -4.96 4.16 20.22
C PRO A 12 -5.97 4.21 19.06
N PRO A 13 -6.27 5.40 18.53
CA PRO A 13 -7.20 5.54 17.44
C PRO A 13 -6.57 5.04 16.14
N ARG A 14 -7.22 4.08 15.52
CA ARG A 14 -6.69 3.48 14.32
C ARG A 14 -6.75 4.45 13.16
N ARG A 15 -5.95 4.21 12.18
CA ARG A 15 -5.80 5.13 11.09
C ARG A 15 -6.33 4.53 9.80
N ASN A 16 -6.47 5.35 8.81
CA ASN A 16 -7.00 4.94 7.51
C ASN A 16 -6.03 4.03 6.76
N THR A 17 -4.76 4.33 6.86
CA THR A 17 -3.76 3.55 6.21
C THR A 17 -2.95 2.69 7.18
N GLU A 18 -3.29 2.76 8.46
CA GLU A 18 -2.55 2.03 9.46
C GLU A 18 -3.47 1.35 10.46
N ILE A 19 -3.14 0.12 10.74
CA ILE A 19 -3.92 -0.75 11.62
C ILE A 19 -3.01 -1.25 12.67
N LEU A 20 -3.52 -1.37 13.83
CA LEU A 20 -2.80 -1.86 14.96
C LEU A 20 -2.38 -3.30 14.77
N THR A 21 -1.27 -3.64 15.36
CA THR A 21 -0.88 -5.01 15.38
C THR A 21 -1.12 -5.55 16.77
N GLY A 22 -2.07 -6.43 16.90
CA GLY A 22 -2.36 -7.01 18.17
C GLY A 22 -3.80 -6.83 18.55
N SER A 23 -4.12 -7.17 19.76
CA SER A 23 -5.45 -7.09 20.28
C SER A 23 -5.55 -5.87 21.21
N TRP A 24 -6.63 -5.13 21.06
CA TRP A 24 -6.88 -3.97 21.89
C TRP A 24 -8.35 -3.92 22.27
N SER A 25 -8.67 -4.23 23.49
CA SER A 25 -10.03 -4.09 23.97
C SER A 25 -10.00 -3.45 25.35
N ASP A 26 -8.87 -2.86 25.68
CA ASP A 26 -8.65 -2.31 27.01
C ASP A 26 -8.82 -0.81 27.02
N GLN A 27 -8.40 -0.18 28.09
CA GLN A 27 -8.52 1.25 28.22
C GLN A 27 -7.21 1.86 28.66
N THR A 28 -6.79 1.52 29.84
CA THR A 28 -5.67 2.15 30.44
C THR A 28 -4.34 1.51 30.07
N TYR A 29 -3.50 2.28 29.46
CA TYR A 29 -2.18 1.89 29.09
C TYR A 29 -1.19 2.84 29.69
N PRO A 30 -0.11 2.31 30.24
CA PRO A 30 0.94 3.13 30.87
C PRO A 30 1.61 4.01 29.83
N GLU A 31 2.00 5.21 30.24
CA GLU A 31 2.68 6.11 29.36
C GLU A 31 3.99 5.45 28.93
N GLY A 32 4.31 5.56 27.68
CA GLY A 32 5.46 4.89 27.15
C GLY A 32 5.06 3.64 26.43
N THR A 33 3.77 3.45 26.27
CA THR A 33 3.27 2.31 25.54
C THR A 33 3.16 2.60 24.08
N GLN A 34 3.96 1.91 23.31
CA GLN A 34 4.03 2.11 21.92
C GLN A 34 3.09 1.17 21.20
N ALA A 35 2.46 1.71 20.22
CA ALA A 35 1.52 1.00 19.40
C ALA A 35 2.13 0.81 18.05
N ILE A 36 2.26 -0.42 17.68
CA ILE A 36 2.84 -0.78 16.43
C ILE A 36 1.73 -0.94 15.41
N TYR A 37 1.90 -0.31 14.28
CA TYR A 37 0.93 -0.37 13.25
C TYR A 37 1.46 -1.08 12.04
N LYS A 38 0.56 -1.69 11.35
CA LYS A 38 0.82 -2.26 10.07
C LYS A 38 0.24 -1.30 9.07
N CYS A 39 0.86 -1.23 7.95
CA CYS A 39 0.54 -0.27 6.92
C CYS A 39 -0.57 -0.74 6.01
N ARG A 40 -1.30 -1.76 6.44
CA ARG A 40 -2.29 -2.46 5.59
C ARG A 40 -1.55 -3.26 4.51
N PRO A 41 -2.18 -4.27 3.93
CA PRO A 41 -1.58 -4.97 2.84
C PRO A 41 -1.60 -4.07 1.59
N GLY A 42 -0.46 -3.88 1.00
CA GLY A 42 -0.36 -3.04 -0.18
C GLY A 42 0.37 -1.73 0.09
N TYR A 43 0.60 -1.42 1.32
CA TYR A 43 1.33 -0.22 1.64
C TYR A 43 2.61 -0.57 2.35
N ARG A 44 3.47 0.39 2.50
CA ARG A 44 4.73 0.23 3.16
C ARG A 44 5.03 1.51 3.91
N SER A 45 6.16 1.56 4.50
CA SER A 45 6.64 2.74 5.09
C SER A 45 8.15 2.64 5.11
N LEU A 46 8.83 3.75 5.17
CA LEU A 46 10.29 3.75 5.18
C LEU A 46 10.83 3.50 6.58
N GLY A 47 9.90 3.45 7.49
CA GLY A 47 10.13 3.09 8.86
C GLY A 47 8.98 2.21 9.26
N ASN A 48 8.24 2.62 10.25
CA ASN A 48 6.99 1.99 10.67
C ASN A 48 6.23 2.99 11.45
N VAL A 49 4.93 2.93 11.39
CA VAL A 49 4.14 3.85 12.15
C VAL A 49 4.03 3.35 13.55
N ILE A 50 4.86 3.89 14.37
CA ILE A 50 4.88 3.57 15.74
C ILE A 50 4.33 4.73 16.50
N MET A 51 3.30 4.50 17.23
CA MET A 51 2.73 5.51 18.07
C MET A 51 3.05 5.17 19.48
N VAL A 52 2.76 6.03 20.38
CA VAL A 52 3.03 5.77 21.76
C VAL A 52 2.17 6.65 22.67
N CYS A 53 1.79 6.08 23.76
CA CYS A 53 1.04 6.74 24.79
C CYS A 53 1.95 7.76 25.49
N ARG A 54 1.58 9.02 25.44
CA ARG A 54 2.37 10.07 26.03
C ARG A 54 1.44 11.20 26.48
N LYS A 55 1.37 11.39 27.79
CA LYS A 55 0.54 12.42 28.45
C LYS A 55 -0.93 12.15 28.27
N GLY A 56 -1.24 10.88 28.22
CA GLY A 56 -2.60 10.47 28.16
C GLY A 56 -3.11 10.39 26.76
N GLU A 57 -2.40 11.00 25.84
CA GLU A 57 -2.81 10.94 24.48
C GLU A 57 -1.88 10.06 23.68
N TRP A 58 -2.40 9.48 22.66
CA TRP A 58 -1.62 8.65 21.81
C TRP A 58 -1.03 9.49 20.71
N VAL A 59 0.25 9.60 20.73
CA VAL A 59 0.98 10.43 19.84
C VAL A 59 1.82 9.56 18.94
N ALA A 60 2.41 10.13 17.94
CA ALA A 60 3.26 9.39 17.08
C ALA A 60 4.68 9.45 17.58
N LEU A 61 5.27 8.28 17.81
CA LEU A 61 6.66 8.18 18.23
C LEU A 61 7.47 8.71 17.09
N ASN A 62 7.13 8.23 15.94
CA ASN A 62 7.70 8.70 14.71
C ASN A 62 6.64 9.44 13.92
N PRO A 63 6.53 10.77 14.08
CA PRO A 63 5.51 11.58 13.41
C PRO A 63 5.80 11.77 11.93
N LEU A 64 7.06 11.65 11.57
CA LEU A 64 7.51 11.86 10.21
C LEU A 64 7.20 10.67 9.36
N ARG A 65 7.03 9.57 10.03
CA ARG A 65 6.73 8.33 9.37
C ARG A 65 5.24 8.12 9.25
N LYS A 66 4.85 7.65 8.11
CA LYS A 66 3.48 7.30 7.82
C LYS A 66 3.50 6.20 6.80
N CYS A 67 2.44 5.50 6.65
CA CYS A 67 2.40 4.46 5.67
C CYS A 67 1.91 4.98 4.33
N GLN A 68 2.67 4.63 3.31
CA GLN A 68 2.43 5.07 1.95
C GLN A 68 2.43 3.86 1.05
N LYS A 69 1.95 4.01 -0.16
CA LYS A 69 1.82 2.91 -1.11
C LYS A 69 3.16 2.23 -1.39
N ARG A 70 3.11 0.94 -1.63
CA ARG A 70 4.29 0.19 -1.99
C ARG A 70 4.51 0.36 -3.49
N PRO A 71 5.73 0.23 -3.97
CA PRO A 71 5.99 0.23 -5.37
C PRO A 71 5.74 -1.17 -5.95
N CYS A 72 5.63 -1.26 -7.24
CA CYS A 72 5.37 -2.53 -7.88
C CYS A 72 6.54 -2.97 -8.73
N GLY A 73 7.54 -2.14 -8.83
CA GLY A 73 8.67 -2.45 -9.66
C GLY A 73 8.32 -2.27 -11.07
N HIS A 74 8.32 -3.30 -11.80
CA HIS A 74 8.02 -3.21 -13.17
C HIS A 74 7.12 -4.35 -13.53
N PRO A 75 6.17 -4.14 -14.45
CA PRO A 75 5.29 -5.21 -14.93
C PRO A 75 6.00 -6.00 -16.03
N GLY A 76 7.24 -6.32 -15.77
CA GLY A 76 8.09 -6.87 -16.76
C GLY A 76 8.52 -5.77 -17.66
N ASP A 77 8.72 -6.06 -18.91
CA ASP A 77 9.01 -5.04 -19.88
C ASP A 77 8.76 -5.60 -21.25
N THR A 78 7.89 -4.97 -21.97
CA THR A 78 7.52 -5.44 -23.27
C THR A 78 8.13 -4.53 -24.36
N PRO A 79 8.96 -5.09 -25.26
CA PRO A 79 9.60 -4.31 -26.33
C PRO A 79 8.65 -4.03 -27.51
N PHE A 80 7.49 -4.65 -27.49
CA PHE A 80 6.54 -4.51 -28.57
C PHE A 80 5.16 -4.12 -28.07
N GLY A 81 5.07 -3.74 -26.83
CA GLY A 81 3.82 -3.37 -26.24
C GLY A 81 3.95 -2.11 -25.44
N THR A 82 2.86 -1.46 -25.19
CA THR A 82 2.85 -0.22 -24.45
C THR A 82 1.82 -0.36 -23.32
N PHE A 83 1.82 0.55 -22.39
CA PHE A 83 0.86 0.54 -21.33
C PHE A 83 0.66 1.94 -20.79
N THR A 84 -0.40 2.14 -20.07
CA THR A 84 -0.68 3.41 -19.45
C THR A 84 -1.05 3.20 -18.00
N LEU A 85 -0.61 4.10 -17.14
CA LEU A 85 -0.92 3.99 -15.74
C LEU A 85 -2.08 4.89 -15.43
N THR A 86 -3.08 4.33 -14.86
CA THR A 86 -4.29 5.07 -14.60
C THR A 86 -4.51 5.34 -13.10
N GLY A 87 -3.85 4.58 -12.25
CA GLY A 87 -4.08 4.74 -10.82
C GLY A 87 -2.91 5.38 -10.16
N GLY A 88 -2.23 6.20 -10.91
CA GLY A 88 -1.04 6.85 -10.46
C GLY A 88 -0.17 7.10 -11.65
N ASN A 89 1.03 7.58 -11.42
CA ASN A 89 1.95 7.87 -12.51
C ASN A 89 3.28 7.20 -12.29
N VAL A 90 3.27 6.21 -11.43
CA VAL A 90 4.45 5.45 -11.08
C VAL A 90 3.98 4.06 -10.82
N PHE A 91 4.85 3.18 -10.52
CA PHE A 91 4.44 1.84 -10.24
C PHE A 91 4.19 1.72 -8.76
N GLU A 92 2.97 1.99 -8.38
CA GLU A 92 2.55 1.99 -7.00
C GLU A 92 1.26 1.20 -6.85
N TYR A 93 1.03 0.71 -5.63
CA TYR A 93 -0.20 -0.01 -5.29
C TYR A 93 -1.44 0.80 -5.65
N GLY A 94 -2.09 0.41 -6.69
CA GLY A 94 -3.26 1.09 -7.11
C GLY A 94 -3.24 1.46 -8.57
N VAL A 95 -2.09 1.35 -9.23
CA VAL A 95 -2.08 1.63 -10.65
C VAL A 95 -2.53 0.43 -11.43
N LYS A 96 -3.26 0.72 -12.44
CA LYS A 96 -3.58 -0.25 -13.43
C LYS A 96 -2.76 0.11 -14.62
N ALA A 97 -1.98 -0.80 -15.08
CA ALA A 97 -1.21 -0.60 -16.25
C ALA A 97 -2.00 -1.16 -17.41
N VAL A 98 -2.67 -0.30 -18.14
CA VAL A 98 -3.49 -0.70 -19.26
C VAL A 98 -2.59 -0.94 -20.45
N TYR A 99 -2.47 -2.18 -20.81
CA TYR A 99 -1.57 -2.63 -21.84
C TYR A 99 -2.27 -2.57 -23.16
N THR A 100 -1.61 -2.01 -24.11
CA THR A 100 -2.13 -1.91 -25.44
C THR A 100 -0.93 -1.79 -26.36
N CYS A 101 -1.08 -2.13 -27.58
CA CYS A 101 0.04 -2.07 -28.49
C CYS A 101 -0.22 -1.09 -29.60
N ASN A 102 -1.13 -1.42 -30.48
CA ASN A 102 -1.41 -0.57 -31.60
C ASN A 102 -2.87 -0.77 -31.95
N GLU A 103 -3.29 -0.24 -33.05
CA GLU A 103 -4.65 -0.36 -33.50
C GLU A 103 -4.91 -1.72 -34.11
N GLY A 104 -4.05 -2.11 -35.01
CA GLY A 104 -4.19 -3.35 -35.74
C GLY A 104 -3.99 -4.56 -34.87
N TYR A 105 -3.20 -4.39 -33.84
CA TYR A 105 -2.95 -5.48 -32.94
C TYR A 105 -2.91 -4.99 -31.52
N GLN A 106 -3.64 -5.66 -30.68
CA GLN A 106 -3.82 -5.27 -29.31
C GLN A 106 -3.08 -6.25 -28.43
N LEU A 107 -3.68 -7.43 -28.24
CA LEU A 107 -3.15 -8.50 -27.41
C LEU A 107 -4.15 -9.63 -27.30
N LEU A 108 -3.68 -10.77 -26.89
CA LEU A 108 -4.51 -11.91 -26.64
C LEU A 108 -4.80 -11.99 -25.16
N GLY A 109 -5.98 -12.40 -24.85
CA GLY A 109 -6.40 -12.48 -23.50
C GLY A 109 -7.51 -11.50 -23.26
N GLU A 110 -8.29 -11.70 -22.23
CA GLU A 110 -9.39 -10.82 -21.96
C GLU A 110 -8.95 -9.65 -21.14
N ILE A 111 -7.93 -9.88 -20.36
CA ILE A 111 -7.43 -8.89 -19.47
C ILE A 111 -6.28 -8.17 -20.13
N ASN A 112 -6.56 -6.98 -20.58
CA ASN A 112 -5.58 -6.17 -21.27
C ASN A 112 -4.86 -5.23 -20.31
N TYR A 113 -4.65 -5.68 -19.10
CA TYR A 113 -4.05 -4.80 -18.13
C TYR A 113 -3.36 -5.56 -17.03
N ARG A 114 -2.69 -4.83 -16.19
CA ARG A 114 -2.01 -5.34 -15.03
C ARG A 114 -2.36 -4.42 -13.90
N GLU A 115 -2.84 -4.93 -12.82
CA GLU A 115 -3.14 -4.08 -11.68
C GLU A 115 -2.19 -4.33 -10.56
N CYS A 116 -1.84 -3.29 -9.87
CA CYS A 116 -1.08 -3.44 -8.68
C CYS A 116 -1.98 -3.77 -7.52
N ASP A 117 -1.76 -4.92 -6.97
CA ASP A 117 -2.45 -5.38 -5.80
C ASP A 117 -1.42 -5.35 -4.66
N THR A 118 -1.74 -5.99 -3.59
CA THR A 118 -0.97 -5.95 -2.37
C THR A 118 0.40 -6.64 -2.52
N ASP A 119 0.42 -7.77 -3.19
CA ASP A 119 1.66 -8.51 -3.39
C ASP A 119 2.39 -8.04 -4.63
N GLY A 120 1.64 -7.59 -5.60
CA GLY A 120 2.24 -7.11 -6.81
C GLY A 120 1.24 -7.03 -7.92
N TRP A 121 1.62 -7.41 -9.10
CA TRP A 121 0.75 -7.32 -10.25
C TRP A 121 -0.19 -8.50 -10.30
N THR A 122 -1.46 -8.21 -10.43
CA THR A 122 -2.54 -9.17 -10.43
C THR A 122 -2.49 -10.15 -11.61
N ASN A 123 -1.93 -9.71 -12.70
CA ASN A 123 -1.98 -10.44 -13.93
C ASN A 123 -0.60 -10.53 -14.46
N ASP A 124 -0.43 -11.33 -15.46
CA ASP A 124 0.86 -11.50 -16.10
C ASP A 124 0.82 -10.78 -17.44
N ILE A 125 1.95 -10.74 -18.12
CA ILE A 125 2.12 -9.94 -19.34
C ILE A 125 1.25 -10.48 -20.49
N PRO A 126 0.20 -9.72 -20.90
CA PRO A 126 -0.67 -10.13 -21.99
C PRO A 126 0.12 -10.23 -23.30
N ILE A 127 -0.04 -11.34 -23.97
CA ILE A 127 0.64 -11.61 -25.21
C ILE A 127 0.17 -10.66 -26.31
N CYS A 128 1.03 -9.77 -26.69
CA CYS A 128 0.75 -8.80 -27.72
C CYS A 128 1.00 -9.42 -29.08
N GLU A 129 -0.06 -9.60 -29.83
CA GLU A 129 -0.03 -10.26 -31.12
C GLU A 129 -1.15 -9.72 -31.95
N ASP A 7 -0.98 9.44 31.20
CA ASP A 7 -1.63 8.20 30.92
C ASP A 7 -2.83 8.41 30.00
N CYS A 8 -2.90 7.62 28.98
CA CYS A 8 -3.94 7.72 27.99
C CYS A 8 -5.15 6.92 28.45
N ASN A 9 -6.31 7.54 28.45
CA ASN A 9 -7.57 6.89 28.86
C ASN A 9 -8.32 6.37 27.65
N GLU A 10 -7.59 6.24 26.59
CA GLU A 10 -8.10 5.83 25.30
C GLU A 10 -7.03 5.11 24.63
N LEU A 11 -7.43 4.32 23.72
CA LEU A 11 -6.65 3.53 22.98
C LEU A 11 -6.20 4.25 21.74
N PRO A 12 -5.12 3.79 21.16
CA PRO A 12 -4.59 4.35 19.93
C PRO A 12 -5.64 4.26 18.81
N PRO A 13 -5.77 5.30 17.99
CA PRO A 13 -6.76 5.32 16.92
C PRO A 13 -6.47 4.30 15.82
N ARG A 14 -7.50 3.79 15.20
CA ARG A 14 -7.31 2.91 14.08
C ARG A 14 -7.25 3.76 12.83
N ARG A 15 -6.42 3.39 11.89
CA ARG A 15 -6.20 4.22 10.73
C ARG A 15 -6.69 3.55 9.46
N ASN A 16 -6.75 4.33 8.40
CA ASN A 16 -7.18 3.85 7.11
C ASN A 16 -6.03 3.10 6.45
N THR A 17 -4.83 3.55 6.68
CA THR A 17 -3.68 2.94 6.10
C THR A 17 -2.99 1.96 7.07
N GLU A 18 -3.07 2.26 8.36
CA GLU A 18 -2.45 1.42 9.36
C GLU A 18 -3.49 0.77 10.26
N ILE A 19 -3.21 -0.44 10.70
CA ILE A 19 -4.10 -1.18 11.59
C ILE A 19 -3.35 -1.49 12.88
N LEU A 20 -4.02 -1.51 13.99
CA LEU A 20 -3.39 -1.83 15.27
C LEU A 20 -3.12 -3.30 15.41
N THR A 21 -1.92 -3.64 15.78
CA THR A 21 -1.60 -5.00 16.07
C THR A 21 -1.63 -5.19 17.58
N GLY A 22 -2.37 -6.17 18.01
CA GLY A 22 -2.55 -6.39 19.41
C GLY A 22 -4.02 -6.32 19.70
N SER A 23 -4.38 -5.78 20.83
CA SER A 23 -5.77 -5.63 21.15
C SER A 23 -5.93 -4.41 22.03
N TRP A 24 -6.70 -3.44 21.56
CA TRP A 24 -6.92 -2.26 22.35
C TRP A 24 -8.40 -1.97 22.43
N SER A 25 -9.05 -2.74 23.20
CA SER A 25 -10.44 -2.56 23.50
C SER A 25 -10.53 -2.22 24.96
N ASP A 26 -9.42 -1.69 25.43
CA ASP A 26 -9.15 -1.47 26.83
C ASP A 26 -9.50 -0.07 27.24
N GLN A 27 -8.82 0.46 28.25
CA GLN A 27 -9.10 1.81 28.70
C GLN A 27 -7.83 2.66 28.87
N THR A 28 -7.14 2.46 29.97
CA THR A 28 -6.07 3.32 30.38
C THR A 28 -4.67 2.69 30.22
N TYR A 29 -3.84 3.33 29.45
CA TYR A 29 -2.46 2.92 29.26
C TYR A 29 -1.51 3.98 29.77
N PRO A 30 -0.44 3.55 30.46
CA PRO A 30 0.54 4.45 31.03
C PRO A 30 1.32 5.21 29.95
N GLU A 31 1.76 6.41 30.30
CA GLU A 31 2.50 7.24 29.39
C GLU A 31 3.81 6.57 29.02
N GLY A 32 4.14 6.62 27.75
CA GLY A 32 5.33 6.00 27.27
C GLY A 32 5.03 4.70 26.61
N THR A 33 3.77 4.37 26.50
CA THR A 33 3.38 3.13 25.88
C THR A 33 3.28 3.25 24.38
N GLN A 34 4.09 2.48 23.69
CA GLN A 34 4.12 2.51 22.27
C GLN A 34 3.18 1.48 21.66
N ALA A 35 2.55 1.86 20.59
CA ALA A 35 1.60 1.05 19.89
C ALA A 35 2.16 0.71 18.53
N ILE A 36 2.09 -0.54 18.18
CA ILE A 36 2.62 -1.02 16.93
C ILE A 36 1.49 -1.17 15.93
N TYR A 37 1.72 -0.71 14.72
CA TYR A 37 0.74 -0.80 13.66
C TYR A 37 1.18 -1.73 12.52
N LYS A 38 0.19 -2.22 11.81
CA LYS A 38 0.33 -3.01 10.62
C LYS A 38 0.05 -2.08 9.45
N CYS A 39 0.83 -2.20 8.43
CA CYS A 39 0.72 -1.34 7.26
C CYS A 39 -0.36 -1.76 6.29
N ARG A 40 -1.27 -2.62 6.71
CA ARG A 40 -2.27 -3.22 5.80
C ARG A 40 -1.59 -4.06 4.70
N PRO A 41 -2.30 -4.99 4.13
CA PRO A 41 -1.81 -5.70 2.98
C PRO A 41 -1.84 -4.78 1.75
N GLY A 42 -0.68 -4.33 1.31
CA GLY A 42 -0.61 -3.45 0.17
C GLY A 42 0.20 -2.20 0.45
N TYR A 43 0.30 -1.82 1.69
CA TYR A 43 1.07 -0.64 2.05
C TYR A 43 2.37 -1.08 2.68
N ARG A 44 3.33 -0.23 2.58
CA ARG A 44 4.67 -0.52 2.95
C ARG A 44 5.23 0.64 3.73
N SER A 45 6.34 0.42 4.30
CA SER A 45 7.05 1.39 4.99
C SER A 45 8.47 0.92 5.22
N LEU A 46 9.40 1.85 5.37
CA LEU A 46 10.77 1.51 5.68
C LEU A 46 10.88 1.26 7.17
N GLY A 47 10.08 1.99 7.90
CA GLY A 47 9.99 1.84 9.32
C GLY A 47 8.55 1.75 9.68
N ASN A 48 8.21 0.83 10.55
CA ASN A 48 6.82 0.61 10.91
C ASN A 48 6.27 1.76 11.71
N VAL A 49 4.98 1.96 11.60
CA VAL A 49 4.33 3.03 12.30
C VAL A 49 4.18 2.67 13.75
N ILE A 50 4.94 3.32 14.56
CA ILE A 50 4.89 3.12 15.95
C ILE A 50 4.39 4.38 16.59
N MET A 51 3.34 4.27 17.31
CA MET A 51 2.82 5.40 18.03
C MET A 51 3.15 5.25 19.48
N VAL A 52 2.94 6.26 20.25
CA VAL A 52 3.24 6.17 21.66
C VAL A 52 2.32 7.10 22.47
N CYS A 53 1.94 6.65 23.62
CA CYS A 53 1.13 7.40 24.56
C CYS A 53 1.98 8.45 25.22
N ARG A 54 1.61 9.69 25.08
CA ARG A 54 2.36 10.77 25.66
C ARG A 54 1.40 11.86 26.09
N LYS A 55 1.42 12.21 27.37
CA LYS A 55 0.58 13.27 27.94
C LYS A 55 -0.91 12.96 27.87
N GLY A 56 -1.20 11.70 27.71
CA GLY A 56 -2.56 11.28 27.66
C GLY A 56 -3.08 11.20 26.26
N GLU A 57 -2.29 11.60 25.32
CA GLU A 57 -2.69 11.49 23.95
C GLU A 57 -1.77 10.56 23.20
N TRP A 58 -2.29 9.91 22.21
CA TRP A 58 -1.49 9.05 21.41
C TRP A 58 -0.87 9.83 20.31
N VAL A 59 0.42 9.91 20.37
CA VAL A 59 1.18 10.65 19.44
C VAL A 59 2.01 9.68 18.65
N ALA A 60 2.65 10.15 17.64
CA ALA A 60 3.49 9.32 16.85
C ALA A 60 4.88 9.30 17.46
N LEU A 61 5.31 8.11 17.87
CA LEU A 61 6.66 7.90 18.37
C LEU A 61 7.59 8.30 17.26
N ASN A 62 7.27 7.81 16.09
CA ASN A 62 7.97 8.14 14.90
C ASN A 62 6.99 8.79 13.93
N PRO A 63 6.97 10.14 13.88
CA PRO A 63 6.01 10.90 13.05
C PRO A 63 6.38 10.88 11.57
N LEU A 64 7.55 10.40 11.29
CA LEU A 64 8.07 10.36 9.96
C LEU A 64 7.51 9.20 9.22
N ARG A 65 7.22 8.18 9.98
CA ARG A 65 6.75 6.94 9.44
C ARG A 65 5.27 6.84 9.34
N LYS A 66 4.84 6.40 8.18
CA LYS A 66 3.47 6.12 7.88
C LYS A 66 3.53 5.09 6.78
N CYS A 67 2.57 4.23 6.66
CA CYS A 67 2.64 3.18 5.68
C CYS A 67 2.11 3.65 4.34
N GLN A 68 2.99 3.71 3.37
CA GLN A 68 2.62 4.24 2.09
C GLN A 68 2.64 3.18 1.06
N LYS A 69 2.13 3.49 -0.08
CA LYS A 69 2.06 2.57 -1.17
C LYS A 69 3.40 1.98 -1.53
N ARG A 70 3.46 0.69 -1.41
CA ARG A 70 4.58 -0.06 -1.90
C ARG A 70 4.81 0.22 -3.39
N PRO A 71 6.07 0.23 -3.81
CA PRO A 71 6.41 0.35 -5.21
C PRO A 71 6.17 -0.98 -5.91
N CYS A 72 6.02 -0.96 -7.20
CA CYS A 72 5.74 -2.18 -7.92
C CYS A 72 6.72 -2.42 -9.04
N GLY A 73 7.45 -1.39 -9.43
CA GLY A 73 8.39 -1.53 -10.51
C GLY A 73 7.73 -1.59 -11.80
N HIS A 74 8.38 -2.20 -12.69
CA HIS A 74 7.93 -2.30 -14.01
C HIS A 74 7.09 -3.54 -14.17
N PRO A 75 5.95 -3.43 -14.83
CA PRO A 75 5.09 -4.58 -15.12
C PRO A 75 5.55 -5.30 -16.39
N GLY A 76 6.84 -5.30 -16.60
CA GLY A 76 7.40 -5.81 -17.79
C GLY A 76 7.56 -4.71 -18.81
N ASP A 77 8.44 -4.92 -19.74
CA ASP A 77 8.67 -3.96 -20.79
C ASP A 77 8.56 -4.64 -22.10
N THR A 78 8.07 -3.94 -23.07
CA THR A 78 7.79 -4.51 -24.35
C THR A 78 8.59 -3.78 -25.44
N PRO A 79 8.98 -4.48 -26.52
CA PRO A 79 9.66 -3.84 -27.66
C PRO A 79 8.68 -2.99 -28.46
N PHE A 80 7.41 -3.33 -28.40
CA PHE A 80 6.39 -2.62 -29.13
C PHE A 80 5.09 -2.61 -28.35
N GLY A 81 4.73 -1.46 -27.86
CA GLY A 81 3.52 -1.32 -27.12
C GLY A 81 3.61 -0.21 -26.13
N THR A 82 2.51 0.11 -25.51
CA THR A 82 2.45 1.22 -24.59
C THR A 82 1.48 0.87 -23.47
N PHE A 83 1.53 1.59 -22.39
CA PHE A 83 0.62 1.38 -21.31
C PHE A 83 0.26 2.70 -20.66
N THR A 84 -0.76 2.68 -19.86
CA THR A 84 -1.21 3.85 -19.16
C THR A 84 -1.51 3.48 -17.72
N LEU A 85 -1.30 4.39 -16.82
CA LEU A 85 -1.59 4.17 -15.43
C LEU A 85 -2.80 4.97 -15.04
N THR A 86 -3.74 4.31 -14.45
CA THR A 86 -5.00 4.98 -14.11
C THR A 86 -5.31 4.94 -12.60
N GLY A 87 -4.38 4.46 -11.82
CA GLY A 87 -4.59 4.42 -10.38
C GLY A 87 -3.49 5.15 -9.69
N GLY A 88 -2.88 6.02 -10.44
CA GLY A 88 -1.75 6.77 -10.02
C GLY A 88 -0.96 7.08 -11.26
N ASN A 89 0.15 7.74 -11.11
CA ASN A 89 0.97 8.10 -12.27
C ASN A 89 2.29 7.39 -12.15
N VAL A 90 2.35 6.47 -11.23
CA VAL A 90 3.57 5.82 -10.95
C VAL A 90 3.32 4.39 -10.70
N PHE A 91 4.29 3.76 -10.23
CA PHE A 91 4.25 2.34 -10.04
C PHE A 91 4.11 2.00 -8.58
N GLU A 92 2.88 2.02 -8.14
CA GLU A 92 2.57 1.76 -6.78
C GLU A 92 1.32 0.90 -6.71
N TYR A 93 1.11 0.29 -5.55
CA TYR A 93 -0.08 -0.50 -5.26
C TYR A 93 -1.34 0.31 -5.56
N GLY A 94 -2.14 -0.21 -6.46
CA GLY A 94 -3.34 0.47 -6.80
C GLY A 94 -3.39 0.99 -8.21
N VAL A 95 -2.26 1.00 -8.92
CA VAL A 95 -2.32 1.45 -10.29
C VAL A 95 -2.71 0.35 -11.21
N LYS A 96 -3.52 0.68 -12.16
CA LYS A 96 -3.85 -0.21 -13.21
C LYS A 96 -3.03 0.19 -14.39
N ALA A 97 -2.19 -0.67 -14.82
CA ALA A 97 -1.41 -0.41 -15.98
C ALA A 97 -2.09 -1.04 -17.17
N VAL A 98 -2.91 -0.26 -17.85
CA VAL A 98 -3.67 -0.71 -19.02
C VAL A 98 -2.72 -0.83 -20.18
N TYR A 99 -2.71 -1.95 -20.83
CA TYR A 99 -1.76 -2.23 -21.85
C TYR A 99 -2.39 -2.28 -23.20
N THR A 100 -1.66 -1.83 -24.18
CA THR A 100 -2.06 -1.84 -25.54
C THR A 100 -0.77 -1.90 -26.35
N CYS A 101 -0.83 -2.31 -27.56
CA CYS A 101 0.38 -2.44 -28.34
C CYS A 101 0.31 -1.60 -29.58
N ASN A 102 -0.55 -1.98 -30.47
CA ASN A 102 -0.76 -1.30 -31.71
C ASN A 102 -2.25 -1.18 -31.90
N GLU A 103 -2.68 -0.91 -33.10
CA GLU A 103 -4.08 -0.78 -33.39
C GLU A 103 -4.67 -2.15 -33.68
N GLY A 104 -4.07 -2.82 -34.64
CA GLY A 104 -4.51 -4.14 -35.04
C GLY A 104 -3.97 -5.18 -34.10
N TYR A 105 -2.88 -4.85 -33.44
CA TYR A 105 -2.29 -5.75 -32.48
C TYR A 105 -2.60 -5.26 -31.10
N GLN A 106 -3.38 -5.99 -30.40
CA GLN A 106 -3.71 -5.62 -29.08
C GLN A 106 -3.11 -6.59 -28.14
N LEU A 107 -3.82 -7.68 -27.85
CA LEU A 107 -3.32 -8.69 -26.92
C LEU A 107 -4.27 -9.83 -26.77
N LEU A 108 -3.73 -11.00 -26.60
CA LEU A 108 -4.50 -12.16 -26.27
C LEU A 108 -4.62 -12.22 -24.77
N GLY A 109 -5.79 -12.58 -24.32
CA GLY A 109 -6.07 -12.62 -22.93
C GLY A 109 -7.27 -11.79 -22.63
N GLU A 110 -7.76 -11.90 -21.45
CA GLU A 110 -8.95 -11.17 -21.05
C GLU A 110 -8.57 -9.98 -20.24
N ILE A 111 -7.46 -10.08 -19.57
CA ILE A 111 -7.01 -9.02 -18.74
C ILE A 111 -5.97 -8.23 -19.53
N ASN A 112 -6.41 -7.13 -20.08
CA ASN A 112 -5.60 -6.28 -20.95
C ASN A 112 -4.83 -5.25 -20.12
N TYR A 113 -4.49 -5.64 -18.93
CA TYR A 113 -3.85 -4.78 -18.01
C TYR A 113 -3.25 -5.59 -16.92
N ARG A 114 -2.68 -4.92 -16.01
CA ARG A 114 -2.18 -5.51 -14.83
C ARG A 114 -2.32 -4.48 -13.74
N GLU A 115 -2.85 -4.86 -12.64
CA GLU A 115 -2.99 -3.98 -11.53
C GLU A 115 -2.01 -4.39 -10.47
N CYS A 116 -1.47 -3.46 -9.75
CA CYS A 116 -0.56 -3.82 -8.70
C CYS A 116 -1.33 -4.09 -7.44
N ASP A 117 -1.32 -5.34 -7.05
CA ASP A 117 -2.00 -5.81 -5.87
C ASP A 117 -0.98 -5.81 -4.72
N THR A 118 -1.27 -6.53 -3.68
CA THR A 118 -0.45 -6.60 -2.50
C THR A 118 0.88 -7.31 -2.83
N ASP A 119 0.76 -8.41 -3.56
CA ASP A 119 1.89 -9.22 -4.00
C ASP A 119 2.65 -8.51 -5.10
N GLY A 120 1.92 -7.84 -5.94
CA GLY A 120 2.49 -7.15 -7.03
C GLY A 120 1.53 -7.14 -8.17
N TRP A 121 2.04 -7.07 -9.37
CA TRP A 121 1.21 -7.03 -10.54
C TRP A 121 0.43 -8.33 -10.68
N THR A 122 -0.87 -8.20 -10.82
CA THR A 122 -1.79 -9.33 -10.94
C THR A 122 -1.47 -10.20 -12.16
N ASN A 123 -1.02 -9.57 -13.21
CA ASN A 123 -0.71 -10.21 -14.45
C ASN A 123 0.62 -9.70 -14.88
N ASP A 124 1.19 -10.30 -15.86
CA ASP A 124 2.51 -9.92 -16.29
C ASP A 124 2.47 -9.07 -17.56
N ILE A 125 2.71 -9.65 -18.70
CA ILE A 125 2.71 -8.94 -19.94
C ILE A 125 1.79 -9.65 -20.92
N PRO A 126 0.54 -9.15 -21.10
CA PRO A 126 -0.35 -9.67 -22.14
C PRO A 126 0.34 -9.63 -23.51
N ILE A 127 0.13 -10.65 -24.29
CA ILE A 127 0.86 -10.84 -25.53
C ILE A 127 0.21 -10.06 -26.68
N CYS A 128 0.98 -9.12 -27.26
CA CYS A 128 0.53 -8.25 -28.38
C CYS A 128 0.11 -9.05 -29.59
N GLU A 129 -1.16 -9.33 -29.71
CA GLU A 129 -1.75 -10.07 -30.78
C GLU A 129 -3.16 -9.53 -30.99
N ASP A 7 -3.30 9.17 30.79
CA ASP A 7 -3.63 7.81 30.42
C ASP A 7 -4.78 7.84 29.44
N CYS A 8 -4.59 7.20 28.34
CA CYS A 8 -5.55 7.17 27.27
C CYS A 8 -6.71 6.28 27.64
N ASN A 9 -7.91 6.76 27.44
CA ASN A 9 -9.11 5.99 27.75
C ASN A 9 -9.69 5.43 26.47
N GLU A 10 -8.83 5.05 25.59
CA GLU A 10 -9.18 4.55 24.29
C GLU A 10 -8.04 3.73 23.73
N LEU A 11 -8.36 2.87 22.81
CA LEU A 11 -7.37 2.08 22.11
C LEU A 11 -6.71 2.91 21.00
N PRO A 12 -5.46 2.57 20.64
CA PRO A 12 -4.75 3.27 19.58
C PRO A 12 -5.50 3.18 18.26
N PRO A 13 -5.67 4.31 17.58
CA PRO A 13 -6.46 4.39 16.37
C PRO A 13 -5.85 3.66 15.19
N ARG A 14 -6.64 2.87 14.53
CA ARG A 14 -6.20 2.22 13.34
C ARG A 14 -6.22 3.24 12.24
N ARG A 15 -5.14 3.32 11.53
CA ARG A 15 -4.94 4.42 10.62
C ARG A 15 -5.16 3.95 9.20
N ASN A 16 -5.04 4.86 8.26
CA ASN A 16 -5.26 4.58 6.85
C ASN A 16 -4.37 3.45 6.36
N THR A 17 -3.12 3.49 6.71
CA THR A 17 -2.18 2.50 6.26
C THR A 17 -1.48 1.82 7.41
N GLU A 18 -2.03 1.94 8.57
CA GLU A 18 -1.41 1.39 9.74
C GLU A 18 -2.40 0.65 10.61
N ILE A 19 -1.99 -0.51 11.03
CA ILE A 19 -2.78 -1.41 11.88
C ILE A 19 -1.90 -1.74 13.03
N LEU A 20 -2.44 -2.28 14.05
CA LEU A 20 -1.68 -2.55 15.21
C LEU A 20 -1.06 -3.92 15.18
N THR A 21 0.12 -3.99 15.70
CA THR A 21 0.76 -5.25 15.90
C THR A 21 0.54 -5.60 17.35
N GLY A 22 0.05 -6.77 17.61
CA GLY A 22 -0.26 -7.13 18.95
C GLY A 22 -1.72 -7.38 19.08
N SER A 23 -2.19 -7.44 20.27
CA SER A 23 -3.57 -7.62 20.52
C SER A 23 -4.03 -6.58 21.53
N TRP A 24 -5.03 -5.82 21.18
CA TRP A 24 -5.53 -4.78 22.03
C TRP A 24 -6.99 -5.03 22.30
N SER A 25 -7.35 -5.17 23.55
CA SER A 25 -8.74 -5.39 23.90
C SER A 25 -9.16 -4.46 25.04
N ASP A 26 -8.26 -3.59 25.48
CA ASP A 26 -8.54 -2.76 26.64
C ASP A 26 -9.07 -1.40 26.27
N GLN A 27 -9.16 -0.55 27.25
CA GLN A 27 -9.64 0.77 27.08
C GLN A 27 -8.61 1.77 27.60
N THR A 28 -8.29 1.66 28.85
CA THR A 28 -7.38 2.58 29.45
C THR A 28 -5.95 2.07 29.43
N TYR A 29 -5.06 2.86 28.86
CA TYR A 29 -3.67 2.54 28.80
C TYR A 29 -2.84 3.65 29.37
N PRO A 30 -1.80 3.31 30.15
CA PRO A 30 -0.95 4.27 30.82
C PRO A 30 -0.22 5.22 29.86
N GLU A 31 -0.09 6.47 30.26
CA GLU A 31 0.62 7.45 29.46
C GLU A 31 2.06 7.00 29.31
N GLY A 32 2.58 7.05 28.11
CA GLY A 32 3.90 6.56 27.85
C GLY A 32 3.85 5.22 27.18
N THR A 33 2.67 4.80 26.81
CA THR A 33 2.51 3.55 26.13
C THR A 33 2.61 3.68 24.63
N GLN A 34 3.63 3.07 24.07
CA GLN A 34 3.85 3.14 22.66
C GLN A 34 3.13 2.02 21.93
N ALA A 35 2.65 2.34 20.78
CA ALA A 35 1.96 1.44 19.92
C ALA A 35 2.76 1.25 18.67
N ILE A 36 2.99 0.02 18.32
CA ILE A 36 3.74 -0.32 17.15
C ILE A 36 2.76 -0.65 16.03
N TYR A 37 2.93 -0.02 14.90
CA TYR A 37 2.04 -0.23 13.79
C TYR A 37 2.59 -1.13 12.69
N LYS A 38 1.65 -1.67 11.95
CA LYS A 38 1.84 -2.50 10.79
C LYS A 38 1.50 -1.66 9.59
N CYS A 39 2.23 -1.85 8.53
CA CYS A 39 2.09 -1.00 7.35
C CYS A 39 1.20 -1.58 6.29
N ARG A 40 0.10 -2.22 6.69
CA ARG A 40 -0.86 -2.83 5.74
C ARG A 40 -0.22 -3.94 4.90
N PRO A 41 -1.02 -4.77 4.28
CA PRO A 41 -0.54 -5.64 3.27
C PRO A 41 -0.61 -4.95 1.91
N GLY A 42 0.53 -4.45 1.47
CA GLY A 42 0.58 -3.69 0.24
C GLY A 42 1.43 -2.44 0.37
N TYR A 43 1.94 -2.18 1.56
CA TYR A 43 2.78 -1.01 1.77
C TYR A 43 4.05 -1.45 2.50
N ARG A 44 4.90 -0.51 2.81
CA ARG A 44 6.15 -0.76 3.53
C ARG A 44 6.54 0.49 4.30
N SER A 45 7.69 0.44 4.93
CA SER A 45 8.22 1.57 5.64
C SER A 45 9.70 1.38 5.89
N LEU A 46 10.37 2.45 6.25
CA LEU A 46 11.79 2.42 6.57
C LEU A 46 11.98 2.21 8.07
N GLY A 47 10.91 2.38 8.80
CA GLY A 47 10.89 2.19 10.21
C GLY A 47 9.47 2.08 10.64
N ASN A 48 9.23 1.54 11.81
CA ASN A 48 7.87 1.34 12.28
C ASN A 48 7.25 2.62 12.72
N VAL A 49 5.98 2.74 12.45
CA VAL A 49 5.23 3.87 12.90
C VAL A 49 4.93 3.62 14.36
N ILE A 50 5.55 4.38 15.18
CA ILE A 50 5.39 4.22 16.58
C ILE A 50 4.59 5.38 17.12
N MET A 51 3.51 5.07 17.76
CA MET A 51 2.72 6.08 18.41
C MET A 51 2.83 5.86 19.88
N VAL A 52 2.38 6.78 20.64
CA VAL A 52 2.45 6.63 22.07
C VAL A 52 1.32 7.42 22.73
N CYS A 53 0.84 6.88 23.80
CA CYS A 53 -0.18 7.48 24.62
C CYS A 53 0.44 8.65 25.36
N ARG A 54 -0.09 9.84 25.15
CA ARG A 54 0.43 11.02 25.79
C ARG A 54 -0.68 12.03 25.94
N LYS A 55 -0.96 12.42 27.18
CA LYS A 55 -2.00 13.41 27.53
C LYS A 55 -3.39 12.92 27.19
N GLY A 56 -3.56 11.64 27.19
CA GLY A 56 -4.85 11.07 26.95
C GLY A 56 -5.09 10.74 25.51
N GLU A 57 -4.26 11.28 24.64
CA GLU A 57 -4.42 10.99 23.24
C GLU A 57 -3.27 10.14 22.76
N TRP A 58 -3.48 9.47 21.68
CA TRP A 58 -2.45 8.69 21.04
C TRP A 58 -1.80 9.56 19.99
N VAL A 59 -0.54 9.84 20.19
CA VAL A 59 0.22 10.71 19.31
C VAL A 59 1.46 10.05 18.82
N ALA A 60 1.85 10.47 17.67
CA ALA A 60 3.01 9.98 16.99
C ALA A 60 4.29 10.24 17.77
N LEU A 61 4.87 9.16 18.29
CA LEU A 61 6.17 9.16 18.90
C LEU A 61 7.13 9.55 17.80
N ASN A 62 7.00 8.83 16.70
CA ASN A 62 7.81 9.05 15.54
C ASN A 62 6.93 9.59 14.42
N PRO A 63 6.83 10.92 14.28
CA PRO A 63 5.99 11.55 13.24
C PRO A 63 6.61 11.38 11.85
N LEU A 64 7.91 11.13 11.86
CA LEU A 64 8.70 10.96 10.67
C LEU A 64 8.44 9.62 10.06
N ARG A 65 8.03 8.73 10.89
CA ARG A 65 7.70 7.39 10.47
C ARG A 65 6.26 7.29 10.08
N LYS A 66 6.05 6.77 8.91
CA LYS A 66 4.74 6.56 8.36
C LYS A 66 4.88 5.42 7.40
N CYS A 67 3.81 4.76 7.10
CA CYS A 67 3.86 3.72 6.13
C CYS A 67 3.61 4.29 4.76
N GLN A 68 4.34 3.80 3.79
CA GLN A 68 4.28 4.28 2.42
C GLN A 68 4.18 3.12 1.47
N LYS A 69 3.88 3.40 0.23
CA LYS A 69 3.69 2.36 -0.76
C LYS A 69 4.98 1.68 -1.16
N ARG A 70 4.82 0.52 -1.72
CA ARG A 70 5.91 -0.26 -2.22
C ARG A 70 5.80 -0.30 -3.74
N PRO A 71 6.94 -0.16 -4.43
CA PRO A 71 6.98 -0.21 -5.88
C PRO A 71 6.75 -1.63 -6.42
N CYS A 72 6.16 -1.70 -7.58
CA CYS A 72 5.83 -2.97 -8.22
C CYS A 72 6.94 -3.45 -9.15
N GLY A 73 7.31 -2.61 -10.09
CA GLY A 73 8.32 -2.99 -11.04
C GLY A 73 7.87 -2.77 -12.46
N HIS A 74 8.47 -3.50 -13.38
CA HIS A 74 8.22 -3.35 -14.80
C HIS A 74 7.02 -4.25 -15.20
N PRO A 75 5.87 -3.63 -15.59
CA PRO A 75 4.60 -4.35 -15.88
C PRO A 75 4.57 -5.05 -17.21
N GLY A 76 5.68 -5.11 -17.84
CA GLY A 76 5.74 -5.76 -19.07
C GLY A 76 6.70 -5.13 -19.99
N ASP A 77 7.47 -5.93 -20.63
CA ASP A 77 8.41 -5.46 -21.59
C ASP A 77 7.85 -5.82 -22.92
N THR A 78 7.39 -4.85 -23.62
CA THR A 78 6.67 -5.09 -24.81
C THR A 78 7.26 -4.35 -26.00
N PRO A 79 7.60 -5.08 -27.05
CA PRO A 79 8.07 -4.48 -28.27
C PRO A 79 6.93 -4.15 -29.24
N PHE A 80 5.67 -4.39 -28.84
CA PHE A 80 4.56 -4.16 -29.76
C PHE A 80 3.35 -3.47 -29.12
N GLY A 81 3.47 -3.06 -27.87
CA GLY A 81 2.34 -2.41 -27.25
C GLY A 81 2.75 -1.33 -26.30
N THR A 82 1.81 -0.84 -25.53
CA THR A 82 2.04 0.21 -24.55
C THR A 82 1.20 -0.05 -23.31
N PHE A 83 1.53 0.60 -22.23
CA PHE A 83 0.79 0.45 -21.00
C PHE A 83 0.43 1.80 -20.43
N THR A 84 -0.61 1.86 -19.67
CA THR A 84 -1.00 3.08 -19.02
C THR A 84 -0.86 2.94 -17.52
N LEU A 85 -1.16 4.01 -16.80
CA LEU A 85 -1.25 4.02 -15.37
C LEU A 85 -2.38 4.93 -14.99
N THR A 86 -3.13 4.58 -13.98
CA THR A 86 -4.25 5.39 -13.56
C THR A 86 -4.20 5.72 -12.05
N GLY A 87 -3.92 4.71 -11.21
CA GLY A 87 -3.90 4.93 -9.77
C GLY A 87 -2.54 5.32 -9.28
N GLY A 88 -1.97 6.30 -9.91
CA GLY A 88 -0.64 6.74 -9.62
C GLY A 88 0.06 7.08 -10.89
N ASN A 89 1.31 7.45 -10.79
CA ASN A 89 2.10 7.80 -11.98
C ASN A 89 3.29 6.92 -12.08
N VAL A 90 3.31 5.90 -11.28
CA VAL A 90 4.46 5.12 -11.24
C VAL A 90 4.10 3.71 -10.98
N PHE A 91 5.03 2.99 -10.62
CA PHE A 91 4.83 1.59 -10.37
C PHE A 91 4.73 1.37 -8.91
N GLU A 92 3.54 1.58 -8.41
CA GLU A 92 3.27 1.55 -7.01
C GLU A 92 1.97 0.80 -6.76
N TYR A 93 1.85 0.25 -5.56
CA TYR A 93 0.62 -0.40 -5.11
C TYR A 93 -0.58 0.54 -5.33
N GLY A 94 -1.44 0.15 -6.22
CA GLY A 94 -2.59 0.95 -6.49
C GLY A 94 -2.79 1.23 -7.96
N VAL A 95 -1.71 1.23 -8.74
CA VAL A 95 -1.86 1.53 -10.16
C VAL A 95 -2.42 0.36 -10.92
N LYS A 96 -2.86 0.67 -12.10
CA LYS A 96 -3.38 -0.27 -13.02
C LYS A 96 -2.69 0.05 -14.30
N ALA A 97 -1.91 -0.85 -14.79
CA ALA A 97 -1.24 -0.65 -16.00
C ALA A 97 -2.06 -1.26 -17.10
N VAL A 98 -2.80 -0.46 -17.85
CA VAL A 98 -3.61 -1.04 -18.90
C VAL A 98 -2.74 -1.36 -20.07
N TYR A 99 -3.18 -2.19 -20.96
CA TYR A 99 -2.38 -2.55 -22.08
C TYR A 99 -3.15 -2.38 -23.35
N THR A 100 -2.50 -1.79 -24.32
CA THR A 100 -3.08 -1.58 -25.60
C THR A 100 -1.95 -1.58 -26.65
N CYS A 101 -2.29 -1.91 -27.86
CA CYS A 101 -1.35 -1.92 -28.98
C CYS A 101 -1.96 -1.17 -30.13
N ASN A 102 -3.24 -1.38 -30.33
CA ASN A 102 -3.96 -0.70 -31.34
C ASN A 102 -5.39 -0.69 -30.86
N GLU A 103 -6.26 -0.17 -31.65
CA GLU A 103 -7.62 -0.04 -31.32
C GLU A 103 -8.47 -1.05 -32.07
N GLY A 104 -8.13 -1.23 -33.32
CA GLY A 104 -8.83 -2.19 -34.16
C GLY A 104 -8.66 -3.60 -33.62
N TYR A 105 -7.48 -3.87 -33.12
CA TYR A 105 -7.22 -5.12 -32.47
C TYR A 105 -6.75 -4.82 -31.08
N GLN A 106 -7.40 -5.41 -30.13
CA GLN A 106 -7.11 -5.14 -28.76
C GLN A 106 -6.24 -6.21 -28.19
N LEU A 107 -6.84 -7.26 -27.64
CA LEU A 107 -6.11 -8.33 -27.00
C LEU A 107 -7.00 -9.51 -26.66
N LEU A 108 -6.38 -10.65 -26.43
CA LEU A 108 -7.07 -11.92 -26.19
C LEU A 108 -7.73 -11.98 -24.83
N GLY A 109 -6.92 -11.86 -23.81
CA GLY A 109 -7.39 -11.93 -22.41
C GLY A 109 -8.45 -10.88 -22.06
N GLU A 110 -9.23 -11.14 -21.02
CA GLU A 110 -10.29 -10.24 -20.60
C GLU A 110 -9.72 -9.14 -19.76
N ILE A 111 -8.63 -9.44 -19.13
CA ILE A 111 -7.97 -8.52 -18.30
C ILE A 111 -6.95 -7.77 -19.14
N ASN A 112 -7.36 -6.63 -19.61
CA ASN A 112 -6.54 -5.81 -20.52
C ASN A 112 -5.61 -4.91 -19.73
N TYR A 113 -5.20 -5.35 -18.58
CA TYR A 113 -4.43 -4.53 -17.70
C TYR A 113 -3.72 -5.37 -16.66
N ARG A 114 -2.90 -4.71 -15.89
CA ARG A 114 -2.19 -5.31 -14.80
C ARG A 114 -2.32 -4.40 -13.61
N GLU A 115 -2.84 -4.88 -12.54
CA GLU A 115 -2.94 -4.08 -11.37
C GLU A 115 -1.89 -4.45 -10.38
N CYS A 116 -1.49 -3.49 -9.60
CA CYS A 116 -0.55 -3.73 -8.56
C CYS A 116 -1.20 -4.31 -7.33
N ASP A 117 -0.75 -5.46 -6.96
CA ASP A 117 -1.16 -6.10 -5.74
C ASP A 117 -0.10 -5.75 -4.72
N THR A 118 0.00 -6.51 -3.69
CA THR A 118 0.91 -6.28 -2.61
C THR A 118 2.38 -6.24 -3.08
N ASP A 119 2.86 -7.32 -3.62
CA ASP A 119 4.22 -7.42 -4.02
C ASP A 119 4.44 -7.17 -5.50
N GLY A 120 3.44 -7.39 -6.31
CA GLY A 120 3.65 -7.27 -7.72
C GLY A 120 2.40 -7.07 -8.49
N TRP A 121 2.39 -7.55 -9.71
CA TRP A 121 1.26 -7.38 -10.59
C TRP A 121 0.34 -8.57 -10.50
N THR A 122 -0.93 -8.32 -10.67
CA THR A 122 -1.94 -9.35 -10.60
C THR A 122 -1.98 -10.19 -11.90
N ASN A 123 -1.53 -9.60 -12.98
CA ASN A 123 -1.56 -10.23 -14.28
C ASN A 123 -0.30 -9.94 -15.01
N ASP A 124 -0.15 -10.56 -16.14
CA ASP A 124 1.02 -10.39 -16.96
C ASP A 124 0.59 -9.60 -18.20
N ILE A 125 1.32 -9.68 -19.26
CA ILE A 125 1.07 -8.91 -20.44
C ILE A 125 0.04 -9.63 -21.31
N PRO A 126 -1.14 -9.02 -21.54
CA PRO A 126 -2.13 -9.56 -22.45
C PRO A 126 -1.63 -9.42 -23.91
N ILE A 127 -1.93 -10.38 -24.73
CA ILE A 127 -1.43 -10.38 -26.09
C ILE A 127 -2.44 -9.75 -27.07
N CYS A 128 -1.99 -8.74 -27.80
CA CYS A 128 -2.78 -8.02 -28.79
C CYS A 128 -2.90 -8.82 -30.08
N GLU A 129 -4.10 -9.29 -30.38
CA GLU A 129 -4.36 -10.13 -31.54
C GLU A 129 -5.78 -9.86 -32.01
N ASP A 7 -1.12 8.44 31.60
CA ASP A 7 -1.67 7.15 31.22
C ASP A 7 -2.86 7.38 30.30
N CYS A 8 -2.87 6.70 29.20
CA CYS A 8 -3.94 6.80 28.24
C CYS A 8 -5.14 6.02 28.74
N ASN A 9 -6.29 6.43 28.31
CA ASN A 9 -7.55 5.87 28.79
C ASN A 9 -8.32 5.26 27.66
N GLU A 10 -7.62 5.03 26.61
CA GLU A 10 -8.18 4.53 25.40
C GLU A 10 -7.09 3.99 24.59
N LEU A 11 -7.46 3.17 23.68
CA LEU A 11 -6.61 2.52 22.85
C LEU A 11 -6.28 3.39 21.67
N PRO A 12 -5.15 3.11 21.07
CA PRO A 12 -4.65 3.86 19.94
C PRO A 12 -5.68 3.90 18.79
N PRO A 13 -5.87 5.08 18.17
CA PRO A 13 -6.82 5.26 17.07
C PRO A 13 -6.50 4.37 15.87
N ARG A 14 -7.41 3.50 15.56
CA ARG A 14 -7.25 2.64 14.41
C ARG A 14 -7.42 3.47 13.17
N ARG A 15 -6.52 3.30 12.25
CA ARG A 15 -6.48 4.16 11.10
C ARG A 15 -6.95 3.44 9.85
N ASN A 16 -6.94 4.14 8.74
CA ASN A 16 -7.38 3.56 7.48
C ASN A 16 -6.22 2.90 6.79
N THR A 17 -5.13 3.63 6.64
CA THR A 17 -3.96 3.10 5.99
C THR A 17 -3.04 2.36 6.96
N GLU A 18 -3.32 2.49 8.24
CA GLU A 18 -2.54 1.88 9.27
C GLU A 18 -3.38 1.01 10.15
N ILE A 19 -2.88 -0.16 10.43
CA ILE A 19 -3.64 -1.12 11.23
C ILE A 19 -2.87 -1.39 12.51
N LEU A 20 -3.57 -1.42 13.62
CA LEU A 20 -2.95 -1.77 14.88
C LEU A 20 -2.52 -3.19 14.91
N THR A 21 -1.25 -3.40 15.04
CA THR A 21 -0.74 -4.73 15.20
C THR A 21 -0.55 -5.02 16.66
N GLY A 22 -1.49 -5.74 17.19
CA GLY A 22 -1.51 -6.08 18.57
C GLY A 22 -2.93 -6.28 18.98
N SER A 23 -3.19 -6.20 20.24
CA SER A 23 -4.52 -6.34 20.73
C SER A 23 -4.79 -5.22 21.71
N TRP A 24 -5.70 -4.33 21.36
CA TRP A 24 -6.01 -3.22 22.21
C TRP A 24 -7.49 -3.23 22.47
N SER A 25 -7.87 -3.99 23.43
CA SER A 25 -9.24 -4.10 23.82
C SER A 25 -9.38 -3.64 25.25
N ASP A 26 -8.29 -3.12 25.81
CA ASP A 26 -8.30 -2.66 27.18
C ASP A 26 -8.79 -1.25 27.27
N GLN A 27 -8.50 -0.57 28.32
CA GLN A 27 -8.91 0.79 28.43
C GLN A 27 -7.69 1.65 28.72
N THR A 28 -7.16 1.50 29.89
CA THR A 28 -6.06 2.31 30.30
C THR A 28 -4.69 1.66 30.02
N TYR A 29 -3.80 2.45 29.46
CA TYR A 29 -2.45 2.02 29.16
C TYR A 29 -1.46 3.01 29.72
N PRO A 30 -0.34 2.51 30.25
CA PRO A 30 0.69 3.35 30.87
C PRO A 30 1.36 4.29 29.86
N GLU A 31 1.78 5.42 30.36
CA GLU A 31 2.44 6.40 29.54
C GLU A 31 3.79 5.85 29.12
N GLY A 32 4.11 5.97 27.87
CA GLY A 32 5.34 5.43 27.37
C GLY A 32 5.10 4.20 26.55
N THR A 33 3.87 3.75 26.51
CA THR A 33 3.54 2.58 25.74
C THR A 33 3.34 2.89 24.27
N GLN A 34 4.18 2.26 23.46
CA GLN A 34 4.14 2.45 22.04
C GLN A 34 3.18 1.47 21.38
N ALA A 35 2.68 1.88 20.26
CA ALA A 35 1.77 1.12 19.46
C ALA A 35 2.38 0.97 18.09
N ILE A 36 2.39 -0.23 17.60
CA ILE A 36 2.97 -0.52 16.31
C ILE A 36 1.84 -0.68 15.28
N TYR A 37 1.93 0.06 14.21
CA TYR A 37 0.96 -0.01 13.16
C TYR A 37 1.51 -0.67 11.92
N LYS A 38 0.67 -1.41 11.27
CA LYS A 38 0.95 -2.04 10.01
C LYS A 38 0.47 -1.12 8.93
N CYS A 39 1.18 -1.05 7.87
CA CYS A 39 0.83 -0.19 6.76
C CYS A 39 -0.07 -0.92 5.77
N ARG A 40 -1.00 -1.72 6.28
CA ARG A 40 -1.90 -2.53 5.45
C ARG A 40 -1.10 -3.53 4.60
N PRO A 41 -1.74 -4.46 3.90
CA PRO A 41 -1.02 -5.35 3.01
C PRO A 41 -0.62 -4.64 1.70
N GLY A 42 -1.17 -3.45 1.45
CA GLY A 42 -0.88 -2.76 0.21
C GLY A 42 0.09 -1.60 0.33
N TYR A 43 0.37 -1.15 1.52
CA TYR A 43 1.24 -0.01 1.66
C TYR A 43 2.51 -0.43 2.37
N ARG A 44 3.44 0.49 2.49
CA ARG A 44 4.69 0.25 3.17
C ARG A 44 5.18 1.57 3.72
N SER A 45 6.36 1.57 4.25
CA SER A 45 7.01 2.71 4.77
C SER A 45 8.45 2.31 5.00
N LEU A 46 9.22 3.18 5.57
CA LEU A 46 10.60 2.87 5.89
C LEU A 46 10.68 2.24 7.27
N GLY A 47 9.55 2.25 7.92
CA GLY A 47 9.38 1.62 9.16
C GLY A 47 7.93 1.40 9.39
N ASN A 48 7.53 1.47 10.59
CA ASN A 48 6.14 1.31 10.93
C ASN A 48 5.70 2.55 11.62
N VAL A 49 4.44 2.87 11.49
CA VAL A 49 3.91 4.00 12.20
C VAL A 49 3.87 3.65 13.66
N ILE A 50 4.80 4.17 14.39
CA ILE A 50 4.89 3.91 15.77
C ILE A 50 4.33 5.07 16.53
N MET A 51 3.32 4.81 17.28
CA MET A 51 2.72 5.79 18.12
C MET A 51 3.04 5.46 19.53
N VAL A 52 2.76 6.34 20.43
CA VAL A 52 3.04 6.08 21.81
C VAL A 52 2.14 6.90 22.71
N CYS A 53 1.82 6.34 23.83
CA CYS A 53 1.02 6.94 24.84
C CYS A 53 1.85 8.01 25.55
N ARG A 54 1.37 9.23 25.56
CA ARG A 54 2.06 10.32 26.19
C ARG A 54 1.06 11.37 26.64
N LYS A 55 1.09 11.69 27.93
CA LYS A 55 0.21 12.72 28.54
C LYS A 55 -1.25 12.36 28.45
N GLY A 56 -1.52 11.10 28.37
CA GLY A 56 -2.86 10.64 28.32
C GLY A 56 -3.36 10.46 26.93
N GLU A 57 -2.61 10.91 25.96
CA GLU A 57 -3.07 10.76 24.60
C GLU A 57 -2.09 9.99 23.74
N TRP A 58 -2.57 9.50 22.63
CA TRP A 58 -1.77 8.76 21.71
C TRP A 58 -1.18 9.67 20.67
N VAL A 59 0.11 9.82 20.74
CA VAL A 59 0.84 10.71 19.89
C VAL A 59 1.76 9.90 18.99
N ALA A 60 2.30 10.54 18.00
CA ALA A 60 3.19 9.87 17.08
C ALA A 60 4.62 9.89 17.60
N LEU A 61 5.11 8.72 17.98
CA LEU A 61 6.49 8.55 18.44
C LEU A 61 7.39 8.93 17.29
N ASN A 62 7.09 8.36 16.16
CA ASN A 62 7.78 8.63 14.93
C ASN A 62 6.85 9.36 13.97
N PRO A 63 6.88 10.70 13.94
CA PRO A 63 6.06 11.49 13.02
C PRO A 63 6.58 11.42 11.58
N LEU A 64 7.78 10.88 11.43
CA LEU A 64 8.41 10.71 10.13
C LEU A 64 7.90 9.45 9.47
N ARG A 65 7.22 8.63 10.24
CA ARG A 65 6.66 7.44 9.71
C ARG A 65 5.29 7.70 9.20
N LYS A 66 5.10 7.32 7.98
CA LYS A 66 3.86 7.45 7.30
C LYS A 66 3.77 6.27 6.38
N CYS A 67 2.62 5.76 6.19
CA CYS A 67 2.47 4.62 5.33
C CYS A 67 2.11 5.08 3.93
N GLN A 68 2.98 4.78 3.02
CA GLN A 68 2.81 5.16 1.63
C GLN A 68 2.70 3.92 0.76
N LYS A 69 2.29 4.10 -0.46
CA LYS A 69 2.07 3.00 -1.37
C LYS A 69 3.36 2.24 -1.66
N ARG A 70 3.25 0.94 -1.84
CA ARG A 70 4.41 0.15 -2.17
C ARG A 70 4.64 0.18 -3.66
N PRO A 71 5.90 0.31 -4.08
CA PRO A 71 6.26 0.31 -5.49
C PRO A 71 6.05 -1.06 -6.13
N CYS A 72 5.85 -1.09 -7.42
CA CYS A 72 5.52 -2.34 -8.11
C CYS A 72 6.67 -2.86 -8.98
N GLY A 73 7.73 -2.11 -9.05
CA GLY A 73 8.88 -2.53 -9.79
C GLY A 73 8.70 -2.40 -11.30
N HIS A 74 8.66 -3.51 -11.98
CA HIS A 74 8.61 -3.52 -13.42
C HIS A 74 7.41 -4.37 -13.88
N PRO A 75 6.46 -3.76 -14.62
CA PRO A 75 5.22 -4.45 -15.08
C PRO A 75 5.42 -5.33 -16.31
N GLY A 76 6.55 -5.94 -16.38
CA GLY A 76 6.82 -6.83 -17.44
C GLY A 76 7.44 -6.17 -18.65
N ASP A 77 8.42 -6.82 -19.21
CA ASP A 77 9.12 -6.33 -20.36
C ASP A 77 8.36 -6.69 -21.60
N THR A 78 8.12 -5.71 -22.41
CA THR A 78 7.41 -5.91 -23.61
C THR A 78 8.02 -5.10 -24.73
N PRO A 79 8.68 -5.79 -25.66
CA PRO A 79 9.21 -5.17 -26.87
C PRO A 79 8.14 -5.18 -27.97
N PHE A 80 6.92 -5.50 -27.59
CA PHE A 80 5.81 -5.53 -28.52
C PHE A 80 4.87 -4.36 -28.27
N GLY A 81 4.40 -4.25 -27.03
CA GLY A 81 3.40 -3.27 -26.74
C GLY A 81 3.86 -2.21 -25.78
N THR A 82 2.92 -1.48 -25.27
CA THR A 82 3.13 -0.37 -24.39
C THR A 82 2.16 -0.55 -23.22
N PHE A 83 2.28 0.24 -22.19
CA PHE A 83 1.40 0.14 -21.09
C PHE A 83 1.09 1.50 -20.54
N THR A 84 -0.04 1.61 -19.93
CA THR A 84 -0.45 2.83 -19.35
C THR A 84 -0.38 2.72 -17.85
N LEU A 85 -0.75 3.77 -17.17
CA LEU A 85 -0.91 3.79 -15.75
C LEU A 85 -2.06 4.70 -15.45
N THR A 86 -2.66 4.53 -14.33
CA THR A 86 -3.73 5.36 -13.92
C THR A 86 -3.72 5.40 -12.40
N GLY A 87 -4.12 6.52 -11.84
CA GLY A 87 -4.18 6.65 -10.40
C GLY A 87 -2.82 6.77 -9.74
N GLY A 88 -1.85 7.30 -10.45
CA GLY A 88 -0.54 7.46 -9.85
C GLY A 88 0.53 7.83 -10.84
N ASN A 89 0.52 7.16 -11.98
CA ASN A 89 1.50 7.39 -13.09
C ASN A 89 2.91 6.97 -12.74
N VAL A 90 3.05 6.24 -11.67
CA VAL A 90 4.30 5.68 -11.25
C VAL A 90 3.99 4.28 -10.79
N PHE A 91 4.97 3.48 -10.51
CA PHE A 91 4.69 2.13 -10.11
C PHE A 91 4.42 2.05 -8.63
N GLU A 92 3.17 2.14 -8.27
CA GLU A 92 2.74 2.13 -6.91
C GLU A 92 1.40 1.44 -6.77
N TYR A 93 1.18 0.85 -5.60
CA TYR A 93 -0.07 0.21 -5.23
C TYR A 93 -1.26 1.14 -5.44
N GLY A 94 -2.01 0.86 -6.47
CA GLY A 94 -3.09 1.70 -6.83
C GLY A 94 -3.20 1.86 -8.33
N VAL A 95 -2.08 1.75 -9.05
CA VAL A 95 -2.13 1.93 -10.49
C VAL A 95 -2.60 0.67 -11.21
N LYS A 96 -3.15 0.90 -12.37
CA LYS A 96 -3.50 -0.14 -13.28
C LYS A 96 -2.67 0.11 -14.52
N ALA A 97 -1.83 -0.84 -14.87
CA ALA A 97 -1.03 -0.68 -16.02
C ALA A 97 -1.75 -1.34 -17.16
N VAL A 98 -2.46 -0.57 -17.94
CA VAL A 98 -3.21 -1.16 -19.02
C VAL A 98 -2.26 -1.46 -20.14
N TYR A 99 -2.60 -2.37 -20.96
CA TYR A 99 -1.73 -2.77 -22.02
C TYR A 99 -2.35 -2.41 -23.31
N THR A 100 -1.54 -1.94 -24.17
CA THR A 100 -1.92 -1.57 -25.48
C THR A 100 -0.74 -2.00 -26.33
N CYS A 101 -0.90 -2.07 -27.61
CA CYS A 101 0.18 -2.57 -28.42
C CYS A 101 0.15 -1.85 -29.74
N ASN A 102 -0.96 -1.97 -30.39
CA ASN A 102 -1.23 -1.30 -31.63
C ASN A 102 -2.68 -0.95 -31.55
N GLU A 103 -3.22 -0.44 -32.59
CA GLU A 103 -4.61 -0.13 -32.60
C GLU A 103 -5.39 -1.39 -32.96
N GLY A 104 -4.90 -2.08 -33.96
CA GLY A 104 -5.50 -3.32 -34.38
C GLY A 104 -5.15 -4.49 -33.48
N TYR A 105 -4.04 -4.39 -32.79
CA TYR A 105 -3.58 -5.47 -31.91
C TYR A 105 -3.58 -5.03 -30.48
N GLN A 106 -4.25 -5.76 -29.64
CA GLN A 106 -4.19 -5.51 -28.25
C GLN A 106 -3.50 -6.67 -27.61
N LEU A 107 -4.28 -7.68 -27.26
CA LEU A 107 -3.77 -8.85 -26.67
C LEU A 107 -4.74 -10.00 -26.76
N LEU A 108 -4.21 -11.17 -26.58
CA LEU A 108 -4.99 -12.35 -26.41
C LEU A 108 -5.19 -12.54 -24.96
N GLY A 109 -6.39 -12.76 -24.58
CA GLY A 109 -6.68 -12.93 -23.21
C GLY A 109 -7.87 -12.15 -22.78
N GLU A 110 -8.19 -12.27 -21.53
CA GLU A 110 -9.36 -11.66 -20.98
C GLU A 110 -8.98 -10.43 -20.20
N ILE A 111 -7.69 -10.24 -20.00
CA ILE A 111 -7.21 -9.13 -19.23
C ILE A 111 -6.25 -8.30 -20.06
N ASN A 112 -6.58 -7.05 -20.24
CA ASN A 112 -5.77 -6.12 -21.04
C ASN A 112 -4.99 -5.17 -20.14
N TYR A 113 -4.65 -5.62 -18.95
CA TYR A 113 -4.03 -4.73 -17.96
C TYR A 113 -3.38 -5.52 -16.85
N ARG A 114 -2.74 -4.80 -15.95
CA ARG A 114 -2.13 -5.33 -14.76
C ARG A 114 -2.35 -4.33 -13.65
N GLU A 115 -2.89 -4.74 -12.55
CA GLU A 115 -3.10 -3.85 -11.44
C GLU A 115 -2.10 -4.05 -10.35
N CYS A 116 -1.76 -2.99 -9.68
CA CYS A 116 -0.90 -3.05 -8.53
C CYS A 116 -1.69 -3.36 -7.29
N ASP A 117 -1.60 -4.59 -6.88
CA ASP A 117 -2.24 -5.06 -5.70
C ASP A 117 -1.16 -5.15 -4.61
N THR A 118 -1.48 -5.78 -3.54
CA THR A 118 -0.63 -5.92 -2.38
C THR A 118 0.62 -6.75 -2.73
N ASP A 119 0.39 -7.82 -3.46
CA ASP A 119 1.43 -8.75 -3.90
C ASP A 119 2.31 -8.11 -4.95
N GLY A 120 1.70 -7.34 -5.79
CA GLY A 120 2.40 -6.73 -6.89
C GLY A 120 1.48 -6.56 -8.05
N TRP A 121 1.75 -7.24 -9.12
CA TRP A 121 0.90 -7.15 -10.27
C TRP A 121 -0.10 -8.29 -10.26
N THR A 122 -1.35 -7.96 -10.44
CA THR A 122 -2.43 -8.91 -10.43
C THR A 122 -2.40 -9.87 -11.61
N ASN A 123 -1.82 -9.43 -12.70
CA ASN A 123 -1.84 -10.15 -13.92
C ASN A 123 -0.48 -10.08 -14.53
N ASP A 124 -0.26 -10.85 -15.54
CA ASP A 124 1.01 -10.91 -16.21
C ASP A 124 0.95 -10.12 -17.50
N ILE A 125 1.97 -10.22 -18.30
CA ILE A 125 2.08 -9.46 -19.54
C ILE A 125 1.15 -10.07 -20.63
N PRO A 126 0.10 -9.34 -21.04
CA PRO A 126 -0.79 -9.79 -22.10
C PRO A 126 -0.05 -9.84 -23.45
N ILE A 127 -0.35 -10.86 -24.22
CA ILE A 127 0.36 -11.12 -25.48
C ILE A 127 -0.33 -10.46 -26.66
N CYS A 128 0.37 -9.57 -27.34
CA CYS A 128 -0.14 -8.89 -28.52
C CYS A 128 -0.37 -9.89 -29.63
N GLU A 129 -1.60 -10.02 -30.07
CA GLU A 129 -2.02 -10.86 -31.18
C GLU A 129 -3.45 -10.50 -31.44
N ASP A 7 -1.38 9.01 31.11
CA ASP A 7 -1.99 7.76 30.74
C ASP A 7 -3.14 8.02 29.79
N CYS A 8 -3.15 7.33 28.72
CA CYS A 8 -4.17 7.48 27.71
C CYS A 8 -5.42 6.74 28.12
N ASN A 9 -6.54 7.41 28.07
CA ASN A 9 -7.83 6.84 28.47
C ASN A 9 -8.59 6.35 27.26
N GLU A 10 -7.85 5.84 26.33
CA GLU A 10 -8.39 5.34 25.11
C GLU A 10 -7.41 4.40 24.45
N LEU A 11 -7.94 3.48 23.70
CA LEU A 11 -7.16 2.58 22.87
C LEU A 11 -6.57 3.37 21.71
N PRO A 12 -5.39 2.96 21.20
CA PRO A 12 -4.73 3.66 20.09
C PRO A 12 -5.65 3.80 18.88
N PRO A 13 -5.73 5.02 18.31
CA PRO A 13 -6.62 5.30 17.19
C PRO A 13 -6.26 4.50 15.95
N ARG A 14 -7.19 3.65 15.55
CA ARG A 14 -7.01 2.82 14.38
C ARG A 14 -6.83 3.69 13.15
N ARG A 15 -5.77 3.41 12.46
CA ARG A 15 -5.32 4.23 11.38
C ARG A 15 -6.06 3.98 10.08
N ASN A 16 -6.10 5.00 9.26
CA ASN A 16 -6.76 4.95 7.95
C ASN A 16 -5.96 4.10 6.98
N THR A 17 -4.68 3.98 7.20
CA THR A 17 -3.86 3.16 6.35
C THR A 17 -3.02 2.18 7.15
N GLU A 18 -3.27 2.08 8.46
CA GLU A 18 -2.51 1.18 9.29
C GLU A 18 -3.42 0.44 10.27
N ILE A 19 -2.90 -0.63 10.86
CA ILE A 19 -3.63 -1.47 11.84
C ILE A 19 -2.67 -1.78 12.95
N LEU A 20 -3.20 -1.96 14.10
CA LEU A 20 -2.42 -2.29 15.23
C LEU A 20 -1.91 -3.71 15.16
N THR A 21 -0.73 -3.90 15.62
CA THR A 21 -0.16 -5.22 15.72
C THR A 21 -0.23 -5.64 17.17
N GLY A 22 -1.09 -6.57 17.47
CA GLY A 22 -1.26 -7.01 18.82
C GLY A 22 -2.71 -7.17 19.12
N SER A 23 -3.04 -7.26 20.37
CA SER A 23 -4.41 -7.40 20.79
C SER A 23 -4.64 -6.53 22.02
N TRP A 24 -5.20 -5.38 21.80
CA TRP A 24 -5.41 -4.42 22.85
C TRP A 24 -6.80 -4.63 23.40
N SER A 25 -6.99 -4.46 24.68
CA SER A 25 -8.31 -4.68 25.26
C SER A 25 -8.53 -3.92 26.58
N ASP A 26 -7.91 -2.76 26.72
CA ASP A 26 -8.13 -1.96 27.91
C ASP A 26 -8.29 -0.52 27.53
N GLN A 27 -8.86 0.27 28.40
CA GLN A 27 -9.10 1.65 28.08
C GLN A 27 -7.96 2.56 28.57
N THR A 28 -7.24 2.17 29.59
CA THR A 28 -6.23 3.07 30.11
C THR A 28 -4.83 2.50 29.97
N TYR A 29 -4.04 3.07 29.09
CA TYR A 29 -2.69 2.62 28.87
C TYR A 29 -1.69 3.62 29.38
N PRO A 30 -0.60 3.13 30.01
CA PRO A 30 0.43 3.98 30.60
C PRO A 30 1.12 4.87 29.59
N GLU A 31 1.51 6.05 30.03
CA GLU A 31 2.19 6.99 29.19
C GLU A 31 3.55 6.41 28.82
N GLY A 32 3.93 6.56 27.60
CA GLY A 32 5.17 6.00 27.15
C GLY A 32 4.95 4.69 26.46
N THR A 33 3.70 4.35 26.24
CA THR A 33 3.37 3.12 25.56
C THR A 33 3.31 3.30 24.07
N GLN A 34 4.27 2.69 23.39
CA GLN A 34 4.35 2.77 21.98
C GLN A 34 3.46 1.75 21.31
N ALA A 35 2.84 2.18 20.25
CA ALA A 35 1.94 1.35 19.50
C ALA A 35 2.54 1.10 18.14
N ILE A 36 2.58 -0.13 17.77
CA ILE A 36 3.16 -0.55 16.52
C ILE A 36 2.04 -0.74 15.50
N TYR A 37 2.22 -0.16 14.35
CA TYR A 37 1.22 -0.25 13.31
C TYR A 37 1.73 -0.99 12.09
N LYS A 38 0.85 -1.80 11.56
CA LYS A 38 1.02 -2.52 10.33
C LYS A 38 0.48 -1.67 9.24
N CYS A 39 1.21 -1.52 8.18
CA CYS A 39 0.86 -0.65 7.07
C CYS A 39 -0.30 -1.13 6.21
N ARG A 40 -1.02 -2.17 6.65
CA ARG A 40 -2.11 -2.79 5.87
C ARG A 40 -1.57 -3.48 4.63
N PRO A 41 -2.30 -4.47 4.12
CA PRO A 41 -1.93 -5.15 2.89
C PRO A 41 -1.86 -4.18 1.70
N GLY A 42 -0.64 -3.76 1.38
CA GLY A 42 -0.44 -2.91 0.24
C GLY A 42 0.40 -1.69 0.52
N TYR A 43 0.64 -1.38 1.76
CA TYR A 43 1.46 -0.23 2.06
C TYR A 43 2.73 -0.65 2.73
N ARG A 44 3.66 0.26 2.85
CA ARG A 44 4.93 -0.01 3.47
C ARG A 44 5.40 1.24 4.18
N SER A 45 6.43 1.09 4.97
CA SER A 45 7.07 2.19 5.67
C SER A 45 8.42 1.76 6.21
N LEU A 46 8.67 0.43 6.14
CA LEU A 46 9.94 -0.20 6.46
C LEU A 46 10.15 -0.26 7.97
N GLY A 47 10.03 0.86 8.61
CA GLY A 47 10.19 0.94 10.03
C GLY A 47 8.86 1.08 10.70
N ASN A 48 7.79 0.68 9.97
CA ASN A 48 6.40 0.71 10.44
C ASN A 48 5.97 2.13 10.76
N VAL A 49 4.86 2.25 11.41
CA VAL A 49 4.42 3.49 12.00
C VAL A 49 4.35 3.24 13.47
N ILE A 50 5.04 4.02 14.23
CA ILE A 50 5.09 3.82 15.63
C ILE A 50 4.49 5.02 16.34
N MET A 51 3.50 4.78 17.12
CA MET A 51 2.89 5.81 17.92
C MET A 51 3.26 5.58 19.34
N VAL A 52 2.83 6.45 20.22
CA VAL A 52 3.08 6.28 21.63
C VAL A 52 2.12 7.14 22.45
N CYS A 53 1.72 6.61 23.56
CA CYS A 53 0.86 7.28 24.51
C CYS A 53 1.65 8.39 25.18
N ARG A 54 1.15 9.60 25.13
CA ARG A 54 1.85 10.72 25.70
C ARG A 54 0.88 11.81 26.13
N LYS A 55 0.88 12.12 27.42
CA LYS A 55 0.04 13.18 28.03
C LYS A 55 -1.43 12.93 27.88
N GLY A 56 -1.77 11.69 27.71
CA GLY A 56 -3.14 11.30 27.61
C GLY A 56 -3.56 11.11 26.19
N GLU A 57 -2.83 11.68 25.26
CA GLU A 57 -3.17 11.52 23.87
C GLU A 57 -2.21 10.57 23.21
N TRP A 58 -2.65 9.93 22.18
CA TRP A 58 -1.79 9.08 21.42
C TRP A 58 -1.10 9.91 20.37
N VAL A 59 0.18 9.98 20.47
CA VAL A 59 0.97 10.79 19.58
C VAL A 59 1.83 9.88 18.74
N ALA A 60 2.49 10.43 17.76
CA ALA A 60 3.37 9.67 16.93
C ALA A 60 4.77 9.69 17.50
N LEU A 61 5.32 8.52 17.73
CA LEU A 61 6.70 8.37 18.12
C LEU A 61 7.48 8.74 16.91
N ASN A 62 7.10 8.11 15.81
CA ASN A 62 7.70 8.38 14.55
C ASN A 62 6.66 9.00 13.62
N PRO A 63 6.54 10.34 13.60
CA PRO A 63 5.60 11.03 12.69
C PRO A 63 6.11 11.01 11.27
N LEU A 64 7.43 10.92 11.16
CA LEU A 64 8.14 10.91 9.92
C LEU A 64 7.86 9.64 9.16
N ARG A 65 7.52 8.64 9.91
CA ARG A 65 7.08 7.39 9.38
C ARG A 65 5.61 7.45 9.09
N LYS A 66 5.23 6.90 7.98
CA LYS A 66 3.87 6.88 7.54
C LYS A 66 3.78 5.80 6.50
N CYS A 67 2.71 5.12 6.45
CA CYS A 67 2.60 4.02 5.54
C CYS A 67 2.14 4.48 4.17
N GLN A 68 3.06 4.43 3.25
CA GLN A 68 2.82 4.84 1.88
C GLN A 68 2.73 3.62 1.01
N LYS A 69 2.26 3.78 -0.21
CA LYS A 69 2.05 2.67 -1.12
C LYS A 69 3.34 1.97 -1.44
N ARG A 70 3.33 0.67 -1.41
CA ARG A 70 4.48 -0.09 -1.77
C ARG A 70 4.55 -0.16 -3.28
N PRO A 71 5.75 -0.17 -3.83
CA PRO A 71 5.93 -0.24 -5.24
C PRO A 71 5.87 -1.67 -5.76
N CYS A 72 5.29 -1.83 -6.91
CA CYS A 72 5.31 -3.10 -7.58
C CYS A 72 6.59 -3.20 -8.36
N GLY A 73 7.08 -2.05 -8.82
CA GLY A 73 8.35 -1.95 -9.50
C GLY A 73 8.44 -2.74 -10.79
N HIS A 74 8.37 -2.03 -11.93
CA HIS A 74 8.52 -2.61 -13.28
C HIS A 74 7.39 -3.64 -13.61
N PRO A 75 6.51 -3.29 -14.55
CA PRO A 75 5.35 -4.13 -14.94
C PRO A 75 5.72 -5.23 -15.91
N GLY A 76 6.83 -5.86 -15.64
CA GLY A 76 7.34 -6.81 -16.56
C GLY A 76 8.17 -6.09 -17.58
N ASP A 77 8.59 -6.77 -18.60
CA ASP A 77 9.42 -6.14 -19.58
C ASP A 77 8.63 -5.95 -20.80
N THR A 78 8.02 -4.80 -20.88
CA THR A 78 7.19 -4.47 -21.98
C THR A 78 7.85 -3.34 -22.80
N PRO A 79 8.67 -3.71 -23.82
CA PRO A 79 9.38 -2.74 -24.64
C PRO A 79 8.52 -2.19 -25.78
N PHE A 80 7.60 -2.99 -26.25
CA PHE A 80 6.70 -2.59 -27.29
C PHE A 80 5.34 -2.49 -26.69
N GLY A 81 4.55 -1.57 -27.17
CA GLY A 81 3.26 -1.38 -26.62
C GLY A 81 3.27 -0.28 -25.59
N THR A 82 2.14 0.02 -25.04
CA THR A 82 2.02 1.09 -24.09
C THR A 82 1.03 0.74 -23.00
N PHE A 83 1.16 1.37 -21.87
CA PHE A 83 0.25 1.17 -20.78
C PHE A 83 -0.03 2.48 -20.08
N THR A 84 -1.19 2.58 -19.55
CA THR A 84 -1.58 3.74 -18.83
C THR A 84 -1.84 3.38 -17.37
N LEU A 85 -1.56 4.28 -16.47
CA LEU A 85 -1.74 4.03 -15.06
C LEU A 85 -2.88 4.88 -14.53
N THR A 86 -3.71 4.28 -13.72
CA THR A 86 -4.89 4.97 -13.21
C THR A 86 -4.86 5.15 -11.67
N GLY A 87 -3.86 4.61 -11.01
CA GLY A 87 -3.83 4.71 -9.56
C GLY A 87 -2.61 5.44 -9.09
N GLY A 88 -2.00 6.14 -10.00
CA GLY A 88 -0.79 6.85 -9.74
C GLY A 88 -0.04 7.00 -11.02
N ASN A 89 1.17 7.50 -10.96
CA ASN A 89 1.97 7.68 -12.18
C ASN A 89 3.06 6.66 -12.24
N VAL A 90 3.08 5.79 -11.30
CA VAL A 90 4.20 4.94 -11.21
C VAL A 90 3.75 3.59 -10.82
N PHE A 91 4.65 2.83 -10.40
CA PHE A 91 4.38 1.45 -10.12
C PHE A 91 4.16 1.24 -8.65
N GLU A 92 3.02 1.68 -8.22
CA GLU A 92 2.65 1.69 -6.85
C GLU A 92 1.33 0.98 -6.67
N TYR A 93 1.17 0.41 -5.49
CA TYR A 93 -0.04 -0.30 -5.09
C TYR A 93 -1.30 0.49 -5.44
N GLY A 94 -2.11 -0.08 -6.28
CA GLY A 94 -3.33 0.57 -6.65
C GLY A 94 -3.36 0.96 -8.10
N VAL A 95 -2.23 0.94 -8.78
CA VAL A 95 -2.24 1.28 -10.20
C VAL A 95 -2.63 0.08 -11.02
N LYS A 96 -3.39 0.34 -12.01
CA LYS A 96 -3.72 -0.62 -12.99
C LYS A 96 -3.03 -0.17 -14.24
N ALA A 97 -2.21 -1.00 -14.79
CA ALA A 97 -1.53 -0.66 -16.00
C ALA A 97 -2.32 -1.21 -17.18
N VAL A 98 -3.15 -0.38 -17.76
CA VAL A 98 -4.00 -0.75 -18.89
C VAL A 98 -3.16 -0.73 -20.16
N TYR A 99 -3.09 -1.84 -20.83
CA TYR A 99 -2.21 -2.02 -21.95
C TYR A 99 -2.92 -1.82 -23.27
N THR A 100 -2.19 -1.26 -24.18
CA THR A 100 -2.61 -1.09 -25.54
C THR A 100 -1.35 -1.37 -26.36
N CYS A 101 -1.46 -1.74 -27.59
CA CYS A 101 -0.25 -2.06 -28.30
C CYS A 101 -0.17 -1.37 -29.65
N ASN A 102 -1.00 -1.75 -30.56
CA ASN A 102 -1.04 -1.18 -31.89
C ASN A 102 -2.47 -0.95 -32.21
N GLU A 103 -2.79 -0.56 -33.41
CA GLU A 103 -4.19 -0.41 -33.76
C GLU A 103 -4.74 -1.75 -34.21
N GLY A 104 -4.01 -2.39 -35.09
CA GLY A 104 -4.43 -3.68 -35.60
C GLY A 104 -4.11 -4.81 -34.65
N TYR A 105 -3.14 -4.59 -33.79
CA TYR A 105 -2.74 -5.60 -32.83
C TYR A 105 -2.99 -5.09 -31.45
N GLN A 106 -3.84 -5.73 -30.73
CA GLN A 106 -4.11 -5.30 -29.40
C GLN A 106 -3.55 -6.27 -28.41
N LEU A 107 -4.27 -7.35 -28.16
CA LEU A 107 -3.83 -8.35 -27.21
C LEU A 107 -4.69 -9.59 -27.25
N LEU A 108 -4.02 -10.71 -27.19
CA LEU A 108 -4.60 -12.01 -27.31
C LEU A 108 -5.49 -12.35 -26.13
N GLY A 109 -4.99 -12.11 -24.95
CA GLY A 109 -5.71 -12.46 -23.73
C GLY A 109 -6.90 -11.55 -23.43
N GLU A 110 -7.64 -11.88 -22.39
CA GLU A 110 -8.81 -11.09 -21.98
C GLU A 110 -8.39 -9.99 -21.08
N ILE A 111 -7.34 -10.23 -20.36
CA ILE A 111 -6.85 -9.30 -19.39
C ILE A 111 -5.88 -8.35 -20.06
N ASN A 112 -6.41 -7.19 -20.38
CA ASN A 112 -5.70 -6.14 -21.10
C ASN A 112 -4.94 -5.24 -20.15
N TYR A 113 -4.68 -5.73 -18.99
CA TYR A 113 -4.09 -4.92 -17.98
C TYR A 113 -3.33 -5.78 -17.02
N ARG A 114 -2.80 -5.15 -16.03
CA ARG A 114 -2.14 -5.80 -14.95
C ARG A 114 -2.26 -4.82 -13.77
N GLU A 115 -2.73 -5.28 -12.66
CA GLU A 115 -2.95 -4.43 -11.51
C GLU A 115 -1.87 -4.63 -10.47
N CYS A 116 -1.48 -3.57 -9.83
CA CYS A 116 -0.50 -3.62 -8.79
C CYS A 116 -1.20 -3.88 -7.46
N ASP A 117 -1.08 -5.11 -6.99
CA ASP A 117 -1.69 -5.53 -5.75
C ASP A 117 -0.59 -5.45 -4.66
N THR A 118 -0.76 -6.19 -3.60
CA THR A 118 0.11 -6.19 -2.46
C THR A 118 1.48 -6.82 -2.78
N ASP A 119 1.44 -8.01 -3.30
CA ASP A 119 2.64 -8.78 -3.55
C ASP A 119 3.25 -8.42 -4.89
N GLY A 120 2.42 -7.94 -5.78
CA GLY A 120 2.91 -7.57 -7.08
C GLY A 120 1.80 -7.40 -8.06
N TRP A 121 2.13 -7.53 -9.32
CA TRP A 121 1.20 -7.37 -10.40
C TRP A 121 0.33 -8.60 -10.55
N THR A 122 -0.90 -8.37 -10.86
CA THR A 122 -1.80 -9.41 -11.15
C THR A 122 -1.75 -9.68 -12.66
N ASN A 123 -1.63 -10.96 -13.03
CA ASN A 123 -1.50 -11.39 -14.43
C ASN A 123 -0.12 -11.05 -14.99
N ASP A 124 0.04 -11.32 -16.25
CA ASP A 124 1.29 -11.06 -16.93
C ASP A 124 1.02 -10.16 -18.12
N ILE A 125 2.08 -9.63 -18.71
CA ILE A 125 2.01 -8.71 -19.84
C ILE A 125 1.24 -9.35 -21.01
N PRO A 126 0.09 -8.79 -21.40
CA PRO A 126 -0.70 -9.30 -22.53
C PRO A 126 0.07 -9.16 -23.87
N ILE A 127 -0.03 -10.19 -24.69
CA ILE A 127 0.66 -10.26 -25.98
C ILE A 127 -0.20 -9.61 -27.06
N CYS A 128 0.40 -8.70 -27.81
CA CYS A 128 -0.28 -7.96 -28.87
C CYS A 128 -0.77 -8.87 -29.99
N GLU A 129 -2.08 -8.97 -30.12
CA GLU A 129 -2.72 -9.77 -31.12
C GLU A 129 -4.18 -9.30 -31.15
N ASP A 7 -1.60 8.84 30.96
CA ASP A 7 -2.22 7.57 30.65
C ASP A 7 -3.39 7.80 29.73
N CYS A 8 -3.41 7.06 28.67
CA CYS A 8 -4.45 7.15 27.69
C CYS A 8 -5.72 6.62 28.23
N ASN A 9 -6.79 7.30 27.96
CA ASN A 9 -8.08 6.91 28.49
C ASN A 9 -8.94 6.34 27.39
N GLU A 10 -8.29 5.93 26.33
CA GLU A 10 -8.91 5.33 25.19
C GLU A 10 -7.95 4.34 24.55
N LEU A 11 -8.49 3.45 23.74
CA LEU A 11 -7.71 2.50 22.97
C LEU A 11 -7.11 3.20 21.76
N PRO A 12 -5.94 2.75 21.28
CA PRO A 12 -5.34 3.31 20.09
C PRO A 12 -6.25 3.12 18.89
N PRO A 13 -6.36 4.11 18.02
CA PRO A 13 -7.27 4.06 16.90
C PRO A 13 -6.81 3.09 15.83
N ARG A 14 -7.74 2.47 15.17
CA ARG A 14 -7.41 1.63 14.05
C ARG A 14 -7.47 2.50 12.82
N ARG A 15 -6.63 2.25 11.86
CA ARG A 15 -6.59 3.07 10.69
C ARG A 15 -6.98 2.24 9.47
N ASN A 16 -7.15 2.88 8.34
CA ASN A 16 -7.49 2.15 7.12
C ASN A 16 -6.24 1.70 6.42
N THR A 17 -5.25 2.54 6.41
CA THR A 17 -3.99 2.20 5.79
C THR A 17 -2.99 1.62 6.78
N GLU A 18 -3.28 1.73 8.06
CA GLU A 18 -2.41 1.19 9.09
C GLU A 18 -3.20 0.29 10.04
N ILE A 19 -2.60 -0.81 10.40
CA ILE A 19 -3.26 -1.80 11.26
C ILE A 19 -2.49 -1.86 12.58
N LEU A 20 -3.19 -2.06 13.66
CA LEU A 20 -2.55 -2.25 14.95
C LEU A 20 -2.03 -3.67 15.07
N THR A 21 -0.78 -3.78 15.37
CA THR A 21 -0.16 -5.10 15.46
C THR A 21 -0.31 -5.69 16.86
N GLY A 22 -0.32 -4.84 17.86
CA GLY A 22 -0.46 -5.28 19.22
C GLY A 22 -1.87 -5.68 19.57
N SER A 23 -2.03 -6.36 20.66
CA SER A 23 -3.31 -6.77 21.13
C SER A 23 -3.79 -5.77 22.18
N TRP A 24 -4.74 -4.96 21.81
CA TRP A 24 -5.22 -3.92 22.69
C TRP A 24 -6.62 -4.28 23.14
N SER A 25 -6.91 -4.11 24.40
CA SER A 25 -8.21 -4.49 24.90
C SER A 25 -8.72 -3.60 26.06
N ASP A 26 -7.85 -2.89 26.75
CA ASP A 26 -8.32 -2.09 27.88
C ASP A 26 -8.55 -0.65 27.50
N GLN A 27 -9.43 0.00 28.19
CA GLN A 27 -9.78 1.37 27.91
C GLN A 27 -8.62 2.31 28.26
N THR A 28 -7.80 1.94 29.21
CA THR A 28 -6.73 2.81 29.67
C THR A 28 -5.35 2.15 29.49
N TYR A 29 -4.38 2.93 29.07
CA TYR A 29 -3.01 2.44 28.89
C TYR A 29 -2.00 3.43 29.43
N PRO A 30 -0.93 2.94 30.07
CA PRO A 30 0.14 3.78 30.65
C PRO A 30 0.83 4.64 29.59
N GLU A 31 1.23 5.84 29.96
CA GLU A 31 1.90 6.72 29.02
C GLU A 31 3.27 6.14 28.71
N GLY A 32 3.70 6.30 27.49
CA GLY A 32 4.94 5.76 27.07
C GLY A 32 4.74 4.49 26.29
N THR A 33 3.48 4.12 26.13
CA THR A 33 3.15 2.92 25.42
C THR A 33 3.04 3.14 23.93
N GLN A 34 3.97 2.58 23.20
CA GLN A 34 4.03 2.75 21.78
C GLN A 34 3.17 1.73 21.08
N ALA A 35 2.64 2.13 19.97
CA ALA A 35 1.81 1.31 19.17
C ALA A 35 2.44 1.17 17.81
N ILE A 36 2.73 -0.03 17.44
CA ILE A 36 3.35 -0.33 16.18
C ILE A 36 2.28 -0.63 15.15
N TYR A 37 2.24 0.16 14.13
CA TYR A 37 1.30 -0.04 13.07
C TYR A 37 1.92 -0.82 11.94
N LYS A 38 1.11 -1.64 11.36
CA LYS A 38 1.41 -2.35 10.19
C LYS A 38 0.98 -1.47 9.05
N CYS A 39 1.86 -1.24 8.13
CA CYS A 39 1.58 -0.40 6.98
C CYS A 39 0.81 -1.15 5.89
N ARG A 40 0.15 -2.22 6.28
CA ARG A 40 -0.57 -3.11 5.37
C ARG A 40 0.36 -3.81 4.35
N PRO A 41 -0.07 -4.94 3.78
CA PRO A 41 0.73 -5.66 2.78
C PRO A 41 0.87 -4.91 1.45
N GLY A 42 0.25 -3.75 1.32
CA GLY A 42 0.35 -2.98 0.11
C GLY A 42 1.24 -1.77 0.24
N TYR A 43 1.78 -1.55 1.39
CA TYR A 43 2.62 -0.40 1.58
C TYR A 43 3.92 -0.86 2.19
N ARG A 44 4.81 0.08 2.39
CA ARG A 44 6.06 -0.18 3.05
C ARG A 44 6.57 1.12 3.64
N SER A 45 7.68 1.02 4.31
CA SER A 45 8.33 2.13 4.92
C SER A 45 9.70 1.69 5.36
N LEU A 46 10.51 2.63 5.78
CA LEU A 46 11.79 2.29 6.34
C LEU A 46 11.61 1.99 7.81
N GLY A 47 10.70 2.72 8.40
CA GLY A 47 10.33 2.53 9.76
C GLY A 47 8.84 2.56 9.83
N ASN A 48 8.26 1.76 10.67
CA ASN A 48 6.80 1.69 10.77
C ASN A 48 6.24 2.93 11.42
N VAL A 49 4.95 3.16 11.22
CA VAL A 49 4.27 4.24 11.89
C VAL A 49 4.15 3.86 13.35
N ILE A 50 4.96 4.49 14.14
CA ILE A 50 4.99 4.22 15.53
C ILE A 50 4.30 5.33 16.26
N MET A 51 3.25 4.99 16.90
CA MET A 51 2.51 5.92 17.71
C MET A 51 2.78 5.62 19.14
N VAL A 52 2.33 6.43 20.03
CA VAL A 52 2.58 6.21 21.43
C VAL A 52 1.58 6.96 22.29
N CYS A 53 1.29 6.38 23.41
CA CYS A 53 0.46 6.95 24.41
C CYS A 53 1.22 8.09 25.05
N ARG A 54 0.70 9.28 24.92
CA ARG A 54 1.34 10.48 25.37
C ARG A 54 0.27 11.46 25.83
N LYS A 55 0.35 11.90 27.07
CA LYS A 55 -0.55 12.90 27.67
C LYS A 55 -2.01 12.48 27.65
N GLY A 56 -2.23 11.21 27.63
CA GLY A 56 -3.57 10.71 27.62
C GLY A 56 -4.08 10.44 26.25
N GLU A 57 -3.38 10.90 25.24
CA GLU A 57 -3.79 10.69 23.88
C GLU A 57 -2.84 9.76 23.15
N TRP A 58 -3.27 9.29 22.04
CA TRP A 58 -2.50 8.44 21.22
C TRP A 58 -2.08 9.26 20.07
N VAL A 59 -0.87 9.60 20.06
CA VAL A 59 -0.35 10.38 19.06
C VAL A 59 0.91 9.74 18.55
N ALA A 60 1.64 10.49 17.93
CA ALA A 60 2.76 10.06 17.18
C ALA A 60 4.05 10.05 18.00
N LEU A 61 4.72 8.91 17.99
CA LEU A 61 6.04 8.78 18.54
C LEU A 61 6.97 9.38 17.54
N ASN A 62 6.90 8.83 16.35
CA ASN A 62 7.76 9.22 15.28
C ASN A 62 6.91 9.82 14.17
N PRO A 63 6.87 11.13 14.05
CA PRO A 63 6.05 11.83 13.03
C PRO A 63 6.68 11.84 11.65
N LEU A 64 7.85 11.26 11.55
CA LEU A 64 8.60 11.26 10.34
C LEU A 64 8.26 10.09 9.49
N ARG A 65 7.82 9.06 10.14
CA ARG A 65 7.48 7.83 9.48
C ARG A 65 6.07 7.82 8.95
N LYS A 66 5.89 7.14 7.85
CA LYS A 66 4.64 7.10 7.15
C LYS A 66 4.61 5.81 6.38
N CYS A 67 3.46 5.40 5.95
CA CYS A 67 3.34 4.21 5.15
C CYS A 67 3.18 4.60 3.69
N GLN A 68 4.19 4.30 2.89
CA GLN A 68 4.20 4.66 1.48
C GLN A 68 3.86 3.47 0.64
N LYS A 69 3.28 3.71 -0.50
CA LYS A 69 2.88 2.65 -1.41
C LYS A 69 4.11 1.93 -1.92
N ARG A 70 4.11 0.62 -1.82
CA ARG A 70 5.25 -0.16 -2.23
C ARG A 70 5.38 -0.17 -3.74
N PRO A 71 6.61 -0.02 -4.25
CA PRO A 71 6.90 -0.07 -5.67
C PRO A 71 6.62 -1.48 -6.22
N CYS A 72 6.12 -1.53 -7.42
CA CYS A 72 5.67 -2.79 -8.00
C CYS A 72 6.67 -3.38 -8.96
N GLY A 73 7.64 -2.58 -9.35
CA GLY A 73 8.60 -3.04 -10.29
C GLY A 73 8.07 -3.01 -11.69
N HIS A 74 8.82 -3.53 -12.59
CA HIS A 74 8.48 -3.54 -14.00
C HIS A 74 7.33 -4.56 -14.20
N PRO A 75 6.25 -4.22 -14.96
CA PRO A 75 5.10 -5.12 -15.19
C PRO A 75 5.45 -6.26 -16.14
N GLY A 76 6.34 -7.12 -15.69
CA GLY A 76 6.84 -8.19 -16.50
C GLY A 76 7.79 -7.62 -17.50
N ASP A 77 7.26 -7.36 -18.66
CA ASP A 77 7.90 -6.63 -19.73
C ASP A 77 6.91 -6.56 -20.86
N THR A 78 6.81 -5.45 -21.50
CA THR A 78 5.83 -5.27 -22.52
C THR A 78 6.36 -4.39 -23.68
N PRO A 79 6.79 -5.02 -24.79
CA PRO A 79 7.32 -4.30 -25.95
C PRO A 79 6.23 -3.68 -26.88
N PHE A 80 5.23 -4.44 -27.27
CA PHE A 80 4.24 -3.96 -28.24
C PHE A 80 3.17 -3.11 -27.55
N GLY A 81 2.85 -3.48 -26.34
CA GLY A 81 1.91 -2.71 -25.57
C GLY A 81 2.59 -1.51 -24.95
N THR A 82 1.87 -0.46 -24.75
CA THR A 82 2.46 0.75 -24.20
C THR A 82 1.94 1.00 -22.81
N PHE A 83 0.64 0.80 -22.66
CA PHE A 83 -0.09 0.87 -21.40
C PHE A 83 -0.11 2.26 -20.72
N THR A 84 -1.15 2.51 -19.97
CA THR A 84 -1.32 3.75 -19.27
C THR A 84 -1.50 3.53 -17.78
N LEU A 85 -0.95 4.42 -16.99
CA LEU A 85 -1.06 4.34 -15.56
C LEU A 85 -2.07 5.35 -15.07
N THR A 86 -2.91 4.94 -14.14
CA THR A 86 -3.97 5.83 -13.65
C THR A 86 -3.83 6.11 -12.12
N GLY A 87 -3.15 5.23 -11.39
CA GLY A 87 -3.04 5.40 -9.94
C GLY A 87 -1.65 5.83 -9.57
N GLY A 88 -1.16 6.75 -10.33
CA GLY A 88 0.18 7.20 -10.21
C GLY A 88 0.79 7.24 -11.58
N ASN A 89 2.05 7.53 -11.66
CA ASN A 89 2.72 7.56 -12.96
C ASN A 89 3.96 6.70 -12.85
N VAL A 90 4.00 5.90 -11.82
CA VAL A 90 5.10 5.03 -11.54
C VAL A 90 4.51 3.72 -11.14
N PHE A 91 5.33 2.76 -10.87
CA PHE A 91 4.83 1.48 -10.47
C PHE A 91 4.76 1.42 -8.97
N GLU A 92 3.66 1.90 -8.44
CA GLU A 92 3.41 1.94 -7.02
C GLU A 92 2.07 1.27 -6.74
N TYR A 93 1.96 0.59 -5.61
CA TYR A 93 0.73 -0.13 -5.22
C TYR A 93 -0.53 0.71 -5.42
N GLY A 94 -1.48 0.16 -6.13
CA GLY A 94 -2.69 0.86 -6.42
C GLY A 94 -2.70 1.43 -7.82
N VAL A 95 -1.59 1.32 -8.51
CA VAL A 95 -1.55 1.80 -9.86
C VAL A 95 -2.08 0.73 -10.80
N LYS A 96 -2.97 1.14 -11.66
CA LYS A 96 -3.48 0.28 -12.67
C LYS A 96 -2.77 0.59 -13.94
N ALA A 97 -2.23 -0.42 -14.56
CA ALA A 97 -1.61 -0.28 -15.84
C ALA A 97 -2.57 -0.84 -16.88
N VAL A 98 -3.31 0.04 -17.51
CA VAL A 98 -4.25 -0.33 -18.54
C VAL A 98 -3.46 -0.65 -19.77
N TYR A 99 -3.52 -1.88 -20.18
CA TYR A 99 -2.69 -2.38 -21.22
C TYR A 99 -3.25 -2.05 -22.57
N THR A 100 -2.81 -0.97 -23.10
CA THR A 100 -3.16 -0.59 -24.40
C THR A 100 -2.02 -0.82 -25.33
N CYS A 101 -2.35 -1.06 -26.53
CA CYS A 101 -1.41 -1.22 -27.57
C CYS A 101 -1.65 -0.14 -28.59
N ASN A 102 -1.05 -0.32 -29.72
CA ASN A 102 -1.27 0.54 -30.87
C ASN A 102 -2.73 0.44 -31.27
N GLU A 103 -3.20 1.46 -31.93
CA GLU A 103 -4.59 1.63 -32.36
C GLU A 103 -5.22 0.37 -32.99
N GLY A 104 -4.49 -0.30 -33.82
CA GLY A 104 -5.02 -1.46 -34.51
C GLY A 104 -4.83 -2.78 -33.77
N TYR A 105 -4.42 -2.73 -32.53
CA TYR A 105 -4.21 -3.95 -31.75
C TYR A 105 -5.16 -4.03 -30.58
N GLN A 106 -5.22 -5.19 -29.99
CA GLN A 106 -5.86 -5.47 -28.74
C GLN A 106 -4.84 -6.25 -28.03
N LEU A 107 -5.23 -7.26 -27.32
CA LEU A 107 -4.35 -8.03 -26.68
C LEU A 107 -5.06 -9.36 -26.39
N LEU A 108 -4.34 -10.42 -26.28
CA LEU A 108 -4.90 -11.66 -25.88
C LEU A 108 -5.03 -11.64 -24.40
N GLY A 109 -6.21 -11.90 -23.97
CA GLY A 109 -6.51 -11.86 -22.61
C GLY A 109 -7.86 -11.26 -22.41
N GLU A 110 -8.40 -11.46 -21.27
CA GLU A 110 -9.70 -10.91 -20.92
C GLU A 110 -9.48 -9.71 -20.05
N ILE A 111 -8.35 -9.70 -19.41
CA ILE A 111 -7.98 -8.68 -18.52
C ILE A 111 -6.99 -7.80 -19.24
N ASN A 112 -7.46 -6.69 -19.71
CA ASN A 112 -6.66 -5.79 -20.54
C ASN A 112 -5.90 -4.79 -19.69
N TYR A 113 -5.50 -5.23 -18.54
CA TYR A 113 -4.82 -4.37 -17.60
C TYR A 113 -4.19 -5.21 -16.54
N ARG A 114 -3.40 -4.57 -15.75
CA ARG A 114 -2.83 -5.18 -14.61
C ARG A 114 -2.75 -4.17 -13.49
N GLU A 115 -3.33 -4.51 -12.37
CA GLU A 115 -3.29 -3.65 -11.21
C GLU A 115 -2.21 -4.13 -10.29
N CYS A 116 -1.54 -3.22 -9.68
CA CYS A 116 -0.54 -3.57 -8.74
C CYS A 116 -1.17 -3.87 -7.40
N ASP A 117 -0.86 -5.02 -6.87
CA ASP A 117 -1.38 -5.41 -5.61
C ASP A 117 -0.23 -5.59 -4.63
N THR A 118 -0.49 -6.21 -3.52
CA THR A 118 0.42 -6.34 -2.41
C THR A 118 1.73 -7.07 -2.76
N ASP A 119 1.59 -8.20 -3.40
CA ASP A 119 2.72 -9.04 -3.71
C ASP A 119 3.30 -8.73 -5.07
N GLY A 120 2.46 -8.19 -5.92
CA GLY A 120 2.87 -7.87 -7.26
C GLY A 120 1.69 -7.52 -8.09
N TRP A 121 1.81 -7.68 -9.38
CA TRP A 121 0.74 -7.36 -10.29
C TRP A 121 -0.32 -8.46 -10.26
N THR A 122 -1.57 -8.09 -10.41
CA THR A 122 -2.70 -9.02 -10.38
C THR A 122 -2.63 -10.02 -11.54
N ASN A 123 -2.16 -9.53 -12.65
CA ASN A 123 -1.96 -10.27 -13.86
C ASN A 123 -0.67 -9.84 -14.39
N ASP A 124 -0.01 -10.68 -15.12
CA ASP A 124 1.27 -10.33 -15.64
C ASP A 124 1.21 -9.49 -16.91
N ILE A 125 1.29 -10.10 -18.04
CA ILE A 125 1.33 -9.38 -19.29
C ILE A 125 0.35 -10.01 -20.28
N PRO A 126 -0.87 -9.46 -20.43
CA PRO A 126 -1.73 -9.82 -21.56
C PRO A 126 -0.92 -9.67 -22.85
N ILE A 127 -1.09 -10.54 -23.77
CA ILE A 127 -0.24 -10.56 -24.95
C ILE A 127 -0.78 -9.60 -25.98
N CYS A 128 -0.05 -8.56 -26.29
CA CYS A 128 -0.49 -7.54 -27.26
C CYS A 128 -0.75 -8.18 -28.65
N GLU A 129 -1.99 -8.06 -29.14
CA GLU A 129 -2.42 -8.70 -30.38
C GLU A 129 -3.86 -8.27 -30.68
N ASP A 7 -0.37 7.36 31.69
CA ASP A 7 -0.98 6.16 31.18
C ASP A 7 -2.20 6.51 30.38
N CYS A 8 -2.41 5.74 29.37
CA CYS A 8 -3.51 5.93 28.50
C CYS A 8 -4.72 5.32 29.14
N ASN A 9 -5.85 5.93 28.99
CA ASN A 9 -7.09 5.33 29.46
C ASN A 9 -7.99 5.07 28.27
N GLU A 10 -7.38 5.09 27.13
CA GLU A 10 -8.04 4.92 25.86
C GLU A 10 -7.10 4.16 24.92
N LEU A 11 -7.66 3.63 23.87
CA LEU A 11 -6.93 2.90 22.86
C LEU A 11 -6.47 3.82 21.74
N PRO A 12 -5.38 3.44 21.03
CA PRO A 12 -4.89 4.21 19.90
C PRO A 12 -5.92 4.22 18.77
N PRO A 13 -6.23 5.40 18.22
CA PRO A 13 -7.20 5.52 17.14
C PRO A 13 -6.72 4.80 15.87
N ARG A 14 -7.64 4.25 15.14
CA ARG A 14 -7.27 3.58 13.92
C ARG A 14 -7.35 4.55 12.77
N ARG A 15 -6.50 4.38 11.81
CA ARG A 15 -6.41 5.29 10.71
C ARG A 15 -7.05 4.66 9.49
N ASN A 16 -7.13 5.40 8.43
CA ASN A 16 -7.66 4.90 7.19
C ASN A 16 -6.58 4.15 6.45
N THR A 17 -5.38 4.62 6.58
CA THR A 17 -4.24 3.99 5.95
C THR A 17 -3.43 3.12 6.92
N GLU A 18 -3.79 3.13 8.20
CA GLU A 18 -3.07 2.31 9.19
C GLU A 18 -4.01 1.54 10.10
N ILE A 19 -3.58 0.33 10.48
CA ILE A 19 -4.31 -0.53 11.40
C ILE A 19 -3.31 -0.96 12.40
N LEU A 20 -3.75 -1.27 13.54
CA LEU A 20 -2.88 -1.70 14.59
C LEU A 20 -2.40 -3.10 14.35
N THR A 21 -1.17 -3.34 14.70
CA THR A 21 -0.57 -4.64 14.54
C THR A 21 -0.98 -5.56 15.68
N GLY A 22 -0.78 -5.08 16.89
CA GLY A 22 -1.09 -5.84 18.07
C GLY A 22 -2.55 -5.85 18.42
N SER A 23 -2.86 -6.57 19.45
CA SER A 23 -4.20 -6.72 19.93
C SER A 23 -4.44 -5.71 21.04
N TRP A 24 -5.49 -4.96 20.90
CA TRP A 24 -5.81 -3.94 21.86
C TRP A 24 -7.19 -4.19 22.37
N SER A 25 -7.30 -4.71 23.56
CA SER A 25 -8.59 -5.03 24.11
C SER A 25 -8.83 -4.29 25.42
N ASP A 26 -7.93 -3.39 25.76
CA ASP A 26 -8.04 -2.68 27.03
C ASP A 26 -8.15 -1.19 26.76
N GLN A 27 -7.83 -0.41 27.72
CA GLN A 27 -7.90 1.01 27.62
C GLN A 27 -6.74 1.62 28.36
N THR A 28 -6.37 1.04 29.46
CA THR A 28 -5.35 1.60 30.28
C THR A 28 -4.00 0.98 30.00
N TYR A 29 -3.20 1.69 29.30
CA TYR A 29 -1.90 1.24 28.89
C TYR A 29 -0.82 2.12 29.48
N PRO A 30 0.32 1.51 29.82
CA PRO A 30 1.47 2.21 30.37
C PRO A 30 2.00 3.28 29.41
N GLU A 31 2.41 4.42 29.96
CA GLU A 31 2.98 5.49 29.17
C GLU A 31 4.29 5.01 28.57
N GLY A 32 4.52 5.33 27.34
CA GLY A 32 5.72 4.86 26.67
C GLY A 32 5.40 3.68 25.82
N THR A 33 4.13 3.37 25.71
CA THR A 33 3.71 2.26 24.91
C THR A 33 3.51 2.64 23.46
N GLN A 34 4.30 2.02 22.61
CA GLN A 34 4.25 2.30 21.22
C GLN A 34 3.13 1.52 20.56
N ALA A 35 2.55 2.10 19.58
CA ALA A 35 1.54 1.49 18.80
C ALA A 35 2.08 1.34 17.42
N ILE A 36 2.26 0.12 17.03
CA ILE A 36 2.82 -0.18 15.74
C ILE A 36 1.71 -0.25 14.73
N TYR A 37 1.87 0.45 13.65
CA TYR A 37 0.89 0.44 12.62
C TYR A 37 1.29 -0.41 11.44
N LYS A 38 0.32 -1.14 11.00
CA LYS A 38 0.42 -2.13 9.96
C LYS A 38 0.51 -1.52 8.56
N CYS A 39 0.07 -0.27 8.43
CA CYS A 39 0.03 0.43 7.12
C CYS A 39 -0.96 -0.17 6.13
N ARG A 40 -1.76 -1.15 6.58
CA ARG A 40 -2.68 -1.89 5.69
C ARG A 40 -1.87 -2.76 4.72
N PRO A 41 -2.50 -3.71 4.05
CA PRO A 41 -1.80 -4.52 3.06
C PRO A 41 -1.41 -3.74 1.79
N GLY A 42 -2.11 -2.64 1.53
CA GLY A 42 -1.89 -1.88 0.32
C GLY A 42 -0.87 -0.78 0.45
N TYR A 43 -0.58 -0.39 1.64
CA TYR A 43 0.35 0.68 1.85
C TYR A 43 1.50 0.13 2.65
N ARG A 44 2.58 0.87 2.73
CA ARG A 44 3.70 0.45 3.52
C ARG A 44 4.59 1.62 3.80
N SER A 45 5.69 1.34 4.43
CA SER A 45 6.67 2.29 4.76
C SER A 45 7.88 1.50 5.17
N LEU A 46 8.91 2.17 5.57
CA LEU A 46 10.10 1.51 5.96
C LEU A 46 10.44 1.92 7.38
N GLY A 47 9.64 1.46 8.29
CA GLY A 47 9.80 1.78 9.67
C GLY A 47 8.50 1.67 10.40
N ASN A 48 7.39 1.75 9.62
CA ASN A 48 6.00 1.67 10.12
C ASN A 48 5.64 2.94 10.86
N VAL A 49 4.38 3.31 10.81
CA VAL A 49 3.93 4.42 11.63
C VAL A 49 3.95 3.94 13.06
N ILE A 50 4.84 4.46 13.81
CA ILE A 50 4.94 4.09 15.16
C ILE A 50 4.43 5.22 16.00
N MET A 51 3.39 4.95 16.70
CA MET A 51 2.84 5.90 17.60
C MET A 51 3.21 5.48 18.99
N VAL A 52 2.91 6.27 19.96
CA VAL A 52 3.25 5.94 21.33
C VAL A 52 2.41 6.77 22.28
N CYS A 53 2.15 6.22 23.41
CA CYS A 53 1.38 6.87 24.42
C CYS A 53 2.28 7.68 25.31
N ARG A 54 1.97 8.93 25.47
CA ARG A 54 2.71 9.83 26.31
C ARG A 54 1.73 10.84 26.85
N LYS A 55 1.76 11.10 28.16
CA LYS A 55 0.86 12.06 28.82
C LYS A 55 -0.60 11.63 28.76
N GLY A 56 -0.80 10.35 28.56
CA GLY A 56 -2.13 9.81 28.51
C GLY A 56 -2.69 9.75 27.12
N GLU A 57 -2.05 10.43 26.21
CA GLU A 57 -2.52 10.48 24.87
C GLU A 57 -1.68 9.66 23.94
N TRP A 58 -2.24 9.30 22.83
CA TRP A 58 -1.59 8.52 21.85
C TRP A 58 -1.12 9.44 20.81
N VAL A 59 0.13 9.59 20.77
CA VAL A 59 0.74 10.46 19.91
C VAL A 59 1.79 9.72 19.15
N ALA A 60 2.69 10.41 18.69
CA ALA A 60 3.63 9.95 17.76
C ALA A 60 4.99 9.60 18.35
N LEU A 61 5.52 8.46 17.94
CA LEU A 61 6.89 8.08 18.23
C LEU A 61 7.66 8.54 17.02
N ASN A 62 7.27 8.01 15.87
CA ASN A 62 7.90 8.37 14.63
C ASN A 62 6.89 9.04 13.72
N PRO A 63 6.73 10.38 13.79
CA PRO A 63 5.79 11.12 12.89
C PRO A 63 6.35 11.21 11.47
N LEU A 64 7.62 10.90 11.39
CA LEU A 64 8.40 10.95 10.17
C LEU A 64 8.03 9.82 9.26
N ARG A 65 7.58 8.75 9.86
CA ARG A 65 7.13 7.62 9.12
C ARG A 65 5.65 7.70 8.92
N LYS A 66 5.25 7.46 7.71
CA LYS A 66 3.89 7.49 7.31
C LYS A 66 3.72 6.38 6.31
N CYS A 67 2.54 5.90 6.15
CA CYS A 67 2.31 4.82 5.25
C CYS A 67 1.87 5.34 3.91
N GLN A 68 2.69 5.10 2.93
CA GLN A 68 2.42 5.53 1.59
C GLN A 68 2.14 4.34 0.75
N LYS A 69 1.81 4.58 -0.49
CA LYS A 69 1.54 3.51 -1.43
C LYS A 69 2.72 2.59 -1.52
N ARG A 70 2.46 1.35 -1.69
CA ARG A 70 3.53 0.44 -1.82
C ARG A 70 3.98 0.41 -3.27
N PRO A 71 5.27 0.52 -3.51
CA PRO A 71 5.83 0.46 -4.84
C PRO A 71 5.72 -0.96 -5.39
N CYS A 72 5.40 -1.07 -6.63
CA CYS A 72 5.09 -2.36 -7.22
C CYS A 72 6.26 -2.91 -8.04
N GLY A 73 7.31 -2.13 -8.13
CA GLY A 73 8.51 -2.59 -8.78
C GLY A 73 8.48 -2.45 -10.28
N HIS A 74 8.15 -3.53 -10.97
CA HIS A 74 8.15 -3.54 -12.42
C HIS A 74 6.99 -4.40 -12.92
N PRO A 75 6.11 -3.85 -13.80
CA PRO A 75 4.99 -4.59 -14.38
C PRO A 75 5.47 -5.67 -15.34
N GLY A 76 6.26 -5.28 -16.30
CA GLY A 76 6.78 -6.22 -17.23
C GLY A 76 7.22 -5.56 -18.49
N ASP A 77 7.93 -6.27 -19.28
CA ASP A 77 8.44 -5.79 -20.53
C ASP A 77 7.70 -6.45 -21.64
N THR A 78 6.88 -5.70 -22.32
CA THR A 78 6.21 -6.22 -23.46
C THR A 78 7.07 -5.90 -24.71
N PRO A 79 7.29 -6.90 -25.58
CA PRO A 79 8.12 -6.73 -26.77
C PRO A 79 7.51 -5.74 -27.77
N PHE A 80 6.20 -5.71 -27.81
CA PHE A 80 5.48 -4.82 -28.68
C PHE A 80 4.60 -3.95 -27.83
N GLY A 81 4.51 -2.70 -28.18
CA GLY A 81 3.66 -1.77 -27.48
C GLY A 81 4.18 -1.42 -26.10
N THR A 82 3.33 -0.83 -25.30
CA THR A 82 3.66 -0.39 -23.96
C THR A 82 2.32 -0.35 -23.17
N PHE A 83 2.40 -0.17 -21.90
CA PHE A 83 1.22 -0.11 -21.08
C PHE A 83 0.97 1.35 -20.67
N THR A 84 -0.22 1.62 -20.27
CA THR A 84 -0.59 2.91 -19.79
C THR A 84 -0.98 2.81 -18.32
N LEU A 85 -0.66 3.82 -17.56
CA LEU A 85 -1.00 3.86 -16.16
C LEU A 85 -2.14 4.82 -15.95
N THR A 86 -3.10 4.43 -15.17
CA THR A 86 -4.26 5.25 -14.95
C THR A 86 -4.10 6.27 -13.77
N GLY A 87 -4.38 5.85 -12.54
CA GLY A 87 -4.34 6.76 -11.40
C GLY A 87 -2.97 6.85 -10.78
N GLY A 88 -2.02 7.15 -11.60
CA GLY A 88 -0.67 7.28 -11.17
C GLY A 88 0.23 7.26 -12.36
N ASN A 89 1.44 7.72 -12.18
CA ASN A 89 2.41 7.70 -13.26
C ASN A 89 3.62 6.91 -12.82
N VAL A 90 3.44 6.16 -11.76
CA VAL A 90 4.48 5.33 -11.20
C VAL A 90 3.88 4.01 -10.85
N PHE A 91 4.69 3.10 -10.41
CA PHE A 91 4.22 1.78 -10.10
C PHE A 91 3.88 1.73 -8.62
N GLU A 92 2.65 2.08 -8.30
CA GLU A 92 2.20 2.11 -6.94
C GLU A 92 0.85 1.42 -6.79
N TYR A 93 0.58 0.94 -5.59
CA TYR A 93 -0.70 0.31 -5.26
C TYR A 93 -1.89 1.17 -5.69
N GLY A 94 -2.70 0.62 -6.55
CA GLY A 94 -3.85 1.33 -7.03
C GLY A 94 -3.75 1.64 -8.49
N VAL A 95 -2.54 1.61 -9.02
CA VAL A 95 -2.35 1.91 -10.40
C VAL A 95 -2.57 0.64 -11.24
N LYS A 96 -3.18 0.81 -12.37
CA LYS A 96 -3.43 -0.25 -13.28
C LYS A 96 -2.58 -0.02 -14.51
N ALA A 97 -1.83 -1.02 -14.88
CA ALA A 97 -1.03 -0.96 -16.07
C ALA A 97 -1.79 -1.63 -17.19
N VAL A 98 -2.42 -0.84 -18.01
CA VAL A 98 -3.22 -1.35 -19.10
C VAL A 98 -2.37 -1.47 -20.33
N TYR A 99 -2.24 -2.65 -20.81
CA TYR A 99 -1.45 -2.92 -21.96
C TYR A 99 -2.18 -2.53 -23.20
N THR A 100 -1.71 -1.49 -23.81
CA THR A 100 -2.28 -1.00 -25.00
C THR A 100 -1.23 -0.90 -26.03
N CYS A 101 -1.31 -1.74 -26.96
CA CYS A 101 -0.26 -1.94 -27.87
C CYS A 101 -0.71 -1.90 -29.28
N ASN A 102 -0.30 -0.87 -29.98
CA ASN A 102 -0.50 -0.74 -31.42
C ASN A 102 -1.98 -0.83 -31.82
N GLU A 103 -2.23 -1.08 -33.09
CA GLU A 103 -3.59 -1.24 -33.54
C GLU A 103 -3.78 -2.62 -34.18
N GLY A 104 -2.84 -2.97 -35.03
CA GLY A 104 -2.84 -4.29 -35.66
C GLY A 104 -2.53 -5.36 -34.63
N TYR A 105 -1.78 -4.98 -33.64
CA TYR A 105 -1.49 -5.84 -32.52
C TYR A 105 -2.44 -5.45 -31.43
N GLN A 106 -2.72 -6.35 -30.53
CA GLN A 106 -3.46 -6.03 -29.35
C GLN A 106 -2.83 -6.72 -28.20
N LEU A 107 -3.24 -7.95 -27.94
CA LEU A 107 -2.71 -8.77 -26.87
C LEU A 107 -3.39 -10.12 -26.78
N LEU A 108 -2.63 -11.07 -26.35
CA LEU A 108 -3.09 -12.38 -26.07
C LEU A 108 -3.23 -12.52 -24.58
N GLY A 109 -4.31 -13.08 -24.18
CA GLY A 109 -4.67 -13.19 -22.79
C GLY A 109 -6.03 -12.60 -22.58
N GLU A 110 -6.66 -12.94 -21.50
CA GLU A 110 -8.03 -12.51 -21.25
C GLU A 110 -8.02 -11.18 -20.54
N ILE A 111 -6.90 -10.87 -19.95
CA ILE A 111 -6.74 -9.67 -19.19
C ILE A 111 -5.75 -8.76 -19.91
N ASN A 112 -6.20 -7.58 -20.23
CA ASN A 112 -5.41 -6.59 -20.98
C ASN A 112 -4.67 -5.64 -20.03
N TYR A 113 -4.40 -6.10 -18.83
CA TYR A 113 -3.81 -5.25 -17.84
C TYR A 113 -3.24 -6.06 -16.71
N ARG A 114 -2.65 -5.37 -15.79
CA ARG A 114 -2.23 -5.88 -14.55
C ARG A 114 -2.27 -4.76 -13.54
N GLU A 115 -2.93 -5.00 -12.43
CA GLU A 115 -3.10 -3.99 -11.41
C GLU A 115 -2.19 -4.25 -10.26
N CYS A 116 -1.86 -3.24 -9.54
CA CYS A 116 -1.02 -3.44 -8.42
C CYS A 116 -1.86 -3.65 -7.17
N ASP A 117 -1.90 -4.89 -6.75
CA ASP A 117 -2.58 -5.32 -5.54
C ASP A 117 -1.62 -5.17 -4.35
N THR A 118 -2.13 -5.42 -3.18
CA THR A 118 -1.40 -5.42 -1.94
C THR A 118 -0.14 -6.29 -2.00
N ASP A 119 -0.20 -7.37 -2.74
CA ASP A 119 0.96 -8.23 -2.87
C ASP A 119 1.84 -7.82 -4.03
N GLY A 120 1.22 -7.29 -5.05
CA GLY A 120 1.95 -6.93 -6.24
C GLY A 120 1.05 -6.94 -7.43
N TRP A 121 1.62 -7.04 -8.61
CA TRP A 121 0.85 -7.02 -9.84
C TRP A 121 -0.04 -8.24 -10.00
N THR A 122 -1.29 -8.01 -10.26
CA THR A 122 -2.25 -9.04 -10.47
C THR A 122 -2.10 -9.57 -11.88
N ASN A 123 -2.56 -10.80 -12.11
CA ASN A 123 -2.59 -11.39 -13.43
C ASN A 123 -1.17 -11.59 -13.92
N ASP A 124 -1.01 -11.79 -15.17
CA ASP A 124 0.29 -11.95 -15.75
C ASP A 124 0.47 -10.81 -16.75
N ILE A 125 1.40 -10.91 -17.63
CA ILE A 125 1.65 -9.90 -18.60
C ILE A 125 1.04 -10.32 -19.93
N PRO A 126 -0.04 -9.66 -20.38
CA PRO A 126 -0.64 -9.95 -21.67
C PRO A 126 0.38 -9.75 -22.80
N ILE A 127 0.38 -10.65 -23.73
CA ILE A 127 1.34 -10.61 -24.79
C ILE A 127 0.79 -9.79 -25.93
N CYS A 128 1.27 -8.56 -26.08
CA CYS A 128 0.85 -7.71 -27.18
C CYS A 128 1.19 -8.36 -28.51
N GLU A 129 0.15 -8.74 -29.20
CA GLU A 129 0.21 -9.45 -30.43
C GLU A 129 -1.10 -9.13 -31.12
N ASP A 7 -0.54 7.65 32.02
CA ASP A 7 -1.27 6.49 31.57
C ASP A 7 -2.49 6.90 30.78
N CYS A 8 -2.63 6.32 29.62
CA CYS A 8 -3.72 6.61 28.73
C CYS A 8 -4.96 5.88 29.20
N ASN A 9 -6.08 6.58 29.22
CA ASN A 9 -7.37 5.99 29.62
C ASN A 9 -8.22 5.75 28.41
N GLU A 10 -7.57 5.59 27.28
CA GLU A 10 -8.22 5.38 26.02
C GLU A 10 -7.30 4.58 25.13
N LEU A 11 -7.88 3.87 24.19
CA LEU A 11 -7.15 3.09 23.21
C LEU A 11 -6.56 4.00 22.14
N PRO A 12 -5.51 3.54 21.43
CA PRO A 12 -4.92 4.30 20.33
C PRO A 12 -5.93 4.46 19.20
N PRO A 13 -5.97 5.61 18.55
CA PRO A 13 -6.91 5.85 17.49
C PRO A 13 -6.50 5.16 16.20
N ARG A 14 -7.32 4.23 15.72
CA ARG A 14 -7.01 3.56 14.48
C ARG A 14 -6.97 4.54 13.34
N ARG A 15 -5.98 4.39 12.54
CA ARG A 15 -5.63 5.39 11.57
C ARG A 15 -6.42 5.23 10.29
N ASN A 16 -6.20 6.15 9.40
CA ASN A 16 -6.88 6.19 8.12
C ASN A 16 -6.22 5.27 7.09
N THR A 17 -4.95 4.97 7.28
CA THR A 17 -4.25 4.06 6.40
C THR A 17 -3.46 3.01 7.19
N GLU A 18 -3.70 2.94 8.50
CA GLU A 18 -2.97 2.04 9.34
C GLU A 18 -3.94 1.31 10.27
N ILE A 19 -3.49 0.18 10.77
CA ILE A 19 -4.27 -0.68 11.67
C ILE A 19 -3.35 -1.02 12.79
N LEU A 20 -3.88 -1.49 13.84
CA LEU A 20 -3.11 -1.86 14.96
C LEU A 20 -2.60 -3.28 14.82
N THR A 21 -1.55 -3.57 15.52
CA THR A 21 -1.08 -4.93 15.65
C THR A 21 -0.83 -5.23 17.12
N GLY A 22 -1.81 -5.81 17.74
CA GLY A 22 -1.77 -6.13 19.15
C GLY A 22 -3.15 -6.49 19.62
N SER A 23 -3.46 -6.22 20.86
CA SER A 23 -4.79 -6.50 21.38
C SER A 23 -5.31 -5.26 22.11
N TRP A 24 -6.40 -4.72 21.63
CA TRP A 24 -6.93 -3.50 22.19
C TRP A 24 -8.43 -3.60 22.40
N SER A 25 -8.85 -3.85 23.60
CA SER A 25 -10.25 -3.87 23.92
C SER A 25 -10.38 -3.37 25.34
N ASP A 26 -9.52 -2.44 25.68
CA ASP A 26 -9.44 -1.93 27.02
C ASP A 26 -9.52 -0.43 26.97
N GLN A 27 -9.14 0.21 28.02
CA GLN A 27 -9.11 1.63 28.09
C GLN A 27 -7.76 2.07 28.59
N THR A 28 -7.30 1.49 29.67
CA THR A 28 -6.13 2.00 30.31
C THR A 28 -4.84 1.29 29.89
N TYR A 29 -3.89 2.08 29.47
CA TYR A 29 -2.58 1.61 29.11
C TYR A 29 -1.53 2.51 29.71
N PRO A 30 -0.46 1.92 30.27
CA PRO A 30 0.59 2.68 30.93
C PRO A 30 1.35 3.58 29.97
N GLU A 31 1.91 4.65 30.50
CA GLU A 31 2.65 5.58 29.69
C GLU A 31 3.91 4.89 29.19
N GLY A 32 4.25 5.12 27.96
CA GLY A 32 5.40 4.52 27.39
C GLY A 32 5.03 3.35 26.51
N THR A 33 3.74 3.12 26.38
CA THR A 33 3.26 2.01 25.57
C THR A 33 3.18 2.38 24.11
N GLN A 34 3.98 1.72 23.30
CA GLN A 34 4.01 1.98 21.90
C GLN A 34 2.91 1.21 21.20
N ALA A 35 2.30 1.84 20.27
CA ALA A 35 1.28 1.24 19.48
C ALA A 35 1.84 0.99 18.12
N ILE A 36 2.07 -0.25 17.84
CA ILE A 36 2.65 -0.65 16.59
C ILE A 36 1.56 -0.83 15.56
N TYR A 37 1.62 -0.01 14.54
CA TYR A 37 0.65 -0.05 13.49
C TYR A 37 1.12 -0.86 12.31
N LYS A 38 0.18 -1.45 11.65
CA LYS A 38 0.37 -2.15 10.43
C LYS A 38 0.10 -1.20 9.33
N CYS A 39 0.99 -1.15 8.41
CA CYS A 39 0.79 -0.34 7.30
C CYS A 39 0.02 -1.21 6.31
N ARG A 40 -1.30 -0.93 6.23
CA ARG A 40 -2.30 -1.61 5.37
C ARG A 40 -1.72 -2.10 4.03
N PRO A 41 -2.19 -3.26 3.54
CA PRO A 41 -1.71 -3.87 2.30
C PRO A 41 -1.84 -2.93 1.10
N GLY A 42 -0.71 -2.51 0.62
CA GLY A 42 -0.62 -1.60 -0.48
C GLY A 42 0.30 -0.48 -0.11
N TYR A 43 0.49 -0.32 1.18
CA TYR A 43 1.31 0.70 1.71
C TYR A 43 2.54 0.09 2.36
N ARG A 44 3.50 0.91 2.64
CA ARG A 44 4.72 0.53 3.28
C ARG A 44 5.30 1.74 3.98
N SER A 45 6.27 1.46 4.81
CA SER A 45 7.03 2.43 5.51
C SER A 45 8.10 1.68 6.24
N LEU A 46 9.31 2.05 6.03
CA LEU A 46 10.43 1.38 6.62
C LEU A 46 10.60 1.79 8.07
N GLY A 47 9.76 1.24 8.91
CA GLY A 47 9.77 1.53 10.31
C GLY A 47 8.38 1.42 10.86
N ASN A 48 7.40 1.70 10.00
CA ASN A 48 5.95 1.67 10.34
C ASN A 48 5.54 2.79 11.25
N VAL A 49 4.27 3.10 11.24
CA VAL A 49 3.73 4.12 12.09
C VAL A 49 3.71 3.60 13.51
N ILE A 50 4.54 4.17 14.33
CA ILE A 50 4.62 3.76 15.69
C ILE A 50 4.20 4.91 16.56
N MET A 51 3.19 4.69 17.34
CA MET A 51 2.73 5.69 18.28
C MET A 51 3.08 5.23 19.65
N VAL A 52 2.81 6.04 20.63
CA VAL A 52 3.09 5.65 21.99
C VAL A 52 2.27 6.50 22.96
N CYS A 53 1.85 5.86 24.00
CA CYS A 53 1.11 6.47 25.08
C CYS A 53 2.04 7.39 25.85
N ARG A 54 1.70 8.64 25.94
CA ARG A 54 2.49 9.59 26.66
C ARG A 54 1.63 10.73 27.18
N LYS A 55 1.59 10.85 28.51
CA LYS A 55 0.82 11.89 29.23
C LYS A 55 -0.66 11.70 29.14
N GLY A 56 -1.05 10.48 28.92
CA GLY A 56 -2.43 10.15 28.85
C GLY A 56 -2.95 10.14 27.46
N GLU A 57 -2.17 10.66 26.55
CA GLU A 57 -2.59 10.69 25.17
C GLU A 57 -1.65 9.87 24.32
N TRP A 58 -2.16 9.39 23.23
CA TRP A 58 -1.34 8.64 22.31
C TRP A 58 -0.70 9.60 21.34
N VAL A 59 0.59 9.62 21.36
CA VAL A 59 1.37 10.53 20.57
C VAL A 59 2.22 9.75 19.60
N ALA A 60 2.90 10.45 18.73
CA ALA A 60 3.72 9.82 17.75
C ALA A 60 5.12 9.54 18.28
N LEU A 61 5.50 8.28 18.25
CA LEU A 61 6.84 7.87 18.57
C LEU A 61 7.68 8.20 17.36
N ASN A 62 7.27 7.64 16.23
CA ASN A 62 7.91 7.85 14.96
C ASN A 62 7.02 8.71 14.08
N PRO A 63 7.19 10.03 14.11
CA PRO A 63 6.36 10.96 13.34
C PRO A 63 6.77 11.00 11.86
N LEU A 64 7.94 10.47 11.55
CA LEU A 64 8.44 10.44 10.17
C LEU A 64 7.72 9.35 9.40
N ARG A 65 7.31 8.34 10.11
CA ARG A 65 6.70 7.21 9.49
C ARG A 65 5.24 7.45 9.27
N LYS A 66 4.83 7.11 8.10
CA LYS A 66 3.50 7.27 7.65
C LYS A 66 3.31 6.22 6.59
N CYS A 67 2.11 5.89 6.28
CA CYS A 67 1.88 4.94 5.25
C CYS A 67 1.99 5.54 3.87
N GLN A 68 3.00 5.11 3.17
CA GLN A 68 3.24 5.52 1.81
C GLN A 68 2.91 4.36 0.93
N LYS A 69 2.53 4.61 -0.30
CA LYS A 69 2.23 3.52 -1.19
C LYS A 69 3.48 2.86 -1.62
N ARG A 70 3.42 1.58 -1.82
CA ARG A 70 4.54 0.89 -2.32
C ARG A 70 4.57 1.03 -3.83
N PRO A 71 5.75 1.09 -4.41
CA PRO A 71 5.90 1.02 -5.83
C PRO A 71 5.68 -0.44 -6.25
N CYS A 72 5.25 -0.67 -7.46
CA CYS A 72 4.94 -2.01 -7.89
C CYS A 72 6.15 -2.67 -8.54
N GLY A 73 7.06 -1.84 -9.02
CA GLY A 73 8.19 -2.33 -9.75
C GLY A 73 8.06 -1.94 -11.20
N HIS A 74 7.93 -2.90 -12.06
CA HIS A 74 7.79 -2.65 -13.47
C HIS A 74 6.88 -3.76 -13.98
N PRO A 75 5.82 -3.44 -14.75
CA PRO A 75 4.82 -4.43 -15.20
C PRO A 75 5.27 -5.26 -16.38
N GLY A 76 6.53 -5.54 -16.44
CA GLY A 76 7.06 -6.23 -17.57
C GLY A 76 7.43 -5.23 -18.61
N ASP A 77 8.33 -5.59 -19.45
CA ASP A 77 8.74 -4.67 -20.47
C ASP A 77 8.77 -5.43 -21.76
N THR A 78 7.63 -5.51 -22.36
CA THR A 78 7.42 -6.27 -23.55
C THR A 78 8.07 -5.55 -24.75
N PRO A 79 8.78 -6.29 -25.63
CA PRO A 79 9.43 -5.70 -26.80
C PRO A 79 8.41 -5.25 -27.85
N PHE A 80 7.28 -5.92 -27.88
CA PHE A 80 6.20 -5.59 -28.76
C PHE A 80 4.99 -5.37 -27.92
N GLY A 81 4.44 -4.21 -28.00
CA GLY A 81 3.35 -3.85 -27.17
C GLY A 81 3.75 -2.69 -26.30
N THR A 82 2.85 -2.14 -25.57
CA THR A 82 3.13 -1.04 -24.67
C THR A 82 2.07 -1.08 -23.58
N PHE A 83 2.21 -0.27 -22.56
CA PHE A 83 1.22 -0.21 -21.53
C PHE A 83 0.97 1.23 -21.17
N THR A 84 -0.16 1.49 -20.60
CA THR A 84 -0.52 2.77 -20.14
C THR A 84 -0.92 2.67 -18.69
N LEU A 85 -0.82 3.73 -17.96
CA LEU A 85 -1.16 3.69 -16.56
C LEU A 85 -2.32 4.58 -16.28
N THR A 86 -3.26 4.05 -15.59
CA THR A 86 -4.39 4.79 -15.15
C THR A 86 -4.50 4.63 -13.65
N GLY A 87 -4.93 5.68 -12.98
CA GLY A 87 -4.97 5.67 -11.53
C GLY A 87 -3.68 6.25 -10.98
N GLY A 88 -2.81 6.63 -11.89
CA GLY A 88 -1.53 7.20 -11.61
C GLY A 88 -0.68 7.12 -12.86
N ASN A 89 0.43 7.80 -12.87
CA ASN A 89 1.32 7.80 -14.06
C ASN A 89 2.60 7.10 -13.71
N VAL A 90 2.60 6.49 -12.58
CA VAL A 90 3.80 5.92 -12.09
C VAL A 90 3.51 4.59 -11.55
N PHE A 91 4.42 4.10 -10.87
CA PHE A 91 4.33 2.77 -10.33
C PHE A 91 4.09 2.84 -8.86
N GLU A 92 2.86 2.64 -8.50
CA GLU A 92 2.40 2.67 -7.14
C GLU A 92 1.14 1.84 -7.05
N TYR A 93 0.88 1.30 -5.89
CA TYR A 93 -0.30 0.50 -5.64
C TYR A 93 -1.57 1.27 -6.01
N GLY A 94 -2.26 0.79 -7.00
CA GLY A 94 -3.48 1.42 -7.41
C GLY A 94 -3.53 1.66 -8.90
N VAL A 95 -2.37 1.68 -9.56
CA VAL A 95 -2.35 1.91 -10.99
C VAL A 95 -2.72 0.66 -11.77
N LYS A 96 -3.32 0.87 -12.88
CA LYS A 96 -3.64 -0.18 -13.80
C LYS A 96 -2.70 -0.05 -14.97
N ALA A 97 -1.89 -1.05 -15.20
CA ALA A 97 -1.04 -1.05 -16.34
C ALA A 97 -1.79 -1.68 -17.48
N VAL A 98 -2.42 -0.86 -18.27
CA VAL A 98 -3.25 -1.29 -19.34
C VAL A 98 -2.46 -1.45 -20.63
N TYR A 99 -2.48 -2.63 -21.15
CA TYR A 99 -1.67 -3.04 -22.26
C TYR A 99 -2.31 -2.64 -23.56
N THR A 100 -1.50 -2.21 -24.48
CA THR A 100 -1.93 -1.82 -25.77
C THR A 100 -0.84 -2.32 -26.74
N CYS A 101 -1.11 -2.38 -28.02
CA CYS A 101 -0.10 -2.82 -28.95
C CYS A 101 -0.41 -2.40 -30.37
N ASN A 102 -1.53 -2.82 -30.89
CA ASN A 102 -1.87 -2.56 -32.29
C ASN A 102 -3.38 -2.40 -32.38
N GLU A 103 -3.87 -2.35 -33.58
CA GLU A 103 -5.26 -2.25 -33.87
C GLU A 103 -5.82 -3.62 -34.23
N GLY A 104 -5.15 -4.27 -35.16
CA GLY A 104 -5.62 -5.55 -35.70
C GLY A 104 -5.19 -6.73 -34.86
N TYR A 105 -4.64 -6.44 -33.72
CA TYR A 105 -4.21 -7.43 -32.80
C TYR A 105 -4.67 -7.06 -31.44
N GLN A 106 -5.30 -7.96 -30.75
CA GLN A 106 -5.55 -7.78 -29.38
C GLN A 106 -4.43 -8.46 -28.69
N LEU A 107 -4.70 -9.21 -27.68
CA LEU A 107 -3.69 -9.75 -27.00
C LEU A 107 -4.19 -11.03 -26.35
N LEU A 108 -3.32 -11.95 -26.11
CA LEU A 108 -3.65 -13.15 -25.42
C LEU A 108 -3.74 -12.87 -23.97
N GLY A 109 -4.84 -13.23 -23.45
CA GLY A 109 -5.21 -12.94 -22.12
C GLY A 109 -6.56 -12.28 -22.14
N GLU A 110 -7.31 -12.46 -21.11
CA GLU A 110 -8.64 -11.87 -21.06
C GLU A 110 -8.56 -10.51 -20.45
N ILE A 111 -7.52 -10.33 -19.73
CA ILE A 111 -7.28 -9.15 -19.02
C ILE A 111 -6.24 -8.40 -19.77
N ASN A 112 -6.64 -7.31 -20.38
CA ASN A 112 -5.76 -6.53 -21.24
C ASN A 112 -4.96 -5.52 -20.43
N TYR A 113 -4.64 -5.91 -19.25
CA TYR A 113 -3.97 -5.06 -18.32
C TYR A 113 -3.47 -5.89 -17.20
N ARG A 114 -2.78 -5.25 -16.32
CA ARG A 114 -2.36 -5.84 -15.12
C ARG A 114 -2.33 -4.75 -14.06
N GLU A 115 -3.10 -4.92 -13.04
CA GLU A 115 -3.18 -3.93 -11.99
C GLU A 115 -2.13 -4.18 -10.95
N CYS A 116 -1.76 -3.15 -10.25
CA CYS A 116 -0.77 -3.24 -9.22
C CYS A 116 -1.35 -3.91 -7.99
N ASP A 117 -0.57 -4.76 -7.39
CA ASP A 117 -0.97 -5.50 -6.23
C ASP A 117 -0.04 -5.18 -5.07
N THR A 118 -0.44 -5.60 -3.90
CA THR A 118 0.28 -5.46 -2.66
C THR A 118 1.69 -6.06 -2.71
N ASP A 119 1.87 -7.05 -3.53
CA ASP A 119 3.17 -7.68 -3.68
C ASP A 119 3.82 -7.34 -5.02
N GLY A 120 3.01 -7.10 -6.01
CA GLY A 120 3.52 -6.81 -7.34
C GLY A 120 2.43 -6.38 -8.29
N TRP A 121 2.07 -7.26 -9.19
CA TRP A 121 0.99 -7.03 -10.13
C TRP A 121 0.01 -8.21 -10.06
N THR A 122 -1.26 -7.93 -10.24
CA THR A 122 -2.32 -8.92 -10.09
C THR A 122 -2.38 -9.90 -11.27
N ASN A 123 -1.94 -9.46 -12.41
CA ASN A 123 -2.08 -10.22 -13.61
C ASN A 123 -0.75 -10.30 -14.24
N ASP A 124 -0.61 -11.10 -15.22
CA ASP A 124 0.64 -11.32 -15.88
C ASP A 124 0.72 -10.50 -17.15
N ILE A 125 1.73 -10.75 -17.96
CA ILE A 125 1.94 -9.97 -19.18
C ILE A 125 1.17 -10.59 -20.35
N PRO A 126 0.15 -9.88 -20.87
CA PRO A 126 -0.58 -10.30 -22.07
C PRO A 126 0.33 -10.14 -23.33
N ILE A 127 0.08 -10.94 -24.34
CA ILE A 127 0.91 -10.94 -25.56
C ILE A 127 0.06 -10.48 -26.73
N CYS A 128 0.48 -9.47 -27.47
CA CYS A 128 -0.33 -8.98 -28.57
C CYS A 128 -0.29 -9.87 -29.80
N GLU A 129 -1.39 -10.55 -30.03
CA GLU A 129 -1.59 -11.46 -31.11
C GLU A 129 -3.07 -11.47 -31.42
N ASP A 7 -2.12 8.30 31.11
CA ASP A 7 -2.61 7.05 30.56
C ASP A 7 -3.86 7.28 29.72
N CYS A 8 -3.82 6.72 28.55
CA CYS A 8 -4.87 6.86 27.56
C CYS A 8 -6.05 6.00 27.93
N ASN A 9 -7.24 6.53 27.72
CA ASN A 9 -8.48 5.79 28.02
C ASN A 9 -9.12 5.33 26.72
N GLU A 10 -8.33 5.28 25.69
CA GLU A 10 -8.74 4.90 24.35
C GLU A 10 -7.56 4.28 23.69
N LEU A 11 -7.85 3.48 22.74
CA LEU A 11 -6.94 2.75 22.04
C LEU A 11 -6.43 3.54 20.86
N PRO A 12 -5.28 3.17 20.37
CA PRO A 12 -4.63 3.85 19.26
C PRO A 12 -5.51 3.84 18.00
N PRO A 13 -5.68 5.00 17.39
CA PRO A 13 -6.51 5.15 16.22
C PRO A 13 -5.83 4.67 14.96
N ARG A 14 -6.48 3.73 14.29
CA ARG A 14 -5.99 3.22 13.04
C ARG A 14 -6.07 4.33 12.01
N ARG A 15 -5.24 4.25 11.02
CA ARG A 15 -5.19 5.25 10.01
C ARG A 15 -5.57 4.58 8.71
N ASN A 16 -5.66 5.33 7.65
CA ASN A 16 -6.08 4.77 6.36
C ASN A 16 -5.04 3.83 5.79
N THR A 17 -3.80 3.99 6.21
CA THR A 17 -2.74 3.14 5.73
C THR A 17 -2.06 2.37 6.88
N GLU A 18 -2.64 2.47 8.09
CA GLU A 18 -2.04 1.82 9.27
C GLU A 18 -3.07 1.15 10.13
N ILE A 19 -2.70 0.01 10.65
CA ILE A 19 -3.54 -0.80 11.54
C ILE A 19 -2.63 -1.31 12.59
N LEU A 20 -3.14 -1.54 13.72
CA LEU A 20 -2.40 -2.02 14.82
C LEU A 20 -1.91 -3.42 14.58
N THR A 21 -0.86 -3.77 15.24
CA THR A 21 -0.32 -5.10 15.17
C THR A 21 -0.79 -5.95 16.35
N GLY A 22 -0.88 -5.31 17.49
CA GLY A 22 -1.28 -5.98 18.69
C GLY A 22 -2.79 -6.01 18.88
N SER A 23 -3.23 -6.29 20.07
CA SER A 23 -4.62 -6.39 20.36
C SER A 23 -4.99 -5.39 21.45
N TRP A 24 -5.69 -4.36 21.06
CA TRP A 24 -6.12 -3.34 21.99
C TRP A 24 -7.59 -3.50 22.20
N SER A 25 -7.94 -4.31 23.14
CA SER A 25 -9.32 -4.59 23.41
C SER A 25 -9.75 -3.86 24.65
N ASP A 26 -8.86 -3.05 25.19
CA ASP A 26 -9.17 -2.37 26.44
C ASP A 26 -9.52 -0.93 26.18
N GLN A 27 -9.24 -0.08 27.11
CA GLN A 27 -9.43 1.33 26.98
C GLN A 27 -8.18 1.98 27.49
N THR A 28 -7.89 1.68 28.71
CA THR A 28 -6.83 2.32 29.40
C THR A 28 -5.50 1.62 29.18
N TYR A 29 -4.57 2.35 28.67
CA TYR A 29 -3.23 1.88 28.46
C TYR A 29 -2.26 2.87 29.05
N PRO A 30 -1.21 2.36 29.70
CA PRO A 30 -0.24 3.18 30.43
C PRO A 30 0.48 4.19 29.53
N GLU A 31 0.74 5.34 30.09
CA GLU A 31 1.41 6.40 29.39
C GLU A 31 2.81 5.95 29.04
N GLY A 32 3.20 6.14 27.81
CA GLY A 32 4.49 5.70 27.38
C GLY A 32 4.38 4.45 26.56
N THR A 33 3.17 4.03 26.31
CA THR A 33 2.93 2.84 25.53
C THR A 33 2.90 3.10 24.06
N GLN A 34 3.87 2.52 23.38
CA GLN A 34 4.00 2.69 21.97
C GLN A 34 3.12 1.70 21.23
N ALA A 35 2.56 2.15 20.16
CA ALA A 35 1.71 1.36 19.33
C ALA A 35 2.40 1.10 18.05
N ILE A 36 2.55 -0.13 17.71
CA ILE A 36 3.20 -0.52 16.50
C ILE A 36 2.14 -0.70 15.43
N TYR A 37 2.36 -0.13 14.29
CA TYR A 37 1.42 -0.25 13.20
C TYR A 37 1.93 -1.11 12.07
N LYS A 38 1.02 -1.83 11.48
CA LYS A 38 1.26 -2.53 10.27
C LYS A 38 0.79 -1.59 9.18
N CYS A 39 1.50 -1.56 8.12
CA CYS A 39 1.21 -0.64 7.03
C CYS A 39 0.15 -1.16 6.09
N ARG A 40 -0.67 -2.07 6.57
CA ARG A 40 -1.69 -2.76 5.76
C ARG A 40 -1.01 -3.63 4.68
N PRO A 41 -1.72 -4.57 4.08
CA PRO A 41 -1.16 -5.31 2.99
C PRO A 41 -1.09 -4.42 1.73
N GLY A 42 0.13 -4.12 1.31
CA GLY A 42 0.33 -3.34 0.12
C GLY A 42 1.14 -2.09 0.36
N TYR A 43 1.12 -1.58 1.55
CA TYR A 43 1.90 -0.39 1.82
C TYR A 43 3.15 -0.76 2.57
N ARG A 44 4.09 0.14 2.59
CA ARG A 44 5.34 -0.06 3.27
C ARG A 44 5.74 1.22 3.94
N SER A 45 6.84 1.20 4.58
CA SER A 45 7.36 2.35 5.17
C SER A 45 8.85 2.30 5.01
N LEU A 46 9.54 3.26 5.55
CA LEU A 46 10.97 3.26 5.46
C LEU A 46 11.58 2.83 6.79
N GLY A 47 10.72 2.42 7.71
CA GLY A 47 11.17 1.99 8.99
C GLY A 47 10.06 1.31 9.75
N ASN A 48 9.66 1.88 10.83
CA ASN A 48 8.58 1.37 11.66
C ASN A 48 7.70 2.51 12.12
N VAL A 49 6.43 2.44 11.81
CA VAL A 49 5.48 3.47 12.18
C VAL A 49 5.02 3.20 13.60
N ILE A 50 5.44 4.05 14.49
CA ILE A 50 5.19 3.86 15.88
C ILE A 50 4.48 5.08 16.46
N MET A 51 3.42 4.83 17.17
CA MET A 51 2.75 5.89 17.92
C MET A 51 2.95 5.61 19.37
N VAL A 52 2.53 6.48 20.22
CA VAL A 52 2.70 6.24 21.65
C VAL A 52 1.69 7.05 22.46
N CYS A 53 1.24 6.45 23.51
CA CYS A 53 0.33 7.03 24.45
C CYS A 53 1.06 8.03 25.32
N ARG A 54 0.60 9.26 25.35
CA ARG A 54 1.20 10.24 26.21
C ARG A 54 0.19 11.34 26.52
N LYS A 55 0.11 11.72 27.81
CA LYS A 55 -0.82 12.77 28.29
C LYS A 55 -2.27 12.41 28.08
N GLY A 56 -2.52 11.14 27.93
CA GLY A 56 -3.86 10.68 27.76
C GLY A 56 -4.25 10.51 26.32
N GLU A 57 -3.43 10.99 25.43
CA GLU A 57 -3.75 10.90 24.03
C GLU A 57 -2.69 10.14 23.26
N TRP A 58 -3.05 9.64 22.11
CA TRP A 58 -2.12 8.94 21.28
C TRP A 58 -1.45 9.90 20.34
N VAL A 59 -0.16 9.99 20.50
CA VAL A 59 0.65 10.87 19.71
C VAL A 59 1.60 10.05 18.88
N ALA A 60 2.25 10.68 17.96
CA ALA A 60 3.17 9.98 17.13
C ALA A 60 4.54 9.98 17.77
N LEU A 61 5.11 8.81 17.92
CA LEU A 61 6.45 8.65 18.40
C LEU A 61 7.34 9.18 17.32
N ASN A 62 7.20 8.61 16.16
CA ASN A 62 8.01 9.00 15.07
C ASN A 62 7.15 9.50 13.94
N PRO A 63 7.03 10.83 13.78
CA PRO A 63 6.18 11.44 12.74
C PRO A 63 6.77 11.35 11.34
N LEU A 64 7.99 10.85 11.27
CA LEU A 64 8.72 10.74 10.03
C LEU A 64 8.43 9.44 9.35
N ARG A 65 7.96 8.53 10.12
CA ARG A 65 7.59 7.26 9.58
C ARG A 65 6.14 7.29 9.21
N LYS A 66 5.86 6.84 8.04
CA LYS A 66 4.54 6.78 7.53
C LYS A 66 4.47 5.60 6.60
N CYS A 67 3.29 5.13 6.35
CA CYS A 67 3.11 4.03 5.46
C CYS A 67 2.71 4.53 4.08
N GLN A 68 3.65 4.42 3.18
CA GLN A 68 3.50 4.86 1.81
C GLN A 68 3.22 3.65 0.97
N LYS A 69 2.83 3.87 -0.26
CA LYS A 69 2.61 2.77 -1.18
C LYS A 69 3.92 2.09 -1.47
N ARG A 70 3.90 0.80 -1.64
CA ARG A 70 5.10 0.14 -2.02
C ARG A 70 5.22 0.21 -3.51
N PRO A 71 6.42 0.44 -4.03
CA PRO A 71 6.65 0.41 -5.45
C PRO A 71 6.51 -1.02 -5.93
N CYS A 72 5.92 -1.20 -7.08
CA CYS A 72 5.67 -2.53 -7.59
C CYS A 72 6.96 -3.16 -8.10
N GLY A 73 7.76 -2.34 -8.72
CA GLY A 73 8.97 -2.79 -9.33
C GLY A 73 8.98 -2.44 -10.78
N HIS A 74 8.39 -3.30 -11.59
CA HIS A 74 8.29 -3.11 -13.03
C HIS A 74 7.43 -4.22 -13.63
N PRO A 75 6.32 -3.87 -14.29
CA PRO A 75 5.49 -4.84 -15.02
C PRO A 75 6.25 -5.32 -16.23
N GLY A 76 5.89 -6.49 -16.71
CA GLY A 76 6.51 -7.05 -17.88
C GLY A 76 6.55 -6.08 -19.03
N ASP A 77 7.65 -6.05 -19.70
CA ASP A 77 7.90 -5.05 -20.70
C ASP A 77 7.62 -5.63 -22.05
N THR A 78 6.99 -4.85 -22.87
CA THR A 78 6.60 -5.30 -24.14
C THR A 78 7.13 -4.33 -25.20
N PRO A 79 7.59 -4.83 -26.36
CA PRO A 79 8.00 -3.98 -27.48
C PRO A 79 6.78 -3.38 -28.18
N PHE A 80 5.68 -4.10 -28.14
CA PHE A 80 4.47 -3.67 -28.80
C PHE A 80 3.40 -3.48 -27.76
N GLY A 81 3.04 -2.27 -27.53
CA GLY A 81 2.03 -2.00 -26.56
C GLY A 81 2.50 -1.04 -25.53
N THR A 82 1.60 -0.38 -24.91
CA THR A 82 1.91 0.56 -23.89
C THR A 82 0.89 0.36 -22.79
N PHE A 83 1.14 0.87 -21.62
CA PHE A 83 0.21 0.74 -20.56
C PHE A 83 -0.09 2.08 -19.94
N THR A 84 -1.23 2.16 -19.33
CA THR A 84 -1.67 3.35 -18.65
C THR A 84 -1.45 3.18 -17.17
N LEU A 85 -1.52 4.26 -16.43
CA LEU A 85 -1.49 4.18 -15.00
C LEU A 85 -2.62 5.03 -14.47
N THR A 86 -3.46 4.42 -13.71
CA THR A 86 -4.68 5.08 -13.24
C THR A 86 -4.87 4.96 -11.72
N GLY A 87 -3.81 4.70 -11.02
CA GLY A 87 -3.86 4.61 -9.57
C GLY A 87 -2.60 5.17 -9.01
N GLY A 88 -2.11 6.16 -9.70
CA GLY A 88 -0.88 6.77 -9.37
C GLY A 88 -0.22 7.22 -10.64
N ASN A 89 1.07 7.27 -10.66
CA ASN A 89 1.78 7.74 -11.88
C ASN A 89 3.08 6.97 -12.08
N VAL A 90 3.32 6.02 -11.22
CA VAL A 90 4.51 5.20 -11.26
C VAL A 90 4.08 3.80 -10.89
N PHE A 91 5.01 2.92 -10.71
CA PHE A 91 4.68 1.58 -10.32
C PHE A 91 4.53 1.57 -8.81
N GLU A 92 3.33 1.71 -8.37
CA GLU A 92 3.02 1.85 -6.97
C GLU A 92 1.78 1.01 -6.64
N TYR A 93 1.74 0.45 -5.45
CA TYR A 93 0.59 -0.33 -5.00
C TYR A 93 -0.73 0.41 -5.23
N GLY A 94 -1.62 -0.22 -5.94
CA GLY A 94 -2.88 0.38 -6.21
C GLY A 94 -2.94 1.03 -7.58
N VAL A 95 -1.86 0.94 -8.34
CA VAL A 95 -1.86 1.48 -9.67
C VAL A 95 -2.28 0.40 -10.66
N LYS A 96 -3.13 0.77 -11.56
CA LYS A 96 -3.55 -0.14 -12.60
C LYS A 96 -2.80 0.22 -13.85
N ALA A 97 -2.25 -0.78 -14.49
CA ALA A 97 -1.56 -0.63 -15.74
C ALA A 97 -2.41 -1.25 -16.83
N VAL A 98 -3.12 -0.45 -17.61
CA VAL A 98 -3.98 -1.02 -18.65
C VAL A 98 -3.15 -1.17 -19.91
N TYR A 99 -3.23 -2.31 -20.51
CA TYR A 99 -2.41 -2.63 -21.65
C TYR A 99 -3.20 -2.42 -22.91
N THR A 100 -2.65 -1.61 -23.77
CA THR A 100 -3.25 -1.31 -25.01
C THR A 100 -2.13 -1.13 -26.03
N CYS A 101 -2.43 -1.29 -27.28
CA CYS A 101 -1.41 -1.17 -28.30
C CYS A 101 -1.80 -0.16 -29.34
N ASN A 102 -2.89 -0.42 -30.02
CA ASN A 102 -3.29 0.42 -31.12
C ASN A 102 -4.80 0.30 -31.19
N GLU A 103 -5.38 0.74 -32.27
CA GLU A 103 -6.81 0.73 -32.46
C GLU A 103 -7.31 -0.72 -32.57
N GLY A 104 -6.78 -1.44 -33.50
CA GLY A 104 -7.17 -2.82 -33.69
C GLY A 104 -6.34 -3.77 -32.87
N TYR A 105 -5.24 -3.27 -32.34
CA TYR A 105 -4.36 -4.08 -31.53
C TYR A 105 -4.67 -3.96 -30.08
N GLN A 106 -5.10 -5.05 -29.53
CA GLN A 106 -5.33 -5.16 -28.15
C GLN A 106 -4.32 -6.11 -27.64
N LEU A 107 -4.76 -7.22 -27.09
CA LEU A 107 -3.90 -8.10 -26.54
C LEU A 107 -4.63 -9.44 -26.33
N LEU A 108 -3.88 -10.51 -26.25
CA LEU A 108 -4.41 -11.80 -25.94
C LEU A 108 -4.58 -11.88 -24.46
N GLY A 109 -5.75 -12.20 -24.09
CA GLY A 109 -6.15 -12.24 -22.73
C GLY A 109 -7.43 -11.50 -22.59
N GLU A 110 -8.21 -11.86 -21.62
CA GLU A 110 -9.49 -11.23 -21.42
C GLU A 110 -9.39 -10.11 -20.43
N ILE A 111 -8.26 -10.03 -19.79
CA ILE A 111 -8.01 -9.00 -18.85
C ILE A 111 -6.95 -8.10 -19.43
N ASN A 112 -7.34 -6.93 -19.87
CA ASN A 112 -6.44 -6.04 -20.59
C ASN A 112 -5.70 -5.10 -19.67
N TYR A 113 -5.37 -5.57 -18.51
CA TYR A 113 -4.77 -4.70 -17.53
C TYR A 113 -4.11 -5.49 -16.43
N ARG A 114 -3.37 -4.78 -15.64
CA ARG A 114 -2.68 -5.30 -14.51
C ARG A 114 -2.97 -4.38 -13.36
N GLU A 115 -3.28 -4.90 -12.25
CA GLU A 115 -3.44 -4.08 -11.09
C GLU A 115 -2.36 -4.42 -10.11
N CYS A 116 -1.69 -3.44 -9.61
CA CYS A 116 -0.65 -3.67 -8.65
C CYS A 116 -1.27 -3.91 -7.32
N ASP A 117 -1.11 -5.10 -6.84
CA ASP A 117 -1.72 -5.51 -5.62
C ASP A 117 -0.64 -5.58 -4.54
N THR A 118 -0.90 -6.26 -3.45
CA THR A 118 -0.04 -6.26 -2.29
C THR A 118 1.34 -6.83 -2.58
N ASP A 119 1.36 -7.91 -3.33
CA ASP A 119 2.54 -8.65 -3.58
C ASP A 119 3.06 -8.49 -4.99
N GLY A 120 2.27 -7.89 -5.85
CA GLY A 120 2.69 -7.75 -7.22
C GLY A 120 1.52 -7.48 -8.10
N TRP A 121 1.69 -7.66 -9.39
CA TRP A 121 0.62 -7.39 -10.33
C TRP A 121 -0.33 -8.58 -10.42
N THR A 122 -1.60 -8.29 -10.58
CA THR A 122 -2.64 -9.31 -10.68
C THR A 122 -2.56 -10.10 -12.00
N ASN A 123 -1.91 -9.52 -12.97
CA ASN A 123 -1.79 -10.10 -14.29
C ASN A 123 -0.38 -9.88 -14.76
N ASP A 124 0.12 -10.81 -15.55
CA ASP A 124 1.50 -10.72 -16.01
C ASP A 124 1.60 -9.95 -17.32
N ILE A 125 1.77 -10.60 -18.44
CA ILE A 125 1.87 -9.88 -19.68
C ILE A 125 0.87 -10.40 -20.73
N PRO A 126 -0.31 -9.74 -20.85
CA PRO A 126 -1.21 -9.96 -21.98
C PRO A 126 -0.45 -9.68 -23.30
N ILE A 127 -0.61 -10.53 -24.27
CA ILE A 127 0.19 -10.50 -25.51
C ILE A 127 -0.42 -9.56 -26.52
N CYS A 128 0.26 -8.49 -26.88
CA CYS A 128 -0.25 -7.50 -27.86
C CYS A 128 -0.70 -8.16 -29.17
N GLU A 129 -2.01 -8.10 -29.42
CA GLU A 129 -2.65 -8.68 -30.60
C GLU A 129 -4.08 -8.15 -30.70
N ASP A 7 -1.67 9.31 30.82
CA ASP A 7 -2.14 7.97 30.58
C ASP A 7 -3.39 8.03 29.70
N CYS A 8 -3.36 7.28 28.65
CA CYS A 8 -4.41 7.24 27.68
C CYS A 8 -5.56 6.41 28.20
N ASN A 9 -6.77 6.87 27.94
CA ASN A 9 -7.98 6.16 28.37
C ASN A 9 -8.63 5.52 27.17
N GLU A 10 -7.81 5.25 26.19
CA GLU A 10 -8.19 4.71 24.92
C GLU A 10 -7.01 4.03 24.38
N LEU A 11 -7.29 3.12 23.55
CA LEU A 11 -6.39 2.37 22.90
C LEU A 11 -6.02 3.10 21.66
N PRO A 12 -4.86 2.80 21.14
CA PRO A 12 -4.32 3.47 19.97
C PRO A 12 -5.32 3.42 18.81
N PRO A 13 -5.67 4.57 18.24
CA PRO A 13 -6.64 4.63 17.18
C PRO A 13 -6.08 4.15 15.86
N ARG A 14 -6.57 3.00 15.42
CA ARG A 14 -6.13 2.46 14.17
C ARG A 14 -6.67 3.24 13.02
N ARG A 15 -6.08 3.09 11.89
CA ARG A 15 -6.37 3.98 10.79
C ARG A 15 -6.83 3.17 9.61
N ASN A 16 -7.02 3.82 8.50
CA ASN A 16 -7.41 3.12 7.29
C ASN A 16 -6.14 2.71 6.54
N THR A 17 -5.04 3.30 6.93
CA THR A 17 -3.76 3.00 6.37
C THR A 17 -2.95 2.04 7.26
N GLU A 18 -3.12 2.16 8.57
CA GLU A 18 -2.37 1.34 9.50
C GLU A 18 -3.27 0.51 10.38
N ILE A 19 -2.82 -0.68 10.70
CA ILE A 19 -3.55 -1.60 11.53
C ILE A 19 -2.71 -1.91 12.79
N LEU A 20 -3.38 -2.09 13.92
CA LEU A 20 -2.69 -2.36 15.17
C LEU A 20 -2.14 -3.75 15.26
N THR A 21 -0.88 -3.84 15.59
CA THR A 21 -0.27 -5.10 15.93
C THR A 21 0.10 -5.04 17.39
N GLY A 22 -0.72 -5.66 18.19
CA GLY A 22 -0.57 -5.64 19.61
C GLY A 22 -1.91 -5.87 20.24
N SER A 23 -1.95 -6.07 21.51
CA SER A 23 -3.18 -6.36 22.18
C SER A 23 -3.67 -5.15 22.98
N TRP A 24 -4.76 -4.55 22.53
CA TRP A 24 -5.34 -3.41 23.18
C TRP A 24 -6.82 -3.64 23.33
N SER A 25 -7.17 -4.36 24.32
CA SER A 25 -8.55 -4.69 24.56
C SER A 25 -9.07 -3.92 25.75
N ASP A 26 -8.20 -3.16 26.39
CA ASP A 26 -8.58 -2.45 27.59
C ASP A 26 -9.04 -1.05 27.25
N GLN A 27 -8.62 -0.09 28.02
CA GLN A 27 -8.89 1.30 27.79
C GLN A 27 -7.69 2.07 28.20
N THR A 28 -7.29 1.88 29.41
CA THR A 28 -6.26 2.69 29.95
C THR A 28 -4.87 2.09 29.76
N TYR A 29 -4.00 2.91 29.23
CA TYR A 29 -2.62 2.59 29.02
C TYR A 29 -1.74 3.70 29.50
N PRO A 30 -0.67 3.35 30.22
CA PRO A 30 0.26 4.32 30.80
C PRO A 30 0.95 5.20 29.73
N GLU A 31 1.27 6.44 30.10
CA GLU A 31 1.95 7.34 29.21
C GLU A 31 3.33 6.78 28.93
N GLY A 32 3.72 6.79 27.69
CA GLY A 32 4.97 6.23 27.32
C GLY A 32 4.80 4.84 26.77
N THR A 33 3.57 4.49 26.44
CA THR A 33 3.29 3.21 25.83
C THR A 33 3.27 3.32 24.32
N GLN A 34 4.15 2.61 23.66
CA GLN A 34 4.24 2.66 22.23
C GLN A 34 3.33 1.63 21.57
N ALA A 35 2.88 1.95 20.41
CA ALA A 35 2.03 1.12 19.64
C ALA A 35 2.67 0.90 18.29
N ILE A 36 2.73 -0.33 17.90
CA ILE A 36 3.34 -0.71 16.65
C ILE A 36 2.25 -0.96 15.63
N TYR A 37 2.35 -0.30 14.51
CA TYR A 37 1.38 -0.44 13.47
C TYR A 37 1.91 -1.18 12.27
N LYS A 38 1.05 -1.96 11.69
CA LYS A 38 1.26 -2.61 10.46
C LYS A 38 0.74 -1.70 9.39
N CYS A 39 1.54 -1.46 8.40
CA CYS A 39 1.23 -0.53 7.31
C CYS A 39 0.15 -1.04 6.36
N ARG A 40 -0.49 -2.15 6.69
CA ARG A 40 -1.42 -2.85 5.79
C ARG A 40 -0.68 -3.54 4.65
N PRO A 41 -1.26 -4.60 4.10
CA PRO A 41 -0.75 -5.21 2.91
C PRO A 41 -0.96 -4.28 1.72
N GLY A 42 0.09 -4.04 0.99
CA GLY A 42 0.01 -3.14 -0.14
C GLY A 42 0.66 -1.82 0.17
N TYR A 43 1.06 -1.66 1.40
CA TYR A 43 1.76 -0.48 1.82
C TYR A 43 3.04 -0.93 2.48
N ARG A 44 3.91 -0.01 2.76
CA ARG A 44 5.16 -0.28 3.41
C ARG A 44 5.69 1.00 4.03
N SER A 45 6.79 0.90 4.68
CA SER A 45 7.40 2.03 5.27
C SER A 45 8.88 1.77 5.44
N LEU A 46 9.56 2.75 5.97
CA LEU A 46 10.97 2.65 6.24
C LEU A 46 11.21 1.78 7.48
N GLY A 47 10.19 1.68 8.30
CA GLY A 47 10.22 0.86 9.47
C GLY A 47 8.81 0.43 9.81
N ASN A 48 8.20 1.14 10.71
CA ASN A 48 6.81 0.96 11.10
C ASN A 48 6.31 2.26 11.66
N VAL A 49 5.02 2.49 11.61
CA VAL A 49 4.45 3.63 12.28
C VAL A 49 4.38 3.32 13.75
N ILE A 50 5.25 3.92 14.48
CA ILE A 50 5.30 3.71 15.89
C ILE A 50 4.68 4.90 16.58
N MET A 51 3.62 4.65 17.25
CA MET A 51 2.94 5.68 17.99
C MET A 51 3.17 5.45 19.44
N VAL A 52 2.86 6.39 20.25
CA VAL A 52 3.03 6.25 21.66
C VAL A 52 2.03 7.13 22.42
N CYS A 53 1.58 6.60 23.52
CA CYS A 53 0.69 7.28 24.42
C CYS A 53 1.44 8.41 25.07
N ARG A 54 0.98 9.61 24.87
CA ARG A 54 1.63 10.77 25.39
C ARG A 54 0.59 11.86 25.62
N LYS A 55 0.40 12.22 26.88
CA LYS A 55 -0.59 13.25 27.32
C LYS A 55 -2.01 12.80 27.14
N GLY A 56 -2.20 11.52 27.20
CA GLY A 56 -3.54 10.98 27.12
C GLY A 56 -3.97 10.77 25.69
N GLU A 57 -3.13 11.15 24.76
CA GLU A 57 -3.42 10.92 23.38
C GLU A 57 -2.32 10.09 22.77
N TRP A 58 -2.66 9.37 21.75
CA TRP A 58 -1.69 8.60 21.05
C TRP A 58 -1.17 9.41 19.90
N VAL A 59 0.11 9.62 19.90
CA VAL A 59 0.76 10.43 18.90
C VAL A 59 1.88 9.63 18.28
N ALA A 60 2.49 10.15 17.26
CA ALA A 60 3.56 9.47 16.60
C ALA A 60 4.85 9.64 17.40
N LEU A 61 5.42 8.53 17.84
CA LEU A 61 6.70 8.51 18.55
C LEU A 61 7.73 9.00 17.58
N ASN A 62 7.68 8.40 16.44
CA ASN A 62 8.54 8.73 15.34
C ASN A 62 7.73 9.49 14.28
N PRO A 63 7.70 10.83 14.35
CA PRO A 63 6.92 11.65 13.42
C PRO A 63 7.56 11.74 12.02
N LEU A 64 8.73 11.14 11.87
CA LEU A 64 9.41 11.12 10.59
C LEU A 64 9.11 9.81 9.88
N ARG A 65 8.19 9.04 10.43
CA ARG A 65 7.80 7.78 9.83
C ARG A 65 6.33 7.80 9.50
N LYS A 66 5.98 7.09 8.45
CA LYS A 66 4.63 6.99 7.94
C LYS A 66 4.59 5.76 7.06
N CYS A 67 3.43 5.24 6.79
CA CYS A 67 3.32 4.13 5.87
C CYS A 67 2.79 4.60 4.54
N GLN A 68 3.53 4.34 3.52
CA GLN A 68 3.19 4.74 2.19
C GLN A 68 2.87 3.50 1.42
N LYS A 69 2.26 3.64 0.27
CA LYS A 69 1.96 2.48 -0.56
C LYS A 69 3.23 1.78 -0.98
N ARG A 70 3.12 0.54 -1.32
CA ARG A 70 4.26 -0.12 -1.85
C ARG A 70 4.35 0.21 -3.33
N PRO A 71 5.54 0.36 -3.83
CA PRO A 71 5.74 0.46 -5.24
C PRO A 71 5.52 -0.93 -5.86
N CYS A 72 5.21 -0.96 -7.11
CA CYS A 72 4.90 -2.21 -7.76
C CYS A 72 6.08 -2.65 -8.60
N GLY A 73 7.15 -1.91 -8.48
CA GLY A 73 8.34 -2.18 -9.21
C GLY A 73 8.16 -1.87 -10.65
N HIS A 74 8.36 -2.84 -11.47
CA HIS A 74 8.25 -2.68 -12.88
C HIS A 74 7.39 -3.79 -13.44
N PRO A 75 6.28 -3.44 -14.08
CA PRO A 75 5.47 -4.42 -14.78
C PRO A 75 6.17 -4.77 -16.07
N GLY A 76 6.15 -6.04 -16.43
CA GLY A 76 6.82 -6.52 -17.60
C GLY A 76 6.53 -5.71 -18.84
N ASP A 77 7.57 -5.30 -19.50
CA ASP A 77 7.48 -4.45 -20.64
C ASP A 77 7.58 -5.30 -21.89
N THR A 78 7.49 -4.67 -23.01
CA THR A 78 7.47 -5.34 -24.25
C THR A 78 8.10 -4.45 -25.31
N PRO A 79 8.78 -5.01 -26.31
CA PRO A 79 9.30 -4.24 -27.44
C PRO A 79 8.18 -3.91 -28.44
N PHE A 80 7.08 -4.65 -28.37
CA PHE A 80 5.98 -4.52 -29.32
C PHE A 80 5.04 -3.40 -28.91
N GLY A 81 4.99 -3.11 -27.63
CA GLY A 81 4.06 -2.12 -27.18
C GLY A 81 4.54 -1.32 -26.01
N THR A 82 3.62 -0.93 -25.16
CA THR A 82 3.86 -0.10 -23.99
C THR A 82 2.71 -0.45 -22.99
N PHE A 83 2.54 0.29 -21.93
CA PHE A 83 1.45 0.08 -21.00
C PHE A 83 1.06 1.41 -20.40
N THR A 84 -0.12 1.49 -19.84
CA THR A 84 -0.58 2.71 -19.23
C THR A 84 -0.61 2.56 -17.74
N LEU A 85 -1.08 3.59 -17.09
CA LEU A 85 -1.40 3.61 -15.70
C LEU A 85 -2.62 4.48 -15.56
N THR A 86 -3.25 4.41 -14.46
CA THR A 86 -4.40 5.22 -14.19
C THR A 86 -4.09 6.07 -12.97
N GLY A 87 -5.12 6.40 -12.18
CA GLY A 87 -5.03 7.26 -10.99
C GLY A 87 -3.93 6.92 -10.01
N GLY A 88 -2.77 7.26 -10.40
CA GLY A 88 -1.60 7.17 -9.60
C GLY A 88 -0.44 7.66 -10.41
N ASN A 89 -0.44 7.27 -11.69
CA ASN A 89 0.56 7.69 -12.70
C ASN A 89 2.00 7.28 -12.37
N VAL A 90 2.14 6.42 -11.40
CA VAL A 90 3.44 5.87 -10.98
C VAL A 90 3.18 4.46 -10.52
N PHE A 91 4.21 3.75 -10.15
CA PHE A 91 4.05 2.37 -9.77
C PHE A 91 3.80 2.25 -8.30
N GLU A 92 2.55 2.33 -7.93
CA GLU A 92 2.13 2.21 -6.57
C GLU A 92 0.84 1.41 -6.51
N TYR A 93 0.65 0.72 -5.38
CA TYR A 93 -0.55 -0.06 -5.08
C TYR A 93 -1.82 0.74 -5.41
N GLY A 94 -2.56 0.25 -6.37
CA GLY A 94 -3.73 0.94 -6.77
C GLY A 94 -3.81 1.14 -8.28
N VAL A 95 -2.66 1.33 -8.93
CA VAL A 95 -2.70 1.57 -10.36
C VAL A 95 -3.00 0.33 -11.18
N LYS A 96 -3.86 0.54 -12.10
CA LYS A 96 -4.15 -0.40 -13.12
C LYS A 96 -3.26 -0.05 -14.29
N ALA A 97 -2.42 -0.95 -14.67
CA ALA A 97 -1.57 -0.74 -15.79
C ALA A 97 -2.22 -1.40 -16.97
N VAL A 98 -2.73 -0.64 -17.91
CA VAL A 98 -3.36 -1.26 -19.05
C VAL A 98 -2.31 -1.56 -20.09
N TYR A 99 -2.58 -2.46 -20.97
CA TYR A 99 -1.64 -2.84 -21.96
C TYR A 99 -2.19 -2.59 -23.32
N THR A 100 -1.37 -1.98 -24.12
CA THR A 100 -1.67 -1.69 -25.47
C THR A 100 -0.34 -1.64 -26.20
N CYS A 101 -0.35 -1.81 -27.46
CA CYS A 101 0.89 -1.82 -28.19
C CYS A 101 0.91 -0.76 -29.24
N ASN A 102 0.01 -0.87 -30.15
CA ASN A 102 -0.07 0.00 -31.27
C ASN A 102 -1.53 -0.04 -31.65
N GLU A 103 -1.85 0.19 -32.87
CA GLU A 103 -3.21 0.10 -33.32
C GLU A 103 -3.47 -1.29 -33.86
N GLY A 104 -2.56 -1.75 -34.70
CA GLY A 104 -2.65 -3.10 -35.26
C GLY A 104 -2.35 -4.17 -34.21
N TYR A 105 -1.53 -3.82 -33.25
CA TYR A 105 -1.20 -4.71 -32.16
C TYR A 105 -1.88 -4.21 -30.92
N GLN A 106 -2.63 -5.02 -30.27
CA GLN A 106 -3.26 -4.59 -29.10
C GLN A 106 -2.99 -5.56 -28.09
N LEU A 107 -3.66 -6.67 -28.22
CA LEU A 107 -3.67 -7.54 -27.27
C LEU A 107 -4.37 -8.84 -27.74
N LEU A 108 -4.01 -9.91 -27.09
CA LEU A 108 -4.72 -11.17 -27.14
C LEU A 108 -4.95 -11.61 -25.71
N GLY A 109 -6.17 -11.96 -25.42
CA GLY A 109 -6.55 -12.33 -24.08
C GLY A 109 -7.82 -11.60 -23.72
N GLU A 110 -8.21 -11.62 -22.47
CA GLU A 110 -9.41 -10.93 -22.07
C GLU A 110 -9.06 -9.73 -21.24
N ILE A 111 -8.11 -9.90 -20.38
CA ILE A 111 -7.72 -8.89 -19.47
C ILE A 111 -6.51 -8.16 -20.03
N ASN A 112 -6.76 -7.00 -20.61
CA ASN A 112 -5.74 -6.19 -21.27
C ASN A 112 -5.05 -5.29 -20.27
N TYR A 113 -4.94 -5.75 -19.06
CA TYR A 113 -4.39 -4.94 -18.03
C TYR A 113 -3.94 -5.80 -16.87
N ARG A 114 -3.31 -5.16 -15.96
CA ARG A 114 -2.82 -5.75 -14.76
C ARG A 114 -2.91 -4.70 -13.69
N GLU A 115 -3.38 -5.08 -12.56
CA GLU A 115 -3.56 -4.13 -11.49
C GLU A 115 -2.62 -4.42 -10.37
N CYS A 116 -2.13 -3.38 -9.75
CA CYS A 116 -1.20 -3.54 -8.66
C CYS A 116 -1.96 -3.72 -7.37
N ASP A 117 -1.96 -4.94 -6.90
CA ASP A 117 -2.63 -5.31 -5.68
C ASP A 117 -1.58 -5.41 -4.56
N THR A 118 -1.96 -5.98 -3.44
CA THR A 118 -1.13 -6.13 -2.27
C THR A 118 0.10 -6.99 -2.60
N ASP A 119 -0.16 -8.07 -3.33
CA ASP A 119 0.85 -8.99 -3.78
C ASP A 119 1.72 -8.34 -4.83
N GLY A 120 1.07 -7.56 -5.65
CA GLY A 120 1.70 -6.92 -6.73
C GLY A 120 0.79 -6.98 -7.91
N TRP A 121 1.35 -7.06 -9.07
CA TRP A 121 0.59 -7.10 -10.31
C TRP A 121 -0.22 -8.38 -10.39
N THR A 122 -1.52 -8.21 -10.54
CA THR A 122 -2.47 -9.29 -10.63
C THR A 122 -2.19 -10.20 -11.83
N ASN A 123 -1.68 -9.61 -12.89
CA ASN A 123 -1.40 -10.32 -14.11
C ASN A 123 -0.03 -9.96 -14.59
N ASP A 124 0.46 -10.73 -15.50
CA ASP A 124 1.78 -10.55 -16.03
C ASP A 124 1.65 -9.79 -17.36
N ILE A 125 2.49 -10.08 -18.32
CA ILE A 125 2.47 -9.38 -19.57
C ILE A 125 1.49 -10.08 -20.53
N PRO A 126 0.39 -9.41 -20.90
CA PRO A 126 -0.59 -9.96 -21.85
C PRO A 126 0.02 -10.12 -23.25
N ILE A 127 -0.61 -10.94 -24.09
CA ILE A 127 -0.10 -11.20 -25.42
C ILE A 127 -0.38 -9.98 -26.30
N CYS A 128 0.58 -9.58 -27.08
CA CYS A 128 0.46 -8.44 -27.94
C CYS A 128 0.25 -8.89 -29.37
N GLU A 129 -0.98 -8.81 -29.82
CA GLU A 129 -1.37 -9.18 -31.15
C GLU A 129 -2.81 -8.72 -31.32
N ASP A 7 -1.38 9.96 30.21
CA ASP A 7 -1.95 8.63 30.07
C ASP A 7 -3.19 8.69 29.21
N CYS A 8 -3.19 7.93 28.17
CA CYS A 8 -4.28 7.90 27.21
C CYS A 8 -5.45 7.14 27.78
N ASN A 9 -6.63 7.69 27.64
CA ASN A 9 -7.85 7.05 28.12
C ASN A 9 -8.60 6.48 26.95
N GLU A 10 -7.88 5.97 26.02
CA GLU A 10 -8.42 5.42 24.81
C GLU A 10 -7.42 4.45 24.23
N LEU A 11 -7.90 3.52 23.45
CA LEU A 11 -7.08 2.59 22.72
C LEU A 11 -6.56 3.27 21.47
N PRO A 12 -5.39 2.81 20.95
CA PRO A 12 -4.84 3.36 19.72
C PRO A 12 -5.82 3.17 18.56
N PRO A 13 -6.06 4.22 17.77
CA PRO A 13 -7.05 4.19 16.71
C PRO A 13 -6.52 3.53 15.44
N ARG A 14 -7.35 2.72 14.84
CA ARG A 14 -6.98 2.06 13.63
C ARG A 14 -7.17 3.03 12.50
N ARG A 15 -6.14 3.21 11.75
CA ARG A 15 -6.09 4.25 10.77
C ARG A 15 -6.40 3.69 9.39
N ASN A 16 -6.43 4.54 8.40
CA ASN A 16 -6.73 4.13 7.02
C ASN A 16 -5.56 3.38 6.42
N THR A 17 -4.40 3.70 6.91
CA THR A 17 -3.18 3.17 6.42
C THR A 17 -2.52 2.15 7.38
N GLU A 18 -2.71 2.31 8.67
CA GLU A 18 -2.05 1.46 9.66
C GLU A 18 -3.03 0.62 10.48
N ILE A 19 -2.52 -0.46 11.05
CA ILE A 19 -3.30 -1.41 11.89
C ILE A 19 -2.37 -1.88 12.99
N LEU A 20 -2.92 -2.16 14.10
CA LEU A 20 -2.17 -2.53 15.26
C LEU A 20 -1.59 -3.93 15.17
N THR A 21 -0.49 -4.09 15.84
CA THR A 21 0.10 -5.36 16.09
C THR A 21 0.29 -5.41 17.59
N GLY A 22 0.38 -6.56 18.17
CA GLY A 22 0.52 -6.62 19.60
C GLY A 22 -0.79 -6.98 20.26
N SER A 23 -0.94 -6.63 21.49
CA SER A 23 -2.14 -6.91 22.20
C SER A 23 -2.58 -5.67 22.94
N TRP A 24 -3.83 -5.33 22.78
CA TRP A 24 -4.42 -4.18 23.41
C TRP A 24 -5.74 -4.63 23.97
N SER A 25 -6.08 -4.18 25.13
CA SER A 25 -7.34 -4.59 25.71
C SER A 25 -7.89 -3.56 26.70
N ASP A 26 -7.15 -2.53 26.99
CA ASP A 26 -7.57 -1.62 28.05
C ASP A 26 -7.93 -0.27 27.55
N GLN A 27 -8.61 0.48 28.36
CA GLN A 27 -8.98 1.81 28.02
C GLN A 27 -7.84 2.77 28.32
N THR A 28 -7.28 2.65 29.48
CA THR A 28 -6.24 3.55 29.88
C THR A 28 -4.86 2.93 29.67
N TYR A 29 -3.99 3.69 29.05
CA TYR A 29 -2.62 3.30 28.83
C TYR A 29 -1.69 4.39 29.25
N PRO A 30 -0.62 4.03 29.96
CA PRO A 30 0.38 4.99 30.45
C PRO A 30 1.07 5.75 29.32
N GLU A 31 1.45 6.97 29.57
CA GLU A 31 2.13 7.78 28.58
C GLU A 31 3.48 7.15 28.28
N GLY A 32 3.85 7.14 27.03
CA GLY A 32 5.09 6.53 26.65
C GLY A 32 4.87 5.19 26.02
N THR A 33 3.65 4.70 26.13
CA THR A 33 3.29 3.44 25.52
C THR A 33 3.30 3.57 24.03
N GLN A 34 4.15 2.81 23.39
CA GLN A 34 4.27 2.88 21.99
C GLN A 34 3.38 1.87 21.32
N ALA A 35 2.76 2.29 20.27
CA ALA A 35 1.88 1.45 19.52
C ALA A 35 2.55 1.06 18.24
N ILE A 36 2.72 -0.21 18.07
CA ILE A 36 3.38 -0.72 16.91
C ILE A 36 2.34 -1.05 15.87
N TYR A 37 2.36 -0.31 14.82
CA TYR A 37 1.44 -0.52 13.75
C TYR A 37 2.10 -1.24 12.62
N LYS A 38 1.34 -2.07 11.98
CA LYS A 38 1.76 -2.74 10.80
C LYS A 38 1.40 -1.88 9.66
N CYS A 39 2.01 -2.13 8.60
CA CYS A 39 1.62 -1.57 7.43
C CYS A 39 0.77 -2.56 6.73
N ARG A 40 -0.48 -2.17 6.50
CA ARG A 40 -1.44 -2.90 5.64
C ARG A 40 -0.73 -3.63 4.50
N PRO A 41 -1.26 -4.77 4.09
CA PRO A 41 -0.63 -5.64 3.08
C PRO A 41 -0.20 -4.93 1.76
N GLY A 42 -0.92 -3.90 1.38
CA GLY A 42 -0.55 -3.12 0.20
C GLY A 42 0.25 -1.88 0.54
N TYR A 43 0.75 -1.82 1.74
CA TYR A 43 1.52 -0.70 2.22
C TYR A 43 2.83 -1.17 2.82
N ARG A 44 3.72 -0.26 3.07
CA ARG A 44 5.01 -0.53 3.66
C ARG A 44 5.55 0.73 4.29
N SER A 45 6.74 0.63 4.81
CA SER A 45 7.42 1.72 5.42
C SER A 45 8.87 1.31 5.59
N LEU A 46 9.62 2.06 6.34
CA LEU A 46 11.00 1.73 6.59
C LEU A 46 11.14 0.82 7.81
N GLY A 47 10.01 0.45 8.36
CA GLY A 47 9.98 -0.48 9.45
C GLY A 47 8.57 -0.77 9.84
N ASN A 48 8.14 -0.11 10.86
CA ASN A 48 6.79 -0.16 11.33
C ASN A 48 6.43 1.22 11.76
N VAL A 49 5.16 1.51 11.82
CA VAL A 49 4.74 2.80 12.25
C VAL A 49 4.59 2.77 13.73
N ILE A 50 5.49 3.42 14.39
CA ILE A 50 5.46 3.45 15.80
C ILE A 50 4.79 4.71 16.26
N MET A 51 3.63 4.52 16.77
CA MET A 51 2.89 5.59 17.35
C MET A 51 3.09 5.53 18.82
N VAL A 52 2.59 6.47 19.54
CA VAL A 52 2.84 6.50 20.94
C VAL A 52 1.77 7.28 21.69
N CYS A 53 1.53 6.84 22.90
CA CYS A 53 0.67 7.50 23.83
C CYS A 53 1.44 8.67 24.39
N ARG A 54 1.03 9.86 24.05
CA ARG A 54 1.71 11.06 24.45
C ARG A 54 0.70 12.12 24.78
N LYS A 55 0.70 12.58 26.01
CA LYS A 55 -0.21 13.65 26.51
C LYS A 55 -1.66 13.25 26.49
N GLY A 56 -1.91 11.98 26.49
CA GLY A 56 -3.27 11.49 26.51
C GLY A 56 -3.79 11.18 25.14
N GLU A 57 -3.05 11.56 24.14
CA GLU A 57 -3.43 11.28 22.78
C GLU A 57 -2.47 10.28 22.16
N TRP A 58 -2.92 9.66 21.11
CA TRP A 58 -2.15 8.71 20.41
C TRP A 58 -1.66 9.36 19.18
N VAL A 59 -0.43 9.66 19.19
CA VAL A 59 0.19 10.32 18.15
C VAL A 59 1.39 9.52 17.77
N ALA A 60 2.30 10.16 17.26
CA ALA A 60 3.38 9.54 16.62
C ALA A 60 4.70 9.65 17.35
N LEU A 61 5.22 8.50 17.79
CA LEU A 61 6.59 8.40 18.28
C LEU A 61 7.48 8.81 17.14
N ASN A 62 7.29 8.15 16.04
CA ASN A 62 8.08 8.36 14.89
C ASN A 62 7.20 8.82 13.74
N PRO A 63 7.13 10.14 13.49
CA PRO A 63 6.25 10.74 12.46
C PRO A 63 6.81 10.56 11.05
N LEU A 64 7.99 10.00 10.98
CA LEU A 64 8.64 9.78 9.74
C LEU A 64 8.19 8.50 9.16
N ARG A 65 7.81 7.61 10.04
CA ARG A 65 7.32 6.33 9.63
C ARG A 65 5.83 6.41 9.52
N LYS A 66 5.37 5.94 8.44
CA LYS A 66 3.99 5.95 8.08
C LYS A 66 3.82 4.88 7.06
N CYS A 67 2.67 4.34 6.94
CA CYS A 67 2.46 3.33 5.97
C CYS A 67 2.14 3.93 4.64
N GLN A 68 3.13 3.86 3.79
CA GLN A 68 3.08 4.38 2.45
C GLN A 68 2.77 3.20 1.57
N LYS A 69 2.31 3.41 0.38
CA LYS A 69 1.98 2.28 -0.47
C LYS A 69 3.22 1.57 -0.91
N ARG A 70 3.14 0.29 -1.04
CA ARG A 70 4.24 -0.46 -1.54
C ARG A 70 4.20 -0.46 -3.04
N PRO A 71 5.36 -0.28 -3.68
CA PRO A 71 5.46 -0.27 -5.12
C PRO A 71 5.15 -1.66 -5.69
N CYS A 72 4.50 -1.67 -6.81
CA CYS A 72 4.12 -2.91 -7.48
C CYS A 72 5.36 -3.56 -8.08
N GLY A 73 6.32 -2.73 -8.40
CA GLY A 73 7.49 -3.18 -9.06
C GLY A 73 7.39 -2.79 -10.50
N HIS A 74 8.34 -3.20 -11.29
CA HIS A 74 8.32 -2.89 -12.68
C HIS A 74 7.42 -3.91 -13.36
N PRO A 75 6.37 -3.47 -14.09
CA PRO A 75 5.37 -4.35 -14.74
C PRO A 75 5.93 -5.07 -15.98
N GLY A 76 7.13 -5.55 -15.84
CA GLY A 76 7.78 -6.21 -16.91
C GLY A 76 8.21 -5.26 -17.98
N ASP A 77 8.59 -5.80 -19.08
CA ASP A 77 9.00 -5.00 -20.22
C ASP A 77 8.51 -5.67 -21.45
N THR A 78 8.03 -4.91 -22.36
CA THR A 78 7.47 -5.42 -23.57
C THR A 78 8.32 -4.94 -24.75
N PRO A 79 8.47 -5.77 -25.82
CA PRO A 79 9.23 -5.41 -27.02
C PRO A 79 8.69 -4.12 -27.65
N PHE A 80 7.40 -3.95 -27.56
CA PHE A 80 6.70 -2.78 -28.02
C PHE A 80 5.38 -2.75 -27.30
N GLY A 81 4.85 -1.59 -27.06
CA GLY A 81 3.60 -1.48 -26.32
C GLY A 81 3.73 -0.53 -25.16
N THR A 82 2.63 -0.09 -24.60
CA THR A 82 2.63 0.88 -23.52
C THR A 82 1.46 0.57 -22.56
N PHE A 83 1.40 1.24 -21.47
CA PHE A 83 0.31 1.10 -20.54
C PHE A 83 0.04 2.43 -19.90
N THR A 84 -1.12 2.59 -19.37
CA THR A 84 -1.48 3.76 -18.70
C THR A 84 -1.81 3.46 -17.25
N LEU A 85 -1.62 4.40 -16.38
CA LEU A 85 -1.90 4.21 -14.99
C LEU A 85 -3.11 5.03 -14.61
N THR A 86 -3.97 4.48 -13.81
CA THR A 86 -5.20 5.16 -13.47
C THR A 86 -5.40 5.23 -11.94
N GLY A 87 -4.36 4.93 -11.20
CA GLY A 87 -4.47 4.97 -9.77
C GLY A 87 -3.32 5.72 -9.16
N GLY A 88 -2.65 6.44 -10.00
CA GLY A 88 -1.46 7.14 -9.64
C GLY A 88 -0.61 7.29 -10.86
N ASN A 89 0.58 7.78 -10.71
CA ASN A 89 1.47 7.99 -11.86
C ASN A 89 2.61 7.01 -11.80
N VAL A 90 2.59 6.15 -10.83
CA VAL A 90 3.73 5.34 -10.60
C VAL A 90 3.30 3.99 -10.20
N PHE A 91 4.21 3.27 -9.77
CA PHE A 91 4.00 1.93 -9.38
C PHE A 91 3.82 1.89 -7.90
N GLU A 92 2.59 1.83 -7.52
CA GLU A 92 2.18 1.84 -6.17
C GLU A 92 0.88 1.08 -6.08
N TYR A 93 0.66 0.43 -4.95
CA TYR A 93 -0.52 -0.34 -4.70
C TYR A 93 -1.80 0.46 -4.96
N GLY A 94 -2.45 0.16 -6.04
CA GLY A 94 -3.67 0.82 -6.36
C GLY A 94 -3.73 1.27 -7.79
N VAL A 95 -2.63 1.16 -8.53
CA VAL A 95 -2.66 1.53 -9.93
C VAL A 95 -3.04 0.33 -10.81
N LYS A 96 -3.78 0.61 -11.82
CA LYS A 96 -4.07 -0.34 -12.83
C LYS A 96 -3.22 0.03 -14.00
N ALA A 97 -2.40 -0.87 -14.45
CA ALA A 97 -1.62 -0.62 -15.63
C ALA A 97 -2.41 -1.09 -16.82
N VAL A 98 -3.16 -0.20 -17.37
CA VAL A 98 -4.02 -0.49 -18.50
C VAL A 98 -3.24 -0.45 -19.79
N TYR A 99 -3.19 -1.58 -20.45
CA TYR A 99 -2.31 -1.78 -21.55
C TYR A 99 -2.98 -1.44 -22.86
N THR A 100 -2.22 -0.85 -23.71
CA THR A 100 -2.61 -0.52 -25.04
C THR A 100 -1.34 -0.66 -25.86
N CYS A 101 -1.42 -0.90 -27.11
CA CYS A 101 -0.19 -1.17 -27.80
C CYS A 101 -0.04 -0.36 -29.06
N ASN A 102 -0.79 -0.70 -30.05
CA ASN A 102 -0.72 -0.07 -31.36
C ASN A 102 -2.12 -0.01 -31.87
N GLU A 103 -2.29 0.32 -33.11
CA GLU A 103 -3.59 0.32 -33.70
C GLU A 103 -3.86 -1.05 -34.32
N GLY A 104 -2.89 -1.52 -35.07
CA GLY A 104 -2.99 -2.82 -35.72
C GLY A 104 -2.71 -3.97 -34.77
N TYR A 105 -2.21 -3.66 -33.60
CA TYR A 105 -1.94 -4.67 -32.58
C TYR A 105 -2.69 -4.28 -31.33
N GLN A 106 -3.47 -5.17 -30.81
CA GLN A 106 -4.17 -4.90 -29.60
C GLN A 106 -3.50 -5.66 -28.49
N LEU A 107 -3.93 -6.90 -28.29
CA LEU A 107 -3.42 -7.79 -27.26
C LEU A 107 -4.19 -9.09 -27.23
N LEU A 108 -3.50 -10.13 -26.98
CA LEU A 108 -4.05 -11.40 -26.80
C LEU A 108 -4.12 -11.62 -25.29
N GLY A 109 -5.27 -11.95 -24.83
CA GLY A 109 -5.47 -12.16 -23.43
C GLY A 109 -6.80 -11.62 -23.02
N GLU A 110 -7.19 -11.87 -21.80
CA GLU A 110 -8.48 -11.43 -21.32
C GLU A 110 -8.33 -10.18 -20.50
N ILE A 111 -7.15 -10.02 -19.98
CA ILE A 111 -6.85 -8.95 -19.12
C ILE A 111 -5.98 -7.99 -19.90
N ASN A 112 -6.60 -6.96 -20.41
CA ASN A 112 -5.94 -5.93 -21.24
C ASN A 112 -5.22 -4.91 -20.36
N TYR A 113 -4.75 -5.37 -19.25
CA TYR A 113 -4.18 -4.54 -18.25
C TYR A 113 -3.55 -5.42 -17.24
N ARG A 114 -3.03 -4.84 -16.23
CA ARG A 114 -2.56 -5.56 -15.11
C ARG A 114 -2.67 -4.68 -13.89
N GLU A 115 -3.51 -5.09 -12.97
CA GLU A 115 -3.72 -4.35 -11.75
C GLU A 115 -2.62 -4.63 -10.77
N CYS A 116 -2.27 -3.63 -10.04
CA CYS A 116 -1.25 -3.74 -9.03
C CYS A 116 -1.81 -4.47 -7.83
N ASP A 117 -0.99 -5.29 -7.24
CA ASP A 117 -1.37 -6.01 -6.06
C ASP A 117 -0.32 -5.69 -5.00
N THR A 118 -0.25 -6.42 -3.93
CA THR A 118 0.62 -6.08 -2.85
C THR A 118 2.10 -6.29 -3.20
N ASP A 119 2.40 -7.45 -3.65
CA ASP A 119 3.73 -7.87 -3.88
C ASP A 119 4.09 -7.84 -5.35
N GLY A 120 3.17 -7.42 -6.15
CA GLY A 120 3.40 -7.34 -7.56
C GLY A 120 2.18 -6.89 -8.29
N TRP A 121 1.77 -7.67 -9.26
CA TRP A 121 0.62 -7.37 -10.07
C TRP A 121 -0.30 -8.59 -10.06
N THR A 122 -1.54 -8.41 -10.42
CA THR A 122 -2.51 -9.48 -10.40
C THR A 122 -2.40 -10.39 -11.63
N ASN A 123 -1.89 -9.85 -12.70
CA ASN A 123 -1.73 -10.55 -13.95
C ASN A 123 -0.45 -10.12 -14.54
N ASP A 124 -0.07 -10.77 -15.61
CA ASP A 124 1.18 -10.51 -16.28
C ASP A 124 0.93 -9.60 -17.51
N ILE A 125 1.86 -9.56 -18.42
CA ILE A 125 1.83 -8.65 -19.56
C ILE A 125 0.97 -9.25 -20.68
N PRO A 126 -0.05 -8.52 -21.15
CA PRO A 126 -0.81 -8.93 -22.31
C PRO A 126 0.04 -8.79 -23.58
N ILE A 127 -0.05 -9.76 -24.44
CA ILE A 127 0.77 -9.80 -25.65
C ILE A 127 0.14 -9.02 -26.77
N CYS A 128 0.82 -7.98 -27.26
CA CYS A 128 0.34 -7.17 -28.40
C CYS A 128 0.03 -8.05 -29.61
N GLU A 129 -1.24 -8.20 -29.88
CA GLU A 129 -1.74 -8.98 -30.99
C GLU A 129 -3.01 -8.32 -31.49
N ASP A 7 -1.43 8.59 31.49
CA ASP A 7 -1.92 7.27 31.15
C ASP A 7 -3.14 7.37 30.28
N CYS A 8 -3.21 6.51 29.30
CA CYS A 8 -4.26 6.48 28.33
C CYS A 8 -5.47 5.85 28.96
N ASN A 9 -6.64 6.31 28.60
CA ASN A 9 -7.87 5.68 29.06
C ASN A 9 -8.65 5.20 27.85
N GLU A 10 -7.92 5.08 26.74
CA GLU A 10 -8.44 4.63 25.47
C GLU A 10 -7.30 4.06 24.71
N LEU A 11 -7.64 3.25 23.79
CA LEU A 11 -6.78 2.54 23.01
C LEU A 11 -6.38 3.34 21.81
N PRO A 12 -5.28 2.97 21.22
CA PRO A 12 -4.74 3.63 20.03
C PRO A 12 -5.74 3.56 18.87
N PRO A 13 -5.71 4.55 17.98
CA PRO A 13 -6.58 4.59 16.83
C PRO A 13 -6.23 3.48 15.81
N ARG A 14 -7.08 3.30 14.86
CA ARG A 14 -6.85 2.40 13.79
C ARG A 14 -6.82 3.22 12.54
N ARG A 15 -6.09 2.80 11.56
CA ARG A 15 -6.00 3.58 10.37
C ARG A 15 -6.44 2.74 9.20
N ASN A 16 -6.70 3.38 8.11
CA ASN A 16 -7.06 2.66 6.91
C ASN A 16 -5.80 2.15 6.27
N THR A 17 -4.77 2.95 6.30
CA THR A 17 -3.52 2.63 5.67
C THR A 17 -2.56 1.88 6.60
N GLU A 18 -2.91 1.78 7.87
CA GLU A 18 -2.07 1.09 8.84
C GLU A 18 -2.95 0.30 9.79
N ILE A 19 -2.45 -0.81 10.23
CA ILE A 19 -3.20 -1.70 11.10
C ILE A 19 -2.59 -1.74 12.43
N LEU A 20 -3.40 -1.48 13.38
CA LEU A 20 -3.02 -1.51 14.72
C LEU A 20 -2.87 -2.98 15.17
N THR A 21 -1.66 -3.38 15.50
CA THR A 21 -1.41 -4.74 15.91
C THR A 21 -1.55 -4.84 17.43
N GLY A 22 -1.81 -6.01 17.92
CA GLY A 22 -1.94 -6.21 19.34
C GLY A 22 -3.37 -6.37 19.73
N SER A 23 -3.62 -6.46 20.99
CA SER A 23 -4.94 -6.63 21.49
C SER A 23 -5.25 -5.50 22.46
N TRP A 24 -5.96 -4.51 21.99
CA TRP A 24 -6.26 -3.37 22.81
C TRP A 24 -7.74 -3.34 23.06
N SER A 25 -8.18 -4.29 23.81
CA SER A 25 -9.57 -4.37 24.16
C SER A 25 -9.77 -3.77 25.53
N ASP A 26 -8.76 -3.10 26.03
CA ASP A 26 -8.83 -2.54 27.35
C ASP A 26 -9.21 -1.07 27.26
N GLN A 27 -8.59 -0.23 28.05
CA GLN A 27 -8.78 1.20 28.00
C GLN A 27 -7.52 1.85 28.46
N THR A 28 -7.14 1.52 29.65
CA THR A 28 -6.07 2.19 30.28
C THR A 28 -4.72 1.55 29.98
N TYR A 29 -3.80 2.37 29.57
CA TYR A 29 -2.43 1.97 29.30
C TYR A 29 -1.50 3.03 29.85
N PRO A 30 -0.29 2.64 30.29
CA PRO A 30 0.68 3.58 30.85
C PRO A 30 1.17 4.60 29.82
N GLU A 31 1.54 5.78 30.28
CA GLU A 31 2.06 6.80 29.40
C GLU A 31 3.41 6.34 28.87
N GLY A 32 3.66 6.55 27.61
CA GLY A 32 4.91 6.17 27.03
C GLY A 32 4.78 4.86 26.30
N THR A 33 3.56 4.38 26.21
CA THR A 33 3.31 3.13 25.52
C THR A 33 3.22 3.34 24.03
N GLN A 34 4.11 2.69 23.31
CA GLN A 34 4.13 2.78 21.90
C GLN A 34 3.16 1.77 21.29
N ALA A 35 2.56 2.14 20.21
CA ALA A 35 1.66 1.31 19.48
C ALA A 35 2.29 1.02 18.15
N ILE A 36 2.41 -0.24 17.86
CA ILE A 36 3.07 -0.67 16.66
C ILE A 36 2.06 -0.95 15.58
N TYR A 37 2.15 -0.21 14.52
CA TYR A 37 1.28 -0.39 13.42
C TYR A 37 1.93 -1.20 12.36
N LYS A 38 1.18 -2.13 11.86
CA LYS A 38 1.59 -2.92 10.76
C LYS A 38 1.44 -2.11 9.53
N CYS A 39 2.43 -2.14 8.70
CA CYS A 39 2.30 -1.46 7.48
C CYS A 39 1.52 -2.35 6.58
N ARG A 40 0.26 -2.01 6.53
CA ARG A 40 -0.75 -2.64 5.75
C ARG A 40 -0.24 -3.05 4.37
N PRO A 41 -0.60 -4.26 3.91
CA PRO A 41 -0.20 -4.76 2.62
C PRO A 41 -0.62 -3.79 1.53
N GLY A 42 0.36 -3.37 0.79
CA GLY A 42 0.14 -2.39 -0.23
C GLY A 42 0.84 -1.11 0.11
N TYR A 43 1.31 -1.02 1.32
CA TYR A 43 2.01 0.15 1.75
C TYR A 43 3.36 -0.23 2.29
N ARG A 44 4.17 0.77 2.50
CA ARG A 44 5.46 0.64 3.10
C ARG A 44 5.86 1.97 3.69
N SER A 45 6.97 1.96 4.34
CA SER A 45 7.55 3.10 4.91
C SER A 45 9.00 2.73 5.10
N LEU A 46 9.70 3.43 5.94
CA LEU A 46 11.07 3.11 6.18
C LEU A 46 11.20 2.09 7.31
N GLY A 47 10.08 1.61 7.81
CA GLY A 47 10.05 0.62 8.85
C GLY A 47 8.63 0.31 9.23
N ASN A 48 8.30 0.55 10.46
CA ASN A 48 6.94 0.39 10.95
C ASN A 48 6.49 1.69 11.49
N VAL A 49 5.21 1.88 11.55
CA VAL A 49 4.66 3.12 12.03
C VAL A 49 4.43 2.99 13.52
N ILE A 50 5.14 3.77 14.28
CA ILE A 50 5.06 3.70 15.70
C ILE A 50 4.41 4.93 16.28
N MET A 51 3.34 4.73 16.99
CA MET A 51 2.71 5.80 17.73
C MET A 51 3.00 5.59 19.18
N VAL A 52 2.66 6.52 20.00
CA VAL A 52 2.91 6.36 21.42
C VAL A 52 1.89 7.18 22.22
N CYS A 53 1.67 6.79 23.41
CA CYS A 53 0.71 7.45 24.26
C CYS A 53 1.39 8.42 25.15
N ARG A 54 0.86 9.60 25.22
CA ARG A 54 1.31 10.64 26.07
C ARG A 54 0.18 11.51 26.47
N LYS A 55 0.10 11.84 27.76
CA LYS A 55 -0.91 12.75 28.32
C LYS A 55 -2.32 12.22 28.16
N GLY A 56 -2.43 10.92 28.02
CA GLY A 56 -3.72 10.30 27.89
C GLY A 56 -4.15 10.16 26.46
N GLU A 57 -3.40 10.72 25.55
CA GLU A 57 -3.75 10.64 24.16
C GLU A 57 -2.67 9.93 23.37
N TRP A 58 -3.05 9.37 22.26
CA TRP A 58 -2.13 8.69 21.40
C TRP A 58 -1.63 9.64 20.35
N VAL A 59 -0.34 9.81 20.35
CA VAL A 59 0.34 10.73 19.46
C VAL A 59 1.34 9.95 18.62
N ALA A 60 1.98 10.59 17.70
CA ALA A 60 2.92 9.92 16.86
C ALA A 60 4.32 9.99 17.43
N LEU A 61 4.85 8.83 17.79
CA LEU A 61 6.22 8.69 18.24
C LEU A 61 7.07 9.18 17.11
N ASN A 62 6.83 8.59 15.98
CA ASN A 62 7.57 8.90 14.82
C ASN A 62 6.61 9.37 13.74
N PRO A 63 6.48 10.68 13.55
CA PRO A 63 5.54 11.26 12.56
C PRO A 63 6.06 11.11 11.14
N LEU A 64 7.33 10.78 11.04
CA LEU A 64 8.01 10.64 9.79
C LEU A 64 7.62 9.35 9.16
N ARG A 65 7.29 8.41 9.99
CA ARG A 65 6.84 7.14 9.52
C ARG A 65 5.34 7.15 9.37
N LYS A 66 4.91 6.62 8.28
CA LYS A 66 3.53 6.49 7.93
C LYS A 66 3.50 5.57 6.75
N CYS A 67 2.45 4.85 6.57
CA CYS A 67 2.39 3.95 5.46
C CYS A 67 2.00 4.63 4.18
N GLN A 68 2.97 4.73 3.32
CA GLN A 68 2.84 5.31 2.02
C GLN A 68 2.82 4.20 1.01
N LYS A 69 2.54 4.51 -0.23
CA LYS A 69 2.39 3.50 -1.26
C LYS A 69 3.67 2.73 -1.51
N ARG A 70 3.52 1.48 -1.84
CA ARG A 70 4.64 0.66 -2.21
C ARG A 70 4.68 0.57 -3.71
N PRO A 71 5.86 0.50 -4.28
CA PRO A 71 6.01 0.34 -5.71
C PRO A 71 5.90 -1.12 -6.14
N CYS A 72 5.45 -1.34 -7.35
CA CYS A 72 5.41 -2.69 -7.93
C CYS A 72 6.58 -2.93 -8.87
N GLY A 73 7.38 -1.91 -9.03
CA GLY A 73 8.60 -2.01 -9.80
C GLY A 73 8.40 -1.97 -11.29
N HIS A 74 8.27 -3.12 -11.88
CA HIS A 74 8.19 -3.23 -13.32
C HIS A 74 7.02 -4.15 -13.68
N PRO A 75 6.12 -3.72 -14.58
CA PRO A 75 4.90 -4.48 -14.99
C PRO A 75 5.16 -5.54 -16.04
N GLY A 76 6.30 -6.16 -15.97
CA GLY A 76 6.63 -7.16 -16.92
C GLY A 76 7.29 -6.60 -18.16
N ASP A 77 7.94 -7.45 -18.88
CA ASP A 77 8.62 -7.08 -20.11
C ASP A 77 7.96 -7.79 -21.24
N THR A 78 7.72 -7.08 -22.30
CA THR A 78 7.04 -7.63 -23.41
C THR A 78 7.38 -6.85 -24.68
N PRO A 79 7.84 -7.55 -25.72
CA PRO A 79 8.17 -6.93 -27.00
C PRO A 79 6.93 -6.85 -27.90
N PHE A 80 5.76 -7.05 -27.33
CA PHE A 80 4.53 -7.00 -28.09
C PHE A 80 3.79 -5.67 -27.87
N GLY A 81 4.17 -4.95 -26.83
CA GLY A 81 3.46 -3.74 -26.54
C GLY A 81 3.98 -3.02 -25.34
N THR A 82 3.19 -2.13 -24.82
CA THR A 82 3.55 -1.29 -23.74
C THR A 82 2.40 -1.25 -22.71
N PHE A 83 2.45 -0.30 -21.85
CA PHE A 83 1.48 -0.17 -20.80
C PHE A 83 1.14 1.28 -20.56
N THR A 84 0.02 1.52 -19.95
CA THR A 84 -0.40 2.83 -19.55
C THR A 84 -0.41 2.84 -18.05
N LEU A 85 -0.62 3.99 -17.47
CA LEU A 85 -0.81 4.10 -16.06
C LEU A 85 -2.02 4.98 -15.84
N THR A 86 -2.88 4.59 -14.95
CA THR A 86 -4.10 5.35 -14.72
C THR A 86 -4.41 5.47 -13.22
N GLY A 87 -3.42 5.23 -12.42
CA GLY A 87 -3.58 5.34 -10.98
C GLY A 87 -2.34 5.91 -10.41
N GLY A 88 -1.80 6.85 -11.15
CA GLY A 88 -0.56 7.46 -10.84
C GLY A 88 0.25 7.57 -12.09
N ASN A 89 1.45 8.04 -11.96
CA ASN A 89 2.35 8.18 -13.08
C ASN A 89 3.60 7.39 -12.82
N VAL A 90 3.51 6.48 -11.88
CA VAL A 90 4.59 5.63 -11.54
C VAL A 90 4.01 4.30 -11.19
N PHE A 91 4.81 3.52 -10.64
CA PHE A 91 4.49 2.17 -10.29
C PHE A 91 4.27 2.11 -8.81
N GLU A 92 3.04 2.26 -8.40
CA GLU A 92 2.69 2.32 -7.00
C GLU A 92 1.40 1.59 -6.79
N TYR A 93 1.22 1.07 -5.59
CA TYR A 93 0.00 0.39 -5.20
C TYR A 93 -1.22 1.25 -5.50
N GLY A 94 -2.03 0.77 -6.41
CA GLY A 94 -3.19 1.51 -6.84
C GLY A 94 -3.13 1.86 -8.31
N VAL A 95 -1.95 1.81 -8.90
CA VAL A 95 -1.81 2.13 -10.30
C VAL A 95 -2.20 0.94 -11.17
N LYS A 96 -2.91 1.23 -12.22
CA LYS A 96 -3.29 0.22 -13.19
C LYS A 96 -2.42 0.41 -14.40
N ALA A 97 -1.80 -0.66 -14.84
CA ALA A 97 -1.02 -0.62 -16.03
C ALA A 97 -1.79 -1.30 -17.14
N VAL A 98 -2.47 -0.52 -17.97
CA VAL A 98 -3.27 -1.10 -19.03
C VAL A 98 -2.37 -1.43 -20.19
N TYR A 99 -2.67 -2.46 -20.88
CA TYR A 99 -1.84 -2.89 -21.95
C TYR A 99 -2.37 -2.37 -23.25
N THR A 100 -1.49 -1.81 -24.00
CA THR A 100 -1.77 -1.23 -25.25
C THR A 100 -0.52 -1.35 -26.03
N CYS A 101 -0.66 -1.31 -27.27
CA CYS A 101 0.41 -1.54 -28.14
C CYS A 101 0.20 -0.87 -29.42
N ASN A 102 -0.79 -1.34 -30.10
CA ASN A 102 -1.06 -0.88 -31.40
C ASN A 102 -2.38 -0.19 -31.42
N GLU A 103 -2.79 0.24 -32.57
CA GLU A 103 -4.05 0.89 -32.73
C GLU A 103 -5.13 -0.12 -33.09
N GLY A 104 -4.83 -0.98 -34.03
CA GLY A 104 -5.79 -1.98 -34.49
C GLY A 104 -5.62 -3.35 -33.87
N TYR A 105 -4.90 -3.41 -32.78
CA TYR A 105 -4.67 -4.68 -32.09
C TYR A 105 -5.09 -4.56 -30.66
N GLN A 106 -5.51 -5.66 -30.10
CA GLN A 106 -5.76 -5.76 -28.71
C GLN A 106 -4.90 -6.85 -28.24
N LEU A 107 -5.32 -7.55 -27.26
CA LEU A 107 -4.48 -8.40 -26.67
C LEU A 107 -5.21 -9.67 -26.26
N LEU A 108 -4.48 -10.73 -26.15
CA LEU A 108 -5.00 -11.94 -25.63
C LEU A 108 -4.97 -11.86 -24.14
N GLY A 109 -6.08 -12.13 -23.58
CA GLY A 109 -6.28 -11.99 -22.20
C GLY A 109 -7.56 -11.25 -21.98
N GLU A 110 -8.27 -11.61 -20.99
CA GLU A 110 -9.55 -11.00 -20.69
C GLU A 110 -9.33 -9.72 -19.91
N ILE A 111 -8.16 -9.62 -19.37
CA ILE A 111 -7.78 -8.53 -18.56
C ILE A 111 -6.79 -7.74 -19.34
N ASN A 112 -7.20 -6.58 -19.77
CA ASN A 112 -6.38 -5.76 -20.65
C ASN A 112 -5.41 -4.89 -19.87
N TYR A 113 -5.02 -5.36 -18.73
CA TYR A 113 -4.23 -4.58 -17.83
C TYR A 113 -3.68 -5.45 -16.74
N ARG A 114 -2.99 -4.83 -15.84
CA ARG A 114 -2.52 -5.45 -14.66
C ARG A 114 -2.42 -4.33 -13.61
N GLU A 115 -2.91 -4.58 -12.44
CA GLU A 115 -2.93 -3.56 -11.39
C GLU A 115 -1.89 -3.84 -10.35
N CYS A 116 -1.35 -2.79 -9.78
CA CYS A 116 -0.38 -2.91 -8.72
C CYS A 116 -1.10 -3.12 -7.42
N ASP A 117 -1.05 -4.34 -6.94
CA ASP A 117 -1.73 -4.73 -5.73
C ASP A 117 -0.70 -4.80 -4.59
N THR A 118 -1.03 -5.49 -3.55
CA THR A 118 -0.27 -5.56 -2.33
C THR A 118 1.10 -6.23 -2.55
N ASP A 119 1.09 -7.39 -3.14
CA ASP A 119 2.32 -8.14 -3.34
C ASP A 119 2.98 -7.78 -4.67
N GLY A 120 2.16 -7.53 -5.65
CA GLY A 120 2.67 -7.24 -6.96
C GLY A 120 1.55 -6.98 -7.91
N TRP A 121 1.75 -7.25 -9.17
CA TRP A 121 0.74 -7.01 -10.15
C TRP A 121 -0.33 -8.11 -10.08
N THR A 122 -1.57 -7.71 -10.22
CA THR A 122 -2.74 -8.59 -10.09
C THR A 122 -2.80 -9.68 -11.15
N ASN A 123 -2.32 -9.40 -12.32
CA ASN A 123 -2.40 -10.31 -13.43
C ASN A 123 -1.08 -10.26 -14.12
N ASP A 124 -0.92 -11.05 -15.11
CA ASP A 124 0.31 -11.12 -15.84
C ASP A 124 0.24 -10.16 -17.04
N ILE A 125 1.01 -10.42 -18.04
CA ILE A 125 1.10 -9.56 -19.20
C ILE A 125 0.22 -10.11 -20.35
N PRO A 126 -0.89 -9.41 -20.71
CA PRO A 126 -1.68 -9.75 -21.92
C PRO A 126 -0.79 -9.59 -23.17
N ILE A 127 -0.99 -10.43 -24.16
CA ILE A 127 -0.15 -10.41 -25.37
C ILE A 127 -0.86 -9.70 -26.51
N CYS A 128 -0.25 -8.67 -27.08
CA CYS A 128 -0.85 -7.93 -28.19
C CYS A 128 -0.92 -8.81 -29.41
N GLU A 129 -2.12 -9.03 -29.90
CA GLU A 129 -2.42 -9.89 -31.03
C GLU A 129 -3.86 -9.63 -31.45
N ASP A 7 -2.07 8.80 31.22
CA ASP A 7 -2.39 7.46 30.82
C ASP A 7 -3.52 7.51 29.84
N CYS A 8 -3.40 6.78 28.79
CA CYS A 8 -4.37 6.74 27.75
C CYS A 8 -5.61 6.09 28.21
N ASN A 9 -6.70 6.78 28.04
CA ASN A 9 -8.00 6.26 28.43
C ASN A 9 -8.71 5.72 27.21
N GLU A 10 -7.93 5.20 26.29
CA GLU A 10 -8.43 4.62 25.08
C GLU A 10 -7.35 3.75 24.47
N LEU A 11 -7.77 2.83 23.62
CA LEU A 11 -6.88 2.01 22.84
C LEU A 11 -6.36 2.83 21.67
N PRO A 12 -5.19 2.47 21.11
CA PRO A 12 -4.57 3.20 20.02
C PRO A 12 -5.52 3.39 18.83
N PRO A 13 -5.59 4.60 18.31
CA PRO A 13 -6.42 4.92 17.18
C PRO A 13 -5.86 4.35 15.89
N ARG A 14 -6.56 3.36 15.36
CA ARG A 14 -6.23 2.70 14.11
C ARG A 14 -6.21 3.74 13.01
N ARG A 15 -5.37 3.57 12.03
CA ARG A 15 -5.17 4.65 11.07
C ARG A 15 -5.46 4.19 9.65
N ASN A 16 -5.53 5.16 8.75
CA ASN A 16 -5.88 4.95 7.33
C ASN A 16 -5.08 3.84 6.63
N THR A 17 -3.84 3.69 6.96
CA THR A 17 -3.02 2.70 6.34
C THR A 17 -2.36 1.83 7.39
N GLU A 18 -2.84 1.92 8.62
CA GLU A 18 -2.15 1.26 9.70
C GLU A 18 -3.06 0.42 10.56
N ILE A 19 -2.52 -0.69 11.01
CA ILE A 19 -3.21 -1.60 11.92
C ILE A 19 -2.22 -1.92 13.00
N LEU A 20 -2.70 -2.30 14.11
CA LEU A 20 -1.87 -2.57 15.23
C LEU A 20 -1.20 -3.92 15.12
N THR A 21 0.00 -3.98 15.62
CA THR A 21 0.69 -5.23 15.71
C THR A 21 0.71 -5.66 17.17
N GLY A 22 -0.04 -6.69 17.46
CA GLY A 22 -0.13 -7.17 18.81
C GLY A 22 -1.53 -7.57 19.11
N SER A 23 -2.00 -7.23 20.28
CA SER A 23 -3.34 -7.52 20.69
C SER A 23 -3.76 -6.44 21.67
N TRP A 24 -4.94 -5.88 21.48
CA TRP A 24 -5.42 -4.81 22.32
C TRP A 24 -6.87 -5.07 22.67
N SER A 25 -7.18 -5.15 23.94
CA SER A 25 -8.56 -5.32 24.37
C SER A 25 -8.77 -4.53 25.66
N ASP A 26 -7.95 -3.54 25.85
CA ASP A 26 -7.94 -2.79 27.11
C ASP A 26 -8.71 -1.46 26.95
N GLN A 27 -8.65 -0.65 27.96
CA GLN A 27 -9.33 0.60 28.00
C GLN A 27 -8.37 1.71 28.45
N THR A 28 -7.34 1.35 29.19
CA THR A 28 -6.42 2.33 29.74
C THR A 28 -4.98 1.80 29.72
N TYR A 29 -4.07 2.61 29.22
CA TYR A 29 -2.66 2.25 29.15
C TYR A 29 -1.81 3.32 29.77
N PRO A 30 -0.73 2.92 30.46
CA PRO A 30 0.19 3.86 31.11
C PRO A 30 0.86 4.80 30.09
N GLU A 31 1.13 6.00 30.51
CA GLU A 31 1.72 7.00 29.66
C GLU A 31 3.15 6.57 29.34
N GLY A 32 3.49 6.58 28.08
CA GLY A 32 4.81 6.14 27.66
C GLY A 32 4.74 4.84 26.90
N THR A 33 3.55 4.34 26.71
CA THR A 33 3.36 3.10 25.98
C THR A 33 3.32 3.30 24.48
N GLN A 34 4.24 2.67 23.77
CA GLN A 34 4.29 2.81 22.34
C GLN A 34 3.51 1.71 21.64
N ALA A 35 3.03 2.04 20.49
CA ALA A 35 2.26 1.16 19.65
C ALA A 35 2.93 1.07 18.31
N ILE A 36 3.12 -0.14 17.84
CA ILE A 36 3.76 -0.37 16.57
C ILE A 36 2.71 -0.69 15.53
N TYR A 37 2.73 0.05 14.46
CA TYR A 37 1.75 -0.11 13.42
C TYR A 37 2.25 -0.87 12.22
N LYS A 38 1.34 -1.64 11.68
CA LYS A 38 1.52 -2.35 10.47
C LYS A 38 1.00 -1.46 9.40
N CYS A 39 1.65 -1.43 8.28
CA CYS A 39 1.29 -0.54 7.22
C CYS A 39 0.31 -1.14 6.24
N ARG A 40 -0.36 -2.21 6.66
CA ARG A 40 -1.31 -2.96 5.82
C ARG A 40 -0.59 -3.65 4.62
N PRO A 41 -1.21 -4.64 3.99
CA PRO A 41 -0.63 -5.25 2.83
C PRO A 41 -0.79 -4.33 1.61
N GLY A 42 0.22 -4.28 0.80
CA GLY A 42 0.21 -3.41 -0.34
C GLY A 42 0.91 -2.11 -0.05
N TYR A 43 1.39 -2.00 1.14
CA TYR A 43 2.08 -0.82 1.54
C TYR A 43 3.40 -1.18 2.14
N ARG A 44 4.15 -0.19 2.47
CA ARG A 44 5.43 -0.32 3.07
C ARG A 44 5.69 0.95 3.82
N SER A 45 6.88 1.10 4.31
CA SER A 45 7.23 2.28 5.03
C SER A 45 8.73 2.40 5.13
N LEU A 46 9.19 3.61 5.28
CA LEU A 46 10.59 3.89 5.48
C LEU A 46 10.93 3.53 6.92
N GLY A 47 9.91 3.62 7.74
CA GLY A 47 9.93 3.19 9.08
C GLY A 47 8.51 3.06 9.53
N ASN A 48 8.22 2.05 10.31
CA ASN A 48 6.87 1.78 10.80
C ASN A 48 6.36 2.94 11.61
N VAL A 49 5.07 3.22 11.48
CA VAL A 49 4.43 4.26 12.26
C VAL A 49 4.41 3.83 13.71
N ILE A 50 5.05 4.59 14.54
CA ILE A 50 5.12 4.28 15.93
C ILE A 50 4.43 5.38 16.69
N MET A 51 3.48 5.01 17.47
CA MET A 51 2.79 5.97 18.29
C MET A 51 3.10 5.69 19.71
N VAL A 52 2.79 6.59 20.56
CA VAL A 52 3.04 6.40 21.96
C VAL A 52 1.99 7.13 22.79
N CYS A 53 1.63 6.51 23.85
CA CYS A 53 0.67 6.99 24.80
C CYS A 53 1.23 8.20 25.55
N ARG A 54 0.53 9.31 25.49
CA ARG A 54 0.95 10.51 26.16
C ARG A 54 -0.21 11.48 26.34
N LYS A 55 -0.37 12.02 27.56
CA LYS A 55 -1.44 13.02 27.86
C LYS A 55 -2.84 12.43 27.76
N GLY A 56 -2.93 11.15 27.95
CA GLY A 56 -4.20 10.49 27.93
C GLY A 56 -4.58 9.96 26.58
N GLU A 57 -3.85 10.35 25.55
CA GLU A 57 -4.16 9.90 24.23
C GLU A 57 -2.92 9.35 23.57
N TRP A 58 -3.10 8.77 22.43
CA TRP A 58 -2.00 8.24 21.71
C TRP A 58 -1.53 9.27 20.74
N VAL A 59 -0.28 9.61 20.85
CA VAL A 59 0.30 10.62 20.03
C VAL A 59 1.39 10.00 19.20
N ALA A 60 1.86 10.71 18.23
CA ALA A 60 2.89 10.22 17.37
C ALA A 60 4.26 10.31 18.04
N LEU A 61 4.85 9.15 18.30
CA LEU A 61 6.22 9.06 18.78
C LEU A 61 7.12 9.63 17.71
N ASN A 62 6.76 9.33 16.49
CA ASN A 62 7.49 9.79 15.35
C ASN A 62 6.51 10.10 14.24
N PRO A 63 6.15 11.37 14.06
CA PRO A 63 5.17 11.81 13.05
C PRO A 63 5.77 11.87 11.64
N LEU A 64 7.07 11.61 11.53
CA LEU A 64 7.73 11.61 10.24
C LEU A 64 7.46 10.29 9.55
N ARG A 65 7.29 9.26 10.36
CA ARG A 65 6.98 7.96 9.84
C ARG A 65 5.57 7.92 9.34
N LYS A 66 5.38 7.24 8.26
CA LYS A 66 4.11 7.11 7.64
C LYS A 66 4.15 5.88 6.78
N CYS A 67 3.03 5.36 6.44
CA CYS A 67 2.98 4.20 5.61
C CYS A 67 2.60 4.61 4.21
N GLN A 68 3.37 4.13 3.27
CA GLN A 68 3.22 4.50 1.88
C GLN A 68 3.09 3.27 1.03
N LYS A 69 2.80 3.47 -0.21
CA LYS A 69 2.57 2.38 -1.15
C LYS A 69 3.81 1.55 -1.37
N ARG A 70 3.61 0.30 -1.69
CA ARG A 70 4.72 -0.55 -2.06
C ARG A 70 4.94 -0.38 -3.56
N PRO A 71 6.17 -0.57 -4.05
CA PRO A 71 6.43 -0.50 -5.47
C PRO A 71 5.96 -1.79 -6.16
N CYS A 72 5.78 -1.75 -7.44
CA CYS A 72 5.22 -2.91 -8.14
C CYS A 72 6.21 -3.53 -9.11
N GLY A 73 7.17 -2.75 -9.53
CA GLY A 73 8.09 -3.21 -10.50
C GLY A 73 7.51 -3.13 -11.89
N HIS A 74 8.27 -3.54 -12.85
CA HIS A 74 7.84 -3.48 -14.24
C HIS A 74 6.89 -4.68 -14.51
N PRO A 75 5.68 -4.42 -15.08
CA PRO A 75 4.61 -5.46 -15.33
C PRO A 75 4.94 -6.43 -16.46
N GLY A 76 6.12 -6.96 -16.43
CA GLY A 76 6.54 -7.86 -17.44
C GLY A 76 7.20 -7.13 -18.56
N ASP A 77 8.00 -7.80 -19.32
CA ASP A 77 8.73 -7.14 -20.36
C ASP A 77 8.23 -7.57 -21.70
N THR A 78 7.90 -6.62 -22.51
CA THR A 78 7.41 -6.89 -23.81
C THR A 78 8.11 -5.93 -24.80
N PRO A 79 8.76 -6.46 -25.85
CA PRO A 79 9.44 -5.61 -26.85
C PRO A 79 8.45 -4.91 -27.79
N PHE A 80 7.21 -5.32 -27.71
CA PHE A 80 6.15 -4.81 -28.53
C PHE A 80 5.01 -4.36 -27.64
N GLY A 81 4.37 -3.28 -27.99
CA GLY A 81 3.28 -2.78 -27.20
C GLY A 81 3.77 -1.92 -26.06
N THR A 82 2.89 -1.54 -25.16
CA THR A 82 3.26 -0.73 -24.04
C THR A 82 2.17 -0.77 -22.99
N PHE A 83 2.26 0.08 -22.01
CA PHE A 83 1.32 0.12 -20.93
C PHE A 83 1.03 1.54 -20.50
N THR A 84 -0.08 1.71 -19.82
CA THR A 84 -0.46 2.99 -19.27
C THR A 84 -0.43 2.89 -17.76
N LEU A 85 -0.62 4.01 -17.09
CA LEU A 85 -0.78 4.05 -15.67
C LEU A 85 -1.83 5.07 -15.35
N THR A 86 -2.88 4.62 -14.76
CA THR A 86 -4.01 5.51 -14.50
C THR A 86 -4.23 5.77 -13.01
N GLY A 87 -3.50 5.07 -12.19
CA GLY A 87 -3.65 5.24 -10.76
C GLY A 87 -2.41 5.82 -10.18
N GLY A 88 -1.72 6.58 -10.98
CA GLY A 88 -0.48 7.15 -10.61
C GLY A 88 0.39 7.24 -11.82
N ASN A 89 1.63 7.58 -11.63
CA ASN A 89 2.55 7.75 -12.73
C ASN A 89 3.83 6.95 -12.47
N VAL A 90 3.77 6.11 -11.45
CA VAL A 90 4.91 5.31 -11.02
C VAL A 90 4.41 3.96 -10.67
N PHE A 91 5.28 3.04 -10.36
CA PHE A 91 4.86 1.73 -10.01
C PHE A 91 4.61 1.63 -8.53
N GLU A 92 3.41 1.95 -8.14
CA GLU A 92 3.01 1.84 -6.78
C GLU A 92 1.63 1.21 -6.70
N TYR A 93 1.39 0.51 -5.61
CA TYR A 93 0.10 -0.15 -5.33
C TYR A 93 -1.06 0.79 -5.59
N GLY A 94 -1.88 0.43 -6.54
CA GLY A 94 -2.99 1.26 -6.89
C GLY A 94 -3.00 1.61 -8.37
N VAL A 95 -1.85 1.57 -9.03
CA VAL A 95 -1.84 1.88 -10.45
C VAL A 95 -2.35 0.71 -11.27
N LYS A 96 -3.13 1.04 -12.24
CA LYS A 96 -3.58 0.09 -13.20
C LYS A 96 -2.73 0.32 -14.43
N ALA A 97 -2.02 -0.70 -14.85
CA ALA A 97 -1.18 -0.59 -16.01
C ALA A 97 -1.88 -1.24 -17.18
N VAL A 98 -2.47 -0.46 -18.06
CA VAL A 98 -3.22 -1.05 -19.16
C VAL A 98 -2.27 -1.39 -20.29
N TYR A 99 -2.48 -2.51 -20.91
CA TYR A 99 -1.61 -2.95 -21.97
C TYR A 99 -2.22 -2.59 -23.27
N THR A 100 -1.57 -1.72 -23.95
CA THR A 100 -2.01 -1.29 -25.20
C THR A 100 -0.93 -1.67 -26.19
N CYS A 101 -1.27 -1.75 -27.44
CA CYS A 101 -0.31 -2.13 -28.41
C CYS A 101 -0.40 -1.23 -29.61
N ASN A 102 -1.53 -1.24 -30.27
CA ASN A 102 -1.70 -0.43 -31.44
C ASN A 102 -3.19 -0.20 -31.59
N GLU A 103 -3.61 0.35 -32.69
CA GLU A 103 -5.00 0.61 -32.94
C GLU A 103 -5.71 -0.68 -33.31
N GLY A 104 -5.16 -1.35 -34.29
CA GLY A 104 -5.73 -2.59 -34.78
C GLY A 104 -5.36 -3.77 -33.92
N TYR A 105 -4.41 -3.58 -33.05
CA TYR A 105 -3.95 -4.63 -32.18
C TYR A 105 -4.30 -4.34 -30.75
N GLN A 106 -5.04 -5.23 -30.14
CA GLN A 106 -5.28 -5.13 -28.75
C GLN A 106 -4.39 -6.12 -28.12
N LEU A 107 -4.95 -7.12 -27.51
CA LEU A 107 -4.20 -8.06 -26.91
C LEU A 107 -5.07 -9.29 -26.64
N LEU A 108 -4.46 -10.43 -26.52
CA LEU A 108 -5.14 -11.63 -26.14
C LEU A 108 -5.11 -11.76 -24.66
N GLY A 109 -6.22 -11.47 -24.12
CA GLY A 109 -6.43 -11.51 -22.73
C GLY A 109 -7.72 -10.83 -22.45
N GLU A 110 -8.34 -11.14 -21.36
CA GLU A 110 -9.62 -10.58 -21.05
C GLU A 110 -9.45 -9.37 -20.20
N ILE A 111 -8.29 -9.29 -19.62
CA ILE A 111 -7.93 -8.21 -18.80
C ILE A 111 -6.84 -7.49 -19.53
N ASN A 112 -7.17 -6.35 -20.07
CA ASN A 112 -6.23 -5.60 -20.89
C ASN A 112 -5.32 -4.75 -20.04
N TYR A 113 -5.04 -5.20 -18.86
CA TYR A 113 -4.30 -4.42 -17.92
C TYR A 113 -3.78 -5.28 -16.80
N ARG A 114 -3.07 -4.63 -15.93
CA ARG A 114 -2.60 -5.22 -14.73
C ARG A 114 -2.89 -4.23 -13.64
N GLU A 115 -3.33 -4.67 -12.52
CA GLU A 115 -3.50 -3.79 -11.41
C GLU A 115 -2.49 -4.16 -10.36
N CYS A 116 -1.87 -3.19 -9.78
CA CYS A 116 -0.92 -3.47 -8.76
C CYS A 116 -1.62 -3.70 -7.46
N ASP A 117 -1.63 -4.95 -7.06
CA ASP A 117 -2.26 -5.38 -5.84
C ASP A 117 -1.16 -5.55 -4.78
N THR A 118 -1.51 -6.12 -3.66
CA THR A 118 -0.64 -6.29 -2.53
C THR A 118 0.50 -7.27 -2.87
N ASP A 119 0.13 -8.31 -3.57
CA ASP A 119 1.07 -9.34 -3.99
C ASP A 119 1.94 -8.82 -5.14
N GLY A 120 1.32 -8.04 -5.97
CA GLY A 120 1.98 -7.50 -7.13
C GLY A 120 0.99 -7.28 -8.20
N TRP A 121 1.42 -7.34 -9.44
CA TRP A 121 0.53 -7.17 -10.56
C TRP A 121 -0.45 -8.33 -10.64
N THR A 122 -1.73 -8.01 -10.69
CA THR A 122 -2.80 -9.00 -10.72
C THR A 122 -2.71 -9.96 -11.92
N ASN A 123 -2.27 -9.42 -13.02
CA ASN A 123 -2.12 -10.16 -14.24
C ASN A 123 -0.73 -9.92 -14.76
N ASP A 124 -0.30 -10.68 -15.70
CA ASP A 124 1.07 -10.59 -16.14
C ASP A 124 1.23 -9.83 -17.46
N ILE A 125 1.30 -10.52 -18.58
CA ILE A 125 1.46 -9.86 -19.85
C ILE A 125 0.49 -10.41 -20.89
N PRO A 126 -0.70 -9.78 -21.04
CA PRO A 126 -1.59 -10.02 -22.18
C PRO A 126 -0.80 -9.81 -23.50
N ILE A 127 -0.99 -10.68 -24.44
CA ILE A 127 -0.21 -10.69 -25.70
C ILE A 127 -0.83 -9.78 -26.76
N CYS A 128 -0.06 -8.80 -27.27
CA CYS A 128 -0.53 -7.92 -28.37
C CYS A 128 -1.04 -8.73 -29.53
N GLU A 129 -2.26 -8.48 -29.91
CA GLU A 129 -2.92 -9.20 -30.95
C GLU A 129 -4.22 -8.47 -31.25
N ASP A 7 -2.06 9.53 30.91
CA ASP A 7 -2.64 8.22 30.65
C ASP A 7 -3.78 8.33 29.65
N CYS A 8 -3.72 7.50 28.66
CA CYS A 8 -4.72 7.47 27.62
C CYS A 8 -5.85 6.61 28.08
N ASN A 9 -7.06 7.09 27.91
CA ASN A 9 -8.27 6.38 28.34
C ASN A 9 -8.99 5.82 27.12
N GLU A 10 -8.21 5.57 26.10
CA GLU A 10 -8.67 5.12 24.81
C GLU A 10 -7.54 4.46 24.13
N LEU A 11 -7.86 3.71 23.14
CA LEU A 11 -6.94 2.90 22.47
C LEU A 11 -6.50 3.56 21.20
N PRO A 12 -5.36 3.16 20.71
CA PRO A 12 -4.81 3.69 19.46
C PRO A 12 -5.76 3.43 18.29
N PRO A 13 -6.00 4.46 17.47
CA PRO A 13 -6.92 4.35 16.35
C PRO A 13 -6.34 3.55 15.19
N ARG A 14 -7.15 3.24 14.24
CA ARG A 14 -6.71 2.54 13.09
C ARG A 14 -6.90 3.43 11.91
N ARG A 15 -5.96 3.45 11.04
CA ARG A 15 -5.96 4.42 9.98
C ARG A 15 -6.17 3.71 8.66
N ASN A 16 -6.12 4.44 7.57
CA ASN A 16 -6.40 3.87 6.26
C ASN A 16 -5.24 3.00 5.81
N THR A 17 -4.06 3.30 6.28
CA THR A 17 -2.91 2.52 5.92
C THR A 17 -2.26 1.82 7.11
N GLU A 18 -2.84 2.00 8.30
CA GLU A 18 -2.24 1.43 9.49
C GLU A 18 -3.24 0.72 10.36
N ILE A 19 -2.81 -0.38 10.90
CA ILE A 19 -3.62 -1.24 11.77
C ILE A 19 -2.71 -1.67 12.86
N LEU A 20 -3.24 -1.81 14.01
CA LEU A 20 -2.51 -2.22 15.15
C LEU A 20 -2.03 -3.63 15.02
N THR A 21 -0.86 -3.87 15.49
CA THR A 21 -0.31 -5.21 15.48
C THR A 21 -0.68 -5.93 16.77
N GLY A 22 -0.86 -5.15 17.81
CA GLY A 22 -1.21 -5.66 19.10
C GLY A 22 -2.70 -5.67 19.33
N SER A 23 -3.08 -6.17 20.47
CA SER A 23 -4.45 -6.30 20.85
C SER A 23 -4.76 -5.40 22.04
N TRP A 24 -5.60 -4.43 21.84
CA TRP A 24 -5.92 -3.46 22.87
C TRP A 24 -7.32 -3.69 23.30
N SER A 25 -7.49 -4.16 24.50
CA SER A 25 -8.81 -4.45 24.97
C SER A 25 -9.15 -3.56 26.14
N ASP A 26 -8.27 -2.66 26.47
CA ASP A 26 -8.53 -1.81 27.60
C ASP A 26 -8.98 -0.47 27.16
N GLN A 27 -8.79 0.50 28.01
CA GLN A 27 -8.99 1.87 27.66
C GLN A 27 -7.83 2.63 28.18
N THR A 28 -7.65 2.54 29.46
CA THR A 28 -6.63 3.23 30.13
C THR A 28 -5.29 2.51 30.00
N TYR A 29 -4.36 3.21 29.44
CA TYR A 29 -3.02 2.76 29.28
C TYR A 29 -2.08 3.81 29.80
N PRO A 30 -0.97 3.40 30.39
CA PRO A 30 0.00 4.30 30.97
C PRO A 30 0.68 5.13 29.89
N GLU A 31 0.97 6.38 30.21
CA GLU A 31 1.63 7.27 29.28
C GLU A 31 3.02 6.70 28.99
N GLY A 32 3.42 6.76 27.76
CA GLY A 32 4.68 6.20 27.39
C GLY A 32 4.51 4.86 26.70
N THR A 33 3.28 4.45 26.54
CA THR A 33 2.99 3.20 25.88
C THR A 33 2.94 3.35 24.38
N GLN A 34 3.85 2.66 23.72
CA GLN A 34 3.97 2.73 22.30
C GLN A 34 3.02 1.73 21.62
N ALA A 35 2.60 2.08 20.45
CA ALA A 35 1.72 1.28 19.66
C ALA A 35 2.40 0.98 18.36
N ILE A 36 2.42 -0.26 17.99
CA ILE A 36 3.05 -0.70 16.78
C ILE A 36 1.98 -0.90 15.72
N TYR A 37 2.21 -0.38 14.55
CA TYR A 37 1.28 -0.51 13.47
C TYR A 37 1.85 -1.29 12.30
N LYS A 38 0.98 -2.05 11.69
CA LYS A 38 1.26 -2.72 10.46
C LYS A 38 0.78 -1.82 9.37
N CYS A 39 1.49 -1.78 8.30
CA CYS A 39 1.17 -0.88 7.19
C CYS A 39 0.20 -1.50 6.21
N ARG A 40 -0.64 -2.39 6.70
CA ARG A 40 -1.57 -3.17 5.86
C ARG A 40 -0.79 -4.03 4.84
N PRO A 41 -1.45 -4.97 4.19
CA PRO A 41 -0.84 -5.68 3.11
C PRO A 41 -0.84 -4.80 1.85
N GLY A 42 0.35 -4.48 1.36
CA GLY A 42 0.44 -3.69 0.15
C GLY A 42 1.20 -2.41 0.35
N TYR A 43 1.28 -1.94 1.55
CA TYR A 43 2.03 -0.75 1.82
C TYR A 43 3.34 -1.12 2.45
N ARG A 44 4.13 -0.15 2.74
CA ARG A 44 5.42 -0.33 3.34
C ARG A 44 5.79 0.94 4.07
N SER A 45 6.96 0.98 4.58
CA SER A 45 7.51 2.12 5.21
C SER A 45 8.96 1.78 5.47
N LEU A 46 9.75 2.74 5.84
CA LEU A 46 11.15 2.50 6.12
C LEU A 46 11.32 2.11 7.59
N GLY A 47 10.22 1.77 8.19
CA GLY A 47 10.14 1.31 9.54
C GLY A 47 8.71 0.94 9.80
N ASN A 48 8.26 1.14 10.99
CA ASN A 48 6.87 0.92 11.32
C ASN A 48 6.34 2.16 11.93
N VAL A 49 5.06 2.41 11.75
CA VAL A 49 4.44 3.53 12.38
C VAL A 49 4.29 3.23 13.85
N ILE A 50 5.17 3.78 14.61
CA ILE A 50 5.14 3.58 16.01
C ILE A 50 4.53 4.80 16.64
N MET A 51 3.45 4.60 17.30
CA MET A 51 2.79 5.65 18.02
C MET A 51 3.02 5.45 19.48
N VAL A 52 2.57 6.36 20.29
CA VAL A 52 2.76 6.23 21.71
C VAL A 52 1.78 7.13 22.46
N CYS A 53 1.33 6.66 23.57
CA CYS A 53 0.45 7.36 24.46
C CYS A 53 1.21 8.50 25.11
N ARG A 54 0.74 9.72 24.94
CA ARG A 54 1.37 10.86 25.53
C ARG A 54 0.34 11.95 25.81
N LYS A 55 0.27 12.39 27.07
CA LYS A 55 -0.65 13.44 27.56
C LYS A 55 -2.11 13.07 27.39
N GLY A 56 -2.37 11.80 27.30
CA GLY A 56 -3.71 11.34 27.19
C GLY A 56 -4.12 11.08 25.78
N GLU A 57 -3.31 11.48 24.83
CA GLU A 57 -3.62 11.20 23.45
C GLU A 57 -2.56 10.29 22.86
N TRP A 58 -2.92 9.60 21.83
CA TRP A 58 -1.98 8.79 21.14
C TRP A 58 -1.31 9.62 20.08
N VAL A 59 -0.03 9.78 20.22
CA VAL A 59 0.77 10.59 19.33
C VAL A 59 1.72 9.69 18.60
N ALA A 60 2.45 10.22 17.66
CA ALA A 60 3.38 9.43 16.93
C ALA A 60 4.75 9.48 17.59
N LEU A 61 5.30 8.31 17.88
CA LEU A 61 6.66 8.20 18.40
C LEU A 61 7.54 8.52 17.24
N ASN A 62 7.23 7.90 16.13
CA ASN A 62 7.94 8.14 14.91
C ASN A 62 7.05 8.88 13.92
N PRO A 63 7.02 10.22 13.95
CA PRO A 63 6.19 11.01 13.02
C PRO A 63 6.70 10.93 11.58
N LEU A 64 7.95 10.53 11.43
CA LEU A 64 8.56 10.37 10.13
C LEU A 64 8.16 9.05 9.51
N ARG A 65 7.61 8.18 10.32
CA ARG A 65 7.17 6.91 9.82
C ARG A 65 5.72 6.97 9.52
N LYS A 66 5.43 6.67 8.31
CA LYS A 66 4.11 6.63 7.80
C LYS A 66 4.09 5.54 6.78
N CYS A 67 2.97 4.96 6.59
CA CYS A 67 2.86 3.86 5.69
C CYS A 67 2.59 4.33 4.29
N GLN A 68 3.57 4.12 3.47
CA GLN A 68 3.60 4.56 2.10
C GLN A 68 3.43 3.38 1.20
N LYS A 69 3.28 3.59 -0.06
CA LYS A 69 3.09 2.50 -0.96
C LYS A 69 4.40 1.85 -1.33
N ARG A 70 4.31 0.64 -1.78
CA ARG A 70 5.45 -0.06 -2.28
C ARG A 70 5.48 0.14 -3.79
N PRO A 71 6.65 0.26 -4.39
CA PRO A 71 6.76 0.38 -5.83
C PRO A 71 6.47 -0.99 -6.48
N CYS A 72 6.21 -1.01 -7.75
CA CYS A 72 5.81 -2.27 -8.37
C CYS A 72 6.81 -2.76 -9.42
N GLY A 73 7.87 -2.02 -9.61
CA GLY A 73 8.85 -2.39 -10.58
C GLY A 73 8.38 -2.13 -11.99
N HIS A 74 9.12 -2.59 -12.93
CA HIS A 74 8.81 -2.39 -14.33
C HIS A 74 7.88 -3.50 -14.84
N PRO A 75 6.66 -3.16 -15.28
CA PRO A 75 5.69 -4.11 -15.77
C PRO A 75 5.83 -4.40 -17.25
N GLY A 76 6.40 -5.54 -17.55
CA GLY A 76 6.50 -5.98 -18.91
C GLY A 76 7.73 -5.50 -19.61
N ASP A 77 8.47 -6.42 -20.15
CA ASP A 77 9.68 -6.12 -20.93
C ASP A 77 9.30 -5.93 -22.40
N THR A 78 8.03 -5.69 -22.62
CA THR A 78 7.45 -5.55 -23.94
C THR A 78 8.07 -4.35 -24.71
N PRO A 79 8.42 -4.56 -25.99
CA PRO A 79 8.88 -3.49 -26.85
C PRO A 79 7.74 -2.89 -27.70
N PHE A 80 6.56 -3.47 -27.62
CA PHE A 80 5.42 -3.01 -28.43
C PHE A 80 4.32 -2.44 -27.54
N GLY A 81 4.17 -3.02 -26.38
CA GLY A 81 3.13 -2.62 -25.49
C GLY A 81 3.46 -1.41 -24.68
N THR A 82 2.52 -0.57 -24.56
CA THR A 82 2.61 0.62 -23.76
C THR A 82 1.54 0.55 -22.69
N PHE A 83 1.72 1.24 -21.62
CA PHE A 83 0.78 1.15 -20.53
C PHE A 83 0.31 2.51 -20.07
N THR A 84 -0.82 2.53 -19.42
CA THR A 84 -1.32 3.71 -18.77
C THR A 84 -1.19 3.47 -17.29
N LEU A 85 -1.36 4.48 -16.48
CA LEU A 85 -1.34 4.28 -15.07
C LEU A 85 -2.46 5.03 -14.43
N THR A 86 -3.25 4.34 -13.72
CA THR A 86 -4.36 4.92 -13.04
C THR A 86 -4.38 4.42 -11.61
N GLY A 87 -4.72 5.28 -10.69
CA GLY A 87 -4.71 4.91 -9.29
C GLY A 87 -3.34 5.09 -8.67
N GLY A 88 -2.48 5.81 -9.37
CA GLY A 88 -1.13 6.02 -8.89
C GLY A 88 -0.33 6.98 -9.75
N ASN A 89 -0.29 6.71 -11.07
CA ASN A 89 0.48 7.54 -12.08
C ASN A 89 1.95 7.23 -12.09
N VAL A 90 2.36 6.36 -11.20
CA VAL A 90 3.72 5.88 -11.08
C VAL A 90 3.62 4.44 -10.64
N PHE A 91 4.72 3.73 -10.56
CA PHE A 91 4.68 2.34 -10.13
C PHE A 91 4.54 2.28 -8.61
N GLU A 92 3.33 2.16 -8.16
CA GLU A 92 3.04 2.07 -6.76
C GLU A 92 1.81 1.19 -6.55
N TYR A 93 1.74 0.53 -5.40
CA TYR A 93 0.61 -0.33 -5.04
C TYR A 93 -0.75 0.29 -5.38
N GLY A 94 -1.57 -0.47 -6.06
CA GLY A 94 -2.88 -0.03 -6.42
C GLY A 94 -2.95 0.61 -7.78
N VAL A 95 -1.80 0.87 -8.40
CA VAL A 95 -1.81 1.46 -9.70
C VAL A 95 -2.19 0.41 -10.74
N LYS A 96 -3.00 0.79 -11.66
CA LYS A 96 -3.42 -0.06 -12.71
C LYS A 96 -2.71 0.35 -13.98
N ALA A 97 -1.97 -0.56 -14.53
CA ALA A 97 -1.27 -0.35 -15.76
C ALA A 97 -2.07 -0.97 -16.87
N VAL A 98 -2.83 -0.17 -17.61
CA VAL A 98 -3.59 -0.74 -18.69
C VAL A 98 -2.64 -0.94 -19.86
N TYR A 99 -2.74 -2.05 -20.50
CA TYR A 99 -1.82 -2.43 -21.54
C TYR A 99 -2.48 -2.22 -22.87
N THR A 100 -1.79 -1.54 -23.73
CA THR A 100 -2.27 -1.30 -25.04
C THR A 100 -1.08 -1.23 -25.98
N CYS A 101 -1.29 -1.62 -27.19
CA CYS A 101 -0.23 -1.59 -28.18
C CYS A 101 -0.63 -0.63 -29.27
N ASN A 102 -1.79 -0.84 -29.81
CA ASN A 102 -2.33 -0.01 -30.87
C ASN A 102 -3.80 0.10 -30.63
N GLU A 103 -4.51 0.71 -31.51
CA GLU A 103 -5.94 0.84 -31.38
C GLU A 103 -6.61 -0.38 -31.99
N GLY A 104 -6.17 -0.76 -33.15
CA GLY A 104 -6.70 -1.92 -33.82
C GLY A 104 -6.26 -3.20 -33.14
N TYR A 105 -5.06 -3.17 -32.60
CA TYR A 105 -4.52 -4.33 -31.92
C TYR A 105 -4.95 -4.35 -30.47
N GLN A 106 -5.66 -5.37 -30.14
CA GLN A 106 -6.08 -5.63 -28.83
C GLN A 106 -5.28 -6.82 -28.37
N LEU A 107 -5.73 -7.51 -27.39
CA LEU A 107 -4.90 -8.51 -26.81
C LEU A 107 -5.64 -9.75 -26.36
N LEU A 108 -4.90 -10.82 -26.32
CA LEU A 108 -5.39 -12.07 -25.85
C LEU A 108 -5.30 -12.09 -24.35
N GLY A 109 -6.31 -12.60 -23.77
CA GLY A 109 -6.47 -12.55 -22.34
C GLY A 109 -7.66 -11.70 -22.01
N GLU A 110 -8.21 -11.86 -20.85
CA GLU A 110 -9.43 -11.15 -20.51
C GLU A 110 -9.12 -9.85 -19.82
N ILE A 111 -7.92 -9.73 -19.34
CA ILE A 111 -7.53 -8.57 -18.61
C ILE A 111 -6.50 -7.80 -19.42
N ASN A 112 -6.90 -6.66 -19.95
CA ASN A 112 -6.02 -5.80 -20.74
C ASN A 112 -5.22 -4.87 -19.85
N TYR A 113 -5.06 -5.25 -18.62
CA TYR A 113 -4.42 -4.38 -17.67
C TYR A 113 -3.75 -5.20 -16.62
N ARG A 114 -3.08 -4.53 -15.75
CA ARG A 114 -2.38 -5.13 -14.65
C ARG A 114 -2.53 -4.22 -13.48
N GLU A 115 -2.96 -4.73 -12.39
CA GLU A 115 -3.08 -3.93 -11.21
C GLU A 115 -2.01 -4.30 -10.24
N CYS A 116 -1.42 -3.34 -9.62
CA CYS A 116 -0.40 -3.62 -8.68
C CYS A 116 -1.01 -4.01 -7.35
N ASP A 117 -1.11 -5.30 -7.13
CA ASP A 117 -1.64 -5.87 -5.92
C ASP A 117 -0.55 -5.81 -4.84
N THR A 118 -0.90 -6.21 -3.66
CA THR A 118 -0.06 -6.24 -2.49
C THR A 118 1.28 -6.91 -2.77
N ASP A 119 1.26 -8.00 -3.50
CA ASP A 119 2.47 -8.75 -3.77
C ASP A 119 3.13 -8.31 -5.05
N GLY A 120 2.34 -7.80 -5.96
CA GLY A 120 2.84 -7.40 -7.25
C GLY A 120 1.72 -7.28 -8.24
N TRP A 121 2.05 -7.12 -9.50
CA TRP A 121 1.05 -6.93 -10.55
C TRP A 121 0.18 -8.17 -10.73
N THR A 122 -1.08 -7.94 -10.97
CA THR A 122 -2.00 -8.97 -11.31
C THR A 122 -1.89 -9.17 -12.81
N ASN A 123 -1.81 -10.43 -13.23
CA ASN A 123 -1.63 -10.80 -14.66
C ASN A 123 -0.21 -10.50 -15.10
N ASP A 124 0.15 -10.92 -16.27
CA ASP A 124 1.50 -10.70 -16.72
C ASP A 124 1.56 -9.72 -17.89
N ILE A 125 1.72 -10.18 -19.08
CA ILE A 125 1.75 -9.34 -20.22
C ILE A 125 0.74 -9.87 -21.23
N PRO A 126 -0.46 -9.24 -21.33
CA PRO A 126 -1.47 -9.65 -22.30
C PRO A 126 -0.90 -9.54 -23.73
N ILE A 127 -1.20 -10.50 -24.55
CA ILE A 127 -0.55 -10.63 -25.85
C ILE A 127 -1.32 -9.86 -26.92
N CYS A 128 -0.72 -8.81 -27.47
CA CYS A 128 -1.35 -8.04 -28.53
C CYS A 128 -1.36 -8.80 -29.85
N GLU A 129 -2.55 -9.17 -30.26
CA GLU A 129 -2.81 -9.87 -31.51
C GLU A 129 -4.22 -9.52 -31.98
N ASP A 7 -1.57 8.44 31.11
CA ASP A 7 -2.23 7.21 30.77
C ASP A 7 -3.40 7.50 29.85
N CYS A 8 -3.41 6.82 28.75
CA CYS A 8 -4.43 6.99 27.75
C CYS A 8 -5.66 6.22 28.15
N ASN A 9 -6.80 6.86 28.08
CA ASN A 9 -8.08 6.22 28.42
C ASN A 9 -8.75 5.70 27.17
N GLU A 10 -8.01 5.65 26.11
CA GLU A 10 -8.50 5.22 24.84
C GLU A 10 -7.47 4.32 24.16
N LEU A 11 -7.92 3.56 23.21
CA LEU A 11 -7.09 2.70 22.41
C LEU A 11 -6.48 3.49 21.29
N PRO A 12 -5.36 3.03 20.72
CA PRO A 12 -4.76 3.68 19.58
C PRO A 12 -5.71 3.60 18.38
N PRO A 13 -5.91 4.71 17.68
CA PRO A 13 -6.84 4.77 16.56
C PRO A 13 -6.27 4.10 15.32
N ARG A 14 -7.11 3.76 14.38
CA ARG A 14 -6.63 3.24 13.15
C ARG A 14 -6.60 4.38 12.15
N ARG A 15 -5.65 4.34 11.27
CA ARG A 15 -5.42 5.45 10.40
C ARG A 15 -5.74 5.03 8.97
N ASN A 16 -5.71 5.96 8.05
CA ASN A 16 -6.06 5.69 6.65
C ASN A 16 -5.09 4.71 5.97
N THR A 17 -3.85 4.78 6.33
CA THR A 17 -2.87 3.89 5.75
C THR A 17 -2.22 2.98 6.81
N GLU A 18 -2.64 3.11 8.06
CA GLU A 18 -2.03 2.35 9.14
C GLU A 18 -3.09 1.68 10.01
N ILE A 19 -2.75 0.53 10.53
CA ILE A 19 -3.62 -0.29 11.39
C ILE A 19 -2.74 -0.92 12.40
N LEU A 20 -3.27 -1.27 13.49
CA LEU A 20 -2.54 -1.84 14.56
C LEU A 20 -2.10 -3.26 14.27
N THR A 21 -1.24 -3.74 15.12
CA THR A 21 -0.83 -5.09 15.14
C THR A 21 -1.13 -5.57 16.55
N GLY A 22 -1.51 -6.80 16.72
CA GLY A 22 -1.78 -7.27 18.05
C GLY A 22 -3.25 -7.37 18.32
N SER A 23 -3.63 -7.09 19.54
CA SER A 23 -5.00 -7.13 19.94
C SER A 23 -5.27 -5.95 20.84
N TRP A 24 -6.40 -5.29 20.66
CA TRP A 24 -6.75 -4.11 21.45
C TRP A 24 -8.22 -4.17 21.82
N SER A 25 -8.52 -4.15 23.10
CA SER A 25 -9.89 -4.22 23.57
C SER A 25 -10.05 -3.51 24.93
N ASP A 26 -9.17 -2.59 25.24
CA ASP A 26 -9.23 -1.91 26.54
C ASP A 26 -9.46 -0.43 26.39
N GLN A 27 -9.31 0.26 27.50
CA GLN A 27 -9.41 1.69 27.51
C GLN A 27 -8.11 2.28 27.98
N THR A 28 -7.79 2.03 29.21
CA THR A 28 -6.66 2.65 29.81
C THR A 28 -5.36 1.88 29.57
N TYR A 29 -4.39 2.60 29.09
CA TYR A 29 -3.07 2.12 28.84
C TYR A 29 -2.06 3.06 29.45
N PRO A 30 -1.00 2.51 30.05
CA PRO A 30 0.05 3.30 30.68
C PRO A 30 0.78 4.15 29.65
N GLU A 31 1.18 5.33 30.05
CA GLU A 31 1.87 6.23 29.17
C GLU A 31 3.21 5.61 28.79
N GLY A 32 3.59 5.76 27.56
CA GLY A 32 4.81 5.15 27.11
C GLY A 32 4.54 3.86 26.40
N THR A 33 3.28 3.55 26.20
CA THR A 33 2.92 2.36 25.48
C THR A 33 2.90 2.60 24.01
N GLN A 34 3.76 1.89 23.30
CA GLN A 34 3.87 2.05 21.89
C GLN A 34 2.90 1.16 21.15
N ALA A 35 2.44 1.66 20.06
CA ALA A 35 1.55 0.96 19.21
C ALA A 35 2.23 0.72 17.90
N ILE A 36 2.37 -0.52 17.55
CA ILE A 36 3.02 -0.89 16.32
C ILE A 36 1.98 -1.02 15.22
N TYR A 37 2.12 -0.25 14.20
CA TYR A 37 1.18 -0.27 13.12
C TYR A 37 1.70 -1.01 11.91
N LYS A 38 0.79 -1.72 11.29
CA LYS A 38 1.00 -2.35 10.04
C LYS A 38 0.63 -1.34 8.99
N CYS A 39 1.21 -1.47 7.86
CA CYS A 39 1.01 -0.53 6.77
C CYS A 39 -0.11 -0.93 5.87
N ARG A 40 -1.06 -1.69 6.40
CA ARG A 40 -2.17 -2.24 5.59
C ARG A 40 -1.62 -3.19 4.52
N PRO A 41 -2.46 -3.97 3.87
CA PRO A 41 -1.99 -4.77 2.78
C PRO A 41 -1.80 -3.92 1.51
N GLY A 42 -0.56 -3.54 1.24
CA GLY A 42 -0.29 -2.79 0.03
C GLY A 42 0.65 -1.62 0.23
N TYR A 43 0.81 -1.17 1.44
CA TYR A 43 1.66 -0.04 1.68
C TYR A 43 2.93 -0.47 2.40
N ARG A 44 3.86 0.44 2.55
CA ARG A 44 5.10 0.18 3.25
C ARG A 44 5.59 1.48 3.84
N SER A 45 6.75 1.45 4.43
CA SER A 45 7.41 2.59 4.97
C SER A 45 8.82 2.17 5.28
N LEU A 46 9.61 3.07 5.83
CA LEU A 46 11.01 2.82 6.14
C LEU A 46 11.14 2.22 7.55
N GLY A 47 10.02 1.80 8.06
CA GLY A 47 9.93 1.16 9.33
C GLY A 47 8.47 1.04 9.64
N ASN A 48 8.13 0.39 10.72
CA ASN A 48 6.72 0.33 11.10
C ASN A 48 6.34 1.62 11.76
N VAL A 49 5.13 2.03 11.57
CA VAL A 49 4.66 3.23 12.17
C VAL A 49 4.43 2.97 13.63
N ILE A 50 5.23 3.57 14.43
CA ILE A 50 5.16 3.37 15.82
C ILE A 50 4.56 4.59 16.46
N MET A 51 3.50 4.40 17.16
CA MET A 51 2.91 5.46 17.92
C MET A 51 3.08 5.14 19.36
N VAL A 52 2.74 6.02 20.22
CA VAL A 52 2.89 5.77 21.62
C VAL A 52 1.96 6.65 22.43
N CYS A 53 1.49 6.11 23.50
CA CYS A 53 0.64 6.77 24.45
C CYS A 53 1.43 7.84 25.19
N ARG A 54 0.94 9.06 25.17
CA ARG A 54 1.57 10.15 25.88
C ARG A 54 0.53 11.19 26.28
N LYS A 55 0.44 11.48 27.58
CA LYS A 55 -0.44 12.51 28.15
C LYS A 55 -1.90 12.23 27.92
N GLY A 56 -2.21 10.98 27.77
CA GLY A 56 -3.56 10.60 27.61
C GLY A 56 -3.94 10.39 26.19
N GLU A 57 -3.13 10.89 25.29
CA GLU A 57 -3.44 10.76 23.89
C GLU A 57 -2.38 9.93 23.18
N TRP A 58 -2.70 9.47 22.02
CA TRP A 58 -1.77 8.70 21.24
C TRP A 58 -1.09 9.60 20.23
N VAL A 59 0.21 9.62 20.28
CA VAL A 59 1.03 10.44 19.42
C VAL A 59 2.05 9.57 18.71
N ALA A 60 2.74 10.12 17.76
CA ALA A 60 3.70 9.38 16.99
C ALA A 60 5.07 9.32 17.68
N LEU A 61 5.54 8.09 17.89
CA LEU A 61 6.88 7.83 18.38
C LEU A 61 7.81 8.24 17.26
N ASN A 62 7.49 7.76 16.08
CA ASN A 62 8.22 8.09 14.88
C ASN A 62 7.36 8.99 14.03
N PRO A 63 7.49 10.31 14.21
CA PRO A 63 6.63 11.29 13.52
C PRO A 63 6.96 11.45 12.03
N LEU A 64 8.08 10.90 11.59
CA LEU A 64 8.43 10.99 10.18
C LEU A 64 7.88 9.78 9.44
N ARG A 65 7.57 8.73 10.16
CA ARG A 65 7.13 7.52 9.55
C ARG A 65 5.63 7.45 9.45
N LYS A 66 5.19 7.06 8.29
CA LYS A 66 3.81 6.77 8.01
C LYS A 66 3.85 5.77 6.89
N CYS A 67 2.77 5.14 6.62
CA CYS A 67 2.76 4.17 5.57
C CYS A 67 2.35 4.79 4.27
N GLN A 68 3.15 4.54 3.27
CA GLN A 68 2.97 5.08 1.93
C GLN A 68 2.95 3.95 0.93
N LYS A 69 2.55 4.22 -0.29
CA LYS A 69 2.40 3.19 -1.29
C LYS A 69 3.72 2.56 -1.65
N ARG A 70 3.74 1.26 -1.75
CA ARG A 70 4.94 0.57 -2.14
C ARG A 70 5.09 0.69 -3.64
N PRO A 71 6.33 0.75 -4.12
CA PRO A 71 6.59 0.78 -5.54
C PRO A 71 6.44 -0.62 -6.12
N CYS A 72 6.24 -0.71 -7.39
CA CYS A 72 5.97 -1.98 -8.01
C CYS A 72 7.03 -2.34 -9.02
N GLY A 73 8.07 -1.56 -9.04
CA GLY A 73 9.18 -1.83 -9.90
C GLY A 73 8.94 -1.42 -11.32
N HIS A 74 8.33 -2.30 -12.07
CA HIS A 74 8.06 -2.10 -13.47
C HIS A 74 7.08 -3.23 -13.84
N PRO A 75 6.14 -3.05 -14.79
CA PRO A 75 5.20 -4.15 -15.21
C PRO A 75 5.90 -5.20 -16.06
N GLY A 76 7.00 -5.72 -15.54
CA GLY A 76 7.83 -6.62 -16.28
C GLY A 76 8.69 -5.80 -17.16
N ASP A 77 8.24 -5.66 -18.37
CA ASP A 77 8.79 -4.76 -19.37
C ASP A 77 8.16 -5.10 -20.68
N THR A 78 7.61 -4.12 -21.31
CA THR A 78 7.02 -4.35 -22.58
C THR A 78 7.68 -3.48 -23.64
N PRO A 79 8.32 -4.10 -24.63
CA PRO A 79 8.91 -3.39 -25.73
C PRO A 79 7.88 -3.13 -26.83
N PHE A 80 6.65 -3.54 -26.59
CA PHE A 80 5.58 -3.39 -27.56
C PHE A 80 4.52 -2.44 -27.05
N GLY A 81 3.98 -2.75 -25.88
CA GLY A 81 2.86 -2.02 -25.35
C GLY A 81 3.19 -0.65 -24.83
N THR A 82 2.23 0.23 -24.92
CA THR A 82 2.38 1.58 -24.43
C THR A 82 1.89 1.66 -23.00
N PHE A 83 0.65 1.25 -22.83
CA PHE A 83 -0.04 1.08 -21.55
C PHE A 83 -0.37 2.39 -20.84
N THR A 84 -1.48 2.39 -20.16
CA THR A 84 -1.91 3.53 -19.44
C THR A 84 -1.97 3.23 -17.95
N LEU A 85 -1.72 4.23 -17.14
CA LEU A 85 -1.73 4.07 -15.71
C LEU A 85 -2.92 4.77 -15.13
N THR A 86 -3.56 4.13 -14.22
CA THR A 86 -4.65 4.72 -13.51
C THR A 86 -4.51 4.32 -12.04
N GLY A 87 -4.77 5.27 -11.15
CA GLY A 87 -4.62 5.02 -9.73
C GLY A 87 -3.41 5.76 -9.19
N GLY A 88 -2.49 5.99 -10.09
CA GLY A 88 -1.27 6.70 -9.81
C GLY A 88 -0.50 6.81 -11.08
N ASN A 89 0.48 7.67 -11.13
CA ASN A 89 1.25 7.81 -12.35
C ASN A 89 2.72 7.56 -12.07
N VAL A 90 2.97 6.37 -11.58
CA VAL A 90 4.29 5.78 -11.35
C VAL A 90 4.00 4.35 -11.07
N PHE A 91 4.96 3.56 -10.79
CA PHE A 91 4.67 2.19 -10.50
C PHE A 91 4.49 2.04 -9.01
N GLU A 92 3.29 2.33 -8.57
CA GLU A 92 2.94 2.31 -7.17
C GLU A 92 1.71 1.45 -6.96
N TYR A 93 1.54 0.97 -5.75
CA TYR A 93 0.39 0.16 -5.40
C TYR A 93 -0.92 0.90 -5.64
N GLY A 94 -1.74 0.30 -6.45
CA GLY A 94 -3.01 0.87 -6.80
C GLY A 94 -3.05 1.19 -8.26
N VAL A 95 -1.88 1.26 -8.85
CA VAL A 95 -1.75 1.52 -10.24
C VAL A 95 -2.17 0.34 -11.08
N LYS A 96 -3.00 0.64 -12.03
CA LYS A 96 -3.38 -0.29 -13.02
C LYS A 96 -2.63 0.05 -14.25
N ALA A 97 -1.85 -0.86 -14.73
CA ALA A 97 -1.20 -0.68 -15.97
C ALA A 97 -2.05 -1.37 -16.99
N VAL A 98 -2.91 -0.61 -17.58
CA VAL A 98 -3.77 -1.10 -18.60
C VAL A 98 -3.01 -1.19 -19.89
N TYR A 99 -2.76 -2.39 -20.26
CA TYR A 99 -1.88 -2.72 -21.32
C TYR A 99 -2.57 -2.56 -22.64
N THR A 100 -2.23 -1.50 -23.29
CA THR A 100 -2.80 -1.15 -24.54
C THR A 100 -2.27 -2.00 -25.64
N CYS A 101 -1.02 -2.27 -25.53
CA CYS A 101 -0.26 -2.97 -26.53
C CYS A 101 -0.03 -2.04 -27.72
N ASN A 102 -0.89 -2.11 -28.69
CA ASN A 102 -0.84 -1.28 -29.87
C ASN A 102 -2.24 -0.84 -30.15
N GLU A 103 -2.43 -0.17 -31.23
CA GLU A 103 -3.73 0.23 -31.62
C GLU A 103 -4.41 -0.90 -32.38
N GLY A 104 -3.65 -1.53 -33.24
CA GLY A 104 -4.16 -2.64 -34.01
C GLY A 104 -4.10 -3.97 -33.26
N TYR A 105 -3.21 -4.04 -32.30
CA TYR A 105 -3.04 -5.27 -31.53
C TYR A 105 -3.39 -5.05 -30.08
N GLN A 106 -4.23 -5.90 -29.56
CA GLN A 106 -4.48 -5.95 -28.15
C GLN A 106 -3.89 -7.25 -27.69
N LEU A 107 -4.45 -7.83 -26.71
CA LEU A 107 -3.97 -9.00 -26.17
C LEU A 107 -4.94 -10.16 -26.30
N LEU A 108 -4.43 -11.32 -26.04
CA LEU A 108 -5.21 -12.51 -25.90
C LEU A 108 -5.44 -12.75 -24.45
N GLY A 109 -6.62 -12.49 -24.02
CA GLY A 109 -6.98 -12.67 -22.66
C GLY A 109 -8.09 -11.77 -22.28
N GLU A 110 -8.67 -12.03 -21.15
CA GLU A 110 -9.79 -11.25 -20.67
C GLU A 110 -9.26 -10.05 -19.94
N ILE A 111 -8.09 -10.22 -19.42
CA ILE A 111 -7.45 -9.21 -18.65
C ILE A 111 -6.47 -8.45 -19.52
N ASN A 112 -6.83 -7.23 -19.81
CA ASN A 112 -6.07 -6.33 -20.67
C ASN A 112 -5.21 -5.41 -19.85
N TYR A 113 -4.89 -5.83 -18.67
CA TYR A 113 -4.19 -4.98 -17.73
C TYR A 113 -3.50 -5.80 -16.70
N ARG A 114 -2.81 -5.11 -15.84
CA ARG A 114 -2.28 -5.65 -14.65
C ARG A 114 -2.23 -4.57 -13.61
N GLU A 115 -2.76 -4.86 -12.46
CA GLU A 115 -2.76 -3.92 -11.38
C GLU A 115 -1.67 -4.28 -10.41
N CYS A 116 -1.25 -3.34 -9.65
CA CYS A 116 -0.26 -3.62 -8.66
C CYS A 116 -0.93 -3.97 -7.34
N ASP A 117 -0.61 -5.15 -6.85
CA ASP A 117 -1.12 -5.68 -5.61
C ASP A 117 -0.03 -5.51 -4.55
N THR A 118 -0.21 -6.13 -3.42
CA THR A 118 0.68 -6.07 -2.31
C THR A 118 1.94 -6.87 -2.65
N ASP A 119 1.70 -7.94 -3.34
CA ASP A 119 2.72 -8.85 -3.80
C ASP A 119 3.49 -8.23 -4.93
N GLY A 120 2.78 -7.77 -5.90
CA GLY A 120 3.37 -7.20 -7.06
C GLY A 120 2.32 -7.04 -8.10
N TRP A 121 2.69 -7.11 -9.35
CA TRP A 121 1.71 -6.96 -10.39
C TRP A 121 0.85 -8.20 -10.48
N THR A 122 -0.41 -8.00 -10.66
CA THR A 122 -1.36 -9.06 -10.74
C THR A 122 -1.36 -9.65 -12.14
N ASN A 123 -1.99 -10.78 -12.27
CA ASN A 123 -2.28 -11.41 -13.53
C ASN A 123 -1.01 -11.83 -14.26
N ASP A 124 -0.73 -11.17 -15.35
CA ASP A 124 0.36 -11.49 -16.20
C ASP A 124 0.52 -10.35 -17.14
N ILE A 125 1.45 -10.44 -18.03
CA ILE A 125 1.62 -9.44 -19.04
C ILE A 125 0.86 -9.93 -20.26
N PRO A 126 -0.35 -9.35 -20.53
CA PRO A 126 -1.22 -9.78 -21.62
C PRO A 126 -0.47 -9.93 -22.93
N ILE A 127 -0.64 -11.08 -23.51
CA ILE A 127 0.06 -11.46 -24.73
C ILE A 127 -0.53 -10.75 -25.93
N CYS A 128 0.27 -9.89 -26.53
CA CYS A 128 -0.12 -9.14 -27.69
C CYS A 128 -0.46 -10.02 -28.89
N GLU A 129 -1.68 -9.85 -29.33
CA GLU A 129 -2.27 -10.52 -30.46
C GLU A 129 -3.52 -9.77 -30.82
N ASP A 7 0.03 7.32 32.28
CA ASP A 7 -0.77 6.15 31.86
C ASP A 7 -1.89 6.57 30.94
N CYS A 8 -2.06 5.83 29.88
CA CYS A 8 -3.05 6.06 28.87
C CYS A 8 -4.40 5.87 29.49
N ASN A 9 -5.34 6.68 29.16
CA ASN A 9 -6.69 6.51 29.66
C ASN A 9 -7.63 6.26 28.52
N GLU A 10 -7.07 5.87 27.39
CA GLU A 10 -7.80 5.61 26.19
C GLU A 10 -6.98 4.67 25.31
N LEU A 11 -7.64 4.01 24.40
CA LEU A 11 -6.99 3.15 23.41
C LEU A 11 -6.43 4.02 22.30
N PRO A 12 -5.37 3.54 21.60
CA PRO A 12 -4.76 4.28 20.50
C PRO A 12 -5.81 4.66 19.45
N PRO A 13 -5.86 5.96 19.07
CA PRO A 13 -6.83 6.44 18.10
C PRO A 13 -6.64 5.76 16.76
N ARG A 14 -7.71 5.14 16.30
CA ARG A 14 -7.68 4.40 15.07
C ARG A 14 -7.51 5.33 13.90
N ARG A 15 -6.87 4.83 12.87
CA ARG A 15 -6.48 5.68 11.80
C ARG A 15 -7.27 5.35 10.55
N ASN A 16 -7.02 6.08 9.49
CA ASN A 16 -7.70 5.85 8.21
C ASN A 16 -7.00 4.73 7.48
N THR A 17 -5.73 4.91 7.22
CA THR A 17 -4.95 3.93 6.53
C THR A 17 -4.20 3.03 7.51
N GLU A 18 -4.21 3.37 8.77
CA GLU A 18 -3.50 2.58 9.73
C GLU A 18 -4.42 1.81 10.62
N ILE A 19 -4.02 0.61 10.93
CA ILE A 19 -4.78 -0.28 11.79
C ILE A 19 -3.80 -0.81 12.76
N LEU A 20 -4.27 -1.12 13.91
CA LEU A 20 -3.45 -1.65 14.93
C LEU A 20 -3.00 -3.05 14.61
N THR A 21 -1.78 -3.32 14.92
CA THR A 21 -1.19 -4.61 14.68
C THR A 21 -1.47 -5.54 15.85
N GLY A 22 -1.50 -4.96 17.03
CA GLY A 22 -1.74 -5.70 18.23
C GLY A 22 -3.18 -5.70 18.65
N SER A 23 -3.50 -6.55 19.56
CA SER A 23 -4.82 -6.67 20.10
C SER A 23 -4.82 -6.06 21.49
N TRP A 24 -5.61 -5.04 21.67
CA TRP A 24 -5.62 -4.30 22.90
C TRP A 24 -6.78 -4.74 23.76
N SER A 25 -6.74 -4.45 25.03
CA SER A 25 -7.80 -4.90 25.92
C SER A 25 -8.39 -3.81 26.81
N ASP A 26 -7.64 -2.77 27.07
CA ASP A 26 -8.06 -1.81 28.09
C ASP A 26 -7.84 -0.43 27.61
N GLN A 27 -8.48 0.52 28.23
CA GLN A 27 -8.24 1.89 27.89
C GLN A 27 -7.03 2.39 28.64
N THR A 28 -6.79 1.84 29.79
CA THR A 28 -5.70 2.29 30.56
C THR A 28 -4.45 1.39 30.39
N TYR A 29 -3.48 1.94 29.71
CA TYR A 29 -2.20 1.31 29.44
C TYR A 29 -1.09 2.11 30.08
N PRO A 30 0.06 1.50 30.35
CA PRO A 30 1.19 2.22 30.92
C PRO A 30 1.80 3.17 29.89
N GLU A 31 2.41 4.23 30.37
CA GLU A 31 2.99 5.22 29.50
C GLU A 31 4.21 4.62 28.79
N GLY A 32 4.51 5.10 27.62
CA GLY A 32 5.63 4.59 26.88
C GLY A 32 5.25 3.42 26.04
N THR A 33 3.97 3.15 25.98
CA THR A 33 3.49 2.07 25.17
C THR A 33 3.33 2.51 23.74
N GLN A 34 4.03 1.83 22.85
CA GLN A 34 4.00 2.16 21.48
C GLN A 34 2.92 1.38 20.77
N ALA A 35 2.35 1.99 19.80
CA ALA A 35 1.34 1.40 19.00
C ALA A 35 1.88 1.30 17.59
N ILE A 36 1.99 0.10 17.14
CA ILE A 36 2.51 -0.17 15.83
C ILE A 36 1.35 -0.20 14.85
N TYR A 37 1.50 0.51 13.78
CA TYR A 37 0.47 0.56 12.79
C TYR A 37 0.77 -0.27 11.56
N LYS A 38 -0.26 -0.92 11.10
CA LYS A 38 -0.25 -1.89 10.03
C LYS A 38 -0.11 -1.28 8.64
N CYS A 39 -0.60 -0.07 8.48
CA CYS A 39 -0.59 0.66 7.18
C CYS A 39 -1.55 0.10 6.13
N ARG A 40 -2.33 -0.94 6.48
CA ARG A 40 -3.31 -1.58 5.53
C ARG A 40 -2.62 -2.44 4.47
N PRO A 41 -3.34 -3.48 3.98
CA PRO A 41 -2.83 -4.35 2.93
C PRO A 41 -2.56 -3.61 1.62
N GLY A 42 -1.30 -3.46 1.30
CA GLY A 42 -0.94 -2.83 0.05
C GLY A 42 -0.02 -1.66 0.25
N TYR A 43 0.05 -1.16 1.43
CA TYR A 43 0.90 -0.05 1.71
C TYR A 43 2.21 -0.53 2.33
N ARG A 44 3.14 0.37 2.39
CA ARG A 44 4.41 0.13 3.02
C ARG A 44 4.69 1.33 3.89
N SER A 45 5.82 1.35 4.49
CA SER A 45 6.23 2.45 5.28
C SER A 45 7.73 2.42 5.34
N LEU A 46 8.32 3.29 6.09
CA LEU A 46 9.75 3.33 6.23
C LEU A 46 10.15 2.76 7.59
N GLY A 47 9.21 2.06 8.22
CA GLY A 47 9.49 1.43 9.50
C GLY A 47 8.27 1.37 10.39
N ASN A 48 7.09 1.30 9.76
CA ASN A 48 5.77 1.33 10.42
C ASN A 48 5.48 2.68 11.06
N VAL A 49 4.24 3.07 11.02
CA VAL A 49 3.84 4.26 11.73
C VAL A 49 3.74 3.87 13.19
N ILE A 50 4.57 4.47 13.99
CA ILE A 50 4.62 4.13 15.37
C ILE A 50 4.12 5.27 16.20
N MET A 51 3.16 5.00 17.00
CA MET A 51 2.67 5.95 17.95
C MET A 51 3.08 5.50 19.31
N VAL A 52 2.95 6.31 20.28
CA VAL A 52 3.30 5.92 21.62
C VAL A 52 2.53 6.75 22.62
N CYS A 53 2.26 6.18 23.73
CA CYS A 53 1.53 6.80 24.77
C CYS A 53 2.46 7.66 25.62
N ARG A 54 2.07 8.88 25.80
CA ARG A 54 2.81 9.86 26.54
C ARG A 54 1.79 10.72 27.25
N LYS A 55 1.92 10.84 28.57
CA LYS A 55 1.08 11.72 29.41
C LYS A 55 -0.41 11.38 29.31
N GLY A 56 -0.70 10.13 29.07
CA GLY A 56 -2.06 9.70 29.03
C GLY A 56 -2.63 9.69 27.65
N GLU A 57 -1.98 10.40 26.75
CA GLU A 57 -2.46 10.45 25.39
C GLU A 57 -1.54 9.69 24.46
N TRP A 58 -1.99 9.46 23.28
CA TRP A 58 -1.24 8.74 22.30
C TRP A 58 -0.77 9.71 21.31
N VAL A 59 0.50 9.76 21.15
CA VAL A 59 1.09 10.68 20.29
C VAL A 59 1.97 9.96 19.36
N ALA A 60 2.71 10.68 18.70
CA ALA A 60 3.48 10.19 17.66
C ALA A 60 4.92 9.94 18.06
N LEU A 61 5.27 8.67 18.11
CA LEU A 61 6.64 8.24 18.31
C LEU A 61 7.35 8.57 17.03
N ASN A 62 6.80 8.09 15.95
CA ASN A 62 7.37 8.32 14.67
C ASN A 62 6.40 8.99 13.71
N PRO A 63 6.22 10.33 13.83
CA PRO A 63 5.35 11.09 12.92
C PRO A 63 6.00 11.26 11.54
N LEU A 64 7.30 10.96 11.50
CA LEU A 64 8.08 11.01 10.28
C LEU A 64 7.61 9.92 9.34
N ARG A 65 7.13 8.84 9.94
CA ARG A 65 6.73 7.68 9.19
C ARG A 65 5.34 7.88 8.64
N LYS A 66 5.15 7.37 7.47
CA LYS A 66 3.90 7.47 6.78
C LYS A 66 3.69 6.16 6.06
N CYS A 67 2.49 5.86 5.74
CA CYS A 67 2.19 4.69 5.01
C CYS A 67 2.13 5.04 3.53
N GLN A 68 3.14 4.63 2.83
CA GLN A 68 3.26 4.89 1.40
C GLN A 68 2.71 3.71 0.67
N LYS A 69 2.37 3.87 -0.56
CA LYS A 69 1.95 2.74 -1.35
C LYS A 69 3.19 1.97 -1.70
N ARG A 70 3.11 0.67 -1.80
CA ARG A 70 4.29 -0.09 -2.11
C ARG A 70 4.59 0.00 -3.60
N PRO A 71 5.88 0.12 -3.94
CA PRO A 71 6.29 0.14 -5.33
C PRO A 71 6.13 -1.25 -5.95
N CYS A 72 5.79 -1.30 -7.19
CA CYS A 72 5.49 -2.57 -7.83
C CYS A 72 6.61 -3.02 -8.73
N GLY A 73 7.49 -2.11 -9.04
CA GLY A 73 8.57 -2.42 -9.90
C GLY A 73 8.16 -2.52 -11.34
N HIS A 74 9.05 -3.04 -12.11
CA HIS A 74 8.89 -3.20 -13.54
C HIS A 74 7.81 -4.27 -13.83
N PRO A 75 6.72 -3.88 -14.53
CA PRO A 75 5.59 -4.80 -14.84
C PRO A 75 5.89 -5.68 -16.02
N GLY A 76 6.99 -5.42 -16.63
CA GLY A 76 7.36 -6.14 -17.79
C GLY A 76 7.34 -5.24 -18.97
N ASP A 77 8.35 -5.34 -19.75
CA ASP A 77 8.55 -4.49 -20.90
C ASP A 77 7.99 -5.13 -22.14
N THR A 78 8.03 -4.40 -23.20
CA THR A 78 7.53 -4.85 -24.44
C THR A 78 8.10 -3.97 -25.55
N PRO A 79 8.71 -4.56 -26.57
CA PRO A 79 9.21 -3.81 -27.71
C PRO A 79 8.14 -3.65 -28.80
N PHE A 80 6.99 -4.28 -28.57
CA PHE A 80 5.89 -4.22 -29.52
C PHE A 80 4.77 -3.33 -29.02
N GLY A 81 4.38 -3.51 -27.78
CA GLY A 81 3.25 -2.79 -27.28
C GLY A 81 3.63 -1.66 -26.38
N THR A 82 2.65 -1.08 -25.77
CA THR A 82 2.84 0.03 -24.87
C THR A 82 1.77 -0.11 -23.78
N PHE A 83 1.88 0.61 -22.71
CA PHE A 83 0.91 0.54 -21.67
C PHE A 83 0.69 1.90 -21.06
N THR A 84 -0.44 2.07 -20.45
CA THR A 84 -0.78 3.29 -19.83
C THR A 84 -1.03 3.07 -18.34
N LEU A 85 -0.84 4.10 -17.55
CA LEU A 85 -1.03 3.99 -16.12
C LEU A 85 -2.17 4.85 -15.66
N THR A 86 -3.01 4.29 -14.85
CA THR A 86 -4.09 5.01 -14.25
C THR A 86 -4.04 4.81 -12.75
N GLY A 87 -4.47 5.81 -12.01
CA GLY A 87 -4.54 5.70 -10.57
C GLY A 87 -3.23 6.07 -9.92
N GLY A 88 -2.23 5.28 -10.15
CA GLY A 88 -0.96 5.51 -9.53
C GLY A 88 -0.09 6.48 -10.29
N ASN A 89 -0.06 6.33 -11.63
CA ASN A 89 0.76 7.18 -12.55
C ASN A 89 2.27 6.82 -12.49
N VAL A 90 2.57 5.91 -11.61
CA VAL A 90 3.90 5.35 -11.41
C VAL A 90 3.67 3.92 -11.00
N PHE A 91 4.70 3.17 -10.74
CA PHE A 91 4.50 1.78 -10.40
C PHE A 91 4.30 1.63 -8.89
N GLU A 92 3.08 1.92 -8.46
CA GLU A 92 2.71 1.88 -7.06
C GLU A 92 1.40 1.11 -6.89
N TYR A 93 1.21 0.48 -5.74
CA TYR A 93 -0.03 -0.25 -5.40
C TYR A 93 -1.27 0.57 -5.76
N GLY A 94 -2.12 -0.03 -6.59
CA GLY A 94 -3.33 0.63 -7.02
C GLY A 94 -3.28 1.06 -8.48
N VAL A 95 -2.09 1.09 -9.06
CA VAL A 95 -1.94 1.51 -10.43
C VAL A 95 -2.34 0.38 -11.38
N LYS A 96 -2.89 0.73 -12.51
CA LYS A 96 -3.20 -0.24 -13.54
C LYS A 96 -2.33 0.05 -14.72
N ALA A 97 -1.63 -0.93 -15.20
CA ALA A 97 -0.85 -0.81 -16.38
C ALA A 97 -1.61 -1.45 -17.52
N VAL A 98 -2.43 -0.66 -18.15
CA VAL A 98 -3.28 -1.10 -19.23
C VAL A 98 -2.51 -1.16 -20.53
N TYR A 99 -2.52 -2.31 -21.14
CA TYR A 99 -1.65 -2.61 -22.25
C TYR A 99 -2.41 -2.54 -23.56
N THR A 100 -1.73 -2.02 -24.53
CA THR A 100 -2.23 -1.92 -25.86
C THR A 100 -1.06 -2.33 -26.75
N CYS A 101 -1.29 -2.67 -27.98
CA CYS A 101 -0.18 -3.07 -28.79
C CYS A 101 -0.32 -2.53 -30.20
N ASN A 102 -1.20 -3.12 -30.96
CA ASN A 102 -1.42 -2.74 -32.35
C ASN A 102 -2.89 -2.81 -32.63
N GLU A 103 -3.28 -2.55 -33.84
CA GLU A 103 -4.66 -2.70 -34.24
C GLU A 103 -4.76 -3.99 -35.02
N GLY A 104 -5.92 -4.61 -35.01
CA GLY A 104 -6.11 -5.87 -35.71
C GLY A 104 -5.97 -7.03 -34.75
N TYR A 105 -4.96 -6.92 -33.92
CA TYR A 105 -4.70 -7.87 -32.90
C TYR A 105 -4.19 -7.07 -31.73
N GLN A 106 -4.71 -7.34 -30.59
CA GLN A 106 -4.36 -6.55 -29.46
C GLN A 106 -3.42 -7.30 -28.56
N LEU A 107 -3.90 -8.41 -28.06
CA LEU A 107 -3.18 -9.25 -27.14
C LEU A 107 -4.04 -10.43 -26.78
N LEU A 108 -3.42 -11.48 -26.35
CA LEU A 108 -4.14 -12.60 -25.84
C LEU A 108 -4.18 -12.54 -24.35
N GLY A 109 -5.33 -12.72 -23.83
CA GLY A 109 -5.54 -12.65 -22.43
C GLY A 109 -6.77 -11.85 -22.15
N GLU A 110 -7.47 -12.18 -21.10
CA GLU A 110 -8.67 -11.46 -20.75
C GLU A 110 -8.30 -10.25 -19.95
N ILE A 111 -7.13 -10.29 -19.41
CA ILE A 111 -6.64 -9.23 -18.65
C ILE A 111 -5.63 -8.47 -19.50
N ASN A 112 -6.13 -7.47 -20.18
CA ASN A 112 -5.37 -6.60 -21.10
C ASN A 112 -4.65 -5.51 -20.32
N TYR A 113 -4.31 -5.81 -19.10
CA TYR A 113 -3.72 -4.88 -18.21
C TYR A 113 -3.06 -5.65 -17.10
N ARG A 114 -2.47 -4.93 -16.20
CA ARG A 114 -1.83 -5.47 -15.03
C ARG A 114 -2.10 -4.52 -13.91
N GLU A 115 -2.71 -4.98 -12.88
CA GLU A 115 -3.02 -4.13 -11.75
C GLU A 115 -2.06 -4.40 -10.63
N CYS A 116 -1.64 -3.41 -9.93
CA CYS A 116 -0.74 -3.64 -8.86
C CYS A 116 -1.48 -3.85 -7.56
N ASP A 117 -1.38 -5.05 -7.08
CA ASP A 117 -2.01 -5.51 -5.87
C ASP A 117 -0.94 -5.51 -4.75
N THR A 118 -1.22 -6.17 -3.65
CA THR A 118 -0.36 -6.27 -2.51
C THR A 118 0.92 -7.04 -2.86
N ASP A 119 0.75 -8.12 -3.60
CA ASP A 119 1.87 -8.92 -4.09
C ASP A 119 2.65 -8.15 -5.13
N GLY A 120 1.93 -7.49 -5.96
CA GLY A 120 2.51 -6.78 -7.05
C GLY A 120 1.57 -6.83 -8.21
N TRP A 121 2.09 -6.96 -9.38
CA TRP A 121 1.29 -6.94 -10.58
C TRP A 121 0.46 -8.20 -10.72
N THR A 122 -0.79 -8.03 -10.99
CA THR A 122 -1.67 -9.10 -11.27
C THR A 122 -1.53 -9.44 -12.74
N ASN A 123 -1.32 -10.71 -13.05
CA ASN A 123 -1.17 -11.20 -14.41
C ASN A 123 0.20 -10.84 -14.97
N ASP A 124 0.52 -11.46 -16.06
CA ASP A 124 1.79 -11.23 -16.69
C ASP A 124 1.56 -10.24 -17.83
N ILE A 125 2.57 -10.00 -18.61
CA ILE A 125 2.52 -9.09 -19.73
C ILE A 125 1.68 -9.75 -20.81
N PRO A 126 0.53 -9.15 -21.17
CA PRO A 126 -0.32 -9.71 -22.20
C PRO A 126 0.40 -9.74 -23.54
N ILE A 127 0.38 -10.89 -24.14
CA ILE A 127 1.12 -11.18 -25.36
C ILE A 127 0.40 -10.62 -26.57
N CYS A 128 1.09 -9.77 -27.34
CA CYS A 128 0.53 -9.23 -28.58
C CYS A 128 0.36 -10.38 -29.57
N GLU A 129 -0.85 -10.76 -29.84
CA GLU A 129 -1.11 -11.88 -30.67
C GLU A 129 -2.57 -11.80 -31.03
N ASP A 7 -0.95 7.67 31.20
CA ASP A 7 -1.58 6.47 30.77
C ASP A 7 -2.84 6.82 30.01
N CYS A 8 -2.92 6.30 28.84
CA CYS A 8 -4.02 6.55 27.97
C CYS A 8 -5.18 5.73 28.41
N ASN A 9 -6.29 6.37 28.66
CA ASN A 9 -7.50 5.71 29.15
C ASN A 9 -8.41 5.39 27.97
N GLU A 10 -7.81 5.35 26.82
CA GLU A 10 -8.50 5.15 25.58
C GLU A 10 -7.61 4.35 24.65
N LEU A 11 -8.24 3.69 23.72
CA LEU A 11 -7.59 2.89 22.72
C LEU A 11 -6.99 3.75 21.62
N PRO A 12 -5.90 3.28 20.99
CA PRO A 12 -5.31 3.95 19.85
C PRO A 12 -6.26 3.82 18.65
N PRO A 13 -6.40 4.88 17.86
CA PRO A 13 -7.34 4.91 16.73
C PRO A 13 -6.95 3.99 15.57
N ARG A 14 -7.94 3.59 14.81
CA ARG A 14 -7.72 2.85 13.61
C ARG A 14 -7.73 3.82 12.47
N ARG A 15 -6.79 3.69 11.59
CA ARG A 15 -6.62 4.64 10.53
C ARG A 15 -7.00 4.03 9.21
N ASN A 16 -7.45 4.85 8.30
CA ASN A 16 -7.87 4.42 6.97
C ASN A 16 -6.69 3.86 6.19
N THR A 17 -5.54 4.39 6.46
CA THR A 17 -4.35 3.93 5.84
C THR A 17 -3.51 3.01 6.74
N GLU A 18 -3.79 3.00 8.04
CA GLU A 18 -2.99 2.20 8.95
C GLU A 18 -3.84 1.41 9.92
N ILE A 19 -3.48 0.18 10.12
CA ILE A 19 -4.23 -0.73 10.99
C ILE A 19 -3.31 -1.06 12.15
N LEU A 20 -3.82 -1.48 13.25
CA LEU A 20 -2.99 -1.83 14.38
C LEU A 20 -2.66 -3.30 14.41
N THR A 21 -1.45 -3.61 14.80
CA THR A 21 -1.04 -4.98 14.99
C THR A 21 -1.16 -5.27 16.47
N GLY A 22 -1.40 -6.51 16.82
CA GLY A 22 -1.56 -6.84 18.19
C GLY A 22 -3.02 -6.88 18.56
N SER A 23 -3.32 -6.68 19.80
CA SER A 23 -4.67 -6.71 20.25
C SER A 23 -4.93 -5.52 21.13
N TRP A 24 -5.78 -4.64 20.69
CA TRP A 24 -6.08 -3.46 21.43
C TRP A 24 -7.56 -3.39 21.71
N SER A 25 -7.95 -3.79 22.88
CA SER A 25 -9.33 -3.68 23.31
C SER A 25 -9.41 -3.11 24.73
N ASP A 26 -8.25 -2.84 25.32
CA ASP A 26 -8.19 -2.35 26.69
C ASP A 26 -8.21 -0.85 26.71
N GLN A 27 -8.74 -0.29 27.75
CA GLN A 27 -8.83 1.14 27.82
C GLN A 27 -7.55 1.76 28.30
N THR A 28 -7.03 1.29 29.39
CA THR A 28 -5.89 1.94 29.97
C THR A 28 -4.56 1.32 29.58
N TYR A 29 -3.87 2.02 28.74
CA TYR A 29 -2.56 1.65 28.34
C TYR A 29 -1.56 2.58 28.96
N PRO A 30 -0.53 2.01 29.59
CA PRO A 30 0.50 2.78 30.30
C PRO A 30 1.23 3.77 29.38
N GLU A 31 1.69 4.86 29.96
CA GLU A 31 2.42 5.86 29.23
C GLU A 31 3.71 5.23 28.71
N GLY A 32 3.99 5.44 27.46
CA GLY A 32 5.15 4.84 26.87
C GLY A 32 4.80 3.63 26.05
N THR A 33 3.52 3.40 25.88
CA THR A 33 3.08 2.26 25.11
C THR A 33 3.00 2.58 23.64
N GLN A 34 3.84 1.93 22.87
CA GLN A 34 3.90 2.15 21.49
C GLN A 34 2.96 1.24 20.72
N ALA A 35 2.28 1.83 19.79
CA ALA A 35 1.35 1.15 18.95
C ALA A 35 1.98 0.98 17.59
N ILE A 36 2.08 -0.23 17.17
CA ILE A 36 2.72 -0.55 15.92
C ILE A 36 1.68 -0.71 14.84
N TYR A 37 1.71 0.19 13.89
CA TYR A 37 0.80 0.13 12.81
C TYR A 37 1.25 -0.79 11.70
N LYS A 38 0.29 -1.54 11.24
CA LYS A 38 0.37 -2.52 10.18
C LYS A 38 0.66 -1.83 8.86
N CYS A 39 0.21 -0.58 8.77
CA CYS A 39 0.46 0.28 7.60
C CYS A 39 -0.38 -0.16 6.37
N ARG A 40 -1.11 -1.29 6.52
CA ARG A 40 -1.90 -1.92 5.43
C ARG A 40 -0.98 -2.58 4.39
N PRO A 41 -1.37 -3.76 3.90
CA PRO A 41 -0.57 -4.45 2.92
C PRO A 41 -0.61 -3.71 1.58
N GLY A 42 0.54 -3.32 1.12
CA GLY A 42 0.63 -2.56 -0.10
C GLY A 42 1.21 -1.22 0.17
N TYR A 43 1.15 -0.82 1.39
CA TYR A 43 1.77 0.39 1.79
C TYR A 43 3.07 0.04 2.48
N ARG A 44 3.85 1.04 2.75
CA ARG A 44 5.07 0.87 3.47
C ARG A 44 5.42 2.18 4.08
N SER A 45 6.36 2.15 4.92
CA SER A 45 6.82 3.31 5.53
C SER A 45 8.31 3.18 5.70
N LEU A 46 8.94 4.15 6.30
CA LEU A 46 10.38 4.12 6.53
C LEU A 46 10.73 3.33 7.80
N GLY A 47 9.81 2.50 8.18
CA GLY A 47 9.93 1.61 9.30
C GLY A 47 8.57 1.05 9.54
N ASN A 48 7.88 1.65 10.44
CA ASN A 48 6.48 1.38 10.73
C ASN A 48 5.95 2.65 11.32
N VAL A 49 4.68 2.92 11.15
CA VAL A 49 4.10 4.06 11.81
C VAL A 49 3.90 3.68 13.26
N ILE A 50 4.73 4.22 14.09
CA ILE A 50 4.70 3.92 15.47
C ILE A 50 4.10 5.07 16.22
N MET A 51 3.05 4.82 16.90
CA MET A 51 2.47 5.80 17.77
C MET A 51 2.76 5.39 19.16
N VAL A 52 2.60 6.25 20.08
CA VAL A 52 2.87 5.90 21.44
C VAL A 52 1.99 6.70 22.38
N CYS A 53 1.63 6.08 23.44
CA CYS A 53 0.86 6.67 24.48
C CYS A 53 1.76 7.62 25.26
N ARG A 54 1.40 8.87 25.31
CA ARG A 54 2.20 9.83 26.02
C ARG A 54 1.28 10.88 26.60
N LYS A 55 1.34 11.06 27.92
CA LYS A 55 0.56 12.08 28.65
C LYS A 55 -0.92 11.82 28.59
N GLY A 56 -1.27 10.59 28.37
CA GLY A 56 -2.64 10.20 28.37
C GLY A 56 -3.25 10.25 27.00
N GLU A 57 -2.48 10.67 26.02
CA GLU A 57 -2.99 10.66 24.68
C GLU A 57 -2.05 9.97 23.73
N TRP A 58 -2.61 9.43 22.69
CA TRP A 58 -1.84 8.76 21.68
C TRP A 58 -1.31 9.74 20.68
N VAL A 59 -0.01 9.76 20.56
CA VAL A 59 0.69 10.64 19.65
C VAL A 59 1.67 9.83 18.85
N ALA A 60 2.30 10.43 17.89
CA ALA A 60 3.26 9.73 17.07
C ALA A 60 4.61 9.67 17.76
N LEU A 61 5.11 8.46 17.94
CA LEU A 61 6.43 8.21 18.52
C LEU A 61 7.47 8.77 17.59
N ASN A 62 7.21 8.58 16.32
CA ASN A 62 8.06 9.06 15.29
C ASN A 62 7.18 9.58 14.19
N PRO A 63 7.00 10.90 14.12
CA PRO A 63 6.13 11.53 13.11
C PRO A 63 6.78 11.59 11.74
N LEU A 64 8.02 11.14 11.68
CA LEU A 64 8.79 11.15 10.47
C LEU A 64 8.60 9.85 9.74
N ARG A 65 7.92 8.96 10.39
CA ARG A 65 7.51 7.75 9.76
C ARG A 65 6.09 7.88 9.32
N LYS A 66 5.90 7.68 8.06
CA LYS A 66 4.62 7.87 7.42
C LYS A 66 4.43 6.78 6.39
N CYS A 67 3.21 6.37 6.20
CA CYS A 67 2.91 5.35 5.25
C CYS A 67 2.68 5.92 3.87
N GLN A 68 3.36 5.35 2.94
CA GLN A 68 3.25 5.66 1.54
C GLN A 68 3.05 4.35 0.81
N LYS A 69 2.71 4.36 -0.43
CA LYS A 69 2.49 3.11 -1.13
C LYS A 69 3.80 2.52 -1.60
N ARG A 70 3.89 1.20 -1.57
CA ARG A 70 5.11 0.49 -1.96
C ARG A 70 5.37 0.65 -3.45
N PRO A 71 6.63 0.49 -3.89
CA PRO A 71 6.95 0.46 -5.30
C PRO A 71 6.59 -0.92 -5.88
N CYS A 72 6.46 -0.99 -7.18
CA CYS A 72 6.09 -2.25 -7.81
C CYS A 72 7.07 -2.61 -8.91
N GLY A 73 8.06 -1.77 -9.10
CA GLY A 73 9.08 -2.03 -10.08
C GLY A 73 8.60 -1.79 -11.50
N HIS A 74 8.22 -2.85 -12.17
CA HIS A 74 7.80 -2.78 -13.54
C HIS A 74 6.87 -3.99 -13.77
N PRO A 75 5.72 -3.81 -14.46
CA PRO A 75 4.72 -4.91 -14.67
C PRO A 75 5.09 -5.84 -15.80
N GLY A 76 6.30 -5.73 -16.23
CA GLY A 76 6.72 -6.42 -17.39
C GLY A 76 6.30 -5.66 -18.61
N ASP A 77 6.37 -6.28 -19.73
CA ASP A 77 6.00 -5.63 -20.96
C ASP A 77 5.60 -6.68 -21.95
N THR A 78 5.10 -6.22 -23.03
CA THR A 78 4.71 -7.04 -24.11
C THR A 78 5.31 -6.35 -25.34
N PRO A 79 6.18 -7.05 -26.10
CA PRO A 79 6.97 -6.47 -27.19
C PRO A 79 6.16 -5.64 -28.19
N PHE A 80 5.01 -6.13 -28.59
CA PHE A 80 4.21 -5.43 -29.57
C PHE A 80 3.08 -4.64 -28.91
N GLY A 81 3.29 -4.26 -27.66
CA GLY A 81 2.30 -3.52 -26.97
C GLY A 81 2.87 -2.45 -26.07
N THR A 82 2.00 -1.68 -25.50
CA THR A 82 2.35 -0.57 -24.67
C THR A 82 1.45 -0.63 -23.43
N PHE A 83 1.76 0.14 -22.41
CA PHE A 83 0.88 0.18 -21.28
C PHE A 83 0.83 1.59 -20.73
N THR A 84 -0.23 1.87 -20.06
CA THR A 84 -0.45 3.11 -19.40
C THR A 84 -0.74 2.86 -17.94
N LEU A 85 -0.76 3.89 -17.14
CA LEU A 85 -1.02 3.74 -15.74
C LEU A 85 -2.19 4.58 -15.30
N THR A 86 -2.67 4.27 -14.14
CA THR A 86 -3.71 4.97 -13.49
C THR A 86 -3.62 4.54 -12.03
N GLY A 87 -3.96 5.41 -11.11
CA GLY A 87 -3.90 5.07 -9.71
C GLY A 87 -2.56 5.39 -9.09
N GLY A 88 -1.84 6.28 -9.72
CA GLY A 88 -0.55 6.69 -9.23
C GLY A 88 0.24 7.30 -10.33
N ASN A 89 0.45 6.50 -11.37
CA ASN A 89 1.10 6.91 -12.62
C ASN A 89 2.55 6.86 -12.46
N VAL A 90 2.88 5.89 -11.70
CA VAL A 90 4.17 5.54 -11.39
C VAL A 90 4.06 4.11 -11.01
N PHE A 91 4.99 3.64 -10.38
CA PHE A 91 4.99 2.24 -10.04
C PHE A 91 4.87 2.04 -8.57
N GLU A 92 3.64 2.06 -8.13
CA GLU A 92 3.30 1.90 -6.75
C GLU A 92 2.02 1.11 -6.64
N TYR A 93 1.77 0.60 -5.45
CA TYR A 93 0.57 -0.14 -5.13
C TYR A 93 -0.68 0.60 -5.56
N GLY A 94 -1.55 -0.12 -6.23
CA GLY A 94 -2.78 0.45 -6.64
C GLY A 94 -2.77 0.90 -8.08
N VAL A 95 -1.60 0.99 -8.72
CA VAL A 95 -1.62 1.39 -10.11
C VAL A 95 -2.05 0.25 -10.99
N LYS A 96 -2.74 0.60 -12.01
CA LYS A 96 -3.20 -0.33 -12.97
C LYS A 96 -2.41 -0.12 -14.22
N ALA A 97 -1.70 -1.12 -14.64
CA ALA A 97 -0.98 -1.06 -15.88
C ALA A 97 -1.90 -1.54 -16.97
N VAL A 98 -2.50 -0.62 -17.67
CA VAL A 98 -3.46 -0.93 -18.72
C VAL A 98 -2.71 -1.02 -20.03
N TYR A 99 -2.83 -2.14 -20.65
CA TYR A 99 -2.14 -2.42 -21.86
C TYR A 99 -3.01 -2.14 -23.06
N THR A 100 -2.36 -1.62 -24.05
CA THR A 100 -2.94 -1.38 -25.31
C THR A 100 -1.78 -1.61 -26.24
N CYS A 101 -2.01 -2.23 -27.31
CA CYS A 101 -0.89 -2.66 -28.07
C CYS A 101 -0.50 -1.70 -29.18
N ASN A 102 -1.12 -1.87 -30.33
CA ASN A 102 -0.79 -1.08 -31.51
C ASN A 102 -2.04 -0.94 -32.32
N GLU A 103 -1.88 -0.38 -33.50
CA GLU A 103 -2.96 -0.12 -34.45
C GLU A 103 -3.84 -1.34 -34.69
N GLY A 104 -3.22 -2.42 -35.06
CA GLY A 104 -3.96 -3.63 -35.37
C GLY A 104 -3.73 -4.72 -34.35
N TYR A 105 -3.14 -4.37 -33.26
CA TYR A 105 -2.86 -5.35 -32.23
C TYR A 105 -3.62 -5.11 -30.97
N GLN A 106 -4.27 -6.15 -30.52
CA GLN A 106 -4.75 -6.23 -29.18
C GLN A 106 -3.94 -7.30 -28.58
N LEU A 107 -4.39 -7.87 -27.54
CA LEU A 107 -3.65 -8.72 -26.85
C LEU A 107 -4.53 -9.89 -26.42
N LEU A 108 -3.92 -11.02 -26.25
CA LEU A 108 -4.65 -12.23 -25.91
C LEU A 108 -5.03 -12.22 -24.45
N GLY A 109 -6.28 -12.03 -24.24
CA GLY A 109 -6.82 -12.00 -22.92
C GLY A 109 -7.77 -10.85 -22.79
N GLU A 110 -8.86 -11.08 -22.08
CA GLU A 110 -9.88 -10.06 -21.88
C GLU A 110 -9.46 -9.07 -20.84
N ILE A 111 -8.36 -9.34 -20.24
CA ILE A 111 -7.86 -8.55 -19.20
C ILE A 111 -6.65 -7.84 -19.74
N ASN A 112 -6.89 -6.67 -20.28
CA ASN A 112 -5.85 -5.89 -20.92
C ASN A 112 -5.12 -5.04 -19.90
N TYR A 113 -4.83 -5.62 -18.78
CA TYR A 113 -4.19 -4.88 -17.71
C TYR A 113 -3.68 -5.82 -16.66
N ARG A 114 -2.99 -5.25 -15.72
CA ARG A 114 -2.59 -5.91 -14.53
C ARG A 114 -2.35 -4.84 -13.47
N GLU A 115 -2.85 -5.07 -12.30
CA GLU A 115 -2.77 -4.09 -11.22
C GLU A 115 -1.69 -4.48 -10.24
N CYS A 116 -1.20 -3.55 -9.48
CA CYS A 116 -0.25 -3.89 -8.46
C CYS A 116 -0.95 -4.10 -7.14
N ASP A 117 -0.70 -5.24 -6.55
CA ASP A 117 -1.30 -5.63 -5.28
C ASP A 117 -0.25 -5.37 -4.17
N THR A 118 -0.37 -6.07 -3.08
CA THR A 118 0.41 -5.87 -1.88
C THR A 118 1.88 -6.19 -2.04
N ASP A 119 2.16 -7.04 -2.97
CA ASP A 119 3.52 -7.44 -3.20
C ASP A 119 3.89 -7.32 -4.65
N GLY A 120 2.99 -7.77 -5.49
CA GLY A 120 3.31 -7.81 -6.89
C GLY A 120 2.13 -7.52 -7.75
N TRP A 121 2.30 -7.68 -9.02
CA TRP A 121 1.27 -7.39 -9.98
C TRP A 121 0.36 -8.57 -10.14
N THR A 122 -0.90 -8.28 -10.29
CA THR A 122 -1.90 -9.28 -10.47
C THR A 122 -1.88 -9.76 -11.91
N ASN A 123 -2.62 -10.82 -12.20
CA ASN A 123 -2.82 -11.32 -13.55
C ASN A 123 -1.47 -11.74 -14.13
N ASP A 124 -1.36 -11.72 -15.41
CA ASP A 124 -0.12 -12.04 -16.06
C ASP A 124 0.00 -11.11 -17.23
N ILE A 125 1.06 -11.18 -17.97
CA ILE A 125 1.28 -10.26 -19.07
C ILE A 125 0.55 -10.68 -20.35
N PRO A 126 -0.45 -9.89 -20.80
CA PRO A 126 -1.17 -10.13 -22.04
C PRO A 126 -0.24 -9.93 -23.27
N ILE A 127 -0.20 -10.92 -24.11
CA ILE A 127 0.64 -10.92 -25.29
C ILE A 127 -0.09 -10.26 -26.45
N CYS A 128 0.55 -9.31 -27.09
CA CYS A 128 -0.05 -8.63 -28.20
C CYS A 128 0.09 -9.45 -29.47
N GLU A 129 -1.03 -9.95 -29.94
CA GLU A 129 -1.13 -10.83 -31.07
C GLU A 129 -2.28 -10.40 -31.97
N ASP A 7 -1.64 8.00 31.21
CA ASP A 7 -2.26 6.77 30.76
C ASP A 7 -3.37 7.05 29.78
N CYS A 8 -3.44 6.23 28.79
CA CYS A 8 -4.40 6.36 27.74
C CYS A 8 -5.74 5.99 28.27
N ASN A 9 -6.75 6.73 27.91
CA ASN A 9 -8.11 6.39 28.29
C ASN A 9 -8.89 6.10 27.04
N GLU A 10 -8.17 5.59 26.05
CA GLU A 10 -8.71 5.23 24.77
C GLU A 10 -7.68 4.34 24.05
N LEU A 11 -8.15 3.57 23.09
CA LEU A 11 -7.31 2.76 22.23
C LEU A 11 -6.72 3.62 21.14
N PRO A 12 -5.55 3.24 20.59
CA PRO A 12 -4.90 3.99 19.52
C PRO A 12 -5.84 4.20 18.33
N PRO A 13 -5.96 5.43 17.85
CA PRO A 13 -6.89 5.77 16.79
C PRO A 13 -6.46 5.15 15.46
N ARG A 14 -7.36 4.40 14.83
CA ARG A 14 -7.02 3.73 13.59
C ARG A 14 -6.64 4.75 12.56
N ARG A 15 -5.59 4.45 11.89
CA ARG A 15 -4.98 5.41 10.99
C ARG A 15 -5.62 5.34 9.63
N ASN A 16 -5.23 6.23 8.77
CA ASN A 16 -5.72 6.26 7.41
C ASN A 16 -5.12 5.13 6.60
N THR A 17 -3.84 4.91 6.74
CA THR A 17 -3.18 3.89 5.99
C THR A 17 -2.49 2.87 6.87
N GLU A 18 -2.89 2.81 8.14
CA GLU A 18 -2.25 1.90 9.08
C GLU A 18 -3.26 1.21 9.97
N ILE A 19 -2.93 0.00 10.38
CA ILE A 19 -3.79 -0.82 11.25
C ILE A 19 -2.92 -1.36 12.34
N LEU A 20 -3.49 -1.66 13.43
CA LEU A 20 -2.77 -2.12 14.57
C LEU A 20 -2.33 -3.56 14.45
N THR A 21 -1.19 -3.85 15.03
CA THR A 21 -0.73 -5.22 15.13
C THR A 21 -0.71 -5.60 16.59
N GLY A 22 -1.54 -6.53 16.94
CA GLY A 22 -1.66 -6.94 18.30
C GLY A 22 -3.07 -7.26 18.62
N SER A 23 -3.41 -7.16 19.87
CA SER A 23 -4.76 -7.41 20.30
C SER A 23 -5.14 -6.36 21.33
N TRP A 24 -5.84 -5.35 20.87
CA TRP A 24 -6.22 -4.26 21.71
C TRP A 24 -7.61 -4.51 22.23
N SER A 25 -7.67 -5.01 23.41
CA SER A 25 -8.91 -5.40 24.03
C SER A 25 -9.32 -4.43 25.12
N ASP A 26 -8.54 -3.40 25.34
CA ASP A 26 -8.76 -2.54 26.49
C ASP A 26 -9.06 -1.13 26.11
N GLN A 27 -9.06 -0.25 27.09
CA GLN A 27 -9.30 1.15 26.85
C GLN A 27 -8.21 1.95 27.53
N THR A 28 -7.88 1.58 28.74
CA THR A 28 -6.86 2.27 29.44
C THR A 28 -5.54 1.51 29.32
N TYR A 29 -4.49 2.23 28.99
CA TYR A 29 -3.17 1.67 28.80
C TYR A 29 -2.14 2.59 29.41
N PRO A 30 -0.98 2.07 29.80
CA PRO A 30 0.09 2.88 30.37
C PRO A 30 0.68 3.87 29.36
N GLU A 31 1.17 4.97 29.86
CA GLU A 31 1.82 5.96 29.03
C GLU A 31 3.16 5.37 28.57
N GLY A 32 3.60 5.73 27.39
CA GLY A 32 4.84 5.19 26.87
C GLY A 32 4.60 3.98 25.99
N THR A 33 3.38 3.49 26.01
CA THR A 33 3.00 2.33 25.23
C THR A 33 3.02 2.66 23.76
N GLN A 34 3.89 2.00 23.06
CA GLN A 34 4.01 2.16 21.67
C GLN A 34 3.16 1.10 20.94
N ALA A 35 2.33 1.58 20.11
CA ALA A 35 1.45 0.83 19.29
C ALA A 35 2.13 0.62 17.99
N ILE A 36 2.29 -0.61 17.62
CA ILE A 36 2.94 -0.93 16.40
C ILE A 36 1.91 -1.10 15.30
N TYR A 37 2.01 -0.28 14.32
CA TYR A 37 1.11 -0.32 13.21
C TYR A 37 1.64 -1.09 12.05
N LYS A 38 0.73 -1.75 11.41
CA LYS A 38 0.95 -2.38 10.17
C LYS A 38 0.62 -1.32 9.16
N CYS A 39 1.45 -1.15 8.21
CA CYS A 39 1.31 -0.10 7.22
C CYS A 39 0.31 -0.57 6.12
N ARG A 40 -0.75 -1.30 6.54
CA ARG A 40 -1.77 -1.88 5.64
C ARG A 40 -1.20 -2.87 4.62
N PRO A 41 -2.00 -3.80 4.14
CA PRO A 41 -1.60 -4.69 3.10
C PRO A 41 -1.46 -3.92 1.78
N GLY A 42 -0.26 -3.45 1.51
CA GLY A 42 -0.01 -2.76 0.28
C GLY A 42 0.85 -1.53 0.45
N TYR A 43 0.90 -1.00 1.62
CA TYR A 43 1.74 0.17 1.81
C TYR A 43 3.03 -0.22 2.51
N ARG A 44 3.95 0.69 2.53
CA ARG A 44 5.21 0.51 3.21
C ARG A 44 5.68 1.87 3.64
N SER A 45 6.75 1.91 4.34
CA SER A 45 7.32 3.13 4.77
C SER A 45 8.76 2.86 5.11
N LEU A 46 9.35 3.77 5.78
CA LEU A 46 10.73 3.70 6.19
C LEU A 46 10.84 2.78 7.41
N GLY A 47 9.71 2.48 7.98
CA GLY A 47 9.60 1.61 9.09
C GLY A 47 8.17 1.52 9.49
N ASN A 48 7.86 0.65 10.42
CA ASN A 48 6.49 0.53 10.93
C ASN A 48 6.11 1.80 11.66
N VAL A 49 4.90 2.25 11.45
CA VAL A 49 4.40 3.44 12.11
C VAL A 49 4.18 3.10 13.59
N ILE A 50 4.81 3.86 14.44
CA ILE A 50 4.74 3.59 15.86
C ILE A 50 4.08 4.76 16.58
N MET A 51 3.04 4.46 17.33
CA MET A 51 2.31 5.50 18.07
C MET A 51 2.27 5.17 19.45
N VAL A 52 2.53 6.12 20.22
CA VAL A 52 2.76 5.88 21.57
C VAL A 52 1.92 6.81 22.39
N CYS A 53 1.56 6.34 23.51
CA CYS A 53 0.72 7.05 24.39
C CYS A 53 1.55 8.02 25.21
N ARG A 54 1.15 9.26 25.24
CA ARG A 54 1.83 10.28 25.98
C ARG A 54 0.84 11.35 26.35
N LYS A 55 0.69 11.60 27.65
CA LYS A 55 -0.23 12.60 28.19
C LYS A 55 -1.67 12.24 27.89
N GLY A 56 -1.93 10.96 27.84
CA GLY A 56 -3.26 10.46 27.62
C GLY A 56 -3.63 10.32 26.17
N GLU A 57 -2.89 10.98 25.30
CA GLU A 57 -3.18 10.89 23.89
C GLU A 57 -2.21 9.95 23.19
N TRP A 58 -2.56 9.58 22.00
CA TRP A 58 -1.78 8.68 21.22
C TRP A 58 -1.12 9.47 20.18
N VAL A 59 0.14 9.51 20.25
CA VAL A 59 0.89 10.31 19.42
C VAL A 59 1.93 9.51 18.75
N ALA A 60 2.80 10.15 18.19
CA ALA A 60 3.78 9.56 17.37
C ALA A 60 5.10 9.38 18.10
N LEU A 61 5.63 8.15 18.05
CA LEU A 61 6.96 7.88 18.60
C LEU A 61 7.92 8.33 17.56
N ASN A 62 7.68 7.75 16.39
CA ASN A 62 8.45 7.99 15.24
C ASN A 62 7.64 8.84 14.30
N PRO A 63 7.80 10.17 14.34
CA PRO A 63 7.04 11.08 13.49
C PRO A 63 7.48 11.03 12.03
N LEU A 64 8.58 10.35 11.76
CA LEU A 64 9.13 10.23 10.41
C LEU A 64 8.54 9.01 9.72
N ARG A 65 7.36 8.63 10.13
CA ARG A 65 6.69 7.51 9.56
C ARG A 65 5.34 7.93 9.03
N LYS A 66 5.01 7.38 7.91
CA LYS A 66 3.74 7.60 7.24
C LYS A 66 3.66 6.56 6.17
N CYS A 67 2.51 6.06 5.90
CA CYS A 67 2.39 5.03 4.90
C CYS A 67 2.45 5.54 3.49
N GLN A 68 3.34 4.94 2.75
CA GLN A 68 3.58 5.28 1.38
C GLN A 68 3.31 4.05 0.55
N LYS A 69 2.95 4.22 -0.70
CA LYS A 69 2.68 3.09 -1.55
C LYS A 69 3.97 2.37 -1.90
N ARG A 70 3.93 1.05 -1.83
CA ARG A 70 5.09 0.27 -2.20
C ARG A 70 5.18 0.20 -3.71
N PRO A 71 6.39 0.19 -4.26
CA PRO A 71 6.58 0.12 -5.71
C PRO A 71 6.31 -1.28 -6.27
N CYS A 72 6.18 -1.36 -7.56
CA CYS A 72 5.94 -2.62 -8.25
C CYS A 72 7.05 -2.92 -9.22
N GLY A 73 8.07 -2.09 -9.15
CA GLY A 73 9.25 -2.26 -9.96
C GLY A 73 9.01 -1.86 -11.38
N HIS A 74 8.73 -2.83 -12.19
CA HIS A 74 8.48 -2.64 -13.58
C HIS A 74 7.52 -3.76 -13.96
N PRO A 75 6.49 -3.49 -14.78
CA PRO A 75 5.49 -4.50 -15.17
C PRO A 75 6.01 -5.45 -16.24
N GLY A 76 7.13 -6.05 -15.96
CA GLY A 76 7.75 -6.95 -16.87
C GLY A 76 8.40 -6.19 -17.97
N ASP A 77 8.35 -6.73 -19.14
CA ASP A 77 8.88 -6.11 -20.30
C ASP A 77 8.13 -6.64 -21.49
N THR A 78 8.07 -5.88 -22.52
CA THR A 78 7.38 -6.28 -23.69
C THR A 78 8.07 -5.59 -24.87
N PRO A 79 8.33 -6.31 -25.97
CA PRO A 79 8.99 -5.72 -27.16
C PRO A 79 8.16 -4.53 -27.65
N PHE A 80 6.95 -4.80 -28.00
CA PHE A 80 6.03 -3.81 -28.40
C PHE A 80 4.83 -3.95 -27.50
N GLY A 81 4.11 -2.90 -27.32
CA GLY A 81 2.99 -2.91 -26.44
C GLY A 81 3.05 -1.73 -25.52
N THR A 82 1.92 -1.24 -25.09
CA THR A 82 1.89 -0.06 -24.27
C THR A 82 0.77 -0.20 -23.27
N PHE A 83 0.85 0.53 -22.21
CA PHE A 83 -0.13 0.51 -21.17
C PHE A 83 -0.30 1.90 -20.61
N THR A 84 -1.38 2.13 -19.94
CA THR A 84 -1.65 3.37 -19.28
C THR A 84 -1.90 3.10 -17.82
N LEU A 85 -1.52 4.00 -16.96
CA LEU A 85 -1.65 3.81 -15.54
C LEU A 85 -2.80 4.63 -15.00
N THR A 86 -3.36 4.20 -13.92
CA THR A 86 -4.39 4.92 -13.24
C THR A 86 -4.28 4.61 -11.75
N GLY A 87 -4.44 5.61 -10.92
CA GLY A 87 -4.29 5.44 -9.49
C GLY A 87 -2.94 5.93 -9.05
N GLY A 88 -2.10 6.17 -10.02
CA GLY A 88 -0.78 6.65 -9.84
C GLY A 88 -0.17 6.82 -11.20
N ASN A 89 0.98 7.44 -11.27
CA ASN A 89 1.64 7.67 -12.55
C ASN A 89 2.89 6.82 -12.63
N VAL A 90 3.02 5.93 -11.71
CA VAL A 90 4.17 5.09 -11.64
C VAL A 90 3.72 3.73 -11.25
N PHE A 91 4.62 2.96 -10.91
CA PHE A 91 4.41 1.58 -10.56
C PHE A 91 4.36 1.49 -9.05
N GLU A 92 3.19 1.72 -8.52
CA GLU A 92 2.96 1.75 -7.10
C GLU A 92 1.69 0.99 -6.76
N TYR A 93 1.62 0.45 -5.57
CA TYR A 93 0.44 -0.24 -5.08
C TYR A 93 -0.85 0.56 -5.31
N GLY A 94 -1.79 -0.05 -5.98
CA GLY A 94 -3.03 0.61 -6.26
C GLY A 94 -3.11 1.11 -7.68
N VAL A 95 -2.00 1.10 -8.40
CA VAL A 95 -2.02 1.55 -9.78
C VAL A 95 -2.48 0.41 -10.69
N LYS A 96 -3.20 0.75 -11.72
CA LYS A 96 -3.62 -0.21 -12.70
C LYS A 96 -2.91 0.06 -14.00
N ALA A 97 -2.26 -0.94 -14.53
CA ALA A 97 -1.63 -0.84 -15.81
C ALA A 97 -2.56 -1.42 -16.85
N VAL A 98 -3.33 -0.55 -17.47
CA VAL A 98 -4.25 -0.94 -18.51
C VAL A 98 -3.47 -1.08 -19.80
N TYR A 99 -3.38 -2.26 -20.30
CA TYR A 99 -2.59 -2.54 -21.46
C TYR A 99 -3.44 -2.24 -22.67
N THR A 100 -2.88 -1.55 -23.60
CA THR A 100 -3.65 -1.09 -24.72
C THR A 100 -2.89 -1.12 -26.05
N CYS A 101 -1.62 -0.99 -25.94
CA CYS A 101 -0.70 -1.03 -27.08
C CYS A 101 -0.77 0.14 -28.03
N ASN A 102 -1.47 -0.03 -29.13
CA ASN A 102 -1.42 0.91 -30.23
C ASN A 102 -2.76 0.91 -30.93
N GLU A 103 -2.78 1.35 -32.16
CA GLU A 103 -4.00 1.45 -32.94
C GLU A 103 -4.45 0.07 -33.42
N GLY A 104 -3.60 -0.60 -34.13
CA GLY A 104 -3.93 -1.89 -34.69
C GLY A 104 -3.52 -3.04 -33.79
N TYR A 105 -3.02 -2.73 -32.62
CA TYR A 105 -2.58 -3.72 -31.66
C TYR A 105 -3.39 -3.61 -30.41
N GLN A 106 -3.85 -4.74 -29.90
CA GLN A 106 -4.56 -4.78 -28.65
C GLN A 106 -3.91 -5.81 -27.75
N LEU A 107 -4.49 -7.02 -27.66
CA LEU A 107 -3.96 -8.06 -26.78
C LEU A 107 -4.74 -9.38 -26.80
N LEU A 108 -3.99 -10.45 -26.67
CA LEU A 108 -4.49 -11.78 -26.48
C LEU A 108 -4.51 -12.06 -24.98
N GLY A 109 -5.52 -12.77 -24.57
CA GLY A 109 -5.70 -13.08 -23.18
C GLY A 109 -7.07 -12.66 -22.75
N GLU A 110 -7.36 -12.76 -21.50
CA GLU A 110 -8.65 -12.35 -21.00
C GLU A 110 -8.53 -11.15 -20.10
N ILE A 111 -7.33 -10.85 -19.69
CA ILE A 111 -7.08 -9.75 -18.82
C ILE A 111 -6.24 -8.72 -19.53
N ASN A 112 -6.83 -7.56 -19.75
CA ASN A 112 -6.20 -6.48 -20.51
C ASN A 112 -5.43 -5.54 -19.61
N TYR A 113 -5.13 -5.96 -18.43
CA TYR A 113 -4.51 -5.08 -17.47
C TYR A 113 -3.80 -5.88 -16.41
N ARG A 114 -3.20 -5.18 -15.51
CA ARG A 114 -2.63 -5.72 -14.34
C ARG A 114 -2.51 -4.63 -13.31
N GLU A 115 -2.96 -4.91 -12.12
CA GLU A 115 -2.97 -3.96 -11.05
C GLU A 115 -1.90 -4.28 -10.04
N CYS A 116 -1.51 -3.30 -9.31
CA CYS A 116 -0.61 -3.50 -8.22
C CYS A 116 -1.35 -3.84 -6.94
N ASP A 117 -1.08 -5.03 -6.46
CA ASP A 117 -1.59 -5.53 -5.21
C ASP A 117 -0.43 -5.46 -4.19
N THR A 118 -0.50 -6.22 -3.15
CA THR A 118 0.43 -6.17 -2.05
C THR A 118 1.83 -6.63 -2.44
N ASP A 119 1.94 -7.71 -3.16
CA ASP A 119 3.23 -8.18 -3.59
C ASP A 119 3.65 -7.43 -4.84
N GLY A 120 2.72 -7.27 -5.73
CA GLY A 120 3.02 -6.65 -6.97
C GLY A 120 1.91 -6.77 -7.95
N TRP A 121 2.20 -7.21 -9.13
CA TRP A 121 1.23 -7.23 -10.20
C TRP A 121 0.27 -8.42 -10.09
N THR A 122 -1.01 -8.09 -10.09
CA THR A 122 -2.10 -9.05 -9.94
C THR A 122 -2.20 -10.02 -11.10
N ASN A 123 -1.71 -9.60 -12.24
CA ASN A 123 -1.87 -10.34 -13.45
C ASN A 123 -0.59 -10.29 -14.20
N ASP A 124 -0.50 -11.09 -15.20
CA ASP A 124 0.68 -11.18 -16.03
C ASP A 124 0.53 -10.20 -17.21
N ILE A 125 1.45 -10.23 -18.12
CA ILE A 125 1.48 -9.33 -19.24
C ILE A 125 0.64 -9.91 -20.37
N PRO A 126 -0.50 -9.27 -20.72
CA PRO A 126 -1.30 -9.70 -21.86
C PRO A 126 -0.48 -9.59 -23.15
N ILE A 127 -0.72 -10.48 -24.07
CA ILE A 127 0.08 -10.55 -25.26
C ILE A 127 -0.37 -9.54 -26.29
N CYS A 128 0.46 -8.53 -26.49
CA CYS A 128 0.16 -7.47 -27.44
C CYS A 128 0.11 -8.07 -28.85
N GLU A 129 -1.03 -7.95 -29.48
CA GLU A 129 -1.28 -8.55 -30.77
C GLU A 129 -2.21 -7.65 -31.56
N ASP A 7 -0.31 7.81 31.39
CA ASP A 7 -0.88 6.52 31.07
C ASP A 7 -2.20 6.75 30.36
N CYS A 8 -2.31 6.17 29.20
CA CYS A 8 -3.47 6.32 28.35
C CYS A 8 -4.66 5.63 28.96
N ASN A 9 -5.81 6.25 28.81
CA ASN A 9 -7.07 5.70 29.32
C ASN A 9 -7.96 5.32 28.14
N GLU A 10 -7.34 5.15 27.00
CA GLU A 10 -8.00 4.82 25.74
C GLU A 10 -7.02 4.13 24.88
N LEU A 11 -7.57 3.38 23.98
CA LEU A 11 -6.88 2.62 23.07
C LEU A 11 -6.50 3.41 21.84
N PRO A 12 -5.41 2.98 21.16
CA PRO A 12 -4.91 3.64 19.96
C PRO A 12 -5.99 3.82 18.90
N PRO A 13 -6.25 5.06 18.48
CA PRO A 13 -7.24 5.36 17.46
C PRO A 13 -6.83 4.75 16.13
N ARG A 14 -7.76 4.06 15.49
CA ARG A 14 -7.47 3.41 14.24
C ARG A 14 -7.10 4.44 13.20
N ARG A 15 -6.20 4.07 12.35
CA ARG A 15 -5.67 4.96 11.36
C ARG A 15 -6.42 4.69 10.06
N ASN A 16 -6.30 5.56 9.10
CA ASN A 16 -6.96 5.30 7.84
C ASN A 16 -6.12 4.36 7.00
N THR A 17 -4.87 4.71 6.86
CA THR A 17 -3.95 3.94 6.08
C THR A 17 -3.22 2.89 6.93
N GLU A 18 -3.49 2.87 8.22
CA GLU A 18 -2.82 1.96 9.12
C GLU A 18 -3.81 1.23 10.06
N ILE A 19 -3.38 0.08 10.58
CA ILE A 19 -4.18 -0.82 11.45
C ILE A 19 -3.24 -1.35 12.47
N LEU A 20 -3.76 -1.63 13.61
CA LEU A 20 -3.00 -2.19 14.68
C LEU A 20 -2.46 -3.57 14.31
N THR A 21 -1.38 -3.95 14.91
CA THR A 21 -0.82 -5.25 14.67
C THR A 21 -1.37 -6.29 15.64
N GLY A 22 -1.84 -5.82 16.74
CA GLY A 22 -2.39 -6.68 17.75
C GLY A 22 -3.79 -6.27 18.09
N SER A 23 -4.38 -6.94 19.01
CA SER A 23 -5.67 -6.62 19.50
C SER A 23 -5.50 -5.93 20.84
N TRP A 24 -6.41 -5.05 21.17
CA TRP A 24 -6.34 -4.31 22.39
C TRP A 24 -7.73 -4.27 22.94
N SER A 25 -7.90 -4.44 24.20
CA SER A 25 -9.21 -4.38 24.78
C SER A 25 -9.18 -3.70 26.13
N ASP A 26 -8.11 -2.98 26.44
CA ASP A 26 -8.02 -2.40 27.76
C ASP A 26 -7.72 -0.97 27.72
N GLN A 27 -8.57 -0.19 28.36
CA GLN A 27 -8.49 1.27 28.36
C GLN A 27 -7.15 1.79 28.79
N THR A 28 -6.68 1.30 29.88
CA THR A 28 -5.51 1.87 30.43
C THR A 28 -4.23 1.10 30.05
N TYR A 29 -3.28 1.86 29.56
CA TYR A 29 -1.95 1.38 29.19
C TYR A 29 -0.92 2.35 29.72
N PRO A 30 0.27 1.88 30.08
CA PRO A 30 1.33 2.74 30.62
C PRO A 30 1.90 3.70 29.58
N GLU A 31 2.33 4.87 30.02
CA GLU A 31 2.95 5.83 29.14
C GLU A 31 4.25 5.24 28.64
N GLY A 32 4.51 5.37 27.37
CA GLY A 32 5.71 4.80 26.81
C GLY A 32 5.40 3.58 25.99
N THR A 33 4.14 3.19 25.97
CA THR A 33 3.74 2.04 25.20
C THR A 33 3.49 2.37 23.74
N GLN A 34 4.27 1.74 22.87
CA GLN A 34 4.14 1.97 21.48
C GLN A 34 3.12 1.05 20.85
N ALA A 35 2.44 1.59 19.90
CA ALA A 35 1.48 0.89 19.12
C ALA A 35 2.04 0.75 17.75
N ILE A 36 2.28 -0.45 17.37
CA ILE A 36 2.84 -0.76 16.11
C ILE A 36 1.71 -0.95 15.13
N TYR A 37 1.77 -0.25 14.04
CA TYR A 37 0.77 -0.37 13.05
C TYR A 37 1.26 -1.06 11.83
N LYS A 38 0.39 -1.86 11.28
CA LYS A 38 0.58 -2.42 9.99
C LYS A 38 -0.03 -1.41 9.09
N CYS A 39 0.47 -1.26 7.94
CA CYS A 39 -0.01 -0.23 7.09
C CYS A 39 -0.92 -0.73 6.04
N ARG A 40 -1.74 -1.71 6.39
CA ARG A 40 -2.73 -2.28 5.48
C ARG A 40 -2.05 -3.03 4.32
N PRO A 41 -2.76 -3.92 3.68
CA PRO A 41 -2.25 -4.55 2.50
C PRO A 41 -2.20 -3.52 1.35
N GLY A 42 -1.01 -3.18 0.91
CA GLY A 42 -0.86 -2.25 -0.19
C GLY A 42 -0.12 -0.98 0.17
N TYR A 43 -0.08 -0.68 1.43
CA TYR A 43 0.65 0.51 1.86
C TYR A 43 1.92 0.12 2.56
N ARG A 44 2.83 1.06 2.66
CA ARG A 44 4.14 0.83 3.22
C ARG A 44 4.76 2.16 3.61
N SER A 45 5.96 2.07 4.07
CA SER A 45 6.83 3.17 4.33
C SER A 45 8.18 2.55 4.57
N LEU A 46 9.18 3.33 4.79
CA LEU A 46 10.51 2.80 5.08
C LEU A 46 10.66 2.53 6.58
N GLY A 47 9.56 2.18 7.19
CA GLY A 47 9.46 1.84 8.55
C GLY A 47 8.06 1.35 8.80
N ASN A 48 7.52 1.72 9.91
CA ASN A 48 6.14 1.42 10.24
C ASN A 48 5.61 2.61 10.96
N VAL A 49 4.33 2.76 10.97
CA VAL A 49 3.73 3.81 11.73
C VAL A 49 3.69 3.38 13.18
N ILE A 50 4.57 3.95 13.93
CA ILE A 50 4.66 3.65 15.32
C ILE A 50 4.10 4.80 16.11
N MET A 51 3.12 4.52 16.89
CA MET A 51 2.58 5.50 17.79
C MET A 51 2.96 5.11 19.17
N VAL A 52 2.74 5.96 20.10
CA VAL A 52 3.10 5.64 21.45
C VAL A 52 2.26 6.44 22.43
N CYS A 53 1.95 5.80 23.51
CA CYS A 53 1.20 6.36 24.60
C CYS A 53 2.05 7.42 25.28
N ARG A 54 1.54 8.63 25.36
CA ARG A 54 2.25 9.72 25.94
C ARG A 54 1.28 10.79 26.40
N LYS A 55 1.42 11.23 27.65
CA LYS A 55 0.59 12.31 28.24
C LYS A 55 -0.86 11.90 28.40
N GLY A 56 -1.13 10.62 28.32
CA GLY A 56 -2.46 10.12 28.47
C GLY A 56 -3.14 9.91 27.14
N GLU A 57 -2.46 10.29 26.08
CA GLU A 57 -3.00 10.17 24.75
C GLU A 57 -2.07 9.35 23.87
N TRP A 58 -2.52 9.04 22.71
CA TRP A 58 -1.73 8.28 21.79
C TRP A 58 -1.22 9.21 20.78
N VAL A 59 0.04 9.28 20.70
CA VAL A 59 0.66 10.18 19.85
C VAL A 59 1.61 9.45 19.00
N ALA A 60 2.33 10.18 18.34
CA ALA A 60 3.20 9.70 17.34
C ALA A 60 4.62 9.54 17.85
N LEU A 61 5.12 8.31 17.75
CA LEU A 61 6.50 8.03 18.05
C LEU A 61 7.30 8.61 16.94
N ASN A 62 6.96 8.22 15.74
CA ASN A 62 7.66 8.70 14.62
C ASN A 62 6.71 9.46 13.71
N PRO A 63 6.71 10.78 13.77
CA PRO A 63 5.82 11.64 12.95
C PRO A 63 6.32 11.81 11.52
N LEU A 64 7.47 11.27 11.28
CA LEU A 64 8.09 11.35 10.00
C LEU A 64 7.59 10.26 9.13
N ARG A 65 7.28 9.17 9.75
CA ARG A 65 6.77 8.00 9.06
C ARG A 65 5.27 8.03 8.96
N LYS A 66 4.81 7.72 7.80
CA LYS A 66 3.40 7.57 7.51
C LYS A 66 3.34 6.56 6.43
N CYS A 67 2.25 5.93 6.26
CA CYS A 67 2.20 4.98 5.23
C CYS A 67 1.63 5.48 3.94
N GLN A 68 2.41 5.24 2.92
CA GLN A 68 2.15 5.63 1.56
C GLN A 68 1.99 4.37 0.74
N LYS A 69 1.84 4.52 -0.54
CA LYS A 69 1.63 3.39 -1.42
C LYS A 69 2.91 2.58 -1.59
N ARG A 70 2.75 1.31 -1.87
CA ARG A 70 3.91 0.48 -2.15
C ARG A 70 4.17 0.53 -3.64
N PRO A 71 5.40 0.33 -4.08
CA PRO A 71 5.70 0.32 -5.48
C PRO A 71 5.59 -1.06 -6.11
N CYS A 72 5.31 -1.06 -7.36
CA CYS A 72 5.34 -2.26 -8.13
C CYS A 72 6.26 -1.98 -9.30
N GLY A 73 7.52 -2.00 -8.99
CA GLY A 73 8.59 -1.68 -9.93
C GLY A 73 8.54 -2.45 -11.24
N HIS A 74 7.89 -1.84 -12.24
CA HIS A 74 7.82 -2.30 -13.65
C HIS A 74 6.92 -3.55 -13.78
N PRO A 75 5.89 -3.52 -14.67
CA PRO A 75 4.91 -4.65 -14.86
C PRO A 75 5.47 -5.87 -15.58
N GLY A 76 6.68 -6.20 -15.27
CA GLY A 76 7.30 -7.33 -15.88
C GLY A 76 8.36 -6.91 -16.85
N ASP A 77 8.26 -7.41 -18.03
CA ASP A 77 9.17 -7.12 -19.11
C ASP A 77 8.50 -7.54 -20.38
N THR A 78 8.92 -7.00 -21.48
CA THR A 78 8.33 -7.33 -22.74
C THR A 78 9.15 -6.72 -23.87
N PRO A 79 9.51 -7.52 -24.88
CA PRO A 79 10.19 -6.99 -26.04
C PRO A 79 9.20 -6.36 -27.02
N PHE A 80 7.92 -6.63 -26.82
CA PHE A 80 6.89 -6.12 -27.68
C PHE A 80 5.69 -5.64 -26.88
N GLY A 81 5.69 -4.40 -26.49
CA GLY A 81 4.56 -3.90 -25.75
C GLY A 81 4.81 -2.62 -25.05
N THR A 82 3.75 -2.00 -24.63
CA THR A 82 3.78 -0.76 -23.90
C THR A 82 2.73 -0.89 -22.80
N PHE A 83 2.77 -0.01 -21.84
CA PHE A 83 1.84 -0.03 -20.76
C PHE A 83 1.44 1.40 -20.47
N THR A 84 0.31 1.57 -19.91
CA THR A 84 -0.17 2.86 -19.53
C THR A 84 -0.64 2.82 -18.09
N LEU A 85 -0.36 3.86 -17.35
CA LEU A 85 -0.75 3.92 -15.96
C LEU A 85 -1.96 4.81 -15.83
N THR A 86 -2.89 4.44 -14.98
CA THR A 86 -4.11 5.22 -14.86
C THR A 86 -4.50 5.47 -13.37
N GLY A 87 -3.53 5.33 -12.49
CA GLY A 87 -3.78 5.56 -11.06
C GLY A 87 -2.60 6.23 -10.45
N GLY A 88 -1.90 6.92 -11.28
CA GLY A 88 -0.67 7.54 -10.95
C GLY A 88 0.21 7.44 -12.15
N ASN A 89 1.36 8.02 -12.12
CA ASN A 89 2.28 7.99 -13.24
C ASN A 89 3.57 7.33 -12.83
N VAL A 90 3.48 6.58 -11.76
CA VAL A 90 4.61 5.90 -11.19
C VAL A 90 4.15 4.54 -10.80
N PHE A 91 5.02 3.72 -10.36
CA PHE A 91 4.63 2.42 -9.97
C PHE A 91 4.29 2.41 -8.52
N GLU A 92 3.01 2.50 -8.25
CA GLU A 92 2.52 2.54 -6.91
C GLU A 92 1.17 1.83 -6.84
N TYR A 93 0.86 1.33 -5.66
CA TYR A 93 -0.40 0.66 -5.38
C TYR A 93 -1.58 1.49 -5.83
N GLY A 94 -2.30 0.93 -6.77
CA GLY A 94 -3.43 1.63 -7.29
C GLY A 94 -3.32 1.85 -8.77
N VAL A 95 -2.10 1.89 -9.30
CA VAL A 95 -1.96 2.09 -10.72
C VAL A 95 -2.32 0.83 -11.46
N LYS A 96 -3.02 1.00 -12.51
CA LYS A 96 -3.33 -0.06 -13.37
C LYS A 96 -2.49 0.14 -14.58
N ALA A 97 -1.68 -0.84 -14.89
CA ALA A 97 -0.88 -0.79 -16.06
C ALA A 97 -1.65 -1.45 -17.17
N VAL A 98 -2.34 -0.64 -17.94
CA VAL A 98 -3.10 -1.14 -19.06
C VAL A 98 -2.14 -1.41 -20.19
N TYR A 99 -2.12 -2.63 -20.64
CA TYR A 99 -1.17 -3.09 -21.60
C TYR A 99 -1.73 -2.95 -22.97
N THR A 100 -0.96 -2.38 -23.84
CA THR A 100 -1.37 -2.18 -25.20
C THR A 100 -0.13 -2.14 -26.06
N CYS A 101 -0.26 -2.43 -27.30
CA CYS A 101 0.86 -2.44 -28.20
C CYS A 101 0.54 -1.70 -29.48
N ASN A 102 -0.28 -2.30 -30.31
CA ASN A 102 -0.58 -1.73 -31.62
C ASN A 102 -2.08 -1.69 -31.82
N GLU A 103 -2.51 -1.33 -33.00
CA GLU A 103 -3.92 -1.20 -33.31
C GLU A 103 -4.50 -2.55 -33.72
N GLY A 104 -3.84 -3.17 -34.68
CA GLY A 104 -4.29 -4.44 -35.22
C GLY A 104 -4.01 -5.58 -34.29
N TYR A 105 -3.11 -5.34 -33.37
CA TYR A 105 -2.75 -6.30 -32.37
C TYR A 105 -3.49 -5.95 -31.13
N GLN A 106 -4.01 -6.93 -30.45
CA GLN A 106 -4.69 -6.70 -29.25
C GLN A 106 -3.89 -7.33 -28.16
N LEU A 107 -4.37 -8.43 -27.64
CA LEU A 107 -3.71 -9.23 -26.64
C LEU A 107 -4.57 -10.39 -26.27
N LEU A 108 -3.95 -11.50 -26.07
CA LEU A 108 -4.66 -12.66 -25.64
C LEU A 108 -4.73 -12.70 -24.15
N GLY A 109 -5.88 -13.00 -23.69
CA GLY A 109 -6.18 -12.98 -22.30
C GLY A 109 -7.37 -12.08 -22.10
N GLU A 110 -8.02 -12.21 -21.00
CA GLU A 110 -9.19 -11.42 -20.73
C GLU A 110 -8.81 -10.17 -20.01
N ILE A 111 -7.67 -10.22 -19.38
CA ILE A 111 -7.22 -9.12 -18.59
C ILE A 111 -6.11 -8.40 -19.34
N ASN A 112 -6.45 -7.25 -19.85
CA ASN A 112 -5.58 -6.41 -20.69
C ASN A 112 -4.72 -5.47 -19.84
N TYR A 113 -4.49 -5.85 -18.61
CA TYR A 113 -3.81 -4.96 -17.69
C TYR A 113 -3.23 -5.73 -16.55
N ARG A 114 -2.45 -5.03 -15.77
CA ARG A 114 -1.92 -5.53 -14.55
C ARG A 114 -2.11 -4.43 -13.54
N GLU A 115 -2.63 -4.75 -12.39
CA GLU A 115 -2.80 -3.73 -11.37
C GLU A 115 -1.76 -3.87 -10.30
N CYS A 116 -1.24 -2.76 -9.83
CA CYS A 116 -0.34 -2.77 -8.71
C CYS A 116 -1.19 -2.88 -7.48
N ASP A 117 -1.22 -4.05 -6.93
CA ASP A 117 -2.08 -4.36 -5.85
C ASP A 117 -1.27 -4.44 -4.53
N THR A 118 -1.82 -5.10 -3.56
CA THR A 118 -1.35 -5.15 -2.20
C THR A 118 0.04 -5.73 -2.04
N ASP A 119 0.40 -6.61 -2.93
CA ASP A 119 1.71 -7.24 -2.86
C ASP A 119 2.52 -6.93 -4.10
N GLY A 120 1.85 -6.70 -5.19
CA GLY A 120 2.51 -6.46 -6.44
C GLY A 120 1.53 -6.47 -7.56
N TRP A 121 2.00 -6.73 -8.76
CA TRP A 121 1.15 -6.74 -9.93
C TRP A 121 0.28 -7.97 -9.99
N THR A 122 -0.98 -7.75 -10.21
CA THR A 122 -1.92 -8.79 -10.41
C THR A 122 -1.84 -9.24 -11.86
N ASN A 123 -2.30 -10.47 -12.13
CA ASN A 123 -2.33 -11.02 -13.48
C ASN A 123 -0.88 -11.15 -13.98
N ASP A 124 -0.69 -11.47 -15.20
CA ASP A 124 0.63 -11.54 -15.76
C ASP A 124 0.62 -10.66 -17.00
N ILE A 125 1.61 -10.74 -17.80
CA ILE A 125 1.74 -9.93 -18.98
C ILE A 125 0.92 -10.55 -20.13
N PRO A 126 -0.10 -9.83 -20.63
CA PRO A 126 -0.93 -10.29 -21.75
C PRO A 126 -0.12 -10.25 -23.07
N ILE A 127 -0.37 -11.20 -23.94
CA ILE A 127 0.42 -11.33 -25.17
C ILE A 127 -0.25 -10.59 -26.32
N CYS A 128 0.37 -9.52 -26.79
CA CYS A 128 -0.15 -8.74 -27.93
C CYS A 128 -0.13 -9.52 -29.22
N GLU A 129 -1.30 -9.82 -29.69
CA GLU A 129 -1.56 -10.49 -30.92
C GLU A 129 -2.85 -9.95 -31.42
N ASP A 7 -1.28 6.99 31.71
CA ASP A 7 -1.97 5.80 31.23
C ASP A 7 -3.08 6.21 30.32
N CYS A 8 -3.14 5.60 29.20
CA CYS A 8 -4.14 5.91 28.23
C CYS A 8 -5.40 5.14 28.55
N ASN A 9 -6.49 5.85 28.68
CA ASN A 9 -7.80 5.26 28.98
C ASN A 9 -8.60 5.08 27.71
N GLU A 10 -7.91 5.01 26.62
CA GLU A 10 -8.52 4.83 25.33
C GLU A 10 -7.61 3.98 24.46
N LEU A 11 -8.19 3.43 23.43
CA LEU A 11 -7.45 2.68 22.42
C LEU A 11 -6.85 3.64 21.41
N PRO A 12 -5.69 3.28 20.82
CA PRO A 12 -4.97 4.13 19.87
C PRO A 12 -5.85 4.61 18.70
N PRO A 13 -5.82 5.92 18.40
CA PRO A 13 -6.55 6.49 17.27
C PRO A 13 -5.99 5.96 15.97
N ARG A 14 -6.83 5.29 15.22
CA ARG A 14 -6.44 4.68 13.98
C ARG A 14 -6.09 5.70 12.94
N ARG A 15 -5.09 5.37 12.19
CA ARG A 15 -4.46 6.26 11.25
C ARG A 15 -5.20 6.18 9.91
N ASN A 16 -4.92 7.08 8.99
CA ASN A 16 -5.59 7.02 7.68
C ASN A 16 -4.83 6.14 6.73
N THR A 17 -3.55 6.17 6.83
CA THR A 17 -2.74 5.37 5.99
C THR A 17 -2.11 4.21 6.76
N GLU A 18 -2.50 4.06 8.03
CA GLU A 18 -1.98 3.00 8.87
C GLU A 18 -3.09 2.37 9.73
N ILE A 19 -2.88 1.13 10.15
CA ILE A 19 -3.82 0.35 11.00
C ILE A 19 -2.97 -0.39 11.96
N LEU A 20 -3.54 -0.78 13.03
CA LEU A 20 -2.85 -1.50 14.02
C LEU A 20 -2.49 -2.88 13.51
N THR A 21 -1.34 -3.34 13.92
CA THR A 21 -0.87 -4.66 13.49
C THR A 21 -1.69 -5.74 14.19
N GLY A 22 -2.06 -5.46 15.40
CA GLY A 22 -2.85 -6.35 16.17
C GLY A 22 -4.17 -5.73 16.46
N SER A 23 -5.09 -6.51 16.91
CA SER A 23 -6.40 -6.03 17.28
C SER A 23 -6.41 -5.74 18.78
N TRP A 24 -7.11 -4.68 19.16
CA TRP A 24 -7.13 -4.22 20.53
C TRP A 24 -8.58 -4.11 20.97
N SER A 25 -8.93 -4.74 22.06
CA SER A 25 -10.29 -4.66 22.55
C SER A 25 -10.33 -4.09 23.98
N ASP A 26 -9.26 -3.44 24.37
CA ASP A 26 -9.16 -2.93 25.73
C ASP A 26 -9.47 -1.44 25.73
N GLN A 27 -9.04 -0.75 26.74
CA GLN A 27 -9.21 0.65 26.85
C GLN A 27 -8.06 1.26 27.65
N THR A 28 -7.55 0.55 28.62
CA THR A 28 -6.53 1.13 29.44
C THR A 28 -5.18 0.51 29.15
N TYR A 29 -4.22 1.35 28.86
CA TYR A 29 -2.86 0.93 28.61
C TYR A 29 -1.88 1.79 29.34
N PRO A 30 -0.85 1.17 29.95
CA PRO A 30 0.17 1.86 30.71
C PRO A 30 0.97 2.82 29.84
N GLU A 31 1.41 3.91 30.44
CA GLU A 31 2.18 4.91 29.73
C GLU A 31 3.49 4.28 29.28
N GLY A 32 3.81 4.45 28.04
CA GLY A 32 4.98 3.85 27.48
C GLY A 32 4.63 2.74 26.53
N THR A 33 3.36 2.51 26.33
CA THR A 33 2.93 1.45 25.46
C THR A 33 2.96 1.85 24.01
N GLN A 34 3.84 1.22 23.27
CA GLN A 34 3.98 1.50 21.87
C GLN A 34 3.02 0.69 21.04
N ALA A 35 2.54 1.30 20.01
CA ALA A 35 1.62 0.68 19.10
C ALA A 35 2.28 0.60 17.76
N ILE A 36 2.43 -0.59 17.28
CA ILE A 36 3.05 -0.83 16.02
C ILE A 36 1.98 -0.85 14.94
N TYR A 37 2.11 0.05 14.02
CA TYR A 37 1.17 0.15 12.94
C TYR A 37 1.63 -0.53 11.67
N LYS A 38 0.67 -1.08 11.00
CA LYS A 38 0.78 -1.64 9.71
C LYS A 38 0.47 -0.54 8.74
N CYS A 39 1.22 -0.45 7.69
CA CYS A 39 1.07 0.60 6.69
C CYS A 39 -0.15 0.42 5.78
N ARG A 40 -1.14 -0.33 6.23
CA ARG A 40 -2.31 -0.71 5.40
C ARG A 40 -1.90 -1.59 4.22
N PRO A 41 -2.84 -2.38 3.72
CA PRO A 41 -2.59 -3.16 2.54
C PRO A 41 -2.35 -2.26 1.32
N GLY A 42 -1.09 -2.15 0.92
CA GLY A 42 -0.77 -1.38 -0.26
C GLY A 42 0.11 -0.18 0.01
N TYR A 43 0.45 0.09 1.25
CA TYR A 43 1.31 1.23 1.52
C TYR A 43 2.58 0.75 2.23
N ARG A 44 3.59 1.61 2.29
CA ARG A 44 4.81 1.35 3.04
C ARG A 44 5.42 2.68 3.37
N SER A 45 6.52 2.65 4.06
CA SER A 45 7.26 3.83 4.34
C SER A 45 8.75 3.55 4.35
N LEU A 46 9.22 3.25 5.51
CA LEU A 46 10.60 2.99 5.78
C LEU A 46 10.61 1.89 6.80
N GLY A 47 9.80 2.06 7.80
CA GLY A 47 9.62 1.09 8.81
C GLY A 47 8.18 0.96 9.11
N ASN A 48 7.85 0.92 10.35
CA ASN A 48 6.48 0.89 10.78
C ASN A 48 6.19 2.15 11.52
N VAL A 49 4.99 2.63 11.42
CA VAL A 49 4.59 3.79 12.17
C VAL A 49 4.39 3.37 13.59
N ILE A 50 5.18 3.90 14.46
CA ILE A 50 5.11 3.51 15.84
C ILE A 50 4.57 4.64 16.66
N MET A 51 3.51 4.35 17.34
CA MET A 51 2.94 5.30 18.24
C MET A 51 3.18 4.82 19.63
N VAL A 52 2.88 5.62 20.60
CA VAL A 52 3.09 5.21 21.95
C VAL A 52 2.19 6.01 22.90
N CYS A 53 1.72 5.33 23.89
CA CYS A 53 0.92 5.89 24.94
C CYS A 53 1.81 6.75 25.82
N ARG A 54 1.48 7.99 25.96
CA ARG A 54 2.27 8.92 26.72
C ARG A 54 1.37 10.04 27.15
N LYS A 55 1.35 10.35 28.46
CA LYS A 55 0.51 11.45 29.02
C LYS A 55 -0.97 11.17 28.91
N GLY A 56 -1.32 9.94 28.68
CA GLY A 56 -2.71 9.56 28.57
C GLY A 56 -3.22 9.66 27.17
N GLU A 57 -2.35 10.08 26.29
CA GLU A 57 -2.68 10.23 24.92
C GLU A 57 -1.80 9.29 24.10
N TRP A 58 -2.23 8.98 22.94
CA TRP A 58 -1.52 8.12 22.06
C TRP A 58 -0.93 8.99 21.06
N VAL A 59 0.33 9.12 21.14
CA VAL A 59 1.01 9.97 20.33
C VAL A 59 2.05 9.22 19.61
N ALA A 60 2.89 9.93 19.08
CA ALA A 60 3.84 9.43 18.18
C ALA A 60 5.16 9.13 18.85
N LEU A 61 5.60 7.89 18.73
CA LEU A 61 6.91 7.49 19.18
C LEU A 61 7.90 8.06 18.20
N ASN A 62 7.51 7.99 16.95
CA ASN A 62 8.26 8.56 15.87
C ASN A 62 7.29 9.34 15.01
N PRO A 63 7.26 10.67 15.13
CA PRO A 63 6.29 11.53 14.41
C PRO A 63 6.62 11.73 12.93
N LEU A 64 7.67 11.11 12.49
CA LEU A 64 8.14 11.29 11.14
C LEU A 64 7.65 10.20 10.24
N ARG A 65 7.28 9.12 10.85
CA ARG A 65 6.82 7.97 10.09
C ARG A 65 5.34 8.04 9.74
N LYS A 66 5.08 7.80 8.47
CA LYS A 66 3.76 7.76 7.89
C LYS A 66 3.89 6.90 6.64
N CYS A 67 2.87 6.19 6.28
CA CYS A 67 2.96 5.29 5.15
C CYS A 67 2.38 5.94 3.88
N GLN A 68 3.20 6.00 2.84
CA GLN A 68 2.93 6.80 1.65
C GLN A 68 2.85 5.98 0.37
N LYS A 69 2.21 4.86 0.46
CA LYS A 69 2.03 3.88 -0.63
C LYS A 69 3.28 3.09 -0.87
N ARG A 70 3.24 2.20 -1.82
CA ARG A 70 4.37 1.43 -2.18
C ARG A 70 4.57 1.48 -3.67
N PRO A 71 5.83 1.54 -4.10
CA PRO A 71 6.17 1.45 -5.50
C PRO A 71 5.98 0.02 -6.00
N CYS A 72 5.60 -0.15 -7.23
CA CYS A 72 5.27 -1.47 -7.75
C CYS A 72 6.38 -2.07 -8.60
N GLY A 73 7.38 -1.30 -8.95
CA GLY A 73 8.40 -1.82 -9.81
C GLY A 73 7.96 -1.81 -11.22
N HIS A 74 7.87 -2.95 -11.81
CA HIS A 74 7.53 -3.04 -13.19
C HIS A 74 6.51 -4.15 -13.41
N PRO A 75 5.50 -3.92 -14.27
CA PRO A 75 4.49 -4.93 -14.58
C PRO A 75 4.91 -5.78 -15.75
N GLY A 76 6.14 -5.61 -16.15
CA GLY A 76 6.65 -6.25 -17.30
C GLY A 76 6.58 -5.32 -18.47
N ASP A 77 6.71 -5.86 -19.62
CA ASP A 77 6.61 -5.14 -20.86
C ASP A 77 6.54 -6.14 -21.97
N THR A 78 6.07 -5.72 -23.10
CA THR A 78 5.95 -6.61 -24.21
C THR A 78 6.57 -5.99 -25.45
N PRO A 79 7.50 -6.69 -26.11
CA PRO A 79 8.19 -6.18 -27.31
C PRO A 79 7.29 -6.19 -28.57
N PHE A 80 6.01 -6.44 -28.36
CA PHE A 80 5.06 -6.45 -29.45
C PHE A 80 4.12 -5.26 -29.31
N GLY A 81 4.15 -4.60 -28.16
CA GLY A 81 3.23 -3.52 -27.91
C GLY A 81 3.63 -2.67 -26.73
N THR A 82 2.66 -2.14 -26.01
CA THR A 82 2.90 -1.22 -24.90
C THR A 82 1.83 -1.36 -23.81
N PHE A 83 1.86 -0.47 -22.83
CA PHE A 83 0.85 -0.43 -21.80
C PHE A 83 0.65 0.99 -21.34
N THR A 84 -0.40 1.21 -20.62
CA THR A 84 -0.75 2.51 -20.10
C THR A 84 -1.06 2.39 -18.62
N LEU A 85 -0.98 3.48 -17.91
CA LEU A 85 -1.25 3.47 -16.50
C LEU A 85 -2.43 4.33 -16.19
N THR A 86 -3.27 3.83 -15.34
CA THR A 86 -4.42 4.55 -14.88
C THR A 86 -4.39 4.57 -13.36
N GLY A 87 -4.71 5.71 -12.79
CA GLY A 87 -4.64 5.88 -11.35
C GLY A 87 -3.33 6.51 -10.98
N GLY A 88 -2.65 6.97 -12.00
CA GLY A 88 -1.37 7.58 -11.87
C GLY A 88 -0.53 7.14 -13.04
N ASN A 89 0.59 7.77 -13.24
CA ASN A 89 1.47 7.40 -14.35
C ASN A 89 2.83 7.04 -13.88
N VAL A 90 2.86 6.51 -12.70
CA VAL A 90 4.07 6.03 -12.08
C VAL A 90 3.71 4.70 -11.47
N PHE A 91 4.66 3.94 -11.06
CA PHE A 91 4.37 2.64 -10.55
C PHE A 91 4.19 2.66 -9.06
N GLU A 92 2.97 2.95 -8.65
CA GLU A 92 2.58 3.00 -7.26
C GLU A 92 1.28 2.20 -7.11
N TYR A 93 1.05 1.69 -5.91
CA TYR A 93 -0.17 0.96 -5.60
C TYR A 93 -1.41 1.75 -5.99
N GLY A 94 -2.20 1.16 -6.85
CA GLY A 94 -3.41 1.79 -7.31
C GLY A 94 -3.45 1.90 -8.81
N VAL A 95 -2.29 1.82 -9.46
CA VAL A 95 -2.28 1.93 -10.90
C VAL A 95 -2.59 0.59 -11.55
N LYS A 96 -3.25 0.67 -12.67
CA LYS A 96 -3.52 -0.48 -13.46
C LYS A 96 -2.71 -0.34 -14.72
N ALA A 97 -1.94 -1.35 -15.04
CA ALA A 97 -1.14 -1.33 -16.23
C ALA A 97 -1.96 -1.96 -17.34
N VAL A 98 -2.66 -1.14 -18.07
CA VAL A 98 -3.52 -1.62 -19.15
C VAL A 98 -2.71 -1.74 -20.41
N TYR A 99 -2.58 -2.94 -20.88
CA TYR A 99 -1.79 -3.25 -22.04
C TYR A 99 -2.55 -2.99 -23.31
N THR A 100 -1.86 -2.45 -24.27
CA THR A 100 -2.43 -2.13 -25.55
C THR A 100 -1.30 -2.18 -26.57
N CYS A 101 -1.58 -2.63 -27.73
CA CYS A 101 -0.56 -2.81 -28.70
C CYS A 101 -0.83 -2.02 -29.97
N ASN A 102 -1.78 -2.49 -30.76
CA ASN A 102 -2.01 -1.91 -32.08
C ASN A 102 -3.43 -2.34 -32.52
N GLU A 103 -3.73 -2.17 -33.76
CA GLU A 103 -4.98 -2.61 -34.33
C GLU A 103 -4.89 -4.11 -34.61
N GLY A 104 -3.78 -4.51 -35.15
CA GLY A 104 -3.57 -5.91 -35.46
C GLY A 104 -3.11 -6.71 -34.26
N TYR A 105 -2.74 -6.03 -33.21
CA TYR A 105 -2.27 -6.69 -32.01
C TYR A 105 -3.05 -6.26 -30.80
N GLN A 106 -3.54 -7.22 -30.08
CA GLN A 106 -4.06 -7.02 -28.77
C GLN A 106 -3.30 -7.92 -27.92
N LEU A 107 -3.94 -8.70 -27.10
CA LEU A 107 -3.25 -9.46 -26.27
C LEU A 107 -4.04 -10.72 -25.93
N LEU A 108 -3.36 -11.78 -25.76
CA LEU A 108 -3.91 -13.03 -25.41
C LEU A 108 -4.02 -13.12 -23.92
N GLY A 109 -5.22 -13.06 -23.51
CA GLY A 109 -5.59 -13.08 -22.15
C GLY A 109 -6.93 -12.44 -22.06
N GLU A 110 -7.65 -12.66 -21.00
CA GLU A 110 -8.95 -12.04 -20.86
C GLU A 110 -8.84 -10.80 -20.02
N ILE A 111 -7.67 -10.61 -19.50
CA ILE A 111 -7.37 -9.52 -18.66
C ILE A 111 -6.34 -8.72 -19.38
N ASN A 112 -6.74 -7.60 -19.88
CA ASN A 112 -5.90 -6.76 -20.72
C ASN A 112 -5.02 -5.85 -19.90
N TYR A 113 -4.64 -6.31 -18.75
CA TYR A 113 -3.94 -5.47 -17.81
C TYR A 113 -3.32 -6.28 -16.70
N ARG A 114 -2.67 -5.56 -15.83
CA ARG A 114 -2.16 -6.03 -14.58
C ARG A 114 -2.42 -4.92 -13.57
N GLU A 115 -2.97 -5.25 -12.44
CA GLU A 115 -3.26 -4.25 -11.41
C GLU A 115 -2.19 -4.30 -10.35
N CYS A 116 -1.71 -3.15 -9.91
CA CYS A 116 -0.78 -3.15 -8.82
C CYS A 116 -1.56 -3.27 -7.55
N ASP A 117 -1.25 -4.27 -6.80
CA ASP A 117 -1.95 -4.54 -5.59
C ASP A 117 -0.96 -4.45 -4.43
N THR A 118 -1.32 -5.02 -3.33
CA THR A 118 -0.60 -4.96 -2.11
C THR A 118 0.76 -5.68 -2.20
N ASP A 119 0.74 -6.91 -2.66
CA ASP A 119 1.96 -7.71 -2.80
C ASP A 119 2.72 -7.33 -4.07
N GLY A 120 1.99 -6.88 -5.04
CA GLY A 120 2.56 -6.49 -6.29
C GLY A 120 1.54 -6.57 -7.37
N TRP A 121 1.97 -6.87 -8.56
CA TRP A 121 1.08 -6.88 -9.70
C TRP A 121 0.27 -8.15 -9.77
N THR A 122 -1.00 -8.01 -9.97
CA THR A 122 -1.87 -9.13 -10.08
C THR A 122 -1.78 -9.68 -11.49
N ASN A 123 -1.98 -11.00 -11.61
CA ASN A 123 -2.05 -11.70 -12.86
C ASN A 123 -0.67 -11.66 -13.52
N ASP A 124 -0.58 -12.14 -14.71
CA ASP A 124 0.67 -12.13 -15.40
C ASP A 124 0.52 -11.27 -16.63
N ILE A 125 1.53 -11.24 -17.46
CA ILE A 125 1.54 -10.36 -18.61
C ILE A 125 0.73 -10.96 -19.76
N PRO A 126 -0.35 -10.27 -20.21
CA PRO A 126 -1.12 -10.69 -21.38
C PRO A 126 -0.19 -10.76 -22.58
N ILE A 127 -0.26 -11.82 -23.31
CA ILE A 127 0.65 -12.03 -24.42
C ILE A 127 0.21 -11.21 -25.60
N CYS A 128 0.92 -10.15 -25.89
CA CYS A 128 0.58 -9.26 -26.99
C CYS A 128 0.61 -10.02 -28.32
N GLU A 129 -0.55 -10.07 -28.94
CA GLU A 129 -0.84 -10.80 -30.14
C GLU A 129 -2.31 -10.53 -30.47
N ASP A 7 -1.82 9.40 30.77
CA ASP A 7 -2.40 8.13 30.46
C ASP A 7 -3.59 8.34 29.56
N CYS A 8 -3.59 7.65 28.47
CA CYS A 8 -4.64 7.73 27.49
C CYS A 8 -5.86 7.03 28.03
N ASN A 9 -7.02 7.60 27.83
CA ASN A 9 -8.27 7.02 28.31
C ASN A 9 -8.99 6.32 27.17
N GLU A 10 -8.26 6.10 26.10
CA GLU A 10 -8.82 5.55 24.91
C GLU A 10 -7.80 4.68 24.19
N LEU A 11 -8.30 3.75 23.42
CA LEU A 11 -7.48 2.91 22.57
C LEU A 11 -7.01 3.69 21.37
N PRO A 12 -5.82 3.35 20.83
CA PRO A 12 -5.26 4.02 19.66
C PRO A 12 -6.22 3.88 18.48
N PRO A 13 -6.34 4.92 17.67
CA PRO A 13 -7.30 4.93 16.58
C PRO A 13 -6.90 3.97 15.48
N ARG A 14 -7.87 3.34 14.86
CA ARG A 14 -7.57 2.53 13.73
C ARG A 14 -7.32 3.45 12.57
N ARG A 15 -6.39 3.09 11.78
CA ARG A 15 -5.92 3.95 10.75
C ARG A 15 -6.56 3.59 9.42
N ASN A 16 -6.51 4.49 8.50
CA ASN A 16 -7.02 4.24 7.15
C ASN A 16 -6.02 3.40 6.37
N THR A 17 -4.76 3.74 6.51
CA THR A 17 -3.71 3.05 5.84
C THR A 17 -2.95 2.09 6.76
N GLU A 18 -3.24 2.13 8.04
CA GLU A 18 -2.56 1.26 8.97
C GLU A 18 -3.57 0.51 9.85
N ILE A 19 -3.08 -0.50 10.53
CA ILE A 19 -3.90 -1.38 11.40
C ILE A 19 -3.06 -1.67 12.59
N LEU A 20 -3.69 -1.79 13.70
CA LEU A 20 -3.01 -2.11 14.91
C LEU A 20 -2.50 -3.51 14.91
N THR A 21 -1.33 -3.67 15.43
CA THR A 21 -0.78 -4.95 15.64
C THR A 21 -0.36 -5.07 17.08
N GLY A 22 -1.17 -5.74 17.84
CA GLY A 22 -0.97 -5.89 19.23
C GLY A 22 -2.23 -6.42 19.83
N SER A 23 -2.40 -6.27 21.10
CA SER A 23 -3.61 -6.73 21.74
C SER A 23 -4.19 -5.62 22.58
N TRP A 24 -5.34 -5.17 22.18
CA TRP A 24 -5.99 -4.06 22.82
C TRP A 24 -7.33 -4.47 23.35
N SER A 25 -7.59 -4.19 24.61
CA SER A 25 -8.86 -4.50 25.18
C SER A 25 -9.24 -3.50 26.28
N ASP A 26 -8.47 -2.43 26.42
CA ASP A 26 -8.73 -1.52 27.53
C ASP A 26 -9.02 -0.13 27.08
N GLN A 27 -9.13 0.76 28.02
CA GLN A 27 -9.35 2.14 27.75
C GLN A 27 -8.12 2.89 28.15
N THR A 28 -7.79 2.80 29.40
CA THR A 28 -6.72 3.55 29.93
C THR A 28 -5.39 2.83 29.77
N TYR A 29 -4.49 3.50 29.11
CA TYR A 29 -3.15 3.02 28.92
C TYR A 29 -2.16 4.03 29.37
N PRO A 30 -1.12 3.58 30.09
CA PRO A 30 -0.10 4.44 30.68
C PRO A 30 0.66 5.27 29.65
N GLU A 31 1.04 6.47 30.05
CA GLU A 31 1.81 7.36 29.21
C GLU A 31 3.16 6.72 28.95
N GLY A 32 3.47 6.49 27.70
CA GLY A 32 4.68 5.80 27.35
C GLY A 32 4.37 4.44 26.78
N THR A 33 3.12 4.22 26.45
CA THR A 33 2.74 2.97 25.81
C THR A 33 2.77 3.08 24.30
N GLN A 34 3.69 2.36 23.70
CA GLN A 34 3.87 2.38 22.27
C GLN A 34 2.93 1.40 21.57
N ALA A 35 2.53 1.74 20.37
CA ALA A 35 1.63 0.95 19.57
C ALA A 35 2.26 0.71 18.22
N ILE A 36 2.21 -0.53 17.78
CA ILE A 36 2.81 -0.90 16.51
C ILE A 36 1.72 -1.04 15.46
N TYR A 37 1.93 -0.39 14.33
CA TYR A 37 0.97 -0.44 13.27
C TYR A 37 1.49 -1.19 12.05
N LYS A 38 0.60 -2.00 11.49
CA LYS A 38 0.78 -2.71 10.26
C LYS A 38 0.39 -1.75 9.17
N CYS A 39 1.26 -1.56 8.22
CA CYS A 39 1.04 -0.61 7.14
C CYS A 39 0.08 -1.12 6.07
N ARG A 40 -0.63 -2.19 6.34
CA ARG A 40 -1.48 -2.90 5.36
C ARG A 40 -0.62 -3.61 4.30
N PRO A 41 -1.11 -4.71 3.75
CA PRO A 41 -0.43 -5.40 2.68
C PRO A 41 -0.48 -4.56 1.41
N GLY A 42 0.67 -4.21 0.89
CA GLY A 42 0.73 -3.37 -0.27
C GLY A 42 1.41 -2.08 0.04
N TYR A 43 1.55 -1.82 1.30
CA TYR A 43 2.28 -0.68 1.74
C TYR A 43 3.51 -1.16 2.48
N ARG A 44 4.43 -0.29 2.65
CA ARG A 44 5.66 -0.58 3.33
C ARG A 44 6.17 0.68 3.97
N SER A 45 7.29 0.59 4.62
CA SER A 45 7.90 1.69 5.26
C SER A 45 9.30 1.30 5.69
N LEU A 46 10.13 2.27 5.95
CA LEU A 46 11.48 2.00 6.42
C LEU A 46 11.45 1.67 7.91
N GLY A 47 10.32 1.96 8.51
CA GLY A 47 10.05 1.63 9.87
C GLY A 47 8.57 1.70 10.08
N ASN A 48 8.03 0.84 10.90
CA ASN A 48 6.58 0.82 11.14
C ASN A 48 6.11 2.07 11.83
N VAL A 49 4.86 2.41 11.66
CA VAL A 49 4.30 3.52 12.36
C VAL A 49 4.15 3.14 13.81
N ILE A 50 5.05 3.61 14.60
CA ILE A 50 5.02 3.37 15.99
C ILE A 50 4.45 4.58 16.65
N MET A 51 3.36 4.40 17.31
CA MET A 51 2.74 5.47 18.03
C MET A 51 2.94 5.23 19.48
N VAL A 52 2.61 6.17 20.29
CA VAL A 52 2.76 6.01 21.70
C VAL A 52 1.80 6.92 22.43
N CYS A 53 1.34 6.47 23.54
CA CYS A 53 0.48 7.20 24.41
C CYS A 53 1.29 8.26 25.12
N ARG A 54 0.91 9.50 24.98
CA ARG A 54 1.62 10.58 25.62
C ARG A 54 0.69 11.77 25.87
N LYS A 55 0.62 12.19 27.13
CA LYS A 55 -0.19 13.35 27.60
C LYS A 55 -1.68 13.09 27.49
N GLY A 56 -2.02 11.86 27.27
CA GLY A 56 -3.39 11.48 27.17
C GLY A 56 -3.82 11.22 25.77
N GLU A 57 -3.01 11.60 24.82
CA GLU A 57 -3.33 11.36 23.44
C GLU A 57 -2.33 10.39 22.82
N TRP A 58 -2.73 9.77 21.77
CA TRP A 58 -1.87 8.88 21.05
C TRP A 58 -1.16 9.66 19.98
N VAL A 59 0.12 9.74 20.12
CA VAL A 59 0.94 10.52 19.24
C VAL A 59 1.91 9.61 18.53
N ALA A 60 2.62 10.13 17.58
CA ALA A 60 3.57 9.36 16.86
C ALA A 60 4.90 9.35 17.58
N LEU A 61 5.34 8.16 17.96
CA LEU A 61 6.64 7.94 18.54
C LEU A 61 7.62 8.21 17.43
N ASN A 62 7.34 7.60 16.30
CA ASN A 62 8.13 7.76 15.13
C ASN A 62 7.36 8.58 14.10
N PRO A 63 7.48 9.91 14.13
CA PRO A 63 6.78 10.80 13.19
C PRO A 63 7.47 10.85 11.84
N LEU A 64 8.73 10.47 11.86
CA LEU A 64 9.57 10.47 10.72
C LEU A 64 9.19 9.33 9.82
N ARG A 65 8.71 8.30 10.47
CA ARG A 65 8.27 7.10 9.80
C ARG A 65 6.83 7.28 9.34
N LYS A 66 6.41 6.50 8.37
CA LYS A 66 5.06 6.55 7.81
C LYS A 66 4.91 5.44 6.79
N CYS A 67 3.71 5.03 6.54
CA CYS A 67 3.48 3.94 5.63
C CYS A 67 3.20 4.46 4.23
N GLN A 68 3.99 4.02 3.28
CA GLN A 68 3.87 4.42 1.89
C GLN A 68 3.61 3.19 1.05
N LYS A 69 3.17 3.38 -0.16
CA LYS A 69 2.81 2.27 -1.03
C LYS A 69 4.06 1.56 -1.52
N ARG A 70 3.94 0.29 -1.79
CA ARG A 70 5.05 -0.43 -2.34
C ARG A 70 5.12 -0.22 -3.84
N PRO A 71 6.31 -0.19 -4.40
CA PRO A 71 6.49 -0.14 -5.82
C PRO A 71 6.32 -1.54 -6.45
N CYS A 72 5.90 -1.57 -7.68
CA CYS A 72 5.75 -2.83 -8.40
C CYS A 72 6.78 -2.97 -9.50
N GLY A 73 7.49 -1.89 -9.78
CA GLY A 73 8.47 -1.93 -10.83
C GLY A 73 7.82 -1.77 -12.19
N HIS A 74 8.63 -1.69 -13.21
CA HIS A 74 8.14 -1.59 -14.57
C HIS A 74 7.54 -2.94 -14.99
N PRO A 75 6.26 -2.97 -15.40
CA PRO A 75 5.57 -4.21 -15.78
C PRO A 75 6.08 -4.81 -17.10
N GLY A 76 7.16 -5.56 -16.99
CA GLY A 76 7.78 -6.19 -18.14
C GLY A 76 8.29 -5.15 -19.09
N ASP A 77 8.18 -5.40 -20.36
CA ASP A 77 8.53 -4.43 -21.37
C ASP A 77 7.60 -4.63 -22.54
N THR A 78 7.00 -3.58 -23.01
CA THR A 78 6.09 -3.69 -24.11
C THR A 78 6.46 -2.72 -25.25
N PRO A 79 7.15 -3.22 -26.28
CA PRO A 79 7.52 -2.42 -27.44
C PRO A 79 6.31 -1.98 -28.30
N PHE A 80 5.36 -2.86 -28.48
CA PHE A 80 4.24 -2.59 -29.40
C PHE A 80 3.00 -2.09 -28.68
N GLY A 81 2.90 -2.36 -27.40
CA GLY A 81 1.75 -1.95 -26.66
C GLY A 81 2.07 -0.86 -25.67
N THR A 82 1.08 -0.38 -24.99
CA THR A 82 1.23 0.65 -24.01
C THR A 82 0.44 0.28 -22.76
N PHE A 83 0.54 1.06 -21.73
CA PHE A 83 -0.23 0.82 -20.53
C PHE A 83 -0.53 2.11 -19.81
N THR A 84 -1.62 2.14 -19.11
CA THR A 84 -1.99 3.29 -18.35
C THR A 84 -1.65 3.03 -16.88
N LEU A 85 -1.77 4.04 -16.07
CA LEU A 85 -1.62 3.93 -14.66
C LEU A 85 -2.65 4.83 -14.03
N THR A 86 -3.30 4.38 -13.02
CA THR A 86 -4.36 5.17 -12.44
C THR A 86 -4.05 5.67 -11.00
N GLY A 87 -3.88 4.75 -10.04
CA GLY A 87 -3.65 5.14 -8.66
C GLY A 87 -2.21 5.53 -8.35
N GLY A 88 -1.70 6.48 -9.09
CA GLY A 88 -0.37 6.95 -8.83
C GLY A 88 0.23 7.62 -10.03
N ASN A 89 0.29 6.86 -11.13
CA ASN A 89 0.86 7.28 -12.44
C ASN A 89 2.31 6.98 -12.42
N VAL A 90 2.61 6.14 -11.50
CA VAL A 90 3.88 5.63 -11.28
C VAL A 90 3.66 4.19 -10.93
N PHE A 91 4.59 3.63 -10.34
CA PHE A 91 4.54 2.23 -10.05
C PHE A 91 4.46 2.01 -8.56
N GLU A 92 3.24 2.03 -8.06
CA GLU A 92 2.97 1.81 -6.66
C GLU A 92 1.61 1.21 -6.52
N TYR A 93 1.42 0.51 -5.40
CA TYR A 93 0.19 -0.20 -5.05
C TYR A 93 -1.05 0.64 -5.29
N GLY A 94 -1.87 0.20 -6.21
CA GLY A 94 -3.06 0.92 -6.50
C GLY A 94 -3.18 1.24 -7.96
N VAL A 95 -2.07 1.23 -8.68
CA VAL A 95 -2.17 1.46 -10.11
C VAL A 95 -2.63 0.23 -10.84
N LYS A 96 -3.49 0.46 -11.75
CA LYS A 96 -3.93 -0.54 -12.65
C LYS A 96 -3.30 -0.21 -13.95
N ALA A 97 -2.36 -1.00 -14.37
CA ALA A 97 -1.71 -0.78 -15.61
C ALA A 97 -2.60 -1.32 -16.70
N VAL A 98 -3.45 -0.48 -17.24
CA VAL A 98 -4.35 -0.95 -18.25
C VAL A 98 -3.61 -0.99 -19.58
N TYR A 99 -3.60 -2.11 -20.19
CA TYR A 99 -2.81 -2.32 -21.36
C TYR A 99 -3.59 -1.83 -22.56
N THR A 100 -2.95 -1.03 -23.36
CA THR A 100 -3.56 -0.48 -24.51
C THR A 100 -2.74 -0.87 -25.72
N CYS A 101 -3.38 -1.00 -26.82
CA CYS A 101 -2.70 -1.37 -28.03
C CYS A 101 -3.06 -0.45 -29.16
N ASN A 102 -2.09 -0.27 -30.05
CA ASN A 102 -2.23 0.55 -31.26
C ASN A 102 -3.36 0.06 -32.18
N GLU A 103 -3.62 0.84 -33.23
CA GLU A 103 -4.71 0.62 -34.21
C GLU A 103 -4.84 -0.83 -34.67
N GLY A 104 -3.76 -1.39 -35.12
CA GLY A 104 -3.78 -2.74 -35.64
C GLY A 104 -3.44 -3.77 -34.61
N TYR A 105 -3.62 -3.44 -33.36
CA TYR A 105 -3.32 -4.35 -32.29
C TYR A 105 -4.43 -4.38 -31.26
N GLN A 106 -4.43 -5.43 -30.50
CA GLN A 106 -5.27 -5.66 -29.37
C GLN A 106 -4.49 -6.66 -28.55
N LEU A 107 -5.09 -7.44 -27.71
CA LEU A 107 -4.29 -8.28 -26.89
C LEU A 107 -4.81 -9.66 -26.67
N LEU A 108 -3.89 -10.58 -26.64
CA LEU A 108 -4.17 -11.93 -26.28
C LEU A 108 -4.16 -12.00 -24.80
N GLY A 109 -5.12 -12.67 -24.30
CA GLY A 109 -5.33 -12.75 -22.91
C GLY A 109 -6.68 -12.17 -22.61
N GLU A 110 -7.30 -12.62 -21.56
CA GLU A 110 -8.64 -12.16 -21.26
C GLU A 110 -8.64 -10.95 -20.38
N ILE A 111 -7.50 -10.65 -19.84
CA ILE A 111 -7.37 -9.53 -18.97
C ILE A 111 -6.53 -8.48 -19.67
N ASN A 112 -7.11 -7.34 -19.94
CA ASN A 112 -6.42 -6.27 -20.68
C ASN A 112 -5.71 -5.32 -19.74
N TYR A 113 -5.36 -5.80 -18.59
CA TYR A 113 -4.74 -4.97 -17.58
C TYR A 113 -3.95 -5.85 -16.62
N ARG A 114 -3.29 -5.20 -15.71
CA ARG A 114 -2.53 -5.82 -14.65
C ARG A 114 -2.42 -4.80 -13.52
N GLU A 115 -2.76 -5.18 -12.34
CA GLU A 115 -2.79 -4.27 -11.24
C GLU A 115 -1.61 -4.43 -10.32
N CYS A 116 -1.12 -3.32 -9.81
CA CYS A 116 -0.07 -3.31 -8.82
C CYS A 116 -0.73 -3.57 -7.50
N ASP A 117 -0.65 -4.79 -7.10
CA ASP A 117 -1.33 -5.26 -5.94
C ASP A 117 -0.32 -5.41 -4.77
N THR A 118 -0.67 -6.22 -3.81
CA THR A 118 0.04 -6.37 -2.57
C THR A 118 1.43 -6.98 -2.77
N ASP A 119 1.54 -7.92 -3.66
CA ASP A 119 2.82 -8.53 -3.95
C ASP A 119 3.45 -7.87 -5.17
N GLY A 120 2.61 -7.47 -6.08
CA GLY A 120 3.10 -6.86 -7.29
C GLY A 120 2.06 -6.89 -8.37
N TRP A 121 2.50 -6.95 -9.61
CA TRP A 121 1.60 -6.95 -10.75
C TRP A 121 0.85 -8.24 -10.84
N THR A 122 -0.43 -8.13 -10.98
CA THR A 122 -1.27 -9.27 -11.16
C THR A 122 -1.21 -9.71 -12.61
N ASN A 123 -1.72 -10.90 -12.87
CA ASN A 123 -1.87 -11.45 -14.21
C ASN A 123 -0.53 -11.79 -14.87
N ASP A 124 -0.07 -10.93 -15.78
CA ASP A 124 1.17 -11.11 -16.58
C ASP A 124 1.11 -10.00 -17.63
N ILE A 125 1.81 -10.14 -18.73
CA ILE A 125 1.79 -9.15 -19.77
C ILE A 125 0.89 -9.64 -20.91
N PRO A 126 -0.31 -9.05 -21.08
CA PRO A 126 -1.16 -9.39 -22.22
C PRO A 126 -0.40 -9.09 -23.52
N ILE A 127 -0.52 -10.00 -24.45
CA ILE A 127 0.28 -9.95 -25.65
C ILE A 127 -0.37 -9.03 -26.68
N CYS A 128 0.30 -7.94 -27.01
CA CYS A 128 -0.22 -6.96 -27.95
C CYS A 128 -0.11 -7.49 -29.38
N GLU A 129 -1.22 -7.98 -29.88
CA GLU A 129 -1.36 -8.64 -31.15
C GLU A 129 -2.82 -8.50 -31.61
N ASP A 7 -1.72 7.30 31.76
CA ASP A 7 -2.29 6.03 31.27
C ASP A 7 -3.33 6.32 30.22
N CYS A 8 -3.29 5.57 29.15
CA CYS A 8 -4.19 5.72 28.02
C CYS A 8 -5.58 5.47 28.51
N ASN A 9 -6.52 6.21 28.06
CA ASN A 9 -7.91 5.96 28.44
C ASN A 9 -8.71 5.57 27.22
N GLU A 10 -7.99 5.23 26.18
CA GLU A 10 -8.53 4.83 24.92
C GLU A 10 -7.51 3.97 24.19
N LEU A 11 -7.97 3.24 23.23
CA LEU A 11 -7.15 2.39 22.37
C LEU A 11 -6.46 3.26 21.33
N PRO A 12 -5.28 2.80 20.82
CA PRO A 12 -4.55 3.53 19.79
C PRO A 12 -5.42 3.81 18.56
N PRO A 13 -5.56 5.09 18.17
CA PRO A 13 -6.38 5.47 17.04
C PRO A 13 -5.80 4.98 15.74
N ARG A 14 -6.45 4.00 15.16
CA ARG A 14 -6.05 3.49 13.88
C ARG A 14 -6.37 4.52 12.82
N ARG A 15 -5.52 4.62 11.84
CA ARG A 15 -5.63 5.68 10.87
C ARG A 15 -6.18 5.15 9.57
N ASN A 16 -6.18 5.96 8.53
CA ASN A 16 -6.67 5.55 7.21
C ASN A 16 -5.73 4.54 6.59
N THR A 17 -4.45 4.80 6.71
CA THR A 17 -3.46 3.95 6.13
C THR A 17 -2.67 3.16 7.17
N GLU A 18 -3.13 3.15 8.42
CA GLU A 18 -2.40 2.44 9.46
C GLU A 18 -3.32 1.69 10.38
N ILE A 19 -2.95 0.45 10.66
CA ILE A 19 -3.70 -0.41 11.56
C ILE A 19 -2.70 -0.95 12.48
N LEU A 20 -3.12 -1.36 13.61
CA LEU A 20 -2.26 -1.90 14.58
C LEU A 20 -1.84 -3.27 14.19
N THR A 21 -0.61 -3.55 14.46
CA THR A 21 -0.05 -4.85 14.19
C THR A 21 -0.59 -5.83 15.23
N GLY A 22 -0.42 -5.46 16.46
CA GLY A 22 -0.88 -6.25 17.55
C GLY A 22 -2.32 -5.99 17.88
N SER A 23 -2.87 -6.84 18.69
CA SER A 23 -4.22 -6.72 19.14
C SER A 23 -4.26 -5.92 20.45
N TRP A 24 -5.32 -5.17 20.64
CA TRP A 24 -5.48 -4.33 21.81
C TRP A 24 -6.91 -4.51 22.29
N SER A 25 -7.13 -4.51 23.58
CA SER A 25 -8.46 -4.83 24.05
C SER A 25 -9.04 -3.76 24.99
N ASP A 26 -8.26 -3.28 25.89
CA ASP A 26 -8.76 -2.41 26.95
C ASP A 26 -8.53 -0.97 26.60
N GLN A 27 -9.27 -0.06 27.18
CA GLN A 27 -9.05 1.34 26.89
C GLN A 27 -7.87 1.87 27.67
N THR A 28 -7.62 1.32 28.81
CA THR A 28 -6.60 1.86 29.63
C THR A 28 -5.31 1.05 29.54
N TYR A 29 -4.27 1.70 29.11
CA TYR A 29 -2.95 1.12 28.97
C TYR A 29 -1.93 2.01 29.65
N PRO A 30 -0.80 1.47 30.09
CA PRO A 30 0.24 2.25 30.73
C PRO A 30 0.86 3.27 29.77
N GLU A 31 1.25 4.41 30.30
CA GLU A 31 1.85 5.44 29.50
C GLU A 31 3.24 4.98 29.08
N GLY A 32 3.66 5.38 27.90
CA GLY A 32 4.92 4.93 27.40
C GLY A 32 4.76 3.68 26.58
N THR A 33 3.52 3.32 26.29
CA THR A 33 3.24 2.17 25.48
C THR A 33 3.19 2.54 24.02
N GLN A 34 4.06 1.93 23.23
CA GLN A 34 4.10 2.20 21.82
C GLN A 34 3.13 1.33 21.06
N ALA A 35 2.78 1.80 19.92
CA ALA A 35 1.90 1.11 19.03
C ALA A 35 2.54 1.04 17.68
N ILE A 36 2.65 -0.14 17.15
CA ILE A 36 3.28 -0.36 15.88
C ILE A 36 2.22 -0.43 14.82
N TYR A 37 2.40 0.31 13.76
CA TYR A 37 1.45 0.29 12.71
C TYR A 37 1.85 -0.58 11.53
N LYS A 38 0.85 -1.26 11.05
CA LYS A 38 0.88 -2.27 10.01
C LYS A 38 0.98 -1.67 8.61
N CYS A 39 0.64 -0.41 8.50
CA CYS A 39 0.67 0.35 7.23
C CYS A 39 -0.38 -0.13 6.21
N ARG A 40 -1.14 -1.19 6.54
CA ARG A 40 -2.10 -1.83 5.60
C ARG A 40 -1.36 -2.58 4.47
N PRO A 41 -1.98 -3.60 3.89
CA PRO A 41 -1.37 -4.35 2.80
C PRO A 41 -1.32 -3.51 1.52
N GLY A 42 -0.13 -3.32 1.02
CA GLY A 42 0.08 -2.56 -0.18
C GLY A 42 0.80 -1.27 0.12
N TYR A 43 1.03 -1.02 1.36
CA TYR A 43 1.74 0.15 1.76
C TYR A 43 2.95 -0.30 2.53
N ARG A 44 3.77 0.63 2.88
CA ARG A 44 4.93 0.36 3.68
C ARG A 44 5.40 1.68 4.24
N SER A 45 6.50 1.66 4.87
CA SER A 45 7.10 2.83 5.34
C SER A 45 8.59 2.61 5.38
N LEU A 46 9.30 3.65 5.57
CA LEU A 46 10.73 3.59 5.63
C LEU A 46 11.10 3.77 7.11
N GLY A 47 10.20 3.27 7.91
CA GLY A 47 10.22 3.30 9.31
C GLY A 47 8.81 3.23 9.75
N ASN A 48 8.41 2.10 10.33
CA ASN A 48 7.01 1.89 10.74
C ASN A 48 6.52 3.01 11.61
N VAL A 49 5.28 3.40 11.40
CA VAL A 49 4.66 4.40 12.22
C VAL A 49 4.53 3.86 13.61
N ILE A 50 5.25 4.45 14.50
CA ILE A 50 5.25 4.05 15.85
C ILE A 50 4.65 5.15 16.66
N MET A 51 3.57 4.85 17.30
CA MET A 51 2.96 5.79 18.18
C MET A 51 3.23 5.37 19.57
N VAL A 52 2.91 6.19 20.52
CA VAL A 52 3.13 5.85 21.90
C VAL A 52 2.18 6.65 22.76
N CYS A 53 1.78 6.08 23.84
CA CYS A 53 0.84 6.68 24.74
C CYS A 53 1.55 7.68 25.65
N ARG A 54 0.95 8.84 25.80
CA ARG A 54 1.49 9.92 26.58
C ARG A 54 0.31 10.75 27.08
N LYS A 55 0.24 10.97 28.39
CA LYS A 55 -0.77 11.84 29.03
C LYS A 55 -2.21 11.32 28.87
N GLY A 56 -2.35 10.07 28.53
CA GLY A 56 -3.65 9.50 28.37
C GLY A 56 -4.08 9.41 26.93
N GLU A 57 -3.35 10.07 26.05
CA GLU A 57 -3.65 10.01 24.65
C GLU A 57 -2.51 9.34 23.91
N TRP A 58 -2.73 9.01 22.69
CA TRP A 58 -1.72 8.40 21.90
C TRP A 58 -1.11 9.42 20.99
N VAL A 59 0.16 9.58 21.12
CA VAL A 59 0.92 10.54 20.35
C VAL A 59 1.89 9.78 19.47
N ALA A 60 2.66 10.46 18.69
CA ALA A 60 3.56 9.79 17.81
C ALA A 60 4.95 9.69 18.43
N LEU A 61 5.46 8.47 18.53
CA LEU A 61 6.82 8.22 19.00
C LEU A 61 7.75 8.72 17.94
N ASN A 62 7.39 8.44 16.72
CA ASN A 62 8.11 8.97 15.61
C ASN A 62 7.14 9.63 14.67
N PRO A 63 6.99 10.95 14.75
CA PRO A 63 6.07 11.70 13.90
C PRO A 63 6.62 11.94 12.49
N LEU A 64 7.88 11.59 12.29
CA LEU A 64 8.55 11.78 11.01
C LEU A 64 8.11 10.72 10.02
N ARG A 65 7.73 9.57 10.52
CA ARG A 65 7.35 8.48 9.66
C ARG A 65 5.85 8.48 9.40
N LYS A 66 5.46 7.92 8.27
CA LYS A 66 4.07 7.76 7.90
C LYS A 66 4.01 6.65 6.88
N CYS A 67 2.95 5.89 6.87
CA CYS A 67 2.84 4.80 5.94
C CYS A 67 2.42 5.30 4.58
N GLN A 68 3.22 5.00 3.61
CA GLN A 68 2.98 5.42 2.25
C GLN A 68 2.89 4.19 1.38
N LYS A 69 2.44 4.36 0.17
CA LYS A 69 2.32 3.25 -0.76
C LYS A 69 3.65 2.61 -1.07
N ARG A 70 3.61 1.38 -1.50
CA ARG A 70 4.79 0.72 -1.95
C ARG A 70 4.81 0.77 -3.47
N PRO A 71 5.98 0.70 -4.09
CA PRO A 71 6.07 0.54 -5.52
C PRO A 71 5.68 -0.91 -5.89
N CYS A 72 5.15 -1.10 -7.07
CA CYS A 72 4.75 -2.44 -7.51
C CYS A 72 5.97 -3.23 -7.95
N GLY A 73 6.80 -2.59 -8.74
CA GLY A 73 7.94 -3.23 -9.29
C GLY A 73 8.08 -2.87 -10.73
N HIS A 74 8.16 -3.86 -11.58
CA HIS A 74 8.35 -3.64 -12.99
C HIS A 74 7.50 -4.68 -13.70
N PRO A 75 6.49 -4.25 -14.48
CA PRO A 75 5.49 -5.15 -15.14
C PRO A 75 6.05 -5.97 -16.32
N GLY A 76 7.24 -6.49 -16.17
CA GLY A 76 7.86 -7.27 -17.22
C GLY A 76 8.23 -6.40 -18.40
N ASP A 77 7.98 -6.88 -19.58
CA ASP A 77 8.27 -6.13 -20.77
C ASP A 77 7.24 -6.55 -21.83
N THR A 78 7.39 -6.02 -22.99
CA THR A 78 6.57 -6.26 -24.13
C THR A 78 7.23 -5.59 -25.34
N PRO A 79 7.83 -6.38 -26.23
CA PRO A 79 8.59 -5.84 -27.37
C PRO A 79 7.70 -5.29 -28.49
N PHE A 80 6.45 -5.68 -28.47
CA PHE A 80 5.53 -5.34 -29.54
C PHE A 80 4.26 -4.60 -29.08
N GLY A 81 4.09 -4.45 -27.79
CA GLY A 81 2.94 -3.77 -27.28
C GLY A 81 3.33 -2.78 -26.23
N THR A 82 2.38 -2.31 -25.45
CA THR A 82 2.66 -1.39 -24.39
C THR A 82 1.51 -1.36 -23.39
N PHE A 83 1.65 -0.51 -22.40
CA PHE A 83 0.70 -0.38 -21.34
C PHE A 83 0.58 1.08 -20.92
N THR A 84 -0.45 1.38 -20.19
CA THR A 84 -0.70 2.70 -19.70
C THR A 84 -0.76 2.63 -18.20
N LEU A 85 -0.78 3.74 -17.56
CA LEU A 85 -1.00 3.78 -16.14
C LEU A 85 -2.09 4.80 -15.89
N THR A 86 -3.01 4.46 -15.04
CA THR A 86 -4.17 5.31 -14.81
C THR A 86 -4.29 5.78 -13.34
N GLY A 87 -3.36 5.38 -12.51
CA GLY A 87 -3.43 5.73 -11.10
C GLY A 87 -2.14 6.33 -10.65
N GLY A 88 -1.45 6.88 -11.60
CA GLY A 88 -0.16 7.41 -11.39
C GLY A 88 0.70 6.97 -12.52
N ASN A 89 1.66 7.76 -12.90
CA ASN A 89 2.55 7.36 -14.00
C ASN A 89 3.76 6.71 -13.42
N VAL A 90 3.54 6.05 -12.34
CA VAL A 90 4.54 5.45 -11.60
C VAL A 90 4.00 4.17 -11.07
N PHE A 91 4.86 3.35 -10.66
CA PHE A 91 4.47 2.04 -10.19
C PHE A 91 4.24 2.08 -8.72
N GLU A 92 2.99 2.15 -8.35
CA GLU A 92 2.59 2.24 -6.96
C GLU A 92 1.31 1.44 -6.77
N TYR A 93 1.15 0.89 -5.59
CA TYR A 93 -0.06 0.14 -5.23
C TYR A 93 -1.32 0.98 -5.53
N GLY A 94 -2.18 0.45 -6.36
CA GLY A 94 -3.37 1.17 -6.74
C GLY A 94 -3.35 1.59 -8.21
N VAL A 95 -2.19 1.50 -8.83
CA VAL A 95 -2.08 1.87 -10.22
C VAL A 95 -2.54 0.70 -11.12
N LYS A 96 -3.21 1.02 -12.19
CA LYS A 96 -3.67 0.03 -13.13
C LYS A 96 -2.92 0.24 -14.43
N ALA A 97 -2.30 -0.80 -14.90
CA ALA A 97 -1.57 -0.79 -16.14
C ALA A 97 -2.48 -1.27 -17.25
N VAL A 98 -3.01 -0.38 -18.07
CA VAL A 98 -3.90 -0.84 -19.13
C VAL A 98 -3.09 -1.19 -20.35
N TYR A 99 -3.26 -2.35 -20.84
CA TYR A 99 -2.46 -2.85 -21.92
C TYR A 99 -3.16 -2.54 -23.23
N THR A 100 -2.39 -2.20 -24.21
CA THR A 100 -2.90 -1.88 -25.50
C THR A 100 -2.03 -2.60 -26.54
N CYS A 101 -2.56 -2.86 -27.70
CA CYS A 101 -1.85 -3.64 -28.69
C CYS A 101 -2.34 -3.42 -30.08
N ASN A 102 -1.63 -2.63 -30.77
CA ASN A 102 -1.68 -2.48 -32.21
C ASN A 102 -3.09 -2.31 -32.85
N GLU A 103 -3.19 -2.57 -34.16
CA GLU A 103 -4.43 -2.45 -34.89
C GLU A 103 -5.10 -3.81 -35.07
N GLY A 104 -4.44 -4.69 -35.81
CA GLY A 104 -4.99 -6.02 -36.10
C GLY A 104 -4.71 -7.02 -35.00
N TYR A 105 -4.72 -6.51 -33.79
CA TYR A 105 -4.50 -7.25 -32.58
C TYR A 105 -5.50 -6.67 -31.58
N GLN A 106 -5.61 -7.25 -30.40
CA GLN A 106 -6.32 -6.62 -29.33
C GLN A 106 -5.38 -6.72 -28.26
N LEU A 107 -5.17 -7.98 -27.91
CA LEU A 107 -4.15 -8.49 -27.15
C LEU A 107 -4.69 -9.90 -26.79
N LEU A 108 -3.85 -10.82 -26.47
CA LEU A 108 -4.32 -12.11 -26.05
C LEU A 108 -4.35 -12.20 -24.56
N GLY A 109 -5.53 -12.27 -24.07
CA GLY A 109 -5.80 -12.33 -22.66
C GLY A 109 -7.14 -11.71 -22.42
N GLU A 110 -7.84 -12.14 -21.40
CA GLU A 110 -9.16 -11.61 -21.12
C GLU A 110 -9.02 -10.29 -20.44
N ILE A 111 -7.97 -10.19 -19.67
CA ILE A 111 -7.71 -9.05 -18.88
C ILE A 111 -6.77 -8.16 -19.67
N ASN A 112 -7.28 -7.06 -20.18
CA ASN A 112 -6.47 -6.19 -21.04
C ASN A 112 -5.69 -5.17 -20.22
N TYR A 113 -5.37 -5.55 -19.04
CA TYR A 113 -4.73 -4.66 -18.10
C TYR A 113 -4.09 -5.46 -16.99
N ARG A 114 -3.40 -4.78 -16.12
CA ARG A 114 -2.81 -5.40 -14.99
C ARG A 114 -2.89 -4.42 -13.83
N GLU A 115 -3.53 -4.81 -12.79
CA GLU A 115 -3.60 -3.97 -11.61
C GLU A 115 -2.49 -4.31 -10.67
N CYS A 116 -2.09 -3.36 -9.89
CA CYS A 116 -1.04 -3.56 -8.91
C CYS A 116 -1.63 -4.25 -7.69
N ASP A 117 -0.84 -5.05 -7.02
CA ASP A 117 -1.30 -5.77 -5.85
C ASP A 117 -0.36 -5.47 -4.70
N THR A 118 -0.60 -6.08 -3.57
CA THR A 118 0.12 -5.84 -2.35
C THR A 118 1.60 -6.18 -2.45
N ASP A 119 1.92 -7.18 -3.23
CA ASP A 119 3.29 -7.56 -3.40
C ASP A 119 3.72 -7.63 -4.85
N GLY A 120 2.90 -7.17 -5.75
CA GLY A 120 3.24 -7.22 -7.15
C GLY A 120 2.13 -6.72 -8.01
N TRP A 121 1.70 -7.52 -8.97
CA TRP A 121 0.59 -7.17 -9.85
C TRP A 121 -0.39 -8.33 -9.91
N THR A 122 -1.62 -8.03 -10.18
CA THR A 122 -2.63 -9.04 -10.35
C THR A 122 -2.68 -9.40 -11.83
N ASN A 123 -2.61 -10.70 -12.12
CA ASN A 123 -2.60 -11.22 -13.51
C ASN A 123 -1.22 -11.12 -14.13
N ASP A 124 -1.10 -11.62 -15.33
CA ASP A 124 0.18 -11.72 -16.02
C ASP A 124 0.24 -10.64 -17.10
N ILE A 125 1.05 -10.86 -18.10
CA ILE A 125 1.20 -9.95 -19.18
C ILE A 125 0.41 -10.50 -20.36
N PRO A 126 -0.81 -9.95 -20.64
CA PRO A 126 -1.56 -10.30 -21.84
C PRO A 126 -0.63 -10.10 -23.05
N ILE A 127 -0.61 -11.03 -23.92
CA ILE A 127 0.34 -11.04 -24.98
C ILE A 127 -0.19 -10.24 -26.15
N CYS A 128 0.55 -9.25 -26.57
CA CYS A 128 0.19 -8.44 -27.73
C CYS A 128 0.32 -9.31 -29.01
N GLU A 129 -0.80 -9.94 -29.36
CA GLU A 129 -0.94 -10.88 -30.45
C GLU A 129 -2.34 -10.76 -30.95
N ASP A 7 -0.62 8.27 31.40
CA ASP A 7 -1.25 7.00 31.11
C ASP A 7 -2.52 7.23 30.31
N CYS A 8 -2.62 6.58 29.21
CA CYS A 8 -3.74 6.71 28.33
C CYS A 8 -4.85 5.86 28.84
N ASN A 9 -6.05 6.41 28.90
CA ASN A 9 -7.20 5.68 29.41
C ASN A 9 -8.10 5.33 28.26
N GLU A 10 -7.47 5.09 27.16
CA GLU A 10 -8.14 4.81 25.93
C GLU A 10 -7.22 4.01 25.03
N LEU A 11 -7.79 3.33 24.10
CA LEU A 11 -7.06 2.54 23.14
C LEU A 11 -6.61 3.40 21.98
N PRO A 12 -5.53 3.01 21.28
CA PRO A 12 -5.04 3.73 20.12
C PRO A 12 -6.09 3.69 19.00
N PRO A 13 -6.20 4.76 18.23
CA PRO A 13 -7.20 4.85 17.18
C PRO A 13 -6.88 3.96 15.97
N ARG A 14 -7.90 3.60 15.25
CA ARG A 14 -7.72 2.90 14.02
C ARG A 14 -7.44 3.94 12.95
N ARG A 15 -6.65 3.59 11.99
CA ARG A 15 -6.21 4.56 11.03
C ARG A 15 -6.73 4.30 9.64
N ASN A 16 -6.51 5.26 8.77
CA ASN A 16 -6.99 5.20 7.40
C ASN A 16 -6.11 4.33 6.54
N THR A 17 -4.82 4.42 6.74
CA THR A 17 -3.91 3.59 6.01
C THR A 17 -3.15 2.63 6.94
N GLU A 18 -3.50 2.66 8.22
CA GLU A 18 -2.82 1.82 9.22
C GLU A 18 -3.81 1.07 10.10
N ILE A 19 -3.37 -0.06 10.63
CA ILE A 19 -4.15 -0.90 11.55
C ILE A 19 -3.20 -1.25 12.65
N LEU A 20 -3.72 -1.56 13.76
CA LEU A 20 -2.94 -1.92 14.88
C LEU A 20 -2.42 -3.31 14.75
N THR A 21 -1.29 -3.54 15.32
CA THR A 21 -0.80 -4.88 15.45
C THR A 21 -1.12 -5.29 16.86
N GLY A 22 -1.22 -6.56 17.12
CA GLY A 22 -1.50 -6.99 18.45
C GLY A 22 -2.97 -7.16 18.69
N SER A 23 -3.34 -7.16 19.92
CA SER A 23 -4.70 -7.29 20.32
C SER A 23 -4.94 -6.35 21.49
N TRP A 24 -5.86 -5.45 21.32
CA TRP A 24 -6.12 -4.44 22.30
C TRP A 24 -7.50 -4.65 22.88
N SER A 25 -7.58 -4.95 24.16
CA SER A 25 -8.86 -5.14 24.82
C SER A 25 -8.89 -4.41 26.15
N ASP A 26 -8.11 -3.35 26.24
CA ASP A 26 -8.01 -2.60 27.48
C ASP A 26 -8.27 -1.14 27.26
N GLN A 27 -7.95 -0.33 28.24
CA GLN A 27 -8.06 1.11 28.12
C GLN A 27 -6.85 1.79 28.68
N THR A 28 -6.52 1.47 29.90
CA THR A 28 -5.46 2.14 30.54
C THR A 28 -4.09 1.53 30.23
N TYR A 29 -3.37 2.23 29.40
CA TYR A 29 -2.06 1.85 29.00
C TYR A 29 -1.06 2.85 29.51
N PRO A 30 0.06 2.36 30.03
CA PRO A 30 1.08 3.21 30.61
C PRO A 30 1.70 4.13 29.59
N GLU A 31 2.14 5.28 30.05
CA GLU A 31 2.76 6.24 29.19
C GLU A 31 4.08 5.63 28.70
N GLY A 32 4.31 5.73 27.42
CA GLY A 32 5.48 5.13 26.87
C GLY A 32 5.14 3.88 26.10
N THR A 33 3.86 3.57 26.05
CA THR A 33 3.41 2.41 25.33
C THR A 33 3.27 2.71 23.86
N GLN A 34 4.09 2.07 23.08
CA GLN A 34 4.09 2.26 21.69
C GLN A 34 3.11 1.34 21.00
N ALA A 35 2.47 1.89 20.03
CA ALA A 35 1.52 1.18 19.24
C ALA A 35 2.12 1.00 17.88
N ILE A 36 2.37 -0.22 17.55
CA ILE A 36 2.97 -0.56 16.31
C ILE A 36 1.87 -0.76 15.28
N TYR A 37 1.92 0.00 14.25
CA TYR A 37 0.93 -0.08 13.23
C TYR A 37 1.35 -0.91 12.06
N LYS A 38 0.40 -1.64 11.57
CA LYS A 38 0.48 -2.39 10.38
C LYS A 38 -0.09 -1.50 9.34
N CYS A 39 0.71 -1.04 8.45
CA CYS A 39 0.30 -0.07 7.47
C CYS A 39 -0.48 -0.65 6.31
N ARG A 40 -1.24 -1.69 6.61
CA ARG A 40 -2.12 -2.36 5.66
C ARG A 40 -1.38 -3.04 4.51
N PRO A 41 -1.95 -4.10 3.97
CA PRO A 41 -1.40 -4.72 2.81
C PRO A 41 -1.55 -3.78 1.62
N GLY A 42 -0.46 -3.49 0.98
CA GLY A 42 -0.47 -2.59 -0.15
C GLY A 42 0.37 -1.36 0.10
N TYR A 43 0.61 -1.10 1.35
CA TYR A 43 1.41 0.03 1.71
C TYR A 43 2.68 -0.48 2.36
N ARG A 44 3.61 0.40 2.58
CA ARG A 44 4.84 0.04 3.23
C ARG A 44 5.41 1.26 3.88
N SER A 45 6.52 1.06 4.52
CA SER A 45 7.25 2.12 5.13
C SER A 45 8.59 1.57 5.59
N LEU A 46 9.65 2.30 5.33
CA LEU A 46 10.95 1.91 5.85
C LEU A 46 10.91 2.04 7.37
N GLY A 47 10.33 3.12 7.82
CA GLY A 47 10.07 3.31 9.21
C GLY A 47 8.59 3.22 9.42
N ASN A 48 8.16 2.22 10.14
CA ASN A 48 6.72 1.97 10.40
C ASN A 48 6.13 3.09 11.21
N VAL A 49 4.82 3.28 11.09
CA VAL A 49 4.13 4.24 11.90
C VAL A 49 4.05 3.73 13.31
N ILE A 50 4.90 4.25 14.14
CA ILE A 50 4.93 3.87 15.50
C ILE A 50 4.37 4.99 16.32
N MET A 51 3.31 4.73 16.99
CA MET A 51 2.73 5.70 17.87
C MET A 51 3.06 5.32 19.27
N VAL A 52 2.80 6.19 20.18
CA VAL A 52 3.09 5.91 21.55
C VAL A 52 2.21 6.78 22.45
N CYS A 53 1.87 6.23 23.56
CA CYS A 53 1.07 6.89 24.57
C CYS A 53 1.94 7.90 25.32
N ARG A 54 1.54 9.16 25.32
CA ARG A 54 2.25 10.18 26.07
C ARG A 54 1.30 11.30 26.46
N LYS A 55 1.36 11.73 27.73
CA LYS A 55 0.53 12.82 28.29
C LYS A 55 -0.94 12.44 28.38
N GLY A 56 -1.22 11.19 28.19
CA GLY A 56 -2.57 10.72 28.27
C GLY A 56 -3.20 10.55 26.92
N GLU A 57 -2.49 10.92 25.87
CA GLU A 57 -2.98 10.75 24.54
C GLU A 57 -2.03 9.94 23.70
N TRP A 58 -2.54 9.34 22.66
CA TRP A 58 -1.73 8.58 21.74
C TRP A 58 -1.18 9.50 20.68
N VAL A 59 0.13 9.62 20.66
CA VAL A 59 0.81 10.49 19.74
C VAL A 59 1.77 9.66 18.91
N ALA A 60 2.43 10.27 17.97
CA ALA A 60 3.37 9.55 17.16
C ALA A 60 4.75 9.58 17.78
N LEU A 61 5.36 8.41 17.91
CA LEU A 61 6.72 8.28 18.41
C LEU A 61 7.59 8.86 17.34
N ASN A 62 7.36 8.37 16.16
CA ASN A 62 8.01 8.84 14.98
C ASN A 62 7.03 9.65 14.15
N PRO A 63 6.94 10.98 14.37
CA PRO A 63 5.99 11.84 13.66
C PRO A 63 6.40 12.08 12.20
N LEU A 64 7.64 11.77 11.91
CA LEU A 64 8.23 12.00 10.60
C LEU A 64 7.90 10.87 9.67
N ARG A 65 7.35 9.87 10.24
CA ARG A 65 6.96 8.69 9.52
C ARG A 65 5.47 8.61 9.25
N LYS A 66 5.13 8.19 8.05
CA LYS A 66 3.78 7.91 7.65
C LYS A 66 3.87 6.74 6.68
N CYS A 67 2.80 6.06 6.43
CA CYS A 67 2.85 4.95 5.52
C CYS A 67 2.30 5.29 4.17
N GLN A 68 3.08 4.96 3.18
CA GLN A 68 2.76 5.23 1.79
C GLN A 68 2.67 3.92 1.05
N LYS A 69 2.24 3.97 -0.20
CA LYS A 69 2.03 2.76 -0.98
C LYS A 69 3.33 2.03 -1.28
N ARG A 70 3.22 0.75 -1.56
CA ARG A 70 4.37 -0.03 -1.95
C ARG A 70 4.58 0.13 -3.45
N PRO A 71 5.83 0.14 -3.90
CA PRO A 71 6.14 0.19 -5.31
C PRO A 71 6.03 -1.20 -5.91
N CYS A 72 5.58 -1.28 -7.11
CA CYS A 72 5.31 -2.58 -7.72
C CYS A 72 6.39 -2.97 -8.71
N GLY A 73 7.41 -2.18 -8.78
CA GLY A 73 8.52 -2.45 -9.65
C GLY A 73 8.21 -2.17 -11.06
N HIS A 74 7.87 -3.18 -11.77
CA HIS A 74 7.58 -3.04 -13.14
C HIS A 74 6.61 -4.13 -13.57
N PRO A 75 5.67 -3.81 -14.47
CA PRO A 75 4.62 -4.75 -14.91
C PRO A 75 5.13 -5.75 -15.93
N GLY A 76 6.28 -6.30 -15.65
CA GLY A 76 6.91 -7.17 -16.57
C GLY A 76 7.72 -6.37 -17.51
N ASP A 77 7.82 -6.80 -18.73
CA ASP A 77 8.55 -6.06 -19.72
C ASP A 77 8.09 -6.49 -21.08
N THR A 78 7.72 -5.55 -21.90
CA THR A 78 7.28 -5.83 -23.22
C THR A 78 8.28 -5.25 -24.24
N PRO A 79 8.62 -6.03 -25.27
CA PRO A 79 9.58 -5.61 -26.30
C PRO A 79 9.07 -4.50 -27.24
N PHE A 80 7.79 -4.53 -27.56
CA PHE A 80 7.25 -3.53 -28.52
C PHE A 80 5.84 -3.10 -28.14
N GLY A 81 5.41 -3.45 -26.96
CA GLY A 81 4.11 -3.07 -26.51
C GLY A 81 4.18 -1.84 -25.65
N THR A 82 3.07 -1.36 -25.23
CA THR A 82 2.99 -0.18 -24.42
C THR A 82 1.97 -0.39 -23.31
N PHE A 83 1.85 0.55 -22.42
CA PHE A 83 0.85 0.49 -21.39
C PHE A 83 0.56 1.87 -20.89
N THR A 84 -0.58 2.04 -20.33
CA THR A 84 -0.95 3.26 -19.73
C THR A 84 -1.22 3.05 -18.26
N LEU A 85 -1.08 4.09 -17.48
CA LEU A 85 -1.29 4.00 -16.06
C LEU A 85 -2.38 4.95 -15.64
N THR A 86 -3.25 4.48 -14.82
CA THR A 86 -4.30 5.30 -14.32
C THR A 86 -4.11 5.52 -12.83
N GLY A 87 -4.35 6.74 -12.39
CA GLY A 87 -4.22 7.10 -11.00
C GLY A 87 -2.77 7.31 -10.58
N GLY A 88 -2.04 6.22 -10.54
CA GLY A 88 -0.68 6.22 -10.05
C GLY A 88 0.28 6.99 -10.93
N ASN A 89 0.60 6.38 -12.09
CA ASN A 89 1.52 6.95 -13.13
C ASN A 89 2.89 6.67 -12.74
N VAL A 90 2.94 5.75 -11.88
CA VAL A 90 4.08 5.24 -11.32
C VAL A 90 3.68 3.87 -10.89
N PHE A 91 4.62 3.08 -10.60
CA PHE A 91 4.35 1.71 -10.27
C PHE A 91 4.10 1.58 -8.77
N GLU A 92 2.87 1.79 -8.39
CA GLU A 92 2.46 1.78 -7.01
C GLU A 92 1.19 0.96 -6.84
N TYR A 93 0.92 0.57 -5.63
CA TYR A 93 -0.29 -0.16 -5.29
C TYR A 93 -1.55 0.55 -5.78
N GLY A 94 -2.39 -0.18 -6.48
CA GLY A 94 -3.63 0.37 -6.96
C GLY A 94 -3.57 0.80 -8.41
N VAL A 95 -2.36 1.00 -8.94
CA VAL A 95 -2.22 1.44 -10.31
C VAL A 95 -2.59 0.32 -11.27
N LYS A 96 -3.25 0.68 -12.33
CA LYS A 96 -3.59 -0.27 -13.35
C LYS A 96 -2.70 -0.02 -14.52
N ALA A 97 -1.97 -1.02 -14.90
CA ALA A 97 -1.17 -0.96 -16.08
C ALA A 97 -1.96 -1.56 -17.20
N VAL A 98 -2.57 -0.72 -17.95
CA VAL A 98 -3.38 -1.12 -19.07
C VAL A 98 -2.53 -1.25 -20.31
N TYR A 99 -2.39 -2.46 -20.75
CA TYR A 99 -1.48 -2.84 -21.81
C TYR A 99 -2.09 -2.53 -23.15
N THR A 100 -1.26 -2.05 -24.01
CA THR A 100 -1.62 -1.69 -25.35
C THR A 100 -0.43 -2.08 -26.22
N CYS A 101 -0.55 -2.02 -27.50
CA CYS A 101 0.58 -2.35 -28.31
C CYS A 101 0.94 -1.24 -29.25
N ASN A 102 0.35 -1.27 -30.41
CA ASN A 102 0.69 -0.38 -31.50
C ASN A 102 -0.63 0.02 -32.10
N GLU A 103 -0.67 0.29 -33.37
CA GLU A 103 -1.91 0.69 -33.96
C GLU A 103 -2.67 -0.55 -34.47
N GLY A 104 -2.00 -1.36 -35.25
CA GLY A 104 -2.58 -2.60 -35.77
C GLY A 104 -2.50 -3.73 -34.76
N TYR A 105 -1.63 -3.57 -33.81
CA TYR A 105 -1.46 -4.52 -32.73
C TYR A 105 -2.31 -4.01 -31.60
N GLN A 106 -2.91 -4.87 -30.82
CA GLN A 106 -3.78 -4.38 -29.81
C GLN A 106 -3.26 -4.90 -28.58
N LEU A 107 -3.41 -6.19 -28.49
CA LEU A 107 -3.22 -6.93 -27.44
C LEU A 107 -3.79 -8.33 -27.82
N LEU A 108 -3.29 -9.37 -27.21
CA LEU A 108 -3.84 -10.68 -27.29
C LEU A 108 -3.90 -11.28 -25.90
N GLY A 109 -5.05 -11.73 -25.53
CA GLY A 109 -5.28 -12.25 -24.21
C GLY A 109 -6.65 -11.80 -23.77
N GLU A 110 -7.13 -12.30 -22.67
CA GLU A 110 -8.44 -11.91 -22.22
C GLU A 110 -8.36 -10.74 -21.27
N ILE A 111 -7.20 -10.57 -20.71
CA ILE A 111 -6.96 -9.53 -19.78
C ILE A 111 -5.96 -8.59 -20.40
N ASN A 112 -6.38 -7.40 -20.67
CA ASN A 112 -5.56 -6.42 -21.37
C ASN A 112 -4.84 -5.51 -20.40
N TYR A 113 -4.72 -5.93 -19.19
CA TYR A 113 -4.13 -5.08 -18.18
C TYR A 113 -3.63 -5.91 -17.05
N ARG A 114 -2.97 -5.25 -16.14
CA ARG A 114 -2.57 -5.84 -14.91
C ARG A 114 -2.49 -4.73 -13.86
N GLU A 115 -3.14 -4.95 -12.77
CA GLU A 115 -3.20 -3.99 -11.69
C GLU A 115 -2.21 -4.36 -10.62
N CYS A 116 -1.86 -3.44 -9.79
CA CYS A 116 -1.00 -3.77 -8.70
C CYS A 116 -1.82 -3.97 -7.43
N ASP A 117 -1.80 -5.19 -6.97
CA ASP A 117 -2.49 -5.64 -5.78
C ASP A 117 -1.55 -5.52 -4.59
N THR A 118 -2.01 -5.90 -3.42
CA THR A 118 -1.25 -5.83 -2.21
C THR A 118 -0.02 -6.71 -2.29
N ASP A 119 -0.16 -7.86 -2.94
CA ASP A 119 0.94 -8.79 -3.06
C ASP A 119 1.86 -8.43 -4.20
N GLY A 120 1.28 -7.92 -5.25
CA GLY A 120 2.01 -7.62 -6.46
C GLY A 120 1.04 -7.46 -7.58
N TRP A 121 1.46 -7.63 -8.80
CA TRP A 121 0.57 -7.43 -9.92
C TRP A 121 -0.51 -8.54 -9.96
N THR A 122 -1.76 -8.11 -10.07
CA THR A 122 -2.95 -8.97 -10.01
C THR A 122 -2.91 -10.08 -11.04
N ASN A 123 -2.43 -9.76 -12.18
CA ASN A 123 -2.41 -10.64 -13.28
C ASN A 123 -1.09 -10.47 -13.92
N ASP A 124 -0.77 -11.28 -14.88
CA ASP A 124 0.53 -11.24 -15.51
C ASP A 124 0.43 -10.54 -16.88
N ILE A 125 1.47 -10.63 -17.67
CA ILE A 125 1.62 -9.89 -18.91
C ILE A 125 0.78 -10.51 -20.04
N PRO A 126 -0.11 -9.74 -20.65
CA PRO A 126 -0.84 -10.20 -21.83
C PRO A 126 0.10 -10.20 -23.04
N ILE A 127 -0.27 -10.89 -24.08
CA ILE A 127 0.56 -11.00 -25.25
C ILE A 127 0.34 -9.80 -26.15
N CYS A 128 1.39 -9.22 -26.59
CA CYS A 128 1.29 -8.13 -27.53
C CYS A 128 1.14 -8.75 -28.91
N GLU A 129 0.05 -8.44 -29.56
CA GLU A 129 -0.31 -9.01 -30.82
C GLU A 129 -1.21 -8.01 -31.50
N ASP A 7 -1.98 8.84 30.94
CA ASP A 7 -2.51 7.51 30.70
C ASP A 7 -3.73 7.61 29.78
N CYS A 8 -3.78 6.72 28.84
CA CYS A 8 -4.75 6.72 27.77
C CYS A 8 -6.10 6.24 28.27
N ASN A 9 -7.15 6.84 27.77
CA ASN A 9 -8.52 6.41 28.10
C ASN A 9 -9.21 5.91 26.85
N GLU A 10 -8.40 5.58 25.88
CA GLU A 10 -8.85 5.14 24.60
C GLU A 10 -7.76 4.30 23.97
N LEU A 11 -8.14 3.44 23.05
CA LEU A 11 -7.22 2.62 22.31
C LEU A 11 -6.55 3.42 21.21
N PRO A 12 -5.36 2.96 20.73
CA PRO A 12 -4.68 3.58 19.62
C PRO A 12 -5.55 3.51 18.37
N PRO A 13 -5.66 4.60 17.64
CA PRO A 13 -6.55 4.67 16.50
C PRO A 13 -6.01 3.91 15.29
N ARG A 14 -6.89 3.19 14.63
CA ARG A 14 -6.52 2.63 13.37
C ARG A 14 -6.56 3.71 12.38
N ARG A 15 -5.67 3.69 11.46
CA ARG A 15 -5.53 4.83 10.58
C ARG A 15 -5.73 4.43 9.15
N ASN A 16 -5.70 5.41 8.26
CA ASN A 16 -5.97 5.23 6.82
C ASN A 16 -5.02 4.25 6.16
N THR A 17 -3.84 4.10 6.70
CA THR A 17 -2.91 3.16 6.15
C THR A 17 -2.27 2.33 7.26
N GLU A 18 -2.82 2.40 8.47
CA GLU A 18 -2.17 1.76 9.59
C GLU A 18 -3.10 0.94 10.43
N ILE A 19 -2.59 -0.19 10.85
CA ILE A 19 -3.30 -1.14 11.69
C ILE A 19 -2.33 -1.56 12.74
N LEU A 20 -2.82 -1.74 13.90
CA LEU A 20 -2.03 -2.12 14.99
C LEU A 20 -1.54 -3.54 14.87
N THR A 21 -0.35 -3.74 15.29
CA THR A 21 0.16 -5.08 15.37
C THR A 21 0.09 -5.50 16.81
N GLY A 22 -1.01 -6.05 17.15
CA GLY A 22 -1.25 -6.42 18.50
C GLY A 22 -2.68 -6.71 18.73
N SER A 23 -3.04 -6.86 19.96
CA SER A 23 -4.39 -7.16 20.33
C SER A 23 -4.92 -6.01 21.17
N TRP A 24 -5.84 -5.25 20.63
CA TRP A 24 -6.39 -4.13 21.35
C TRP A 24 -7.91 -4.20 21.29
N SER A 25 -8.53 -4.16 22.45
CA SER A 25 -9.98 -4.10 22.55
C SER A 25 -10.30 -3.60 23.95
N ASP A 26 -9.33 -2.88 24.49
CA ASP A 26 -9.35 -2.44 25.86
C ASP A 26 -9.81 -1.00 25.94
N GLN A 27 -9.58 -0.37 27.07
CA GLN A 27 -9.97 1.01 27.26
C GLN A 27 -8.77 1.86 27.65
N THR A 28 -8.20 1.59 28.80
CA THR A 28 -7.14 2.39 29.35
C THR A 28 -5.77 1.71 29.25
N TYR A 29 -4.74 2.52 29.05
CA TYR A 29 -3.34 2.09 28.96
C TYR A 29 -2.46 3.15 29.60
N PRO A 30 -1.27 2.79 30.10
CA PRO A 30 -0.35 3.75 30.72
C PRO A 30 0.33 4.65 29.67
N GLU A 31 0.71 5.84 30.09
CA GLU A 31 1.42 6.77 29.21
C GLU A 31 2.77 6.16 28.87
N GLY A 32 3.25 6.44 27.68
CA GLY A 32 4.52 5.91 27.27
C GLY A 32 4.36 4.62 26.56
N THR A 33 3.14 4.25 26.33
CA THR A 33 2.86 3.04 25.62
C THR A 33 2.92 3.26 24.13
N GLN A 34 3.87 2.60 23.50
CA GLN A 34 4.06 2.70 22.10
C GLN A 34 3.24 1.67 21.38
N ALA A 35 2.67 2.07 20.31
CA ALA A 35 1.85 1.23 19.52
C ALA A 35 2.51 1.01 18.19
N ILE A 36 2.70 -0.24 17.86
CA ILE A 36 3.35 -0.63 16.64
C ILE A 36 2.28 -0.85 15.59
N TYR A 37 2.46 -0.25 14.45
CA TYR A 37 1.53 -0.36 13.36
C TYR A 37 2.14 -0.99 12.14
N LYS A 38 1.31 -1.73 11.44
CA LYS A 38 1.64 -2.22 10.16
C LYS A 38 0.99 -1.29 9.17
N CYS A 39 1.55 -1.19 8.03
CA CYS A 39 1.10 -0.25 7.02
C CYS A 39 0.10 -0.84 6.06
N ARG A 40 -0.66 -1.80 6.53
CA ARG A 40 -1.66 -2.51 5.70
C ARG A 40 -0.99 -3.33 4.59
N PRO A 41 -1.66 -4.37 4.11
CA PRO A 41 -1.16 -5.16 3.00
C PRO A 41 -1.08 -4.33 1.71
N GLY A 42 0.14 -4.01 1.30
CA GLY A 42 0.33 -3.27 0.08
C GLY A 42 1.20 -2.06 0.25
N TYR A 43 1.28 -1.57 1.43
CA TYR A 43 2.10 -0.43 1.71
C TYR A 43 3.39 -0.87 2.38
N ARG A 44 4.28 0.05 2.55
CA ARG A 44 5.57 -0.21 3.15
C ARG A 44 6.08 1.08 3.75
N SER A 45 7.25 1.01 4.34
CA SER A 45 7.89 2.14 4.93
C SER A 45 9.31 1.73 5.29
N LEU A 46 10.05 2.64 5.85
CA LEU A 46 11.44 2.41 6.21
C LEU A 46 11.51 1.83 7.62
N GLY A 47 10.38 1.49 8.15
CA GLY A 47 10.25 0.90 9.44
C GLY A 47 8.80 0.70 9.71
N ASN A 48 8.45 0.52 10.94
CA ASN A 48 7.05 0.42 11.30
C ASN A 48 6.62 1.74 11.87
N VAL A 49 5.37 2.09 11.66
CA VAL A 49 4.86 3.32 12.21
C VAL A 49 4.62 3.12 13.67
N ILE A 50 5.31 3.88 14.47
CA ILE A 50 5.23 3.73 15.88
C ILE A 50 4.58 4.95 16.47
N MET A 51 3.55 4.72 17.21
CA MET A 51 2.91 5.77 17.93
C MET A 51 3.12 5.54 19.39
N VAL A 52 2.75 6.45 20.19
CA VAL A 52 2.92 6.28 21.62
C VAL A 52 1.90 7.15 22.33
N CYS A 53 1.47 6.71 23.46
CA CYS A 53 0.52 7.41 24.23
C CYS A 53 1.24 8.45 25.08
N ARG A 54 0.77 9.67 25.02
CA ARG A 54 1.33 10.76 25.76
C ARG A 54 0.20 11.72 26.09
N LYS A 55 0.08 12.10 27.36
CA LYS A 55 -0.92 13.06 27.84
C LYS A 55 -2.35 12.57 27.67
N GLY A 56 -2.50 11.28 27.53
CA GLY A 56 -3.80 10.69 27.42
C GLY A 56 -4.16 10.41 26.00
N GLU A 57 -3.39 10.95 25.08
CA GLU A 57 -3.68 10.76 23.69
C GLU A 57 -2.57 10.00 22.99
N TRP A 58 -2.91 9.40 21.89
CA TRP A 58 -1.95 8.67 21.12
C TRP A 58 -1.35 9.57 20.08
N VAL A 59 -0.07 9.78 20.21
CA VAL A 59 0.67 10.68 19.37
C VAL A 59 1.70 9.89 18.57
N ALA A 60 2.35 10.52 17.64
CA ALA A 60 3.30 9.85 16.80
C ALA A 60 4.70 9.89 17.38
N LEU A 61 5.17 8.74 17.85
CA LEU A 61 6.54 8.56 18.31
C LEU A 61 7.42 8.82 17.11
N ASN A 62 7.08 8.18 16.02
CA ASN A 62 7.80 8.33 14.79
C ASN A 62 6.97 9.10 13.76
N PRO A 63 7.08 10.43 13.72
CA PRO A 63 6.33 11.26 12.75
C PRO A 63 6.95 11.19 11.36
N LEU A 64 8.19 10.74 11.35
CA LEU A 64 9.01 10.63 10.17
C LEU A 64 8.57 9.46 9.34
N ARG A 65 8.02 8.51 10.02
CA ARG A 65 7.56 7.31 9.39
C ARG A 65 6.12 7.44 9.01
N LYS A 66 5.84 7.09 7.79
CA LYS A 66 4.52 7.12 7.25
C LYS A 66 4.39 5.88 6.40
N CYS A 67 3.20 5.51 6.07
CA CYS A 67 2.97 4.35 5.26
C CYS A 67 2.89 4.72 3.79
N GLN A 68 3.90 4.32 3.06
CA GLN A 68 4.05 4.69 1.66
C GLN A 68 3.70 3.51 0.79
N LYS A 69 3.44 3.76 -0.48
CA LYS A 69 3.14 2.70 -1.43
C LYS A 69 4.38 1.90 -1.70
N ARG A 70 4.22 0.70 -2.13
CA ARG A 70 5.36 -0.07 -2.56
C ARG A 70 5.54 0.09 -4.05
N PRO A 71 6.75 0.34 -4.50
CA PRO A 71 7.05 0.43 -5.91
C PRO A 71 6.99 -0.96 -6.57
N CYS A 72 6.38 -1.01 -7.72
CA CYS A 72 6.13 -2.28 -8.40
C CYS A 72 7.17 -2.57 -9.47
N GLY A 73 8.08 -1.65 -9.65
CA GLY A 73 9.16 -1.83 -10.58
C GLY A 73 8.70 -1.74 -12.02
N HIS A 74 8.98 -2.76 -12.74
CA HIS A 74 8.67 -2.82 -14.16
C HIS A 74 7.42 -3.68 -14.33
N PRO A 75 6.45 -3.27 -15.17
CA PRO A 75 5.24 -4.07 -15.42
C PRO A 75 5.49 -5.36 -16.20
N GLY A 76 6.05 -6.32 -15.51
CA GLY A 76 6.30 -7.61 -16.06
C GLY A 76 7.48 -7.62 -17.00
N ASP A 77 7.31 -8.28 -18.12
CA ASP A 77 8.39 -8.44 -19.10
C ASP A 77 7.92 -7.99 -20.47
N THR A 78 6.99 -7.06 -20.46
CA THR A 78 6.46 -6.45 -21.67
C THR A 78 7.60 -5.96 -22.62
N PRO A 79 7.69 -6.57 -23.82
CA PRO A 79 8.69 -6.20 -24.81
C PRO A 79 8.24 -5.00 -25.64
N PHE A 80 7.08 -5.09 -26.22
CA PHE A 80 6.52 -4.05 -27.03
C PHE A 80 5.10 -3.82 -26.60
N GLY A 81 4.61 -2.66 -26.83
CA GLY A 81 3.30 -2.29 -26.42
C GLY A 81 3.34 -1.00 -25.66
N THR A 82 2.27 -0.65 -25.02
CA THR A 82 2.20 0.58 -24.26
C THR A 82 1.14 0.37 -23.20
N PHE A 83 1.23 1.12 -22.13
CA PHE A 83 0.31 0.98 -21.04
C PHE A 83 0.03 2.32 -20.40
N THR A 84 -1.00 2.35 -19.60
CA THR A 84 -1.42 3.53 -18.91
C THR A 84 -1.33 3.30 -17.41
N LEU A 85 -1.72 4.28 -16.63
CA LEU A 85 -1.84 4.15 -15.20
C LEU A 85 -3.11 4.81 -14.76
N THR A 86 -3.62 4.39 -13.66
CA THR A 86 -4.78 4.96 -13.05
C THR A 86 -4.81 4.41 -11.64
N GLY A 87 -5.33 5.16 -10.69
CA GLY A 87 -5.31 4.72 -9.29
C GLY A 87 -4.00 5.10 -8.62
N GLY A 88 -3.14 5.73 -9.40
CA GLY A 88 -1.85 6.14 -8.95
C GLY A 88 -1.15 6.85 -10.08
N ASN A 89 0.14 7.12 -9.92
CA ASN A 89 0.87 7.89 -10.96
C ASN A 89 2.16 7.26 -11.34
N VAL A 90 2.44 6.14 -10.81
CA VAL A 90 3.71 5.57 -11.03
C VAL A 90 3.62 4.11 -10.83
N PHE A 91 4.69 3.53 -10.62
CA PHE A 91 4.73 2.11 -10.40
C PHE A 91 4.62 1.85 -8.94
N GLU A 92 3.42 1.96 -8.48
CA GLU A 92 3.12 1.87 -7.10
C GLU A 92 1.89 1.01 -6.92
N TYR A 93 1.81 0.38 -5.77
CA TYR A 93 0.63 -0.38 -5.36
C TYR A 93 -0.63 0.46 -5.54
N GLY A 94 -1.56 -0.07 -6.28
CA GLY A 94 -2.78 0.63 -6.51
C GLY A 94 -3.00 0.99 -7.96
N VAL A 95 -1.93 1.08 -8.76
CA VAL A 95 -2.12 1.45 -10.16
C VAL A 95 -2.65 0.32 -10.99
N LYS A 96 -3.48 0.69 -11.91
CA LYS A 96 -3.95 -0.20 -12.91
C LYS A 96 -3.24 0.18 -14.19
N ALA A 97 -2.32 -0.63 -14.60
CA ALA A 97 -1.61 -0.36 -15.80
C ALA A 97 -2.38 -0.95 -16.97
N VAL A 98 -3.14 -0.11 -17.68
CA VAL A 98 -3.95 -0.63 -18.79
C VAL A 98 -3.07 -0.80 -19.99
N TYR A 99 -3.14 -1.95 -20.60
CA TYR A 99 -2.25 -2.30 -21.67
C TYR A 99 -2.94 -2.07 -22.99
N THR A 100 -2.49 -1.08 -23.66
CA THR A 100 -3.11 -0.60 -24.86
C THR A 100 -2.40 -1.09 -26.13
N CYS A 101 -1.13 -1.23 -26.01
CA CYS A 101 -0.26 -1.65 -27.11
C CYS A 101 -0.16 -0.65 -28.26
N ASN A 102 -1.16 -0.59 -29.13
CA ASN A 102 -1.10 0.24 -30.31
C ASN A 102 -2.50 0.33 -30.90
N GLU A 103 -2.59 0.59 -32.18
CA GLU A 103 -3.84 0.72 -32.86
C GLU A 103 -4.44 -0.64 -33.17
N GLY A 104 -3.71 -1.41 -33.92
CA GLY A 104 -4.18 -2.72 -34.34
C GLY A 104 -3.71 -3.82 -33.43
N TYR A 105 -3.13 -3.43 -32.32
CA TYR A 105 -2.67 -4.37 -31.34
C TYR A 105 -3.43 -4.23 -30.06
N GLN A 106 -3.93 -5.32 -29.60
CA GLN A 106 -4.46 -5.43 -28.29
C GLN A 106 -3.59 -6.43 -27.62
N LEU A 107 -4.17 -7.37 -26.94
CA LEU A 107 -3.44 -8.24 -26.24
C LEU A 107 -4.27 -9.49 -26.01
N LEU A 108 -3.64 -10.57 -25.69
CA LEU A 108 -4.33 -11.75 -25.31
C LEU A 108 -4.59 -11.74 -23.85
N GLY A 109 -5.81 -11.89 -23.54
CA GLY A 109 -6.27 -11.81 -22.19
C GLY A 109 -7.54 -11.02 -22.14
N GLU A 110 -8.39 -11.35 -21.23
CA GLU A 110 -9.69 -10.68 -21.10
C GLU A 110 -9.54 -9.43 -20.27
N ILE A 111 -8.46 -9.39 -19.59
CA ILE A 111 -8.16 -8.33 -18.71
C ILE A 111 -7.05 -7.59 -19.36
N ASN A 112 -7.36 -6.46 -19.90
CA ASN A 112 -6.39 -5.73 -20.69
C ASN A 112 -5.55 -4.81 -19.84
N TYR A 113 -5.23 -5.26 -18.68
CA TYR A 113 -4.49 -4.47 -17.77
C TYR A 113 -3.84 -5.35 -16.76
N ARG A 114 -3.11 -4.75 -15.90
CA ARG A 114 -2.47 -5.40 -14.82
C ARG A 114 -2.39 -4.39 -13.67
N GLU A 115 -2.91 -4.75 -12.54
CA GLU A 115 -2.89 -3.90 -11.38
C GLU A 115 -1.74 -4.26 -10.49
N CYS A 116 -1.31 -3.35 -9.68
CA CYS A 116 -0.28 -3.68 -8.75
C CYS A 116 -0.90 -3.91 -7.39
N ASP A 117 -0.93 -5.16 -7.01
CA ASP A 117 -1.46 -5.61 -5.75
C ASP A 117 -0.29 -5.68 -4.76
N THR A 118 -0.49 -6.36 -3.67
CA THR A 118 0.50 -6.50 -2.62
C THR A 118 1.69 -7.30 -3.13
N ASP A 119 1.38 -8.36 -3.86
CA ASP A 119 2.34 -9.23 -4.51
C ASP A 119 3.05 -8.47 -5.59
N GLY A 120 2.27 -7.78 -6.37
CA GLY A 120 2.77 -7.06 -7.47
C GLY A 120 1.75 -7.03 -8.55
N TRP A 121 2.18 -7.19 -9.76
CA TRP A 121 1.31 -7.10 -10.90
C TRP A 121 0.37 -8.29 -10.96
N THR A 122 -0.90 -8.00 -11.05
CA THR A 122 -1.92 -8.98 -11.09
C THR A 122 -2.05 -9.56 -12.48
N ASN A 123 -2.84 -10.62 -12.56
CA ASN A 123 -3.22 -11.25 -13.82
C ASN A 123 -2.04 -11.98 -14.46
N ASP A 124 -1.20 -11.22 -15.15
CA ASP A 124 -0.02 -11.69 -15.87
C ASP A 124 0.32 -10.53 -16.78
N ILE A 125 1.07 -10.77 -17.79
CA ILE A 125 1.33 -9.82 -18.80
C ILE A 125 0.57 -10.25 -20.05
N PRO A 126 -0.67 -9.70 -20.30
CA PRO A 126 -1.42 -9.96 -21.53
C PRO A 126 -0.51 -9.79 -22.72
N ILE A 127 -0.44 -10.83 -23.50
CA ILE A 127 0.45 -10.92 -24.64
C ILE A 127 0.02 -9.94 -25.70
N CYS A 128 0.84 -8.96 -25.97
CA CYS A 128 0.54 -7.93 -26.96
C CYS A 128 0.34 -8.57 -28.34
N GLU A 129 -0.89 -8.50 -28.82
CA GLU A 129 -1.29 -9.16 -30.03
C GLU A 129 -2.58 -8.48 -30.48
N ASP A 7 -2.47 9.12 30.84
CA ASP A 7 -2.78 7.74 30.52
C ASP A 7 -3.94 7.67 29.54
N CYS A 8 -3.86 6.73 28.66
CA CYS A 8 -4.80 6.55 27.59
C CYS A 8 -6.13 6.08 28.13
N ASN A 9 -7.18 6.61 27.60
CA ASN A 9 -8.53 6.21 27.96
C ASN A 9 -9.29 5.85 26.71
N GLU A 10 -8.54 5.48 25.69
CA GLU A 10 -9.05 5.11 24.40
C GLU A 10 -8.00 4.29 23.67
N LEU A 11 -8.44 3.56 22.67
CA LEU A 11 -7.55 2.78 21.82
C LEU A 11 -6.95 3.65 20.73
N PRO A 12 -5.74 3.29 20.23
CA PRO A 12 -5.07 4.04 19.17
C PRO A 12 -5.95 4.25 17.91
N PRO A 13 -5.84 5.41 17.27
CA PRO A 13 -6.58 5.71 16.06
C PRO A 13 -6.11 4.87 14.88
N ARG A 14 -6.96 3.98 14.44
CA ARG A 14 -6.67 3.12 13.33
C ARG A 14 -6.80 3.92 12.08
N ARG A 15 -6.07 3.55 11.09
CA ARG A 15 -6.05 4.32 9.87
C ARG A 15 -6.47 3.43 8.75
N ASN A 16 -6.51 3.96 7.56
CA ASN A 16 -6.90 3.17 6.41
C ASN A 16 -5.67 2.52 5.78
N THR A 17 -4.51 3.08 6.08
CA THR A 17 -3.25 2.56 5.60
C THR A 17 -2.46 1.82 6.70
N GLU A 18 -2.90 1.95 7.94
CA GLU A 18 -2.21 1.34 9.04
C GLU A 18 -3.17 0.63 9.99
N ILE A 19 -2.76 -0.53 10.41
CA ILE A 19 -3.50 -1.41 11.32
C ILE A 19 -2.57 -1.66 12.46
N LEU A 20 -3.07 -2.11 13.53
CA LEU A 20 -2.26 -2.34 14.69
C LEU A 20 -1.72 -3.74 14.73
N THR A 21 -0.57 -3.88 15.35
CA THR A 21 -0.04 -5.18 15.65
C THR A 21 -0.06 -5.34 17.17
N GLY A 22 -1.02 -6.06 17.65
CA GLY A 22 -1.17 -6.27 19.05
C GLY A 22 -2.61 -6.52 19.37
N SER A 23 -2.94 -6.56 20.62
CA SER A 23 -4.29 -6.82 20.99
C SER A 23 -4.91 -5.53 21.53
N TRP A 24 -5.90 -5.03 20.84
CA TRP A 24 -6.55 -3.82 21.25
C TRP A 24 -8.06 -4.00 21.19
N SER A 25 -8.65 -4.10 22.33
CA SER A 25 -10.08 -4.15 22.47
C SER A 25 -10.35 -3.59 23.85
N ASP A 26 -9.45 -2.74 24.25
CA ASP A 26 -9.35 -2.28 25.61
C ASP A 26 -9.71 -0.82 25.69
N GLN A 27 -9.31 -0.17 26.76
CA GLN A 27 -9.60 1.24 26.93
C GLN A 27 -8.43 1.99 27.56
N THR A 28 -8.13 1.70 28.82
CA THR A 28 -7.12 2.47 29.50
C THR A 28 -5.73 1.83 29.43
N TYR A 29 -4.78 2.61 29.03
CA TYR A 29 -3.39 2.21 28.95
C TYR A 29 -2.53 3.26 29.61
N PRO A 30 -1.31 2.91 30.05
CA PRO A 30 -0.40 3.88 30.66
C PRO A 30 0.22 4.82 29.60
N GLU A 31 0.49 6.07 30.00
CA GLU A 31 1.11 7.04 29.10
C GLU A 31 2.51 6.56 28.77
N GLY A 32 2.87 6.67 27.53
CA GLY A 32 4.15 6.21 27.10
C GLY A 32 4.05 4.87 26.44
N THR A 33 2.84 4.43 26.20
CA THR A 33 2.63 3.18 25.52
C THR A 33 2.69 3.34 24.01
N GLN A 34 3.64 2.65 23.39
CA GLN A 34 3.79 2.73 21.98
C GLN A 34 2.92 1.72 21.26
N ALA A 35 2.48 2.11 20.11
CA ALA A 35 1.64 1.31 19.28
C ALA A 35 2.37 1.05 17.99
N ILE A 36 2.57 -0.19 17.70
CA ILE A 36 3.25 -0.59 16.50
C ILE A 36 2.21 -0.86 15.43
N TYR A 37 2.40 -0.29 14.27
CA TYR A 37 1.48 -0.45 13.19
C TYR A 37 1.95 -1.39 12.12
N LYS A 38 0.98 -1.94 11.47
CA LYS A 38 1.10 -2.74 10.33
C LYS A 38 0.70 -1.88 9.18
N CYS A 39 1.61 -1.67 8.28
CA CYS A 39 1.42 -0.83 7.09
C CYS A 39 0.47 -1.43 6.07
N ARG A 40 -0.24 -2.48 6.45
CA ARG A 40 -1.05 -3.30 5.54
C ARG A 40 -0.12 -4.06 4.58
N PRO A 41 -0.54 -5.19 4.05
CA PRO A 41 0.29 -6.02 3.16
C PRO A 41 0.72 -5.33 1.84
N GLY A 42 0.18 -4.17 1.54
CA GLY A 42 0.54 -3.48 0.33
C GLY A 42 1.41 -2.25 0.55
N TYR A 43 1.77 -1.96 1.77
CA TYR A 43 2.54 -0.76 2.01
C TYR A 43 3.85 -1.07 2.72
N ARG A 44 4.67 -0.07 2.85
CA ARG A 44 6.00 -0.18 3.43
C ARG A 44 6.37 1.15 4.11
N SER A 45 7.61 1.23 4.54
CA SER A 45 8.20 2.39 5.14
C SER A 45 9.68 2.09 5.34
N LEU A 46 10.49 3.10 5.53
CA LEU A 46 11.91 2.91 5.80
C LEU A 46 12.12 2.52 7.25
N GLY A 47 11.06 2.60 8.00
CA GLY A 47 11.03 2.18 9.36
C GLY A 47 9.69 1.58 9.61
N ASN A 48 8.99 2.08 10.58
CA ASN A 48 7.66 1.63 10.84
C ASN A 48 6.91 2.72 11.54
N VAL A 49 5.60 2.77 11.36
CA VAL A 49 4.80 3.76 12.03
C VAL A 49 4.64 3.35 13.47
N ILE A 50 5.38 4.00 14.30
CA ILE A 50 5.32 3.77 15.70
C ILE A 50 4.71 4.98 16.34
N MET A 51 3.64 4.76 17.02
CA MET A 51 2.97 5.79 17.73
C MET A 51 3.14 5.55 19.20
N VAL A 52 2.77 6.49 20.00
CA VAL A 52 2.88 6.34 21.42
C VAL A 52 1.86 7.23 22.10
N CYS A 53 1.30 6.74 23.14
CA CYS A 53 0.29 7.43 23.89
C CYS A 53 0.92 8.47 24.80
N ARG A 54 0.44 9.69 24.72
CA ARG A 54 0.92 10.76 25.54
C ARG A 54 -0.22 11.74 25.76
N LYS A 55 -0.52 12.04 27.03
CA LYS A 55 -1.59 12.97 27.42
C LYS A 55 -2.95 12.49 27.01
N GLY A 56 -3.13 11.22 27.06
CA GLY A 56 -4.41 10.64 26.76
C GLY A 56 -4.62 10.44 25.29
N GLU A 57 -3.78 11.01 24.46
CA GLU A 57 -3.92 10.78 23.06
C GLU A 57 -2.81 9.92 22.54
N TRP A 58 -3.00 9.39 21.39
CA TRP A 58 -2.07 8.53 20.78
C TRP A 58 -1.42 9.33 19.74
N VAL A 59 -0.18 9.57 19.93
CA VAL A 59 0.50 10.43 19.12
C VAL A 59 1.66 9.78 18.50
N ALA A 60 2.43 10.55 17.96
CA ALA A 60 3.47 10.11 17.12
C ALA A 60 4.83 10.02 17.80
N LEU A 61 5.31 8.80 17.92
CA LEU A 61 6.65 8.53 18.39
C LEU A 61 7.55 8.90 17.24
N ASN A 62 7.26 8.33 16.08
CA ASN A 62 8.02 8.57 14.90
C ASN A 62 7.24 9.38 13.88
N PRO A 63 7.37 10.71 13.89
CA PRO A 63 6.68 11.58 12.93
C PRO A 63 7.37 11.59 11.56
N LEU A 64 8.46 10.85 11.45
CA LEU A 64 9.19 10.73 10.20
C LEU A 64 8.70 9.53 9.42
N ARG A 65 7.83 8.77 10.02
CA ARG A 65 7.35 7.56 9.41
C ARG A 65 5.90 7.67 9.04
N LYS A 66 5.59 7.04 7.95
CA LYS A 66 4.25 6.89 7.48
C LYS A 66 4.31 5.67 6.60
N CYS A 67 3.28 4.93 6.54
CA CYS A 67 3.28 3.79 5.67
C CYS A 67 2.91 4.22 4.27
N GLN A 68 3.89 4.10 3.39
CA GLN A 68 3.75 4.51 2.00
C GLN A 68 3.63 3.28 1.14
N LYS A 69 3.17 3.45 -0.06
CA LYS A 69 2.96 2.33 -0.97
C LYS A 69 4.26 1.64 -1.31
N ARG A 70 4.20 0.34 -1.44
CA ARG A 70 5.36 -0.41 -1.82
C ARG A 70 5.44 -0.36 -3.34
N PRO A 71 6.64 -0.33 -3.92
CA PRO A 71 6.80 -0.23 -5.35
C PRO A 71 6.48 -1.56 -6.02
N CYS A 72 6.14 -1.52 -7.29
CA CYS A 72 5.74 -2.74 -7.99
C CYS A 72 6.82 -3.17 -8.97
N GLY A 73 7.94 -2.50 -8.89
CA GLY A 73 9.05 -2.84 -9.73
C GLY A 73 8.85 -2.41 -11.15
N HIS A 74 8.53 -3.35 -11.98
CA HIS A 74 8.35 -3.11 -13.39
C HIS A 74 7.37 -4.16 -13.90
N PRO A 75 6.34 -3.77 -14.65
CA PRO A 75 5.29 -4.69 -15.14
C PRO A 75 5.67 -5.29 -16.48
N GLY A 76 6.93 -5.56 -16.66
CA GLY A 76 7.40 -5.98 -17.93
C GLY A 76 7.59 -4.78 -18.81
N ASP A 77 7.95 -4.98 -20.02
CA ASP A 77 8.12 -3.88 -20.94
C ASP A 77 7.24 -4.17 -22.14
N THR A 78 7.36 -3.41 -23.17
CA THR A 78 6.58 -3.57 -24.35
C THR A 78 7.11 -2.61 -25.44
N PRO A 79 7.43 -3.13 -26.63
CA PRO A 79 7.95 -2.32 -27.70
C PRO A 79 6.86 -1.61 -28.54
N PHE A 80 5.65 -2.13 -28.52
CA PHE A 80 4.59 -1.56 -29.35
C PHE A 80 3.31 -1.29 -28.57
N GLY A 81 3.26 -1.70 -27.32
CA GLY A 81 2.08 -1.49 -26.54
C GLY A 81 2.28 -0.35 -25.58
N THR A 82 1.23 0.05 -24.93
CA THR A 82 1.31 1.13 -23.97
C THR A 82 0.52 0.73 -22.74
N PHE A 83 0.77 1.38 -21.64
CA PHE A 83 0.01 1.17 -20.46
C PHE A 83 -0.15 2.45 -19.68
N THR A 84 -1.23 2.54 -19.00
CA THR A 84 -1.56 3.69 -18.18
C THR A 84 -1.27 3.37 -16.74
N LEU A 85 -1.43 4.35 -15.89
CA LEU A 85 -1.37 4.19 -14.46
C LEU A 85 -2.45 5.06 -13.85
N THR A 86 -3.24 4.50 -12.97
CA THR A 86 -4.43 5.22 -12.49
C THR A 86 -4.47 5.30 -10.94
N GLY A 87 -3.41 4.89 -10.31
CA GLY A 87 -3.36 4.90 -8.86
C GLY A 87 -2.04 5.43 -8.44
N GLY A 88 -1.57 6.33 -9.23
CA GLY A 88 -0.25 6.86 -9.13
C GLY A 88 0.29 6.92 -10.52
N ASN A 89 1.46 7.47 -10.71
CA ASN A 89 2.02 7.56 -12.06
C ASN A 89 3.38 6.89 -12.06
N VAL A 90 3.56 6.00 -11.13
CA VAL A 90 4.79 5.26 -10.98
C VAL A 90 4.41 3.88 -10.57
N PHE A 91 5.36 3.04 -10.33
CA PHE A 91 5.02 1.70 -9.98
C PHE A 91 4.87 1.57 -8.49
N GLU A 92 3.68 1.88 -8.04
CA GLU A 92 3.34 1.86 -6.65
C GLU A 92 2.05 1.07 -6.47
N TYR A 93 1.97 0.35 -5.37
CA TYR A 93 0.80 -0.44 -4.99
C TYR A 93 -0.48 0.39 -5.09
N GLY A 94 -1.34 0.00 -5.99
CA GLY A 94 -2.56 0.71 -6.20
C GLY A 94 -2.75 1.09 -7.63
N VAL A 95 -1.65 1.15 -8.39
CA VAL A 95 -1.77 1.49 -9.79
C VAL A 95 -2.30 0.31 -10.59
N LYS A 96 -3.16 0.63 -11.49
CA LYS A 96 -3.61 -0.30 -12.47
C LYS A 96 -3.00 0.15 -13.75
N ALA A 97 -2.18 -0.68 -14.31
CA ALA A 97 -1.55 -0.40 -15.54
C ALA A 97 -2.43 -0.90 -16.66
N VAL A 98 -3.24 -0.04 -17.25
CA VAL A 98 -4.12 -0.51 -18.31
C VAL A 98 -3.31 -0.61 -19.57
N TYR A 99 -3.35 -1.73 -20.20
CA TYR A 99 -2.49 -2.00 -21.31
C TYR A 99 -3.28 -2.14 -22.57
N THR A 100 -2.73 -1.67 -23.66
CA THR A 100 -3.38 -1.77 -24.92
C THR A 100 -2.33 -1.83 -26.03
N CYS A 101 -2.75 -2.30 -27.18
CA CYS A 101 -1.97 -2.37 -28.41
C CYS A 101 -2.98 -2.23 -29.50
N ASN A 102 -2.78 -1.28 -30.39
CA ASN A 102 -3.62 -1.09 -31.57
C ASN A 102 -5.04 -0.65 -31.25
N GLU A 103 -5.80 -0.44 -32.30
CA GLU A 103 -7.16 0.02 -32.18
C GLU A 103 -8.15 -1.09 -32.50
N GLY A 104 -7.89 -1.77 -33.59
CA GLY A 104 -8.77 -2.83 -34.08
C GLY A 104 -8.78 -4.05 -33.19
N TYR A 105 -7.69 -4.26 -32.50
CA TYR A 105 -7.55 -5.38 -31.60
C TYR A 105 -6.82 -4.93 -30.38
N GLN A 106 -6.57 -5.85 -29.48
CA GLN A 106 -5.84 -5.61 -28.28
C GLN A 106 -5.21 -6.92 -27.84
N LEU A 107 -5.37 -7.27 -26.61
CA LEU A 107 -4.82 -8.43 -26.09
C LEU A 107 -5.81 -9.57 -26.02
N LEU A 108 -5.27 -10.73 -25.86
CA LEU A 108 -6.05 -11.88 -25.49
C LEU A 108 -6.08 -11.92 -24.00
N GLY A 109 -7.20 -12.31 -23.49
CA GLY A 109 -7.39 -12.29 -22.09
C GLY A 109 -8.49 -11.34 -21.76
N GLU A 110 -9.14 -11.55 -20.66
CA GLU A 110 -10.25 -10.72 -20.31
C GLU A 110 -9.76 -9.47 -19.63
N ILE A 111 -8.61 -9.60 -19.03
CA ILE A 111 -8.03 -8.52 -18.32
C ILE A 111 -6.99 -7.83 -19.18
N ASN A 112 -7.30 -6.62 -19.56
CA ASN A 112 -6.47 -5.78 -20.43
C ASN A 112 -5.57 -4.87 -19.62
N TYR A 113 -5.25 -5.28 -18.44
CA TYR A 113 -4.54 -4.42 -17.54
C TYR A 113 -3.74 -5.23 -16.56
N ARG A 114 -3.08 -4.55 -15.67
CA ARG A 114 -2.31 -5.17 -14.61
C ARG A 114 -2.55 -4.34 -13.36
N GLU A 115 -3.04 -4.92 -12.32
CA GLU A 115 -3.17 -4.22 -11.07
C GLU A 115 -2.03 -4.58 -10.17
N CYS A 116 -1.51 -3.63 -9.47
CA CYS A 116 -0.46 -3.91 -8.54
C CYS A 116 -1.05 -4.36 -7.23
N ASP A 117 -0.76 -5.59 -6.89
CA ASP A 117 -1.23 -6.20 -5.68
C ASP A 117 -0.09 -6.19 -4.65
N THR A 118 -0.40 -6.58 -3.44
CA THR A 118 0.51 -6.65 -2.32
C THR A 118 1.78 -7.45 -2.66
N ASP A 119 1.60 -8.53 -3.40
CA ASP A 119 2.70 -9.40 -3.78
C ASP A 119 3.35 -8.92 -5.05
N GLY A 120 2.56 -8.36 -5.92
CA GLY A 120 3.07 -7.92 -7.20
C GLY A 120 1.94 -7.72 -8.17
N TRP A 121 2.24 -7.67 -9.45
CA TRP A 121 1.22 -7.43 -10.46
C TRP A 121 0.30 -8.64 -10.62
N THR A 122 -0.99 -8.37 -10.68
CA THR A 122 -2.01 -9.41 -10.82
C THR A 122 -1.94 -10.08 -12.19
N ASN A 123 -1.43 -9.35 -13.15
CA ASN A 123 -1.37 -9.81 -14.51
C ASN A 123 0.03 -9.58 -14.96
N ASP A 124 0.38 -10.14 -16.08
CA ASP A 124 1.73 -10.00 -16.56
C ASP A 124 1.79 -9.06 -17.75
N ILE A 125 1.94 -9.56 -18.94
CA ILE A 125 1.92 -8.72 -20.10
C ILE A 125 0.91 -9.28 -21.07
N PRO A 126 -0.34 -8.74 -21.07
CA PRO A 126 -1.41 -9.17 -21.98
C PRO A 126 -0.92 -9.25 -23.43
N ILE A 127 -1.18 -10.37 -24.03
CA ILE A 127 -0.67 -10.69 -25.35
C ILE A 127 -1.51 -10.05 -26.45
N CYS A 128 -0.92 -9.11 -27.13
CA CYS A 128 -1.58 -8.40 -28.21
C CYS A 128 -1.58 -9.25 -29.47
N GLU A 129 -2.76 -9.65 -29.87
CA GLU A 129 -2.95 -10.58 -30.96
C GLU A 129 -4.31 -10.28 -31.59
N ASP A 7 -0.58 9.62 31.05
CA ASP A 7 -1.18 8.32 31.01
C ASP A 7 -2.52 8.38 30.34
N CYS A 8 -2.63 7.58 29.31
CA CYS A 8 -3.76 7.53 28.43
C CYS A 8 -5.01 7.11 29.17
N ASN A 9 -6.09 7.77 28.84
CA ASN A 9 -7.40 7.43 29.40
C ASN A 9 -8.31 7.01 28.27
N GLU A 10 -7.68 6.66 27.18
CA GLU A 10 -8.32 6.22 25.99
C GLU A 10 -7.41 5.21 25.32
N LEU A 11 -8.00 4.33 24.57
CA LEU A 11 -7.26 3.37 23.79
C LEU A 11 -6.77 4.03 22.50
N PRO A 12 -5.71 3.49 21.86
CA PRO A 12 -5.20 4.03 20.61
C PRO A 12 -6.26 3.95 19.50
N PRO A 13 -6.29 4.94 18.62
CA PRO A 13 -7.25 4.97 17.54
C PRO A 13 -6.79 4.12 16.35
N ARG A 14 -7.59 4.07 15.35
CA ARG A 14 -7.21 3.37 14.16
C ARG A 14 -6.61 4.35 13.21
N ARG A 15 -5.85 3.88 12.31
CA ARG A 15 -5.26 4.69 11.31
C ARG A 15 -6.02 4.47 10.03
N ASN A 16 -5.83 5.31 9.06
CA ASN A 16 -6.51 5.14 7.79
C ASN A 16 -5.81 4.04 7.02
N THR A 17 -4.57 4.28 6.72
CA THR A 17 -3.82 3.35 5.94
C THR A 17 -2.99 2.39 6.81
N GLU A 18 -3.29 2.37 8.12
CA GLU A 18 -2.62 1.48 9.04
C GLU A 18 -3.66 0.84 9.96
N ILE A 19 -3.29 -0.25 10.60
CA ILE A 19 -4.18 -1.00 11.48
C ILE A 19 -3.43 -1.33 12.78
N LEU A 20 -4.14 -1.45 13.89
CA LEU A 20 -3.50 -1.88 15.14
C LEU A 20 -3.15 -3.37 15.07
N THR A 21 -2.03 -3.74 15.65
CA THR A 21 -1.60 -5.13 15.60
C THR A 21 -2.18 -5.95 16.74
N GLY A 22 -2.36 -5.31 17.87
CA GLY A 22 -2.84 -6.01 19.02
C GLY A 22 -4.29 -5.75 19.29
N SER A 23 -4.83 -6.52 20.17
CA SER A 23 -6.17 -6.35 20.61
C SER A 23 -6.13 -5.38 21.78
N TRP A 24 -7.06 -4.47 21.80
CA TRP A 24 -7.10 -3.48 22.83
C TRP A 24 -8.50 -3.45 23.39
N SER A 25 -8.62 -3.75 24.65
CA SER A 25 -9.92 -3.74 25.30
C SER A 25 -9.88 -2.94 26.60
N ASP A 26 -8.74 -2.34 26.87
CA ASP A 26 -8.54 -1.54 28.08
C ASP A 26 -9.02 -0.13 27.91
N GLN A 27 -8.64 0.73 28.82
CA GLN A 27 -8.96 2.13 28.71
C GLN A 27 -7.80 2.99 29.15
N THR A 28 -7.11 2.60 30.20
CA THR A 28 -6.03 3.39 30.67
C THR A 28 -4.69 2.69 30.48
N TYR A 29 -3.71 3.45 30.06
CA TYR A 29 -2.36 2.97 29.83
C TYR A 29 -1.39 3.99 30.32
N PRO A 30 -0.17 3.59 30.67
CA PRO A 30 0.86 4.54 31.06
C PRO A 30 1.46 5.23 29.83
N GLU A 31 1.87 6.46 30.01
CA GLU A 31 2.51 7.24 28.97
C GLU A 31 3.80 6.51 28.57
N GLY A 32 4.15 6.58 27.32
CA GLY A 32 5.33 5.91 26.86
C GLY A 32 5.00 4.57 26.26
N THR A 33 3.73 4.25 26.24
CA THR A 33 3.28 3.00 25.67
C THR A 33 3.13 3.11 24.16
N GLN A 34 3.90 2.32 23.45
CA GLN A 34 3.91 2.37 22.03
C GLN A 34 2.81 1.51 21.44
N ALA A 35 2.35 1.93 20.32
CA ALA A 35 1.37 1.25 19.58
C ALA A 35 1.95 0.95 18.23
N ILE A 36 2.16 -0.31 17.98
CA ILE A 36 2.75 -0.76 16.76
C ILE A 36 1.67 -0.98 15.72
N TYR A 37 1.70 -0.21 14.68
CA TYR A 37 0.72 -0.32 13.66
C TYR A 37 1.18 -1.18 12.52
N LYS A 38 0.26 -1.98 12.07
CA LYS A 38 0.39 -2.79 10.92
C LYS A 38 0.14 -1.88 9.76
N CYS A 39 0.89 -2.02 8.74
CA CYS A 39 0.87 -1.07 7.65
C CYS A 39 -0.23 -1.35 6.64
N ARG A 40 -1.13 -2.28 6.98
CA ARG A 40 -2.28 -2.57 6.19
C ARG A 40 -1.92 -3.24 4.83
N PRO A 41 -2.63 -4.32 4.47
CA PRO A 41 -2.35 -5.10 3.25
C PRO A 41 -2.34 -4.26 1.96
N GLY A 42 -1.16 -4.01 1.47
CA GLY A 42 -1.00 -3.27 0.25
C GLY A 42 -0.04 -2.13 0.40
N TYR A 43 0.11 -1.65 1.59
CA TYR A 43 0.97 -0.54 1.84
C TYR A 43 2.34 -1.01 2.29
N ARG A 44 3.24 -0.09 2.41
CA ARG A 44 4.56 -0.37 2.90
C ARG A 44 4.90 0.73 3.83
N SER A 45 5.85 0.52 4.64
CA SER A 45 6.23 1.53 5.49
C SER A 45 7.71 1.61 5.54
N LEU A 46 8.22 2.60 6.19
CA LEU A 46 9.64 2.75 6.32
C LEU A 46 10.17 1.90 7.47
N GLY A 47 9.26 1.28 8.21
CA GLY A 47 9.66 0.40 9.28
C GLY A 47 8.60 0.33 10.34
N ASN A 48 7.34 0.19 9.91
CA ASN A 48 6.16 0.15 10.80
C ASN A 48 5.87 1.49 11.44
N VAL A 49 4.64 1.91 11.39
CA VAL A 49 4.24 3.15 12.02
C VAL A 49 4.14 2.91 13.50
N ILE A 50 5.03 3.51 14.24
CA ILE A 50 5.06 3.33 15.65
C ILE A 50 4.54 4.57 16.33
N MET A 51 3.44 4.41 16.98
CA MET A 51 2.86 5.46 17.74
C MET A 51 3.13 5.21 19.19
N VAL A 52 2.80 6.14 20.03
CA VAL A 52 3.03 5.99 21.44
C VAL A 52 2.16 6.96 22.20
N CYS A 53 1.80 6.59 23.37
CA CYS A 53 1.01 7.41 24.23
C CYS A 53 1.91 8.46 24.85
N ARG A 54 1.51 9.70 24.73
CA ARG A 54 2.24 10.80 25.26
C ARG A 54 1.26 11.92 25.54
N LYS A 55 1.28 12.45 26.77
CA LYS A 55 0.39 13.57 27.18
C LYS A 55 -1.08 13.17 27.25
N GLY A 56 -1.34 11.89 27.34
CA GLY A 56 -2.68 11.41 27.45
C GLY A 56 -3.25 11.01 26.12
N GLU A 57 -2.60 11.42 25.07
CA GLU A 57 -3.03 11.09 23.73
C GLU A 57 -2.11 10.04 23.15
N TRP A 58 -2.48 9.57 22.01
CA TRP A 58 -1.73 8.62 21.29
C TRP A 58 -1.22 9.33 20.11
N VAL A 59 0.02 9.50 20.08
CA VAL A 59 0.64 10.23 19.10
C VAL A 59 1.77 9.43 18.54
N ALA A 60 2.64 10.09 17.97
CA ALA A 60 3.69 9.54 17.22
C ALA A 60 4.98 9.31 18.02
N LEU A 61 5.51 8.10 17.94
CA LEU A 61 6.81 7.77 18.49
C LEU A 61 7.78 8.06 17.38
N ASN A 62 7.55 7.40 16.27
CA ASN A 62 8.36 7.59 15.12
C ASN A 62 7.54 8.26 14.04
N PRO A 63 7.61 9.58 13.92
CA PRO A 63 6.86 10.32 12.90
C PRO A 63 7.45 10.11 11.50
N LEU A 64 8.68 9.63 11.48
CA LEU A 64 9.42 9.40 10.25
C LEU A 64 8.98 8.12 9.61
N ARG A 65 8.38 7.30 10.40
CA ARG A 65 7.81 6.10 9.89
C ARG A 65 6.48 6.45 9.32
N LYS A 66 6.26 6.04 8.14
CA LYS A 66 5.08 6.41 7.43
C LYS A 66 4.65 5.24 6.57
N CYS A 67 3.38 5.16 6.30
CA CYS A 67 2.86 4.13 5.44
C CYS A 67 2.51 4.68 4.09
N GLN A 68 3.22 4.21 3.15
CA GLN A 68 3.09 4.60 1.77
C GLN A 68 2.56 3.42 1.02
N LYS A 69 2.27 3.59 -0.22
CA LYS A 69 1.87 2.46 -1.01
C LYS A 69 3.12 1.77 -1.47
N ARG A 70 3.08 0.48 -1.58
CA ARG A 70 4.22 -0.22 -2.06
C ARG A 70 4.35 -0.01 -3.56
N PRO A 71 5.54 0.33 -4.02
CA PRO A 71 5.80 0.48 -5.41
C PRO A 71 5.85 -0.87 -6.09
N CYS A 72 5.29 -0.95 -7.25
CA CYS A 72 5.27 -2.19 -7.99
C CYS A 72 6.51 -2.30 -8.86
N GLY A 73 7.11 -1.16 -9.13
CA GLY A 73 8.30 -1.10 -9.88
C GLY A 73 8.05 -1.24 -11.36
N HIS A 74 9.09 -1.59 -12.05
CA HIS A 74 9.13 -1.79 -13.49
C HIS A 74 8.15 -2.92 -13.91
N PRO A 75 7.10 -2.58 -14.68
CA PRO A 75 6.07 -3.54 -15.12
C PRO A 75 6.52 -4.40 -16.29
N GLY A 76 7.65 -4.06 -16.88
CA GLY A 76 8.17 -4.83 -17.96
C GLY A 76 8.38 -3.97 -19.16
N ASP A 77 8.37 -4.57 -20.31
CA ASP A 77 8.60 -3.87 -21.54
C ASP A 77 7.75 -4.51 -22.61
N THR A 78 7.49 -3.77 -23.64
CA THR A 78 6.77 -4.25 -24.74
C THR A 78 7.25 -3.50 -25.98
N PRO A 79 7.68 -4.24 -27.03
CA PRO A 79 8.19 -3.63 -28.26
C PRO A 79 7.14 -2.74 -28.92
N PHE A 80 5.95 -3.26 -29.03
CA PHE A 80 4.86 -2.54 -29.60
C PHE A 80 3.91 -2.23 -28.48
N GLY A 81 3.36 -1.06 -28.48
CA GLY A 81 2.39 -0.72 -27.49
C GLY A 81 2.89 0.20 -26.43
N THR A 82 2.04 0.48 -25.50
CA THR A 82 2.31 1.35 -24.36
C THR A 82 1.28 0.95 -23.30
N PHE A 83 1.46 1.39 -22.10
CA PHE A 83 0.50 1.11 -21.08
C PHE A 83 0.01 2.38 -20.47
N THR A 84 -1.12 2.32 -19.85
CA THR A 84 -1.69 3.42 -19.19
C THR A 84 -1.88 3.08 -17.72
N LEU A 85 -2.00 4.08 -16.90
CA LEU A 85 -2.18 3.89 -15.50
C LEU A 85 -3.49 4.54 -15.07
N THR A 86 -4.21 3.89 -14.19
CA THR A 86 -5.53 4.39 -13.78
C THR A 86 -5.56 4.83 -12.29
N GLY A 87 -4.60 4.38 -11.50
CA GLY A 87 -4.64 4.66 -10.08
C GLY A 87 -3.52 5.56 -9.64
N GLY A 88 -2.91 6.21 -10.59
CA GLY A 88 -1.80 7.07 -10.31
C GLY A 88 -0.95 7.19 -11.53
N ASN A 89 0.16 7.88 -11.41
CA ASN A 89 1.09 8.03 -12.54
C ASN A 89 2.38 7.31 -12.20
N VAL A 90 2.32 6.49 -11.18
CA VAL A 90 3.45 5.77 -10.69
C VAL A 90 3.05 4.33 -10.49
N PHE A 91 3.98 3.49 -10.18
CA PHE A 91 3.69 2.09 -10.01
C PHE A 91 3.51 1.82 -8.55
N GLU A 92 2.27 1.72 -8.13
CA GLU A 92 1.94 1.58 -6.73
C GLU A 92 0.69 0.74 -6.55
N TYR A 93 0.50 0.21 -5.36
CA TYR A 93 -0.70 -0.54 -5.01
C TYR A 93 -1.95 0.31 -5.28
N GLY A 94 -2.77 -0.15 -6.20
CA GLY A 94 -3.96 0.58 -6.56
C GLY A 94 -3.92 1.00 -8.00
N VAL A 95 -2.74 1.00 -8.58
CA VAL A 95 -2.60 1.36 -9.96
C VAL A 95 -2.71 0.08 -10.81
N LYS A 96 -2.85 0.25 -12.09
CA LYS A 96 -2.97 -0.82 -13.01
C LYS A 96 -2.24 -0.43 -14.23
N ALA A 97 -1.40 -1.29 -14.73
CA ALA A 97 -0.72 -1.04 -15.95
C ALA A 97 -1.53 -1.66 -17.06
N VAL A 98 -2.37 -0.86 -17.65
CA VAL A 98 -3.25 -1.31 -18.68
C VAL A 98 -2.63 -1.10 -20.05
N TYR A 99 -2.37 -2.18 -20.71
CA TYR A 99 -1.66 -2.19 -21.95
C TYR A 99 -2.55 -2.03 -23.14
N THR A 100 -2.05 -1.34 -24.09
CA THR A 100 -2.65 -1.15 -25.34
C THR A 100 -1.52 -1.37 -26.31
N CYS A 101 -1.78 -1.82 -27.48
CA CYS A 101 -0.70 -2.07 -28.37
C CYS A 101 -0.71 -1.10 -29.54
N ASN A 102 -1.52 -1.35 -30.52
CA ASN A 102 -1.58 -0.50 -31.70
C ASN A 102 -3.04 -0.33 -32.07
N GLU A 103 -3.31 0.20 -33.24
CA GLU A 103 -4.68 0.36 -33.69
C GLU A 103 -5.30 -0.99 -34.03
N GLY A 104 -4.53 -1.82 -34.69
CA GLY A 104 -4.99 -3.14 -35.06
C GLY A 104 -4.41 -4.23 -34.20
N TYR A 105 -3.58 -3.86 -33.27
CA TYR A 105 -2.96 -4.82 -32.38
C TYR A 105 -3.38 -4.59 -30.95
N GLN A 106 -3.82 -5.64 -30.32
CA GLN A 106 -4.09 -5.70 -28.91
C GLN A 106 -3.58 -7.03 -28.49
N LEU A 107 -4.16 -7.64 -27.53
CA LEU A 107 -3.68 -8.84 -27.05
C LEU A 107 -4.59 -10.03 -27.33
N LEU A 108 -4.06 -11.21 -27.08
CA LEU A 108 -4.78 -12.46 -27.28
C LEU A 108 -5.96 -12.62 -26.37
N GLY A 109 -5.67 -12.70 -25.11
CA GLY A 109 -6.69 -13.00 -24.13
C GLY A 109 -7.50 -11.81 -23.68
N GLU A 110 -8.02 -11.92 -22.49
CA GLU A 110 -8.88 -10.92 -21.89
C GLU A 110 -8.11 -10.00 -20.99
N ILE A 111 -6.92 -10.40 -20.67
CA ILE A 111 -6.13 -9.66 -19.75
C ILE A 111 -5.22 -8.71 -20.47
N ASN A 112 -5.70 -7.50 -20.60
CA ASN A 112 -5.04 -6.41 -21.30
C ASN A 112 -4.24 -5.57 -20.34
N TYR A 113 -3.82 -6.17 -19.27
CA TYR A 113 -3.20 -5.40 -18.20
C TYR A 113 -2.52 -6.28 -17.18
N ARG A 114 -1.87 -5.63 -16.27
CA ARG A 114 -1.33 -6.24 -15.12
C ARG A 114 -1.58 -5.25 -13.99
N GLU A 115 -2.09 -5.72 -12.90
CA GLU A 115 -2.59 -4.83 -11.87
C GLU A 115 -1.70 -4.89 -10.65
N CYS A 116 -1.74 -3.86 -9.84
CA CYS A 116 -0.99 -3.86 -8.60
C CYS A 116 -1.80 -4.40 -7.44
N ASP A 117 -1.31 -5.49 -6.92
CA ASP A 117 -1.86 -6.17 -5.78
C ASP A 117 -0.87 -5.99 -4.63
N THR A 118 -1.18 -6.53 -3.48
CA THR A 118 -0.31 -6.55 -2.33
C THR A 118 1.02 -7.23 -2.68
N ASP A 119 0.94 -8.24 -3.51
CA ASP A 119 2.12 -8.98 -3.93
C ASP A 119 2.97 -8.19 -4.90
N GLY A 120 2.32 -7.42 -5.72
CA GLY A 120 2.98 -6.70 -6.77
C GLY A 120 2.14 -6.76 -8.00
N TRP A 121 2.68 -7.18 -9.11
CA TRP A 121 1.88 -7.29 -10.31
C TRP A 121 1.13 -8.62 -10.30
N THR A 122 -0.16 -8.53 -10.49
CA THR A 122 -1.04 -9.68 -10.49
C THR A 122 -0.72 -10.66 -11.61
N ASN A 123 -0.82 -10.18 -12.81
CA ASN A 123 -0.63 -10.93 -14.00
C ASN A 123 0.58 -10.37 -14.68
N ASP A 124 0.85 -10.83 -15.86
CA ASP A 124 2.01 -10.36 -16.57
C ASP A 124 1.54 -9.57 -17.80
N ILE A 125 2.42 -9.29 -18.70
CA ILE A 125 2.15 -8.45 -19.84
C ILE A 125 1.44 -9.24 -20.95
N PRO A 126 0.26 -8.76 -21.39
CA PRO A 126 -0.52 -9.39 -22.49
C PRO A 126 0.29 -9.49 -23.78
N ILE A 127 0.05 -10.52 -24.58
CA ILE A 127 0.82 -10.68 -25.80
C ILE A 127 0.13 -9.93 -26.92
N CYS A 128 0.84 -9.02 -27.53
CA CYS A 128 0.31 -8.22 -28.61
C CYS A 128 0.17 -9.06 -29.89
N GLU A 129 -1.06 -9.14 -30.35
CA GLU A 129 -1.49 -9.91 -31.47
C GLU A 129 -2.92 -9.43 -31.79
N ASP A 7 -2.50 9.37 30.59
CA ASP A 7 -2.83 8.00 30.29
C ASP A 7 -3.93 7.96 29.27
N CYS A 8 -3.84 7.01 28.42
CA CYS A 8 -4.75 6.81 27.34
C CYS A 8 -6.05 6.36 27.93
N ASN A 9 -7.12 6.87 27.45
CA ASN A 9 -8.40 6.43 27.91
C ASN A 9 -9.10 5.75 26.75
N GLU A 10 -8.30 5.46 25.75
CA GLU A 10 -8.71 4.92 24.48
C GLU A 10 -7.52 4.27 23.85
N LEU A 11 -7.82 3.47 22.90
CA LEU A 11 -6.90 2.70 22.22
C LEU A 11 -6.51 3.36 20.95
N PRO A 12 -5.37 2.99 20.42
CA PRO A 12 -4.89 3.50 19.15
C PRO A 12 -5.88 3.15 18.04
N PRO A 13 -6.20 4.10 17.19
CA PRO A 13 -7.20 3.91 16.14
C PRO A 13 -6.79 2.89 15.09
N ARG A 14 -7.75 2.13 14.65
CA ARG A 14 -7.53 1.27 13.52
C ARG A 14 -7.69 2.13 12.29
N ARG A 15 -6.80 2.01 11.39
CA ARG A 15 -6.72 2.92 10.29
C ARG A 15 -6.93 2.16 9.00
N ASN A 16 -6.90 2.83 7.89
CA ASN A 16 -7.13 2.14 6.63
C ASN A 16 -5.90 1.39 6.21
N THR A 17 -4.85 2.12 5.93
CA THR A 17 -3.63 1.57 5.40
C THR A 17 -2.70 1.04 6.50
N GLU A 18 -3.23 0.96 7.69
CA GLU A 18 -2.47 0.57 8.87
C GLU A 18 -3.32 -0.29 9.75
N ILE A 19 -2.70 -1.25 10.34
CA ILE A 19 -3.36 -2.19 11.20
C ILE A 19 -2.52 -2.30 12.46
N LEU A 20 -3.18 -2.41 13.59
CA LEU A 20 -2.49 -2.57 14.86
C LEU A 20 -1.90 -3.96 14.96
N THR A 21 -0.73 -4.04 15.52
CA THR A 21 -0.05 -5.29 15.72
C THR A 21 -0.74 -6.11 16.81
N GLY A 22 -0.76 -5.57 18.01
CA GLY A 22 -1.38 -6.23 19.12
C GLY A 22 -2.88 -6.01 19.16
N SER A 23 -3.51 -6.63 20.10
CA SER A 23 -4.92 -6.51 20.30
C SER A 23 -5.20 -5.59 21.48
N TRP A 24 -5.80 -4.46 21.23
CA TRP A 24 -6.05 -3.50 22.28
C TRP A 24 -7.48 -3.61 22.69
N SER A 25 -7.73 -4.42 23.67
CA SER A 25 -9.06 -4.64 24.14
C SER A 25 -9.31 -3.81 25.37
N ASP A 26 -8.27 -3.16 25.83
CA ASP A 26 -8.39 -2.32 27.01
C ASP A 26 -8.88 -0.97 26.64
N GLN A 27 -8.72 -0.02 27.53
CA GLN A 27 -9.02 1.37 27.25
C GLN A 27 -7.92 2.22 27.78
N THR A 28 -7.63 2.06 29.04
CA THR A 28 -6.65 2.88 29.65
C THR A 28 -5.25 2.27 29.58
N TYR A 29 -4.31 3.08 29.11
CA TYR A 29 -2.91 2.69 29.00
C TYR A 29 -2.04 3.82 29.50
N PRO A 30 -0.83 3.52 29.98
CA PRO A 30 0.08 4.55 30.49
C PRO A 30 0.55 5.52 29.39
N GLU A 31 0.81 6.76 29.78
CA GLU A 31 1.28 7.76 28.84
C GLU A 31 2.69 7.41 28.43
N GLY A 32 2.97 7.50 27.16
CA GLY A 32 4.27 7.15 26.68
C GLY A 32 4.26 5.78 26.06
N THR A 33 3.09 5.21 25.92
CA THR A 33 2.95 3.91 25.32
C THR A 33 2.89 4.00 23.82
N GLN A 34 3.78 3.28 23.18
CA GLN A 34 3.86 3.27 21.76
C GLN A 34 3.05 2.13 21.15
N ALA A 35 2.52 2.38 20.00
CA ALA A 35 1.72 1.45 19.26
C ALA A 35 2.40 1.21 17.93
N ILE A 36 2.48 -0.03 17.56
CA ILE A 36 3.13 -0.42 16.34
C ILE A 36 2.07 -0.74 15.28
N TYR A 37 2.24 -0.21 14.11
CA TYR A 37 1.37 -0.53 13.02
C TYR A 37 2.10 -1.36 11.98
N LYS A 38 1.42 -2.39 11.49
CA LYS A 38 1.97 -3.38 10.53
C LYS A 38 2.28 -2.76 9.21
N CYS A 39 1.56 -1.70 8.93
CA CYS A 39 1.56 -1.05 7.64
C CYS A 39 0.87 -1.86 6.58
N ARG A 40 0.20 -2.98 6.99
CA ARG A 40 -0.50 -3.89 6.02
C ARG A 40 0.51 -4.60 5.10
N PRO A 41 0.05 -5.58 4.33
CA PRO A 41 0.84 -6.11 3.25
C PRO A 41 0.67 -5.18 2.02
N GLY A 42 1.75 -4.85 1.38
CA GLY A 42 1.69 -3.99 0.21
C GLY A 42 2.22 -2.60 0.49
N TYR A 43 2.32 -2.28 1.75
CA TYR A 43 2.86 -1.02 2.14
C TYR A 43 4.10 -1.26 2.97
N ARG A 44 4.91 -0.26 3.11
CA ARG A 44 6.13 -0.38 3.85
C ARG A 44 6.46 0.95 4.48
N SER A 45 7.61 0.99 5.09
CA SER A 45 8.13 2.15 5.73
C SER A 45 9.55 1.82 6.19
N LEU A 46 10.24 2.79 6.75
CA LEU A 46 11.61 2.57 7.19
C LEU A 46 11.67 1.97 8.59
N GLY A 47 10.54 1.91 9.25
CA GLY A 47 10.51 1.35 10.58
C GLY A 47 9.13 1.31 11.14
N ASN A 48 8.19 0.82 10.32
CA ASN A 48 6.76 0.71 10.70
C ASN A 48 6.17 2.08 10.96
N VAL A 49 4.96 2.10 11.46
CA VAL A 49 4.38 3.32 11.96
C VAL A 49 4.26 3.18 13.42
N ILE A 50 4.98 4.02 14.10
CA ILE A 50 5.01 3.96 15.51
C ILE A 50 4.35 5.18 16.09
N MET A 51 3.27 4.95 16.75
CA MET A 51 2.55 6.00 17.40
C MET A 51 2.78 5.86 18.87
N VAL A 52 2.44 6.85 19.61
CA VAL A 52 2.62 6.81 21.03
C VAL A 52 1.55 7.67 21.70
N CYS A 53 1.16 7.24 22.83
CA CYS A 53 0.14 7.89 23.60
C CYS A 53 0.74 9.00 24.42
N ARG A 54 0.14 10.15 24.38
CA ARG A 54 0.59 11.29 25.12
C ARG A 54 -0.59 12.20 25.38
N LYS A 55 -0.88 12.45 26.66
CA LYS A 55 -2.00 13.30 27.12
C LYS A 55 -3.33 12.69 26.78
N GLY A 56 -3.39 11.40 26.91
CA GLY A 56 -4.62 10.69 26.69
C GLY A 56 -4.90 10.40 25.24
N GLU A 57 -4.22 11.08 24.34
CA GLU A 57 -4.45 10.86 22.92
C GLU A 57 -3.24 10.17 22.28
N TRP A 58 -3.49 9.48 21.20
CA TRP A 58 -2.45 8.78 20.49
C TRP A 58 -1.93 9.64 19.36
N VAL A 59 -0.66 9.92 19.41
CA VAL A 59 0.00 10.78 18.45
C VAL A 59 1.12 10.03 17.78
N ALA A 60 1.75 10.64 16.81
CA ALA A 60 2.85 10.01 16.12
C ALA A 60 4.12 10.18 16.93
N LEU A 61 4.78 9.06 17.23
CA LEU A 61 6.07 9.11 17.90
C LEU A 61 7.03 9.67 16.92
N ASN A 62 7.14 8.96 15.83
CA ASN A 62 7.96 9.35 14.73
C ASN A 62 7.03 9.75 13.59
N PRO A 63 6.91 11.05 13.30
CA PRO A 63 6.01 11.56 12.22
C PRO A 63 6.50 11.17 10.82
N LEU A 64 7.73 10.71 10.78
CA LEU A 64 8.37 10.29 9.56
C LEU A 64 7.97 8.90 9.23
N ARG A 65 7.37 8.29 10.19
CA ARG A 65 6.86 6.96 10.03
C ARG A 65 5.45 7.02 9.54
N LYS A 66 5.30 6.54 8.36
CA LYS A 66 4.06 6.52 7.65
C LYS A 66 4.13 5.34 6.72
N CYS A 67 3.01 4.74 6.46
CA CYS A 67 3.00 3.59 5.61
C CYS A 67 2.91 4.02 4.17
N GLN A 68 3.99 3.84 3.46
CA GLN A 68 4.08 4.21 2.08
C GLN A 68 3.92 2.97 1.25
N LYS A 69 3.54 3.13 0.03
CA LYS A 69 3.32 2.01 -0.85
C LYS A 69 4.66 1.46 -1.32
N ARG A 70 4.78 0.15 -1.39
CA ARG A 70 6.02 -0.45 -1.85
C ARG A 70 6.10 -0.32 -3.37
N PRO A 71 7.32 -0.25 -3.94
CA PRO A 71 7.49 -0.17 -5.37
C PRO A 71 7.12 -1.50 -6.07
N CYS A 72 6.78 -1.41 -7.33
CA CYS A 72 6.39 -2.59 -8.10
C CYS A 72 7.38 -2.89 -9.20
N GLY A 73 8.47 -2.14 -9.21
CA GLY A 73 9.56 -2.38 -10.13
C GLY A 73 9.23 -2.08 -11.58
N HIS A 74 8.79 -3.08 -12.29
CA HIS A 74 8.56 -2.99 -13.71
C HIS A 74 7.47 -3.99 -14.09
N PRO A 75 6.37 -3.53 -14.73
CA PRO A 75 5.22 -4.39 -15.12
C PRO A 75 5.48 -5.18 -16.39
N GLY A 76 6.67 -5.70 -16.51
CA GLY A 76 7.03 -6.42 -17.68
C GLY A 76 7.45 -5.50 -18.78
N ASP A 77 7.78 -6.06 -19.91
CA ASP A 77 8.18 -5.26 -21.06
C ASP A 77 7.05 -5.22 -22.04
N THR A 78 7.11 -4.30 -22.94
CA THR A 78 6.17 -4.19 -24.00
C THR A 78 6.75 -3.31 -25.12
N PRO A 79 7.08 -3.90 -26.27
CA PRO A 79 7.59 -3.14 -27.41
C PRO A 79 6.48 -2.37 -28.13
N PHE A 80 5.42 -3.09 -28.45
CA PHE A 80 4.31 -2.57 -29.25
C PHE A 80 3.11 -2.14 -28.42
N GLY A 81 3.30 -2.00 -27.15
CA GLY A 81 2.19 -1.62 -26.31
C GLY A 81 2.58 -0.53 -25.36
N THR A 82 1.61 0.00 -24.69
CA THR A 82 1.81 1.02 -23.71
C THR A 82 0.77 0.82 -22.61
N PHE A 83 0.93 1.48 -21.50
CA PHE A 83 0.02 1.32 -20.40
C PHE A 83 -0.22 2.65 -19.70
N THR A 84 -1.26 2.70 -18.93
CA THR A 84 -1.58 3.85 -18.16
C THR A 84 -1.29 3.57 -16.71
N LEU A 85 -1.18 4.59 -15.94
CA LEU A 85 -1.09 4.45 -14.52
C LEU A 85 -2.06 5.41 -13.93
N THR A 86 -2.89 4.94 -13.07
CA THR A 86 -3.96 5.76 -12.53
C THR A 86 -3.78 6.06 -11.03
N GLY A 87 -2.60 5.81 -10.52
CA GLY A 87 -2.35 6.07 -9.11
C GLY A 87 -1.02 6.71 -8.94
N GLY A 88 -0.60 7.41 -9.94
CA GLY A 88 0.69 7.97 -9.98
C GLY A 88 1.30 7.66 -11.30
N ASN A 89 2.46 8.15 -11.55
CA ASN A 89 3.18 7.83 -12.79
C ASN A 89 4.39 6.99 -12.42
N VAL A 90 4.23 6.20 -11.39
CA VAL A 90 5.30 5.42 -10.84
C VAL A 90 4.81 4.06 -10.50
N PHE A 91 5.69 3.14 -10.28
CA PHE A 91 5.30 1.79 -9.99
C PHE A 91 5.26 1.56 -8.52
N GLU A 92 4.10 1.72 -7.98
CA GLU A 92 3.84 1.56 -6.58
C GLU A 92 2.58 0.75 -6.40
N TYR A 93 2.46 0.10 -5.25
CA TYR A 93 1.28 -0.66 -4.88
C TYR A 93 0.04 0.21 -5.06
N GLY A 94 -0.88 -0.26 -5.83
CA GLY A 94 -2.08 0.47 -6.02
C GLY A 94 -2.25 1.05 -7.40
N VAL A 95 -1.18 1.17 -8.19
CA VAL A 95 -1.39 1.71 -9.53
C VAL A 95 -1.96 0.62 -10.43
N LYS A 96 -2.95 0.98 -11.16
CA LYS A 96 -3.53 0.11 -12.13
C LYS A 96 -2.94 0.47 -13.46
N ALA A 97 -2.23 -0.45 -14.05
CA ALA A 97 -1.65 -0.22 -15.33
C ALA A 97 -2.60 -0.73 -16.41
N VAL A 98 -3.29 0.17 -17.11
CA VAL A 98 -4.20 -0.29 -18.15
C VAL A 98 -3.41 -0.41 -19.44
N TYR A 99 -3.53 -1.52 -20.09
CA TYR A 99 -2.64 -1.84 -21.18
C TYR A 99 -3.39 -2.05 -22.45
N THR A 100 -2.84 -1.52 -23.50
CA THR A 100 -3.35 -1.65 -24.82
C THR A 100 -2.15 -1.54 -25.77
N CYS A 101 -2.32 -1.92 -27.00
CA CYS A 101 -1.23 -1.90 -27.95
C CYS A 101 -1.63 -1.22 -29.20
N ASN A 102 -0.93 -0.16 -29.56
CA ASN A 102 -1.21 0.59 -30.79
C ASN A 102 -2.68 1.03 -30.83
N GLU A 103 -3.20 1.26 -32.02
CA GLU A 103 -4.57 1.63 -32.17
C GLU A 103 -5.43 0.39 -32.44
N GLY A 104 -4.96 -0.48 -33.29
CA GLY A 104 -5.75 -1.61 -33.73
C GLY A 104 -5.50 -2.91 -32.97
N TYR A 105 -4.81 -2.87 -31.87
CA TYR A 105 -4.59 -4.08 -31.08
C TYR A 105 -5.14 -3.94 -29.68
N GLN A 106 -5.72 -5.00 -29.20
CA GLN A 106 -6.06 -5.15 -27.83
C GLN A 106 -5.61 -6.52 -27.48
N LEU A 107 -5.97 -6.94 -26.37
CA LEU A 107 -5.57 -8.14 -25.87
C LEU A 107 -6.60 -9.23 -26.07
N LEU A 108 -6.08 -10.42 -26.08
CA LEU A 108 -6.80 -11.63 -26.26
C LEU A 108 -7.54 -11.99 -24.94
N GLY A 109 -6.93 -11.61 -23.85
CA GLY A 109 -7.52 -11.81 -22.54
C GLY A 109 -8.64 -10.81 -22.24
N GLU A 110 -9.30 -10.98 -21.13
CA GLU A 110 -10.41 -10.11 -20.74
C GLU A 110 -9.87 -8.93 -19.99
N ILE A 111 -8.86 -9.19 -19.19
CA ILE A 111 -8.29 -8.20 -18.33
C ILE A 111 -7.28 -7.35 -19.11
N ASN A 112 -7.70 -6.16 -19.47
CA ASN A 112 -6.92 -5.22 -20.28
C ASN A 112 -6.01 -4.35 -19.41
N TYR A 113 -5.65 -4.85 -18.28
CA TYR A 113 -4.87 -4.10 -17.33
C TYR A 113 -4.19 -5.02 -16.37
N ARG A 114 -3.37 -4.47 -15.54
CA ARG A 114 -2.72 -5.18 -14.50
C ARG A 114 -2.48 -4.25 -13.31
N GLU A 115 -3.08 -4.60 -12.21
CA GLU A 115 -2.99 -3.83 -10.96
C GLU A 115 -1.84 -4.34 -10.13
N CYS A 116 -1.18 -3.47 -9.41
CA CYS A 116 -0.10 -3.93 -8.55
C CYS A 116 -0.63 -4.26 -7.16
N ASP A 117 -0.38 -5.48 -6.72
CA ASP A 117 -0.83 -5.96 -5.43
C ASP A 117 0.39 -6.02 -4.50
N THR A 118 0.26 -6.72 -3.39
CA THR A 118 1.23 -6.81 -2.32
C THR A 118 2.60 -7.24 -2.81
N ASP A 119 2.65 -8.39 -3.42
CA ASP A 119 3.90 -8.92 -3.94
C ASP A 119 4.28 -8.21 -5.23
N GLY A 120 3.30 -7.96 -6.05
CA GLY A 120 3.55 -7.38 -7.32
C GLY A 120 2.32 -7.35 -8.16
N TRP A 121 2.50 -7.32 -9.45
CA TRP A 121 1.44 -7.14 -10.39
C TRP A 121 0.52 -8.34 -10.48
N THR A 122 -0.76 -8.06 -10.44
CA THR A 122 -1.78 -9.04 -10.62
C THR A 122 -1.86 -9.32 -12.11
N ASN A 123 -2.08 -10.58 -12.47
CA ASN A 123 -2.18 -11.01 -13.86
C ASN A 123 -0.81 -10.95 -14.50
N ASP A 124 -0.79 -11.09 -15.77
CA ASP A 124 0.41 -11.02 -16.53
C ASP A 124 0.22 -9.98 -17.60
N ILE A 125 1.06 -9.96 -18.58
CA ILE A 125 0.97 -8.94 -19.62
C ILE A 125 -0.02 -9.40 -20.71
N PRO A 126 -1.25 -8.77 -20.78
CA PRO A 126 -2.26 -9.10 -21.80
C PRO A 126 -1.67 -9.15 -23.21
N ILE A 127 -1.84 -10.28 -23.83
CA ILE A 127 -1.32 -10.57 -25.15
C ILE A 127 -2.13 -9.82 -26.20
N CYS A 128 -1.50 -8.89 -26.87
CA CYS A 128 -2.14 -8.12 -27.90
C CYS A 128 -2.19 -8.87 -29.21
N GLU A 129 -3.39 -9.17 -29.62
CA GLU A 129 -3.66 -9.90 -30.84
C GLU A 129 -4.77 -9.18 -31.58
#